data_8REE
#
_entry.id   8REE
#
_cell.length_a   1.00
_cell.length_b   1.00
_cell.length_c   1.00
_cell.angle_alpha   90.00
_cell.angle_beta   90.00
_cell.angle_gamma   90.00
#
_symmetry.space_group_name_H-M   'P 1'
#
loop_
_entity.id
_entity.type
_entity.pdbx_description
1 polymer 'DNA-directed RNA polymerase subunit alpha'
2 polymer 'DNA-directed RNA polymerase subunit beta'
3 polymer "DNA-directed RNA polymerase subunit beta'"
4 polymer 'DNA-directed RNA polymerase subunit omega'
5 polymer 'RNA polymerase sigma-54 factor'
6 polymer 'DNA (45-MER)'
7 polymer "RNA (5'-R(P*GP*CP*CP*GP*CP*GP*AP*UP*C)-3')"
8 polymer 'DNA (49-MER)'
9 non-polymer 'MAGNESIUM ION'
10 non-polymer 'ZINC ION'
#
loop_
_entity_poly.entity_id
_entity_poly.type
_entity_poly.pdbx_seq_one_letter_code
_entity_poly.pdbx_strand_id
1 'polypeptide(L)'
;SVTEFLKPRLVDIEQVSSTHAKVTLEPLERGFGHTLGNALRRILLSSMPGCAVTEVEIDGVLHEYSTKEGVQEDILEILL
NLKGLAVRVQGKDEVILTLNKSGIGPVTAADITHDGDVEIVKPQHVICHLTDENASISMRIKVQRGRGYVPASTRIHSEE
DERPIGRLLVDACYSPVERIAYNVEAARVEQRTDLDKLVIEMETNGTIDPEEAIRRAATILAEQLEAFVDLRDVRQPEVK
EEKPEFDPILLRPVDDLELTVRSANCLKAEAIHYIGDLVQRTEVELLKTPNLGKKSLTEIKDVLASRGLSLGMRLENWPP
A
;
A,B
2 'polypeptide(L)'
;MVYSYTEKKRIRKDFGKRPQVLDVPYLLSIQLDSFQKFIEQDPEGQYGLEAAFRSVFPIQSYSGNSELQYVSYRLGEPVF
DVQECQIRGVTYSAPLRVKLRLVIYEREAPEGTVKDIKEQEVYMGEIPLMTDNGTFVINGTERVIVSQLHRSPGVFFDSD
KGKTHSSGKVLYNARIIPYRGSWLDFEFDPKDNLFVRIDRRRKLPATIILRALNYTTEQILDLFFEKVIFEIRDNKLQME
LVPERLRGETASFDIEANGKVYVEKGRRITARHIRQLEKDDVKLIEVPVEYIAGKVVAKDYIDESTGELICAANMELSLD
LLAKLSQSGHKRIETLFTNDLDHGPYISETLRVDPTNDRLSALVEIYRMMRPGEPPTREAAESLFENLFFSEDRYDLSAV
GRMKFNRSLLREEIEGSGILSKDDIIDVMKKLIDIRNGKGEVDDIDHLGNRRIRSVGEMAENQFRVGLVRVERAVKERLS
LGDLDTLMPQDMINAKPISAAVKEFFGSSQLSQFMDQNNPLSEITHKRRISALGPGGLTRERAGFEVRDVHPTHYGRVCP
IETPEGPNIGLINSLSVYAQTNEYGFLETPYRKVTDGVVTDEIHYLSAIEEGNYVIAQANSNLDEEGHFVEDLVTCRSKG
ESSLFSRDQVDYMDVSTQQVVSVGASLIPFLEHDDANRALMGANMQRQAVPTLRADKPLVGTGMERAVAVDSGVTAVAKR
GGVVQYVDASRIVIKVNEDEMYPGEAGIDIYNLTKYTRSNQNTCINQMPCVSLGEPVERGDVLADGPSTDLGELALGQNM
RVAFMPWNGYNFEDSILVSERVVQEDRFTTIHIQELACVSRDTKLGPEEITADIPNVGEAALSKLDESGIVYIGAEVTGG
DILVGKVTPKGETQLTPEEKLLRAIFGEKASDVKDSSLRVPNGVSGTVIDVQVFTRDGVEKDKRALEIEEMQLKQAKKDL
SEELQILEAGLFSRIRAVLVAGGVEAEKLDKLPRDRWLELGLTDEEKQNQLEQLAEQYDELKHEFEKKLEAKRRKITQGD
DLAPGVLKIVKVYLAVKRRIQPGDKMAGRHGNKGVISKINPIEDMPYDENGTPVDIVLNPLGVPSRMNIGQILETHLGMA
AKGIGDKINAMLKQQQEVAKLREFIQRAYDLGADVRQKVDLSTFSDEEVMRLAENLRKGMPIATPVFDGAKEAEIKELLK
LGDLPTSGQIRLYDGRTGEQFERPVTVGYMYMLKLNHLVDDKMHARSTGSYSLVTQQPLGGKAQFGGQRFGEMEVWALEA
YGAAYTLQEMLTVKSDDVNGRTKMYKNIVDGNHQMEPGMPESFNVLLKEIRSLGINIELED
;
C
3 'polypeptide(L)'
;LLKFLKAQTKTEEFDAIKIALASPDMIRSWSFGEVKKPETINYRTFKPERDGLFCARIFGPVKDYECLCGKYKRLKHRGV
ICEKCGVEVTQTKVRRERMGHIELASPTAHIWFLKSLPSRIGLLLDMPLRDIERVLYFESYVVIEGGMTNLERQQILTEE
QYLDALEEFGDEFDAKMGAEAIQALLKSMDLEQECEQLREELNETNSETKRKKLTKRIKLLEAFVQSGNKPEWMILTVLP
VLPPDLRPLVPLDGGRFATSDLNDLYRRVINRNNRLKRLLDLAAPDIIVRNEKRMLQEAVDALLDNGRRGRAITGSNKRP
LKSLADMIKGKQGRFRQNLLGKRVDYSGRSVITVGPYLRLHQCGLPKKMALELFKPFIYGKLELRGLATTIKAAKKMVER
EEAVVWDILDEVIREHPVLLNRAPTLHRLGIQAFEPVLIEGKAIQLHPLVCAAYNADFDGDQMAVHVPLTLEAQLEARAL
MMSTNNILSPANGEPIIVPSQDVVLGLYYMTRDCVNAKGEGMVLTGPKEAERLYRSGLASLHARVKVRITEYEKDANGEL
VAKTSLKDTTVGRAILWMIVPKGLPYSIVNQALGKKAISKMLNTCYRILGLKPTVIFADQIMYTGFAYAARSGASVGIDD
MVIPEKKHEIISEAEAEVAEIQEQFQSGLVTAGERYNKVIDIWAAANDRVSKAMMDNLQTETVINRDGQEEKQVSFNSIY
MMADSGARGSAAQIRQLAGMRGLMAKPDGSIIETPITANFREGLNVLQYFISTHGARKGLADTALKTANSGYLTRRLVDV
AQDLVVTEDDCGTHEGIMMTPVIEGGDVKEPLRDRVLGRVTAEDVLKPGTADILVPRNTLLHEQWCDLLEENSVDAVKVR
SVVSCDTDFGVCAHCYGRDLARGHIINKGEAIGVIAAQSIGEPGTQLTMRTFHIGGAASRAAAESSIQVKNKGSIKLSNV
KSVVNSSGKLVITSRNTELKLIDEFGRTKESYKVPYGAVLAKGDGEQVAGGETVANWDPHTMPVITEVSGFVRFTDMIDG
QTITRQTDELTGLSSLVVLDSAERTAGGKDLRPALKIVDAQGNDVLIPGTDMPAQYFLPGKAIVQLEDGVQISSGDTLAR
IPQESGGTKDITGGLPRVADLFEARRPKEPAILAEISGIVSFGKETKGKRRLVITPVDGSDPYEEMIPKWRQLNVFEGER
VERGDVISDGPEAPHDILRLRGVHAVTRYIVNEVQDVYRLQGVKINDKHIEVIVRQMLRKATIVNAGSSDFLEGEQVEYS
RVKIANRELEANGKVGATYSRDLLGITKASLATESFISAASFQETTRVLTEAAVAGKRDELRGLKENVIVGRLIPAGTGY
AYHQDRMRRRAAG
;
D
4 'polypeptide(L)' ARVTVQDAVEKIGNRFDLVLVAARRARQMQVGGKDPLVPEENDKTTVIALREIEEGLINNQILDVRERQEQQEQ E
5 'polypeptide(L)'
;AGTPSGNGVGETTQSLQDYLMWQVELTPFTDTDRAIATSIVDAVDDTGYLTIQIEDIVDSIGDDEIGLEEVEAVLKRIQR
FDPVGVAAKDLRDCLLIQLSQFAKETPWLEEARLIISDHLDLLANHDFRTLMRVTRLKEEVLKEAVNLIQSLDPRPGQSI
QTGEPEYVIPDVLVRKVNDRWVVELNSDSLPSANDTLLRVSRCIVEQQQAFFEQGEEYMKPMVLADIAQAVEMHESTISR
VTTQKYLHSPRGIFELKYFFSSHVNTEGGGEASSTAIRALVKKLIAAENPAKPLSDSKLTSMLSEQGIMVARRTVAKYRE
SLSIPPSNQ
;
M
6 'polydeoxyribonucleotide'
;(DG)(DC)(DT)(DG)(DG)(DC)(DA)(DC)(DG)(DA)(DC)(DT)(DT)(DT)(DT)(DG)(DC)(DA)(DC)(DT)
(DC)(DG)(DA)(DT)(DC)(DG)(DA)(DA)(DT)(DG)(DC)(DT)(DG)(DT)(DT)(DG)(DC)(DA)(DC)(DA)
(DT)(DT)(DC)(DA)(DT)
;
N
7 'polyribonucleotide' GCCGCGAUC R
8 'polydeoxyribonucleotide'
;(DA)(DT)(DG)(DA)(DA)(DT)(DG)(DT)(DG)(DC)(DA)(DA)(DC)(DA)(DG)(DC)(DA)(DT)(DG)(DA)
(DT)(DC)(DG)(DC)(DG)(DG)(DC)(DA)(DA)(DC)(DG)(DT)(DG)(DC)(DA)(DA)(DA)(DA)(DG)(DT)
(DC)(DG)(DT)(DG)(DC)(DC)(DA)(DG)(DC)
;
T
#
# COMPACT_ATOMS: atom_id res chain seq x y z
N GLU A 4 -48.81 -24.60 40.67
CA GLU A 4 -49.89 -24.02 39.88
C GLU A 4 -49.49 -23.92 38.41
N PHE A 5 -48.34 -24.50 38.07
CA PHE A 5 -47.85 -24.53 36.70
C PHE A 5 -47.95 -25.95 36.15
N LEU A 6 -48.57 -26.09 34.99
CA LEU A 6 -48.65 -27.39 34.35
C LEU A 6 -47.27 -27.85 33.88
N LYS A 7 -47.01 -29.15 34.05
CA LYS A 7 -45.71 -29.71 33.69
C LYS A 7 -45.78 -30.31 32.31
N PRO A 8 -44.84 -29.99 31.41
CA PRO A 8 -44.87 -30.59 30.07
C PRO A 8 -44.54 -32.07 30.11
N ARG A 9 -45.27 -32.84 29.32
CA ARG A 9 -45.07 -34.27 29.19
C ARG A 9 -44.70 -34.60 27.75
N LEU A 10 -43.60 -35.33 27.57
CA LEU A 10 -43.15 -35.71 26.23
C LEU A 10 -44.07 -36.81 25.72
N VAL A 11 -45.01 -36.44 24.86
CA VAL A 11 -45.98 -37.39 24.30
C VAL A 11 -46.00 -37.24 22.79
N ASP A 12 -46.55 -38.27 22.14
CA ASP A 12 -46.80 -38.26 20.70
C ASP A 12 -45.52 -37.99 19.89
N ILE A 13 -44.45 -38.66 20.28
CA ILE A 13 -43.21 -38.59 19.52
C ILE A 13 -43.37 -39.44 18.26
N GLU A 14 -43.08 -38.84 17.11
CA GLU A 14 -43.22 -39.52 15.83
C GLU A 14 -41.94 -39.34 15.01
N GLN A 15 -41.64 -40.35 14.21
CA GLN A 15 -40.43 -40.40 13.40
C GLN A 15 -40.80 -40.35 11.93
N VAL A 16 -40.22 -39.40 11.20
CA VAL A 16 -40.54 -39.22 9.78
C VAL A 16 -39.63 -40.08 8.91
N SER A 17 -38.32 -40.04 9.16
CA SER A 17 -37.35 -40.80 8.37
C SER A 17 -36.28 -41.33 9.31
N SER A 18 -35.22 -41.89 8.74
CA SER A 18 -34.11 -42.38 9.55
C SER A 18 -33.34 -41.25 10.22
N THR A 19 -33.46 -40.02 9.71
CA THR A 19 -32.82 -38.86 10.30
C THR A 19 -33.82 -37.86 10.84
N HIS A 20 -34.86 -37.55 10.08
CA HIS A 20 -35.88 -36.60 10.52
C HIS A 20 -36.63 -37.14 11.73
N ALA A 21 -37.04 -36.25 12.62
CA ALA A 21 -37.78 -36.66 13.80
C ALA A 21 -38.56 -35.47 14.36
N LYS A 22 -39.74 -35.75 14.88
CA LYS A 22 -40.59 -34.74 15.49
C LYS A 22 -40.95 -35.16 16.91
N VAL A 23 -40.64 -34.30 17.88
CA VAL A 23 -40.95 -34.53 19.28
C VAL A 23 -41.96 -33.49 19.73
N THR A 24 -43.03 -33.94 20.37
CA THR A 24 -44.13 -33.07 20.78
C THR A 24 -44.14 -32.95 22.29
N LEU A 25 -44.31 -31.71 22.77
CA LEU A 25 -44.46 -31.42 24.20
C LEU A 25 -45.85 -30.83 24.39
N GLU A 26 -46.79 -31.63 24.88
CA GLU A 26 -48.20 -31.25 24.81
C GLU A 26 -48.55 -30.11 25.78
N PRO A 27 -48.44 -30.28 27.11
CA PRO A 27 -48.92 -29.22 28.01
C PRO A 27 -47.88 -28.14 28.27
N LEU A 28 -48.18 -26.89 27.89
CA LEU A 28 -47.28 -25.78 28.16
C LEU A 28 -48.09 -24.55 28.49
N GLU A 29 -47.47 -23.63 29.22
CA GLU A 29 -48.13 -22.40 29.65
C GLU A 29 -48.04 -21.35 28.55
N ARG A 30 -48.36 -20.09 28.90
CA ARG A 30 -48.50 -19.04 27.89
C ARG A 30 -47.17 -18.78 27.17
N GLY A 31 -46.18 -18.28 27.90
CA GLY A 31 -44.93 -17.89 27.30
C GLY A 31 -43.81 -18.89 27.39
N PHE A 32 -44.02 -20.03 28.04
CA PHE A 32 -42.96 -20.99 28.24
C PHE A 32 -42.61 -21.78 26.98
N GLY A 33 -43.51 -21.81 25.98
CA GLY A 33 -43.22 -22.57 24.78
C GLY A 33 -41.98 -22.09 24.06
N HIS A 34 -41.92 -20.79 23.78
CA HIS A 34 -40.75 -20.22 23.12
C HIS A 34 -39.50 -20.34 23.96
N THR A 35 -39.62 -20.11 25.28
CA THR A 35 -38.46 -20.19 26.16
C THR A 35 -37.85 -21.59 26.13
N LEU A 36 -38.68 -22.61 26.35
CA LEU A 36 -38.20 -23.98 26.32
C LEU A 36 -37.67 -24.36 24.95
N GLY A 37 -38.36 -23.96 23.88
CA GLY A 37 -37.90 -24.29 22.55
C GLY A 37 -36.54 -23.71 22.24
N ASN A 38 -36.34 -22.43 22.56
CA ASN A 38 -35.04 -21.81 22.32
C ASN A 38 -33.94 -22.44 23.16
N ALA A 39 -34.21 -22.66 24.45
CA ALA A 39 -33.20 -23.26 25.30
C ALA A 39 -32.81 -24.65 24.79
N LEU A 40 -33.80 -25.47 24.47
CA LEU A 40 -33.52 -26.82 23.99
C LEU A 40 -32.78 -26.79 22.65
N ARG A 41 -33.17 -25.90 21.75
CA ARG A 41 -32.49 -25.82 20.45
C ARG A 41 -31.03 -25.42 20.62
N ARG A 42 -30.76 -24.41 21.46
CA ARG A 42 -29.38 -24.00 21.66
C ARG A 42 -28.57 -25.09 22.32
N ILE A 43 -29.14 -25.77 23.32
CA ILE A 43 -28.41 -26.84 23.99
C ILE A 43 -28.10 -27.98 23.03
N LEU A 44 -29.07 -28.36 22.19
CA LEU A 44 -28.87 -29.47 21.29
C LEU A 44 -27.90 -29.13 20.17
N LEU A 45 -27.95 -27.90 19.66
CA LEU A 45 -27.03 -27.52 18.59
C LEU A 45 -25.62 -27.31 19.12
N SER A 46 -25.47 -26.88 20.38
CA SER A 46 -24.15 -26.55 20.92
C SER A 46 -23.39 -27.80 21.37
N SER A 47 -23.94 -28.54 22.33
CA SER A 47 -23.23 -29.62 23.00
C SER A 47 -24.09 -30.87 23.06
N MET A 48 -23.84 -31.80 22.13
CA MET A 48 -24.48 -33.10 22.12
C MET A 48 -23.42 -34.18 21.94
N PRO A 49 -23.43 -35.24 22.76
CA PRO A 49 -22.45 -36.30 22.59
C PRO A 49 -22.62 -37.00 21.25
N GLY A 50 -21.50 -37.44 20.68
CA GLY A 50 -21.53 -38.11 19.40
C GLY A 50 -20.18 -38.73 19.10
N CYS A 51 -20.17 -39.56 18.06
CA CYS A 51 -18.98 -40.29 17.64
C CYS A 51 -18.53 -39.82 16.28
N ALA A 52 -17.22 -39.61 16.12
CA ALA A 52 -16.66 -39.17 14.86
C ALA A 52 -15.26 -39.72 14.71
N VAL A 53 -14.81 -39.84 13.46
CA VAL A 53 -13.49 -40.38 13.18
C VAL A 53 -12.43 -39.39 13.63
N THR A 54 -11.44 -39.89 14.36
CA THR A 54 -10.37 -39.05 14.89
C THR A 54 -9.09 -39.15 14.07
N GLU A 55 -8.62 -40.36 13.78
CA GLU A 55 -7.43 -40.54 12.97
C GLU A 55 -7.53 -41.86 12.23
N VAL A 56 -6.83 -41.93 11.10
CA VAL A 56 -6.87 -43.10 10.23
C VAL A 56 -5.44 -43.51 9.90
N GLU A 57 -5.31 -44.70 9.30
CA GLU A 57 -4.00 -45.23 8.91
C GLU A 57 -4.22 -46.10 7.67
N ILE A 58 -3.78 -45.62 6.53
CA ILE A 58 -3.83 -46.37 5.29
C ILE A 58 -2.47 -47.04 5.08
N ASP A 59 -2.47 -48.17 4.37
CA ASP A 59 -1.27 -49.01 4.29
C ASP A 59 -0.10 -48.26 3.67
N GLY A 60 -0.23 -47.88 2.39
CA GLY A 60 0.91 -47.38 1.65
C GLY A 60 1.13 -45.89 1.64
N VAL A 61 0.28 -45.11 2.30
CA VAL A 61 0.39 -43.65 2.25
C VAL A 61 1.40 -43.17 3.28
N LEU A 62 1.85 -41.93 3.12
CA LEU A 62 2.77 -41.31 4.08
C LEU A 62 2.19 -40.01 4.62
N HIS A 63 1.32 -39.36 3.84
CA HIS A 63 0.70 -38.11 4.26
C HIS A 63 -0.59 -37.94 3.48
N GLU A 64 -1.32 -36.87 3.79
CA GLU A 64 -2.61 -36.62 3.17
C GLU A 64 -2.49 -36.08 1.75
N TYR A 65 -1.32 -35.58 1.37
CA TYR A 65 -1.14 -34.95 0.05
C TYR A 65 -0.52 -35.89 -0.97
N SER A 66 -0.83 -37.18 -0.88
CA SER A 66 -0.30 -38.19 -1.78
C SER A 66 -1.45 -38.86 -2.53
N THR A 67 -1.12 -39.90 -3.29
CA THR A 67 -2.11 -40.68 -4.02
C THR A 67 -1.79 -42.16 -3.87
N LYS A 68 -2.81 -42.99 -4.07
CA LYS A 68 -2.68 -44.43 -4.05
C LYS A 68 -2.97 -44.97 -5.45
N GLU A 69 -2.12 -45.85 -5.93
CA GLU A 69 -2.33 -46.43 -7.26
C GLU A 69 -3.54 -47.36 -7.23
N GLY A 70 -4.46 -47.18 -8.17
CA GLY A 70 -5.62 -48.01 -8.29
C GLY A 70 -6.89 -47.41 -7.74
N VAL A 71 -6.79 -46.39 -6.89
CA VAL A 71 -7.98 -45.73 -6.35
C VAL A 71 -8.32 -44.52 -7.20
N GLN A 72 -9.58 -44.12 -7.16
CA GLN A 72 -10.08 -43.04 -8.00
C GLN A 72 -10.04 -41.68 -7.33
N GLU A 73 -9.62 -41.60 -6.07
CA GLU A 73 -9.67 -40.36 -5.32
C GLU A 73 -8.37 -40.13 -4.57
N ASP A 74 -8.04 -38.87 -4.33
CA ASP A 74 -6.88 -38.52 -3.54
C ASP A 74 -7.09 -38.90 -2.09
N ILE A 75 -5.99 -39.02 -1.35
CA ILE A 75 -6.07 -39.31 0.08
C ILE A 75 -6.74 -38.16 0.81
N LEU A 76 -6.47 -36.92 0.39
CA LEU A 76 -7.14 -35.77 0.98
C LEU A 76 -8.66 -35.86 0.79
N GLU A 77 -9.10 -36.24 -0.40
CA GLU A 77 -10.52 -36.43 -0.63
C GLU A 77 -11.06 -37.57 0.23
N ILE A 78 -10.31 -38.67 0.32
CA ILE A 78 -10.76 -39.83 1.11
C ILE A 78 -10.98 -39.43 2.55
N LEU A 79 -10.12 -38.56 3.09
CA LEU A 79 -10.33 -38.07 4.44
C LEU A 79 -11.63 -37.29 4.56
N LEU A 80 -12.00 -36.55 3.50
CA LEU A 80 -13.25 -35.80 3.56
C LEU A 80 -14.47 -36.72 3.51
N ASN A 81 -14.42 -37.77 2.68
CA ASN A 81 -15.52 -38.74 2.71
C ASN A 81 -15.56 -39.53 4.02
N LEU A 82 -14.41 -39.70 4.67
CA LEU A 82 -14.41 -40.38 5.96
C LEU A 82 -14.92 -39.48 7.08
N LYS A 83 -14.69 -38.17 6.97
CA LYS A 83 -15.14 -37.24 8.01
C LYS A 83 -16.65 -37.27 8.15
N GLY A 84 -17.37 -37.53 7.07
CA GLY A 84 -18.81 -37.63 7.12
C GLY A 84 -19.35 -38.96 7.57
N LEU A 85 -18.48 -39.93 7.84
CA LEU A 85 -18.93 -41.23 8.32
C LEU A 85 -19.45 -41.12 9.74
N ALA A 86 -20.62 -41.69 10.00
CA ALA A 86 -21.26 -41.65 11.30
C ALA A 86 -21.42 -43.06 11.84
N VAL A 87 -20.97 -43.28 13.08
CA VAL A 87 -21.04 -44.58 13.70
C VAL A 87 -21.68 -44.45 15.08
N ARG A 88 -22.16 -45.57 15.59
CA ARG A 88 -22.72 -45.66 16.93
C ARG A 88 -21.99 -46.75 17.69
N VAL A 89 -21.31 -46.37 18.77
CA VAL A 89 -20.55 -47.30 19.58
C VAL A 89 -21.24 -47.44 20.94
N GLN A 90 -21.13 -48.63 21.52
CA GLN A 90 -21.79 -48.95 22.78
C GLN A 90 -20.76 -49.47 23.77
N GLY A 91 -20.64 -48.79 24.91
CA GLY A 91 -19.81 -49.25 25.99
C GLY A 91 -18.33 -48.95 25.86
N LYS A 92 -17.89 -48.36 24.76
CA LYS A 92 -16.49 -48.04 24.56
C LYS A 92 -16.36 -46.69 23.86
N ASP A 93 -15.13 -46.20 23.79
CA ASP A 93 -14.85 -44.89 23.21
C ASP A 93 -13.69 -44.88 22.22
N GLU A 94 -12.86 -45.92 22.17
CA GLU A 94 -11.71 -45.93 21.28
C GLU A 94 -11.82 -47.07 20.26
N VAL A 95 -13.01 -47.28 19.71
CA VAL A 95 -13.22 -48.38 18.79
C VAL A 95 -12.38 -48.18 17.53
N ILE A 96 -11.76 -49.25 17.06
CA ILE A 96 -10.94 -49.25 15.85
C ILE A 96 -11.73 -49.95 14.75
N LEU A 97 -11.90 -49.27 13.62
CA LEU A 97 -12.67 -49.80 12.49
C LEU A 97 -11.69 -50.10 11.36
N THR A 98 -11.35 -51.37 11.19
CA THR A 98 -10.45 -51.79 10.12
C THR A 98 -11.27 -52.30 8.94
N LEU A 99 -10.95 -51.81 7.73
CA LEU A 99 -11.62 -52.26 6.53
C LEU A 99 -10.59 -52.64 5.47
N ASN A 100 -10.85 -53.73 4.77
CA ASN A 100 -10.03 -54.17 3.64
C ASN A 100 -10.96 -54.58 2.51
N LYS A 101 -10.64 -54.14 1.29
CA LYS A 101 -11.47 -54.48 0.15
C LYS A 101 -10.61 -54.53 -1.10
N SER A 102 -10.91 -55.50 -1.98
CA SER A 102 -10.22 -55.66 -3.25
C SER A 102 -11.23 -55.90 -4.36
N GLY A 103 -10.92 -55.41 -5.55
CA GLY A 103 -11.77 -55.67 -6.69
C GLY A 103 -12.11 -54.45 -7.52
N ILE A 104 -13.31 -54.45 -8.09
CA ILE A 104 -13.79 -53.38 -8.96
C ILE A 104 -15.08 -52.82 -8.37
N GLY A 105 -15.15 -51.50 -8.26
CA GLY A 105 -16.34 -50.85 -7.78
C GLY A 105 -16.10 -50.02 -6.54
N PRO A 106 -17.09 -49.22 -6.16
CA PRO A 106 -16.93 -48.38 -4.97
C PRO A 106 -16.81 -49.22 -3.71
N VAL A 107 -16.05 -48.68 -2.75
CA VAL A 107 -15.93 -49.28 -1.42
C VAL A 107 -16.70 -48.41 -0.44
N THR A 108 -17.66 -49.00 0.25
CA THR A 108 -18.55 -48.29 1.15
C THR A 108 -18.36 -48.79 2.57
N ALA A 109 -19.11 -48.21 3.50
CA ALA A 109 -19.04 -48.62 4.90
C ALA A 109 -19.66 -49.99 5.13
N ALA A 110 -20.39 -50.54 4.16
CA ALA A 110 -21.01 -51.84 4.36
C ALA A 110 -19.98 -52.95 4.47
N ASP A 111 -18.80 -52.77 3.89
CA ASP A 111 -17.76 -53.79 3.92
C ASP A 111 -16.77 -53.60 5.06
N ILE A 112 -17.02 -52.65 5.96
CA ILE A 112 -16.21 -52.55 7.18
C ILE A 112 -16.39 -53.81 7.99
N THR A 113 -15.28 -54.31 8.55
CA THR A 113 -15.33 -55.55 9.33
C THR A 113 -16.32 -55.42 10.47
N HIS A 114 -17.09 -56.48 10.70
CA HIS A 114 -18.18 -56.48 11.66
C HIS A 114 -17.60 -56.56 13.07
N ASP A 115 -17.47 -55.40 13.73
CA ASP A 115 -17.00 -55.37 15.10
C ASP A 115 -18.10 -55.82 16.04
N GLY A 116 -17.77 -55.89 17.33
CA GLY A 116 -18.70 -56.38 18.33
C GLY A 116 -19.99 -55.60 18.43
N ASP A 117 -19.90 -54.35 18.89
CA ASP A 117 -21.08 -53.48 19.04
C ASP A 117 -20.75 -52.13 18.40
N VAL A 118 -20.92 -52.04 17.09
CA VAL A 118 -20.77 -50.81 16.34
C VAL A 118 -21.76 -50.84 15.18
N GLU A 119 -22.68 -49.88 15.17
CA GLU A 119 -23.73 -49.81 14.14
C GLU A 119 -23.41 -48.66 13.21
N ILE A 120 -23.21 -48.97 11.94
CA ILE A 120 -23.06 -47.95 10.90
C ILE A 120 -24.46 -47.54 10.47
N VAL A 121 -24.77 -46.25 10.61
CA VAL A 121 -26.14 -45.79 10.40
C VAL A 121 -26.57 -46.01 8.96
N LYS A 122 -25.70 -45.69 8.00
CA LYS A 122 -26.00 -45.91 6.60
C LYS A 122 -24.88 -46.71 5.96
N PRO A 123 -25.19 -47.83 5.28
CA PRO A 123 -24.14 -48.65 4.68
C PRO A 123 -23.79 -48.31 3.24
N GLN A 124 -24.42 -47.28 2.66
CA GLN A 124 -24.15 -46.88 1.29
C GLN A 124 -23.22 -45.67 1.21
N HIS A 125 -22.58 -45.30 2.31
CA HIS A 125 -21.70 -44.13 2.35
C HIS A 125 -20.38 -44.50 1.67
N VAL A 126 -20.21 -44.08 0.42
CA VAL A 126 -18.99 -44.38 -0.31
C VAL A 126 -17.83 -43.56 0.25
N ILE A 127 -16.65 -44.17 0.30
CA ILE A 127 -15.46 -43.48 0.76
C ILE A 127 -14.32 -43.52 -0.25
N CYS A 128 -14.37 -44.40 -1.24
CA CYS A 128 -13.32 -44.51 -2.25
C CYS A 128 -13.85 -45.38 -3.38
N HIS A 129 -13.12 -45.37 -4.50
CA HIS A 129 -13.44 -46.19 -5.65
C HIS A 129 -12.20 -46.93 -6.12
N LEU A 130 -12.38 -48.19 -6.50
CA LEU A 130 -11.31 -49.00 -7.05
C LEU A 130 -11.47 -49.08 -8.56
N THR A 131 -10.34 -49.14 -9.28
CA THR A 131 -10.37 -49.02 -10.73
C THR A 131 -9.60 -50.13 -11.45
N ASP A 132 -8.94 -51.02 -10.73
CA ASP A 132 -8.32 -52.17 -11.37
C ASP A 132 -8.50 -53.39 -10.48
N GLU A 133 -8.35 -54.57 -11.09
CA GLU A 133 -8.69 -55.81 -10.39
C GLU A 133 -7.66 -56.14 -9.31
N ASN A 134 -6.40 -55.81 -9.53
CA ASN A 134 -5.31 -56.34 -8.71
C ASN A 134 -4.84 -55.39 -7.61
N ALA A 135 -5.41 -54.20 -7.49
CA ALA A 135 -5.01 -53.26 -6.44
C ALA A 135 -5.91 -53.43 -5.22
N SER A 136 -5.36 -53.13 -4.05
CA SER A 136 -6.05 -53.30 -2.79
C SER A 136 -5.88 -52.06 -1.93
N ILE A 137 -6.84 -51.84 -1.04
CA ILE A 137 -6.80 -50.76 -0.07
C ILE A 137 -7.05 -51.34 1.31
N SER A 138 -6.14 -51.07 2.25
CA SER A 138 -6.25 -51.58 3.61
C SER A 138 -6.01 -50.42 4.57
N MET A 139 -7.05 -50.07 5.32
CA MET A 139 -6.98 -48.92 6.21
C MET A 139 -7.54 -49.30 7.58
N ARG A 140 -7.08 -48.58 8.60
CA ARG A 140 -7.55 -48.74 9.97
C ARG A 140 -8.09 -47.39 10.45
N ILE A 141 -9.37 -47.36 10.78
CA ILE A 141 -10.05 -46.14 11.18
C ILE A 141 -10.28 -46.19 12.68
N LYS A 142 -9.99 -45.09 13.37
CA LYS A 142 -10.23 -44.95 14.80
C LYS A 142 -11.32 -43.91 15.02
N VAL A 143 -12.35 -44.29 15.77
CA VAL A 143 -13.46 -43.41 16.09
C VAL A 143 -13.43 -43.11 17.59
N GLN A 144 -13.79 -41.89 17.95
CA GLN A 144 -13.82 -41.44 19.33
C GLN A 144 -15.18 -40.85 19.65
N ARG A 145 -15.39 -40.54 20.92
CA ARG A 145 -16.60 -39.90 21.39
C ARG A 145 -16.26 -38.53 21.96
N GLY A 146 -17.01 -37.51 21.54
CA GLY A 146 -16.75 -36.16 22.00
C GLY A 146 -18.01 -35.34 22.18
N ARG A 147 -17.86 -34.03 22.34
CA ARG A 147 -18.98 -33.14 22.60
C ARG A 147 -19.13 -32.03 21.57
N GLY A 148 -18.02 -31.46 21.12
CA GLY A 148 -18.10 -30.36 20.18
C GLY A 148 -17.11 -30.47 19.02
N TYR A 149 -16.86 -29.35 18.35
CA TYR A 149 -15.93 -29.33 17.23
C TYR A 149 -14.50 -29.27 17.77
N VAL A 150 -13.67 -30.21 17.35
CA VAL A 150 -12.28 -30.28 17.77
C VAL A 150 -11.41 -30.42 16.53
N PRO A 151 -10.76 -29.35 16.09
CA PRO A 151 -9.87 -29.45 14.93
C PRO A 151 -8.66 -30.31 15.23
N ALA A 152 -8.11 -30.91 14.18
CA ALA A 152 -6.93 -31.76 14.34
C ALA A 152 -5.71 -30.94 14.77
N SER A 153 -5.57 -29.74 14.23
CA SER A 153 -4.39 -28.92 14.53
C SER A 153 -4.36 -28.49 16.00
N THR A 154 -5.52 -28.15 16.56
CA THR A 154 -5.55 -27.56 17.89
C THR A 154 -5.05 -28.53 18.96
N ARG A 155 -5.46 -29.80 18.87
CA ARG A 155 -5.14 -30.74 19.93
C ARG A 155 -3.65 -31.05 19.95
N ILE A 156 -3.07 -31.05 21.15
CA ILE A 156 -1.66 -31.35 21.34
C ILE A 156 -1.44 -32.57 22.24
N HIS A 157 -2.36 -32.86 23.16
CA HIS A 157 -2.18 -33.99 24.08
C HIS A 157 -2.02 -35.31 23.35
N SER A 158 -2.60 -35.41 22.14
CA SER A 158 -2.41 -36.62 21.32
C SER A 158 -0.98 -36.77 20.84
N GLU A 159 -0.15 -35.73 20.96
CA GLU A 159 1.24 -35.77 20.54
C GLU A 159 2.19 -36.05 21.70
N GLU A 160 1.67 -36.36 22.89
CA GLU A 160 2.53 -36.71 24.01
C GLU A 160 3.36 -37.95 23.69
N ASP A 161 2.72 -38.96 23.12
CA ASP A 161 3.43 -40.10 22.54
C ASP A 161 3.59 -39.85 21.05
N GLU A 162 4.82 -40.03 20.55
CA GLU A 162 5.12 -39.65 19.17
C GLU A 162 4.26 -40.44 18.19
N ARG A 163 3.66 -39.72 17.23
CA ARG A 163 2.86 -40.35 16.20
C ARG A 163 3.75 -40.83 15.08
N PRO A 164 3.76 -42.12 14.75
CA PRO A 164 4.61 -42.59 13.66
C PRO A 164 4.17 -42.01 12.32
N ILE A 165 5.14 -41.81 11.44
CA ILE A 165 4.87 -41.25 10.12
C ILE A 165 3.98 -42.21 9.35
N GLY A 166 2.76 -41.78 9.08
CA GLY A 166 1.76 -42.63 8.46
C GLY A 166 0.42 -42.50 9.14
N ARG A 167 0.42 -41.92 10.34
CA ARG A 167 -0.80 -41.66 11.07
C ARG A 167 -1.42 -40.36 10.57
N LEU A 168 -2.60 -40.46 9.98
CA LEU A 168 -3.28 -39.31 9.39
C LEU A 168 -4.26 -38.72 10.40
N LEU A 169 -4.20 -37.41 10.58
CA LEU A 169 -5.08 -36.72 11.52
C LEU A 169 -6.22 -36.07 10.76
N VAL A 170 -7.45 -36.35 11.19
CA VAL A 170 -8.64 -35.78 10.58
C VAL A 170 -9.43 -35.05 11.67
N ASP A 171 -10.01 -33.92 11.28
CA ASP A 171 -10.80 -33.11 12.21
C ASP A 171 -12.01 -33.89 12.69
N ALA A 172 -12.51 -33.52 13.86
CA ALA A 172 -13.64 -34.20 14.49
C ALA A 172 -14.76 -33.20 14.75
N CYS A 173 -15.99 -33.62 14.51
CA CYS A 173 -17.17 -32.79 14.71
C CYS A 173 -17.96 -33.19 15.95
N TYR A 174 -18.18 -34.48 16.16
CA TYR A 174 -18.76 -35.03 17.38
C TYR A 174 -20.22 -34.60 17.60
N SER A 175 -20.78 -33.82 16.69
CA SER A 175 -22.13 -33.32 16.89
C SER A 175 -23.10 -34.06 15.98
N PRO A 176 -23.95 -34.93 16.51
CA PRO A 176 -24.87 -35.68 15.64
C PRO A 176 -26.01 -34.84 15.11
N VAL A 177 -26.32 -33.73 15.79
CA VAL A 177 -27.45 -32.89 15.41
C VAL A 177 -26.99 -31.91 14.33
N GLU A 178 -27.61 -32.00 13.15
CA GLU A 178 -27.25 -31.09 12.07
C GLU A 178 -28.20 -29.90 12.00
N ARG A 179 -29.50 -30.14 12.17
CA ARG A 179 -30.51 -29.10 12.07
C ARG A 179 -31.61 -29.36 13.08
N ILE A 180 -32.12 -28.31 13.70
CA ILE A 180 -33.23 -28.43 14.63
C ILE A 180 -34.03 -27.15 14.63
N ALA A 181 -35.35 -27.28 14.50
CA ALA A 181 -36.26 -26.15 14.55
C ALA A 181 -37.48 -26.54 15.37
N TYR A 182 -38.07 -25.55 16.04
CA TYR A 182 -39.23 -25.77 16.87
C TYR A 182 -40.40 -24.96 16.33
N ASN A 183 -41.60 -25.34 16.74
CA ASN A 183 -42.80 -24.62 16.36
C ASN A 183 -43.77 -24.61 17.53
N VAL A 184 -44.51 -23.51 17.66
CA VAL A 184 -45.43 -23.32 18.77
C VAL A 184 -46.85 -23.18 18.23
N GLU A 185 -47.75 -23.99 18.75
CA GLU A 185 -49.15 -23.97 18.34
C GLU A 185 -50.03 -23.96 19.59
N ALA A 186 -51.34 -23.99 19.36
CA ALA A 186 -52.30 -24.05 20.45
C ALA A 186 -52.68 -25.51 20.73
N ALA A 187 -52.71 -25.87 22.00
CA ALA A 187 -53.05 -27.24 22.37
C ALA A 187 -54.53 -27.51 22.11
N ARG A 188 -54.84 -28.81 21.99
CA ARG A 188 -56.20 -29.24 21.71
C ARG A 188 -57.06 -29.35 22.95
N VAL A 189 -56.52 -29.05 24.13
CA VAL A 189 -57.30 -29.15 25.36
C VAL A 189 -58.33 -28.03 25.39
N GLU A 190 -59.60 -28.41 25.58
CA GLU A 190 -60.70 -27.46 25.60
C GLU A 190 -61.21 -27.16 27.01
N GLN A 191 -61.04 -28.09 27.96
CA GLN A 191 -61.44 -27.81 29.34
C GLN A 191 -60.63 -26.65 29.90
N ARG A 192 -59.33 -26.65 29.68
CA ARG A 192 -58.53 -25.47 29.95
C ARG A 192 -58.83 -24.41 28.90
N THR A 193 -58.73 -23.14 29.30
CA THR A 193 -59.12 -22.04 28.42
C THR A 193 -58.27 -22.04 27.15
N ASP A 194 -57.00 -21.73 27.28
CA ASP A 194 -56.04 -21.78 26.17
C ASP A 194 -54.76 -22.40 26.67
N LEU A 195 -54.29 -23.43 25.97
CA LEU A 195 -53.06 -24.12 26.34
C LEU A 195 -52.13 -24.18 25.14
N ASP A 196 -50.84 -24.31 25.42
CA ASP A 196 -49.79 -24.24 24.42
C ASP A 196 -49.10 -25.60 24.28
N LYS A 197 -48.76 -25.95 23.04
CA LYS A 197 -48.03 -27.18 22.74
C LYS A 197 -46.82 -26.82 21.88
N LEU A 198 -45.77 -27.62 22.02
CA LEU A 198 -44.50 -27.37 21.33
C LEU A 198 -44.07 -28.63 20.59
N VAL A 199 -43.70 -28.48 19.33
CA VAL A 199 -43.19 -29.56 18.50
C VAL A 199 -41.79 -29.19 18.03
N ILE A 200 -40.84 -30.10 18.21
CA ILE A 200 -39.43 -29.84 17.94
C ILE A 200 -38.99 -30.74 16.79
N GLU A 201 -38.90 -30.17 15.59
CA GLU A 201 -38.42 -30.91 14.43
C GLU A 201 -36.90 -30.97 14.50
N MET A 202 -36.35 -32.19 14.53
CA MET A 202 -34.93 -32.41 14.74
C MET A 202 -34.40 -33.30 13.62
N GLU A 203 -33.29 -32.88 13.01
CA GLU A 203 -32.67 -33.62 11.92
C GLU A 203 -31.22 -33.93 12.29
N THR A 204 -30.94 -35.19 12.59
CA THR A 204 -29.61 -35.64 12.96
C THR A 204 -29.03 -36.50 11.84
N ASN A 205 -27.86 -37.10 12.11
CA ASN A 205 -27.28 -38.08 11.22
C ASN A 205 -27.60 -39.51 11.64
N GLY A 206 -28.65 -39.68 12.45
CA GLY A 206 -29.07 -41.00 12.89
C GLY A 206 -28.27 -41.58 14.04
N THR A 207 -27.39 -40.80 14.65
CA THR A 207 -26.52 -41.33 15.70
C THR A 207 -27.19 -41.29 17.07
N ILE A 208 -28.19 -40.45 17.26
CA ILE A 208 -28.81 -40.27 18.57
C ILE A 208 -30.31 -40.44 18.46
N ASP A 209 -30.93 -40.90 19.53
CA ASP A 209 -32.37 -41.02 19.59
C ASP A 209 -32.99 -39.66 19.90
N PRO A 210 -34.01 -39.22 19.15
CA PRO A 210 -34.60 -37.90 19.43
C PRO A 210 -35.10 -37.74 20.85
N GLU A 211 -35.74 -38.77 21.40
CA GLU A 211 -36.19 -38.68 22.79
C GLU A 211 -35.01 -38.60 23.74
N GLU A 212 -33.98 -39.41 23.48
CA GLU A 212 -32.76 -39.33 24.29
C GLU A 212 -32.07 -37.98 24.12
N ALA A 213 -32.11 -37.40 22.92
CA ALA A 213 -31.54 -36.08 22.71
C ALA A 213 -32.26 -35.03 23.53
N ILE A 214 -33.59 -35.06 23.53
CA ILE A 214 -34.36 -34.11 24.33
C ILE A 214 -34.08 -34.31 25.81
N ARG A 215 -33.99 -35.57 26.25
CA ARG A 215 -33.67 -35.85 27.65
C ARG A 215 -32.29 -35.32 28.03
N ARG A 216 -31.30 -35.50 27.15
CA ARG A 216 -29.96 -35.01 27.41
C ARG A 216 -29.95 -33.48 27.50
N ALA A 217 -30.65 -32.81 26.58
CA ALA A 217 -30.74 -31.36 26.66
C ALA A 217 -31.39 -30.91 27.96
N ALA A 218 -32.47 -31.59 28.36
CA ALA A 218 -33.18 -31.21 29.58
C ALA A 218 -32.30 -31.38 30.81
N THR A 219 -31.56 -32.50 30.89
CA THR A 219 -30.73 -32.69 32.08
C THR A 219 -29.54 -31.74 32.09
N ILE A 220 -29.00 -31.41 30.91
CA ILE A 220 -27.94 -30.40 30.85
C ILE A 220 -28.46 -29.07 31.36
N LEU A 221 -29.66 -28.67 30.92
CA LEU A 221 -30.23 -27.42 31.38
C LEU A 221 -30.50 -27.44 32.88
N ALA A 222 -31.00 -28.56 33.40
CA ALA A 222 -31.29 -28.65 34.82
C ALA A 222 -30.01 -28.55 35.65
N GLU A 223 -28.96 -29.24 35.22
CA GLU A 223 -27.69 -29.16 35.94
C GLU A 223 -27.09 -27.76 35.87
N GLN A 224 -27.23 -27.09 34.74
CA GLN A 224 -26.75 -25.70 34.64
C GLN A 224 -27.54 -24.79 35.56
N LEU A 225 -28.85 -24.98 35.64
CA LEU A 225 -29.70 -24.15 36.49
C LEU A 225 -29.56 -24.47 37.97
N GLU A 226 -28.99 -25.64 38.31
CA GLU A 226 -28.79 -25.98 39.71
C GLU A 226 -27.97 -24.93 40.44
N ALA A 227 -27.07 -24.24 39.73
CA ALA A 227 -26.27 -23.19 40.34
C ALA A 227 -27.05 -21.92 40.63
N PHE A 228 -28.29 -21.80 40.14
CA PHE A 228 -29.11 -20.63 40.37
C PHE A 228 -30.12 -20.79 41.50
N VAL A 229 -30.62 -22.01 41.73
CA VAL A 229 -31.65 -22.20 42.74
C VAL A 229 -31.13 -21.94 44.14
N ASP A 230 -29.82 -21.92 44.34
CA ASP A 230 -29.20 -21.57 45.61
C ASP A 230 -28.08 -20.56 45.32
N LEU A 231 -28.43 -19.29 45.29
CA LEU A 231 -27.45 -18.25 44.94
C LEU A 231 -26.52 -17.98 46.12
N ARG A 232 -27.07 -17.51 47.24
CA ARG A 232 -26.30 -17.15 48.43
C ARG A 232 -25.13 -16.24 48.06
N ASP A 233 -23.96 -16.51 48.63
CA ASP A 233 -22.73 -15.77 48.33
C ASP A 233 -22.90 -14.27 48.51
N VAL A 234 -23.61 -13.89 49.57
CA VAL A 234 -23.86 -12.49 49.86
C VAL A 234 -23.60 -12.20 51.34
N GLU A 245 10.16 -16.66 45.41
CA GLU A 245 11.05 -17.78 45.66
C GLU A 245 10.42 -19.09 45.21
N PHE A 246 10.57 -19.40 43.92
CA PHE A 246 10.03 -20.62 43.33
C PHE A 246 11.08 -21.55 42.76
N ASP A 247 12.27 -21.05 42.45
CA ASP A 247 13.29 -21.90 41.84
C ASP A 247 13.79 -22.93 42.85
N PRO A 248 13.96 -24.19 42.43
CA PRO A 248 14.49 -25.21 43.35
C PRO A 248 15.88 -24.90 43.86
N ILE A 249 16.70 -24.14 43.12
CA ILE A 249 18.03 -23.80 43.59
C ILE A 249 17.95 -22.93 44.83
N LEU A 250 16.95 -22.06 44.91
CA LEU A 250 16.71 -21.29 46.12
C LEU A 250 15.95 -22.14 47.14
N LEU A 251 15.64 -21.54 48.29
CA LEU A 251 14.94 -22.21 49.38
C LEU A 251 15.70 -23.46 49.85
N ARG A 252 17.03 -23.40 49.82
CA ARG A 252 17.88 -24.49 50.24
C ARG A 252 18.59 -24.15 51.54
N PRO A 253 18.97 -25.16 52.33
CA PRO A 253 19.71 -24.87 53.57
C PRO A 253 21.01 -24.15 53.29
N VAL A 254 21.36 -23.23 54.19
CA VAL A 254 22.56 -22.41 54.00
C VAL A 254 23.82 -23.27 54.04
N ASP A 255 23.85 -24.28 54.91
CA ASP A 255 25.05 -25.10 55.06
C ASP A 255 25.12 -26.17 53.97
N ASP A 256 24.99 -25.75 52.71
CA ASP A 256 25.14 -26.64 51.57
C ASP A 256 26.14 -26.11 50.55
N LEU A 257 26.77 -24.96 50.81
CA LEU A 257 27.71 -24.34 49.89
C LEU A 257 29.16 -24.57 50.27
N GLU A 258 29.44 -25.53 51.16
CA GLU A 258 30.77 -25.88 51.64
C GLU A 258 31.63 -24.63 51.90
N LEU A 259 31.14 -23.79 52.80
CA LEU A 259 31.83 -22.57 53.20
C LEU A 259 32.86 -22.87 54.28
N THR A 260 33.64 -21.85 54.62
CA THR A 260 34.66 -21.97 55.64
C THR A 260 34.04 -21.88 57.04
N VAL A 261 34.85 -22.22 58.04
CA VAL A 261 34.39 -22.18 59.41
C VAL A 261 34.07 -20.75 59.84
N ARG A 262 34.91 -19.79 59.43
CA ARG A 262 34.71 -18.40 59.81
C ARG A 262 33.40 -17.83 59.25
N SER A 263 33.03 -18.19 58.03
CA SER A 263 31.78 -17.70 57.46
C SER A 263 30.56 -18.35 58.12
N ALA A 264 30.72 -19.56 58.66
CA ALA A 264 29.58 -20.25 59.26
C ALA A 264 29.03 -19.49 60.46
N ASN A 265 29.91 -19.00 61.33
CA ASN A 265 29.44 -18.27 62.51
C ASN A 265 28.98 -16.87 62.14
N CYS A 266 29.63 -16.24 61.14
CA CYS A 266 29.22 -14.91 60.72
C CYS A 266 27.82 -14.92 60.12
N LEU A 267 27.51 -15.93 59.32
CA LEU A 267 26.17 -16.03 58.74
C LEU A 267 25.12 -16.26 59.81
N LYS A 268 25.44 -17.07 60.82
CA LYS A 268 24.49 -17.31 61.91
C LYS A 268 24.21 -16.03 62.69
N ALA A 269 25.25 -15.23 62.95
CA ALA A 269 25.05 -13.96 63.63
C ALA A 269 24.20 -13.00 62.79
N GLU A 270 24.44 -12.95 61.49
CA GLU A 270 23.63 -12.16 60.57
C GLU A 270 22.29 -12.83 60.27
N ALA A 271 22.15 -14.12 60.65
CA ALA A 271 20.92 -14.89 60.47
C ALA A 271 20.60 -15.11 58.99
N ILE A 272 21.59 -15.59 58.24
CA ILE A 272 21.38 -16.03 56.86
C ILE A 272 21.21 -17.54 56.93
N HIS A 273 19.97 -17.98 57.12
CA HIS A 273 19.66 -19.39 57.21
C HIS A 273 19.21 -20.00 55.89
N TYR A 274 19.02 -19.20 54.85
CA TYR A 274 18.57 -19.68 53.55
C TYR A 274 19.46 -19.10 52.45
N ILE A 275 19.57 -19.84 51.35
CA ILE A 275 20.44 -19.45 50.25
C ILE A 275 19.97 -18.14 49.62
N GLY A 276 18.66 -18.00 49.40
CA GLY A 276 18.15 -16.83 48.71
C GLY A 276 18.32 -15.54 49.47
N ASP A 277 18.42 -15.61 50.80
CA ASP A 277 18.68 -14.41 51.58
C ASP A 277 20.06 -13.84 51.28
N LEU A 278 21.05 -14.71 51.10
CA LEU A 278 22.41 -14.27 50.82
C LEU A 278 22.51 -13.62 49.43
N VAL A 279 21.82 -14.17 48.44
CA VAL A 279 21.95 -13.68 47.06
C VAL A 279 21.34 -12.29 46.89
N GLN A 280 20.51 -11.86 47.84
CA GLN A 280 19.86 -10.56 47.75
C GLN A 280 20.71 -9.43 48.33
N ARG A 281 21.89 -9.74 48.84
CA ARG A 281 22.76 -8.76 49.48
C ARG A 281 23.74 -8.22 48.44
N THR A 282 23.69 -6.91 48.19
CA THR A 282 24.63 -6.30 47.26
C THR A 282 25.97 -6.07 47.94
N GLU A 283 27.02 -5.93 47.11
CA GLU A 283 28.39 -6.04 47.60
C GLU A 283 28.77 -4.89 48.53
N VAL A 284 28.08 -3.76 48.46
CA VAL A 284 28.51 -2.59 49.23
C VAL A 284 28.05 -2.63 50.69
N GLU A 285 27.12 -3.50 51.05
CA GLU A 285 26.53 -3.46 52.38
C GLU A 285 26.95 -4.59 53.31
N LEU A 286 27.15 -5.82 52.81
CA LEU A 286 27.58 -6.87 53.72
C LEU A 286 29.01 -6.67 54.21
N LEU A 287 29.81 -5.85 53.52
CA LEU A 287 31.19 -5.63 53.94
C LEU A 287 31.26 -4.98 55.32
N LYS A 288 30.20 -4.27 55.72
CA LYS A 288 30.14 -3.65 57.03
C LYS A 288 29.95 -4.66 58.15
N THR A 289 29.63 -5.91 57.83
CA THR A 289 29.51 -6.94 58.85
C THR A 289 30.87 -7.18 59.51
N PRO A 290 30.90 -7.39 60.83
CA PRO A 290 32.17 -7.59 61.51
C PRO A 290 32.90 -8.83 61.01
N ASN A 291 34.22 -8.73 60.97
CA ASN A 291 35.15 -9.80 60.58
C ASN A 291 34.67 -10.59 59.36
N LEU A 292 34.09 -9.90 58.38
CA LEU A 292 33.65 -10.58 57.16
C LEU A 292 34.84 -11.12 56.37
N GLY A 293 35.88 -10.31 56.21
CA GLY A 293 37.07 -10.74 55.49
C GLY A 293 37.00 -10.48 54.00
N LYS A 294 37.97 -9.71 53.49
CA LYS A 294 38.00 -9.45 52.05
C LYS A 294 38.20 -10.72 51.24
N LYS A 295 39.14 -11.57 51.68
CA LYS A 295 39.35 -12.84 50.99
C LYS A 295 38.19 -13.79 51.25
N SER A 296 37.63 -13.76 52.46
CA SER A 296 36.48 -14.61 52.76
C SER A 296 35.26 -14.19 51.96
N LEU A 297 35.08 -12.88 51.76
CA LEU A 297 33.98 -12.42 50.92
C LEU A 297 34.11 -12.95 49.51
N THR A 298 35.33 -12.99 48.99
CA THR A 298 35.56 -13.58 47.66
C THR A 298 35.17 -15.05 47.63
N GLU A 299 35.42 -15.77 48.73
CA GLU A 299 35.05 -17.19 48.79
C GLU A 299 33.55 -17.37 48.68
N ILE A 300 32.77 -16.53 49.36
CA ILE A 300 31.31 -16.60 49.24
C ILE A 300 30.89 -16.27 47.81
N LYS A 301 31.51 -15.24 47.21
CA LYS A 301 31.22 -14.91 45.83
C LYS A 301 31.64 -16.03 44.89
N ASP A 302 32.78 -16.67 45.16
CA ASP A 302 33.28 -17.72 44.29
C ASP A 302 32.32 -18.91 44.25
N VAL A 303 31.92 -19.41 45.42
CA VAL A 303 31.04 -20.57 45.46
C VAL A 303 29.66 -20.23 44.91
N LEU A 304 29.19 -19.00 45.12
CA LEU A 304 27.89 -18.63 44.59
C LEU A 304 27.95 -18.41 43.08
N ALA A 305 29.12 -18.03 42.56
CA ALA A 305 29.30 -17.95 41.11
C ALA A 305 29.36 -19.33 40.48
N SER A 306 29.81 -20.34 41.24
CA SER A 306 29.81 -21.70 40.72
C SER A 306 28.39 -22.18 40.42
N ARG A 307 27.45 -21.86 41.30
CA ARG A 307 26.05 -22.20 41.05
C ARG A 307 25.39 -21.26 40.04
N GLY A 308 26.07 -20.19 39.63
CA GLY A 308 25.50 -19.20 38.75
C GLY A 308 24.70 -18.12 39.45
N LEU A 309 24.78 -18.04 40.77
CA LEU A 309 23.97 -17.11 41.57
C LEU A 309 24.87 -15.95 42.00
N SER A 310 24.88 -14.90 41.18
CA SER A 310 25.69 -13.73 41.50
C SER A 310 24.99 -12.85 42.54
N LEU A 311 25.79 -12.17 43.35
CA LEU A 311 25.25 -11.28 44.36
C LEU A 311 24.62 -10.05 43.70
N GLY A 312 23.48 -9.63 44.24
CA GLY A 312 22.81 -8.43 43.78
C GLY A 312 21.43 -8.61 43.18
N MET A 313 20.84 -9.80 43.31
CA MET A 313 19.50 -10.03 42.77
C MET A 313 18.44 -9.48 43.72
N ARG A 314 17.21 -9.40 43.19
CA ARG A 314 16.08 -8.77 43.89
C ARG A 314 14.87 -9.68 43.75
N LEU A 315 14.30 -10.10 44.87
CA LEU A 315 13.09 -10.91 44.88
C LEU A 315 11.89 -10.07 45.32
N GLU A 316 10.72 -10.71 45.32
CA GLU A 316 9.47 -10.02 45.64
C GLU A 316 8.83 -10.56 46.91
N ASN A 317 8.61 -11.87 47.00
CA ASN A 317 7.97 -12.49 48.16
C ASN A 317 8.90 -13.52 48.78
N TRP A 318 8.90 -13.58 50.12
CA TRP A 318 9.77 -14.48 50.86
C TRP A 318 8.97 -15.28 51.88
N PRO A 319 8.53 -16.49 51.52
CA PRO A 319 7.89 -17.35 52.51
C PRO A 319 8.88 -17.78 53.58
N PRO A 320 8.42 -18.03 54.81
CA PRO A 320 9.34 -18.46 55.86
C PRO A 320 10.04 -19.78 55.56
N ALA A 321 9.37 -20.69 54.86
CA ALA A 321 9.96 -21.98 54.53
C ALA A 321 10.46 -22.00 53.08
N SER B 1 -14.79 -36.61 30.25
CA SER B 1 -14.84 -35.77 29.06
C SER B 1 -16.28 -35.45 28.69
N VAL B 2 -16.98 -36.46 28.17
CA VAL B 2 -18.37 -36.28 27.78
C VAL B 2 -19.24 -36.15 29.03
N THR B 3 -20.37 -35.45 28.88
CA THR B 3 -21.44 -35.30 29.86
C THR B 3 -21.06 -34.34 30.99
N GLU B 4 -19.80 -33.93 31.09
CA GLU B 4 -19.36 -33.00 32.12
C GLU B 4 -19.30 -31.59 31.55
N PHE B 5 -19.70 -30.62 32.36
CA PHE B 5 -19.75 -29.24 31.92
C PHE B 5 -19.19 -28.35 33.02
N LEU B 6 -18.65 -27.20 32.61
CA LEU B 6 -18.10 -26.25 33.57
C LEU B 6 -19.25 -25.58 34.32
N LYS B 7 -19.24 -25.71 35.65
CA LYS B 7 -20.30 -25.05 36.40
C LYS B 7 -19.81 -23.71 36.94
N PRO B 8 -20.69 -22.72 37.01
CA PRO B 8 -20.27 -21.40 37.52
C PRO B 8 -19.97 -21.47 39.01
N ARG B 9 -18.77 -21.05 39.38
CA ARG B 9 -18.35 -21.02 40.77
C ARG B 9 -17.78 -19.64 41.11
N LEU B 10 -17.87 -19.29 42.38
CA LEU B 10 -17.46 -17.99 42.90
C LEU B 10 -18.22 -16.87 42.17
N VAL B 11 -19.54 -16.87 42.36
CA VAL B 11 -20.36 -15.81 41.79
C VAL B 11 -20.13 -14.51 42.55
N ASP B 12 -20.53 -13.41 41.92
CA ASP B 12 -20.39 -12.08 42.49
C ASP B 12 -21.76 -11.41 42.57
N ILE B 13 -22.06 -10.81 43.71
CA ILE B 13 -23.30 -10.08 43.93
C ILE B 13 -22.96 -8.71 44.51
N GLU B 14 -23.53 -7.66 43.91
CA GLU B 14 -23.30 -6.28 44.36
C GLU B 14 -24.67 -5.65 44.61
N GLN B 15 -25.18 -5.82 45.83
CA GLN B 15 -26.48 -5.28 46.20
C GLN B 15 -26.42 -3.76 46.35
N VAL B 16 -27.42 -3.08 45.78
CA VAL B 16 -27.54 -1.63 45.88
C VAL B 16 -28.91 -1.31 46.45
N SER B 17 -28.93 -0.48 47.49
CA SER B 17 -30.16 -0.08 48.20
C SER B 17 -30.83 -1.35 48.71
N SER B 18 -32.11 -1.60 48.41
CA SER B 18 -32.77 -2.81 48.85
C SER B 18 -33.51 -3.52 47.72
N THR B 19 -33.54 -2.95 46.51
CA THR B 19 -34.22 -3.54 45.38
C THR B 19 -33.34 -3.68 44.14
N HIS B 20 -32.09 -3.23 44.20
CA HIS B 20 -31.19 -3.24 43.05
C HIS B 20 -30.05 -4.22 43.31
N ALA B 21 -29.81 -5.10 42.33
CA ALA B 21 -28.76 -6.09 42.46
C ALA B 21 -28.13 -6.35 41.09
N LYS B 22 -26.82 -6.58 41.09
CA LYS B 22 -26.08 -6.88 39.87
C LYS B 22 -25.35 -8.22 40.09
N VAL B 23 -26.04 -9.32 39.79
CA VAL B 23 -25.48 -10.65 39.95
C VAL B 23 -24.50 -10.92 38.82
N THR B 24 -23.51 -11.76 39.08
CA THR B 24 -22.50 -12.12 38.09
C THR B 24 -22.12 -13.58 38.26
N LEU B 25 -22.12 -14.33 37.17
CA LEU B 25 -21.74 -15.74 37.18
C LEU B 25 -20.60 -15.97 36.20
N GLU B 26 -19.66 -16.83 36.59
CA GLU B 26 -18.48 -17.07 35.79
C GLU B 26 -17.80 -18.33 36.29
N PRO B 27 -17.33 -19.21 35.41
CA PRO B 27 -17.48 -19.19 33.95
C PRO B 27 -18.55 -20.15 33.45
N LEU B 28 -19.22 -19.81 32.36
CA LEU B 28 -20.18 -20.69 31.72
C LEU B 28 -19.64 -21.10 30.35
N GLU B 29 -19.99 -22.31 29.92
CA GLU B 29 -19.50 -22.82 28.66
C GLU B 29 -19.99 -21.95 27.51
N ARG B 30 -19.25 -22.00 26.40
CA ARG B 30 -19.52 -21.11 25.27
C ARG B 30 -20.95 -21.29 24.78
N GLY B 31 -21.72 -20.20 24.83
CA GLY B 31 -23.10 -20.20 24.41
C GLY B 31 -24.11 -20.37 25.52
N PHE B 32 -23.69 -20.85 26.68
CA PHE B 32 -24.63 -21.05 27.79
C PHE B 32 -25.01 -19.74 28.47
N GLY B 33 -24.15 -18.73 28.40
CA GLY B 33 -24.50 -17.45 29.00
C GLY B 33 -25.74 -16.83 28.40
N HIS B 34 -25.82 -16.80 27.06
CA HIS B 34 -27.00 -16.26 26.39
C HIS B 34 -28.23 -17.08 26.69
N THR B 35 -28.11 -18.41 26.67
CA THR B 35 -29.25 -19.27 26.94
C THR B 35 -29.81 -19.02 28.34
N LEU B 36 -28.94 -19.07 29.35
CA LEU B 36 -29.39 -18.86 30.72
C LEU B 36 -29.96 -17.46 30.91
N GLY B 37 -29.26 -16.44 30.40
CA GLY B 37 -29.75 -15.09 30.58
C GLY B 37 -31.10 -14.86 29.95
N ASN B 38 -31.27 -15.30 28.69
CA ASN B 38 -32.54 -15.10 28.02
C ASN B 38 -33.66 -15.89 28.68
N ALA B 39 -33.39 -17.14 29.08
CA ALA B 39 -34.44 -17.93 29.72
C ALA B 39 -34.89 -17.28 31.03
N LEU B 40 -33.92 -16.90 31.88
CA LEU B 40 -34.27 -16.29 33.15
C LEU B 40 -34.97 -14.95 32.96
N ARG B 41 -34.50 -14.15 31.99
CA ARG B 41 -35.14 -12.86 31.73
C ARG B 41 -36.58 -13.04 31.26
N ARG B 42 -36.81 -13.96 30.33
CA ARG B 42 -38.17 -14.19 29.84
C ARG B 42 -39.07 -14.69 30.95
N ILE B 43 -38.56 -15.58 31.80
CA ILE B 43 -39.39 -16.09 32.90
C ILE B 43 -39.70 -14.99 33.91
N LEU B 44 -38.69 -14.22 34.29
CA LEU B 44 -38.90 -13.13 35.25
C LEU B 44 -39.82 -12.06 34.71
N LEU B 45 -39.85 -11.85 33.40
CA LEU B 45 -40.60 -10.77 32.79
C LEU B 45 -42.03 -11.15 32.43
N SER B 46 -42.25 -12.35 31.89
CA SER B 46 -43.54 -12.70 31.32
C SER B 46 -44.42 -13.53 32.26
N SER B 47 -43.84 -14.31 33.16
CA SER B 47 -44.62 -15.23 33.99
C SER B 47 -43.97 -15.33 35.38
N MET B 48 -44.51 -14.58 36.34
CA MET B 48 -44.04 -14.62 37.71
C MET B 48 -45.23 -14.29 38.61
N PRO B 49 -45.39 -14.98 39.73
CA PRO B 49 -46.51 -14.65 40.63
C PRO B 49 -46.28 -13.32 41.32
N GLY B 50 -47.36 -12.58 41.52
CA GLY B 50 -47.27 -11.28 42.14
C GLY B 50 -48.64 -10.65 42.26
N CYS B 51 -48.64 -9.38 42.68
CA CYS B 51 -49.90 -8.68 42.93
C CYS B 51 -49.77 -7.22 42.54
N ALA B 52 -50.83 -6.66 41.98
CA ALA B 52 -50.90 -5.25 41.65
C ALA B 52 -52.36 -4.85 41.52
N VAL B 53 -52.62 -3.55 41.67
CA VAL B 53 -53.99 -3.06 41.62
C VAL B 53 -54.56 -3.25 40.22
N THR B 54 -55.87 -3.45 40.16
CA THR B 54 -56.57 -3.66 38.91
C THR B 54 -57.76 -2.74 38.73
N GLU B 55 -58.49 -2.44 39.81
CA GLU B 55 -59.69 -1.63 39.74
C GLU B 55 -59.66 -0.54 40.80
N VAL B 56 -60.13 0.65 40.44
CA VAL B 56 -60.30 1.74 41.38
C VAL B 56 -61.70 2.31 41.20
N GLU B 57 -62.21 2.92 42.26
CA GLU B 57 -63.52 3.57 42.23
C GLU B 57 -63.43 4.88 42.99
N ILE B 58 -63.55 5.99 42.25
CA ILE B 58 -63.49 7.33 42.84
C ILE B 58 -64.90 7.87 42.97
N ASP B 59 -65.25 8.34 44.16
CA ASP B 59 -66.57 8.90 44.39
C ASP B 59 -66.80 10.10 43.49
N GLY B 60 -67.97 10.15 42.85
CA GLY B 60 -68.30 11.18 41.89
C GLY B 60 -68.54 10.59 40.51
N VAL B 61 -68.10 11.32 39.48
CA VAL B 61 -68.26 10.83 38.11
C VAL B 61 -67.30 9.67 37.87
N LEU B 62 -67.71 8.75 37.00
CA LEU B 62 -66.96 7.54 36.75
C LEU B 62 -66.38 7.48 35.33
N HIS B 63 -66.41 8.60 34.60
CA HIS B 63 -65.88 8.63 33.25
C HIS B 63 -64.36 8.55 33.28
N GLU B 64 -63.78 8.06 32.17
CA GLU B 64 -62.33 7.97 32.07
C GLU B 64 -61.69 9.34 32.11
N TYR B 65 -62.28 10.31 31.41
CA TYR B 65 -61.83 11.70 31.45
C TYR B 65 -62.82 12.49 32.31
N SER B 66 -62.31 13.20 33.31
CA SER B 66 -63.16 13.86 34.27
C SER B 66 -62.50 15.17 34.73
N THR B 67 -63.33 16.04 35.30
CA THR B 67 -62.82 17.28 35.88
C THR B 67 -61.98 17.03 37.13
N LYS B 68 -62.09 15.84 37.72
CA LYS B 68 -61.32 15.43 38.90
C LYS B 68 -61.63 16.29 40.13
N GLU B 69 -62.76 17.00 40.10
CA GLU B 69 -63.29 17.79 41.23
C GLU B 69 -62.23 18.66 41.91
N GLY B 70 -61.17 19.00 41.19
CA GLY B 70 -60.12 19.85 41.73
C GLY B 70 -59.28 19.22 42.81
N VAL B 71 -58.59 18.12 42.49
CA VAL B 71 -57.63 17.51 43.40
C VAL B 71 -56.20 17.83 42.99
N GLN B 72 -56.00 18.84 42.12
CA GLN B 72 -54.70 19.35 41.73
C GLN B 72 -53.97 18.37 40.82
N GLU B 73 -54.55 17.19 40.64
CA GLU B 73 -54.03 16.20 39.70
C GLU B 73 -55.17 15.66 38.85
N ASP B 74 -54.88 15.39 37.58
CA ASP B 74 -55.86 14.74 36.72
C ASP B 74 -56.03 13.29 37.17
N ILE B 75 -57.22 12.74 36.87
CA ILE B 75 -57.48 11.35 37.24
C ILE B 75 -56.53 10.41 36.52
N LEU B 76 -56.07 10.78 35.32
CA LEU B 76 -55.04 10.00 34.66
C LEU B 76 -53.76 9.96 35.49
N GLU B 77 -53.40 11.06 36.13
CA GLU B 77 -52.20 11.09 36.96
C GLU B 77 -52.34 10.14 38.15
N ILE B 78 -53.47 10.18 38.85
CA ILE B 78 -53.62 9.33 40.03
C ILE B 78 -53.77 7.87 39.64
N LEU B 79 -54.29 7.60 38.44
CA LEU B 79 -54.24 6.25 37.91
C LEU B 79 -52.81 5.81 37.66
N LEU B 80 -51.98 6.72 37.15
CA LEU B 80 -50.57 6.40 36.97
C LEU B 80 -49.88 6.11 38.30
N ASN B 81 -50.19 6.90 39.34
CA ASN B 81 -49.57 6.68 40.64
C ASN B 81 -49.97 5.33 41.24
N LEU B 82 -51.24 4.95 41.10
CA LEU B 82 -51.71 3.71 41.72
C LEU B 82 -51.11 2.47 41.03
N LYS B 83 -50.71 2.60 39.76
CA LYS B 83 -50.12 1.46 39.06
C LYS B 83 -48.81 1.04 39.71
N GLY B 84 -47.99 2.00 40.13
CA GLY B 84 -46.72 1.70 40.74
C GLY B 84 -46.77 1.24 42.17
N LEU B 85 -47.96 1.24 42.78
CA LEU B 85 -48.10 0.77 44.14
C LEU B 85 -47.81 -0.72 44.23
N ALA B 86 -47.08 -1.13 45.26
CA ALA B 86 -46.70 -2.52 45.48
C ALA B 86 -47.35 -3.00 46.77
N VAL B 87 -48.05 -4.15 46.69
CA VAL B 87 -48.80 -4.68 47.80
C VAL B 87 -48.43 -6.14 48.02
N ARG B 88 -48.82 -6.66 49.19
CA ARG B 88 -48.65 -8.06 49.54
C ARG B 88 -49.95 -8.56 50.16
N VAL B 89 -50.44 -9.70 49.69
CA VAL B 89 -51.63 -10.32 50.27
C VAL B 89 -51.28 -11.73 50.69
N GLN B 90 -51.81 -12.14 51.83
CA GLN B 90 -51.51 -13.44 52.42
C GLN B 90 -52.68 -14.39 52.16
N GLY B 91 -52.58 -15.14 51.08
CA GLY B 91 -53.55 -16.20 50.81
C GLY B 91 -54.96 -15.74 50.51
N LYS B 92 -55.12 -14.71 49.69
CA LYS B 92 -56.43 -14.31 49.17
C LYS B 92 -56.30 -13.93 47.71
N ASP B 93 -57.24 -14.39 46.90
CA ASP B 93 -57.19 -14.11 45.47
C ASP B 93 -57.50 -12.64 45.18
N GLU B 94 -58.57 -12.11 45.77
CA GLU B 94 -58.96 -10.72 45.60
C GLU B 94 -59.30 -10.12 46.96
N VAL B 95 -59.08 -8.80 47.07
CA VAL B 95 -59.36 -8.08 48.30
C VAL B 95 -59.60 -6.61 47.96
N ILE B 96 -60.51 -5.98 48.68
CA ILE B 96 -60.88 -4.59 48.45
C ILE B 96 -60.29 -3.73 49.56
N LEU B 97 -59.62 -2.64 49.18
CA LEU B 97 -59.08 -1.69 50.14
C LEU B 97 -59.54 -0.29 49.76
N THR B 98 -59.85 0.51 50.78
CA THR B 98 -60.45 1.82 50.59
C THR B 98 -59.59 2.88 51.27
N LEU B 99 -59.42 4.03 50.60
CA LEU B 99 -58.67 5.15 51.15
C LEU B 99 -59.59 6.36 51.31
N ASN B 100 -59.38 7.10 52.39
CA ASN B 100 -60.19 8.28 52.69
C ASN B 100 -59.34 9.28 53.46
N LYS B 101 -59.31 10.52 52.97
CA LYS B 101 -58.59 11.59 53.65
C LYS B 101 -59.37 12.89 53.56
N SER B 102 -59.46 13.59 54.68
CA SER B 102 -60.05 14.92 54.75
C SER B 102 -59.05 15.88 55.39
N GLY B 103 -58.84 17.02 54.75
CA GLY B 103 -57.88 18.00 55.26
C GLY B 103 -56.69 18.11 54.33
N ILE B 104 -56.11 19.31 54.28
CA ILE B 104 -55.01 19.58 53.35
C ILE B 104 -53.82 18.69 53.67
N GLY B 105 -53.26 18.07 52.63
CA GLY B 105 -52.11 17.21 52.78
C GLY B 105 -52.07 16.12 51.73
N PRO B 106 -50.89 15.89 51.16
CA PRO B 106 -50.76 14.83 50.15
C PRO B 106 -51.10 13.47 50.72
N VAL B 107 -51.73 12.64 49.90
CA VAL B 107 -52.17 11.32 50.31
C VAL B 107 -51.03 10.33 50.08
N THR B 108 -50.86 9.40 51.02
CA THR B 108 -49.85 8.36 50.92
C THR B 108 -50.53 7.01 50.99
N ALA B 109 -49.76 5.94 50.82
CA ALA B 109 -50.32 4.60 50.89
C ALA B 109 -50.66 4.19 52.32
N ALA B 110 -50.07 4.84 53.33
CA ALA B 110 -50.34 4.49 54.71
C ALA B 110 -51.74 4.88 55.17
N ASP B 111 -52.42 5.74 54.42
CA ASP B 111 -53.74 6.23 54.82
C ASP B 111 -54.88 5.31 54.41
N ILE B 112 -54.57 4.20 53.73
CA ILE B 112 -55.59 3.20 53.44
C ILE B 112 -55.97 2.49 54.73
N THR B 113 -57.22 2.03 54.81
CA THR B 113 -57.70 1.34 56.01
C THR B 113 -56.85 0.11 56.28
N HIS B 114 -56.54 -0.10 57.56
CA HIS B 114 -55.63 -1.17 57.96
C HIS B 114 -56.29 -2.53 57.78
N ASP B 115 -55.59 -3.43 57.12
CA ASP B 115 -55.98 -4.84 57.04
C ASP B 115 -54.77 -5.69 57.39
N GLY B 116 -54.96 -6.66 58.27
CA GLY B 116 -53.87 -7.53 58.66
C GLY B 116 -53.49 -8.54 57.60
N ASP B 117 -54.28 -8.65 56.53
CA ASP B 117 -54.03 -9.58 55.45
C ASP B 117 -53.34 -8.90 54.26
N VAL B 118 -53.53 -7.60 54.09
CA VAL B 118 -52.90 -6.85 53.01
C VAL B 118 -51.72 -6.09 53.60
N GLU B 119 -50.53 -6.34 53.07
CA GLU B 119 -49.30 -5.71 53.54
C GLU B 119 -48.81 -4.71 52.50
N ILE B 120 -48.51 -3.50 52.97
CA ILE B 120 -48.01 -2.43 52.12
C ILE B 120 -46.53 -2.26 52.40
N VAL B 121 -45.72 -2.29 51.34
CA VAL B 121 -44.27 -2.23 51.51
C VAL B 121 -43.75 -0.80 51.51
N LYS B 122 -44.42 0.11 50.78
CA LYS B 122 -43.98 1.49 50.65
C LYS B 122 -45.13 2.41 51.04
N PRO B 123 -45.41 2.55 52.34
CA PRO B 123 -46.52 3.42 52.76
C PRO B 123 -46.28 4.89 52.46
N GLN B 124 -45.05 5.31 52.19
CA GLN B 124 -44.79 6.72 51.86
C GLN B 124 -45.04 7.03 50.40
N HIS B 125 -45.42 6.04 49.59
CA HIS B 125 -45.72 6.31 48.19
C HIS B 125 -46.89 7.28 48.06
N VAL B 126 -46.72 8.29 47.24
CA VAL B 126 -47.69 9.38 47.11
C VAL B 126 -48.66 9.06 45.98
N ILE B 127 -49.95 9.24 46.25
CA ILE B 127 -51.00 8.99 45.28
C ILE B 127 -51.55 10.30 44.71
N CYS B 128 -51.90 11.24 45.57
CA CYS B 128 -52.43 12.53 45.15
C CYS B 128 -52.13 13.55 46.23
N HIS B 129 -52.44 14.81 45.94
CA HIS B 129 -52.15 15.92 46.84
C HIS B 129 -53.45 16.57 47.35
N LEU B 130 -54.43 15.73 47.68
CA LEU B 130 -55.68 16.14 48.32
C LEU B 130 -56.54 16.94 47.35
N THR B 131 -57.84 17.01 47.60
CA THR B 131 -58.76 17.77 46.76
C THR B 131 -58.58 19.26 46.99
N ASP B 132 -57.55 19.84 46.36
CA ASP B 132 -57.24 21.26 46.49
C ASP B 132 -57.10 21.67 47.94
N GLU B 133 -58.14 22.29 48.50
CA GLU B 133 -58.14 22.71 49.89
C GLU B 133 -59.55 22.57 50.45
N ASN B 134 -59.63 22.21 51.73
CA ASN B 134 -60.90 22.12 52.45
C ASN B 134 -61.87 21.18 51.74
N ALA B 135 -61.39 20.00 51.38
CA ALA B 135 -62.20 18.99 50.73
C ALA B 135 -61.62 17.61 51.01
N SER B 136 -62.34 16.58 50.58
CA SER B 136 -61.96 15.20 50.82
C SER B 136 -62.01 14.42 49.53
N ILE B 137 -61.24 13.32 49.50
CA ILE B 137 -61.19 12.42 48.35
C ILE B 137 -61.53 11.01 48.83
N SER B 138 -62.45 10.37 48.13
CA SER B 138 -62.88 9.01 48.46
C SER B 138 -62.57 8.10 47.29
N MET B 139 -61.82 7.03 47.55
CA MET B 139 -61.42 6.08 46.51
C MET B 139 -61.29 4.70 47.13
N ARG B 140 -61.92 3.71 46.51
CA ARG B 140 -61.77 2.32 46.91
C ARG B 140 -61.08 1.54 45.80
N ILE B 141 -60.12 0.70 46.17
CA ILE B 141 -59.30 -0.04 45.24
C ILE B 141 -59.51 -1.53 45.47
N LYS B 142 -59.39 -2.31 44.40
CA LYS B 142 -59.33 -3.75 44.53
C LYS B 142 -58.05 -4.26 43.90
N VAL B 143 -57.40 -5.20 44.57
CA VAL B 143 -56.15 -5.79 44.11
C VAL B 143 -56.31 -7.30 44.14
N GLN B 144 -55.90 -7.96 43.05
CA GLN B 144 -56.00 -9.40 42.92
C GLN B 144 -54.66 -9.97 42.48
N ARG B 145 -54.41 -11.22 42.88
CA ARG B 145 -53.17 -11.88 42.53
C ARG B 145 -53.24 -12.41 41.10
N GLY B 146 -52.23 -12.08 40.30
CA GLY B 146 -52.18 -12.49 38.92
C GLY B 146 -50.83 -13.08 38.57
N ARG B 147 -50.45 -12.91 37.31
CA ARG B 147 -49.20 -13.46 36.80
C ARG B 147 -48.76 -12.68 35.58
N GLY B 148 -47.48 -12.35 35.53
CA GLY B 148 -46.95 -11.61 34.41
C GLY B 148 -47.50 -10.19 34.33
N TYR B 149 -47.64 -9.69 33.10
CA TYR B 149 -48.14 -8.36 32.84
C TYR B 149 -49.40 -8.48 31.98
N VAL B 150 -50.48 -7.85 32.43
CA VAL B 150 -51.73 -7.86 31.68
C VAL B 150 -52.17 -6.41 31.44
N PRO B 151 -52.04 -5.89 30.22
CA PRO B 151 -52.48 -4.53 29.95
C PRO B 151 -53.99 -4.42 29.97
N ALA B 152 -54.47 -3.18 30.00
CA ALA B 152 -55.91 -2.90 30.04
C ALA B 152 -56.49 -3.02 28.63
N SER B 153 -56.52 -4.27 28.14
CA SER B 153 -57.12 -4.54 26.85
C SER B 153 -58.62 -4.35 26.88
N THR B 154 -59.29 -4.95 27.86
CA THR B 154 -60.73 -4.84 28.03
C THR B 154 -61.10 -5.44 29.38
N ARG B 155 -62.37 -5.25 29.76
CA ARG B 155 -62.89 -5.84 30.99
C ARG B 155 -63.59 -7.17 30.71
N ILE B 156 -64.60 -7.16 29.85
CA ILE B 156 -65.33 -8.35 29.44
C ILE B 156 -65.87 -9.08 30.67
N HIS B 157 -66.50 -8.34 31.58
CA HIS B 157 -67.03 -8.92 32.80
C HIS B 157 -68.36 -8.25 33.12
N SER B 158 -69.14 -8.92 33.96
CA SER B 158 -70.45 -8.44 34.42
C SER B 158 -71.34 -8.22 33.20
N GLU B 159 -72.09 -7.12 33.13
CA GLU B 159 -72.98 -6.86 32.01
C GLU B 159 -72.87 -5.40 31.60
N GLU B 160 -72.87 -5.16 30.29
CA GLU B 160 -72.82 -3.81 29.70
C GLU B 160 -71.56 -3.12 30.21
N ASP B 161 -71.64 -1.89 30.71
CA ASP B 161 -70.47 -1.15 31.17
C ASP B 161 -70.36 -1.12 32.70
N GLU B 162 -71.10 -1.98 33.39
CA GLU B 162 -71.07 -1.96 34.85
C GLU B 162 -69.68 -2.29 35.39
N ARG B 163 -69.00 -3.26 34.78
CA ARG B 163 -67.68 -3.65 35.22
C ARG B 163 -66.60 -2.67 34.74
N PRO B 164 -66.61 -2.21 33.48
CA PRO B 164 -65.61 -1.21 33.08
C PRO B 164 -65.64 0.06 33.91
N ILE B 165 -66.82 0.57 34.26
CA ILE B 165 -66.89 1.72 35.15
C ILE B 165 -66.53 1.29 36.57
N GLY B 166 -66.84 0.05 36.94
CA GLY B 166 -66.48 -0.47 38.25
C GLY B 166 -65.02 -0.82 38.40
N ARG B 167 -64.25 -0.76 37.32
CA ARG B 167 -62.83 -1.06 37.37
C ARG B 167 -61.94 0.06 36.86
N LEU B 168 -62.44 0.92 35.97
CA LEU B 168 -61.69 2.00 35.34
C LEU B 168 -60.50 1.52 34.52
N LEU B 169 -60.35 0.20 34.37
CA LEU B 169 -59.32 -0.42 33.52
C LEU B 169 -57.93 0.08 33.89
N VAL B 170 -57.54 -0.18 35.14
CA VAL B 170 -56.20 0.16 35.61
C VAL B 170 -55.23 -0.93 35.16
N ASP B 171 -54.11 -0.52 34.58
CA ASP B 171 -53.11 -1.48 34.14
C ASP B 171 -52.55 -2.24 35.33
N ALA B 172 -52.34 -3.54 35.15
CA ALA B 172 -51.88 -4.42 36.22
C ALA B 172 -50.51 -4.96 35.87
N CYS B 173 -49.56 -4.77 36.79
CA CYS B 173 -48.22 -5.31 36.67
C CYS B 173 -48.03 -6.32 37.80
N TYR B 174 -48.47 -7.55 37.56
CA TYR B 174 -48.42 -8.57 38.61
C TYR B 174 -46.98 -8.94 38.95
N SER B 175 -46.16 -9.20 37.93
CA SER B 175 -44.81 -9.65 38.18
C SER B 175 -44.01 -8.55 38.88
N PRO B 176 -43.40 -8.84 40.03
CA PRO B 176 -42.66 -7.80 40.77
C PRO B 176 -41.23 -7.64 40.26
N VAL B 177 -41.11 -7.18 39.02
CA VAL B 177 -39.81 -6.88 38.42
C VAL B 177 -39.93 -5.53 37.72
N GLU B 178 -39.09 -4.57 38.11
CA GLU B 178 -39.11 -3.27 37.45
C GLU B 178 -38.33 -3.30 36.14
N ARG B 179 -37.15 -3.92 36.15
CA ARG B 179 -36.35 -4.06 34.94
C ARG B 179 -35.37 -5.20 35.12
N ILE B 180 -35.28 -6.07 34.13
CA ILE B 180 -34.33 -7.17 34.10
C ILE B 180 -33.59 -7.12 32.77
N ALA B 181 -32.26 -7.08 32.84
CA ALA B 181 -31.43 -7.06 31.64
C ALA B 181 -30.11 -7.74 31.95
N TYR B 182 -29.63 -8.54 31.00
CA TYR B 182 -28.42 -9.33 31.19
C TYR B 182 -27.39 -8.97 30.13
N ASN B 183 -26.13 -9.09 30.49
CA ASN B 183 -25.01 -8.84 29.59
C ASN B 183 -24.02 -9.98 29.70
N VAL B 184 -23.57 -10.49 28.55
CA VAL B 184 -22.67 -11.63 28.49
C VAL B 184 -21.32 -11.15 28.00
N GLU B 185 -20.29 -11.35 28.81
CA GLU B 185 -18.93 -10.96 28.48
C GLU B 185 -18.07 -12.21 28.34
N ALA B 186 -16.76 -12.01 28.17
CA ALA B 186 -15.83 -13.09 27.94
C ALA B 186 -14.93 -13.26 29.16
N ALA B 187 -14.74 -14.51 29.59
CA ALA B 187 -13.83 -14.85 30.67
C ALA B 187 -13.08 -16.11 30.28
N ARG B 188 -11.95 -16.35 30.92
CA ARG B 188 -11.12 -17.50 30.60
C ARG B 188 -10.70 -18.23 31.87
N VAL B 189 -10.58 -19.55 31.74
CA VAL B 189 -10.04 -20.41 32.78
C VAL B 189 -9.01 -21.31 32.15
N GLU B 190 -7.99 -21.68 32.93
CA GLU B 190 -6.81 -22.42 32.48
C GLU B 190 -6.39 -22.02 31.07
N GLN B 191 -6.16 -23.00 30.20
CA GLN B 191 -5.77 -22.69 28.83
C GLN B 191 -6.95 -22.24 27.98
N ARG B 192 -8.17 -22.66 28.33
CA ARG B 192 -9.34 -22.31 27.52
C ARG B 192 -9.57 -20.81 27.56
N THR B 193 -9.90 -20.25 26.39
CA THR B 193 -10.04 -18.81 26.24
C THR B 193 -11.44 -18.35 25.87
N ASP B 194 -12.23 -19.19 25.22
CA ASP B 194 -13.57 -18.81 24.76
C ASP B 194 -14.60 -19.39 25.72
N LEU B 195 -14.85 -18.65 26.81
CA LEU B 195 -15.88 -18.98 27.78
C LEU B 195 -16.74 -17.75 28.01
N ASP B 196 -17.97 -17.98 28.48
CA ASP B 196 -18.93 -16.92 28.69
C ASP B 196 -19.15 -16.68 30.17
N LYS B 197 -19.31 -15.41 30.55
CA LYS B 197 -19.71 -15.03 31.89
C LYS B 197 -20.99 -14.20 31.79
N LEU B 198 -21.90 -14.41 32.74
CA LEU B 198 -23.21 -13.81 32.70
C LEU B 198 -23.34 -12.76 33.79
N VAL B 199 -23.77 -11.56 33.41
CA VAL B 199 -23.98 -10.45 34.34
C VAL B 199 -25.47 -10.11 34.32
N ILE B 200 -26.14 -10.37 35.44
CA ILE B 200 -27.58 -10.15 35.57
C ILE B 200 -27.80 -8.87 36.36
N GLU B 201 -28.57 -7.95 35.80
CA GLU B 201 -28.94 -6.71 36.47
C GLU B 201 -30.45 -6.65 36.60
N MET B 202 -30.93 -6.42 37.81
CA MET B 202 -32.37 -6.38 38.07
C MET B 202 -32.69 -5.37 39.15
N GLU B 203 -33.78 -4.65 38.97
CA GLU B 203 -34.36 -3.79 39.99
C GLU B 203 -35.80 -4.23 40.25
N THR B 204 -36.17 -4.28 41.52
CA THR B 204 -37.47 -4.79 41.94
C THR B 204 -38.36 -3.66 42.44
N ASN B 205 -39.67 -3.82 42.22
CA ASN B 205 -40.63 -2.86 42.75
C ASN B 205 -40.83 -3.00 44.26
N GLY B 206 -40.28 -4.04 44.87
CA GLY B 206 -40.43 -4.29 46.28
C GLY B 206 -41.05 -5.66 46.53
N THR B 207 -41.31 -5.93 47.80
CA THR B 207 -41.95 -7.16 48.27
C THR B 207 -41.13 -8.41 48.00
N ILE B 208 -39.99 -8.26 47.32
CA ILE B 208 -39.17 -9.41 46.93
C ILE B 208 -37.72 -8.98 46.79
N ASP B 209 -36.81 -9.70 47.43
CA ASP B 209 -35.38 -9.49 47.21
C ASP B 209 -35.02 -9.97 45.80
N PRO B 210 -34.20 -9.22 45.07
CA PRO B 210 -33.81 -9.68 43.72
C PRO B 210 -33.21 -11.08 43.71
N GLU B 211 -32.44 -11.43 44.75
CA GLU B 211 -31.99 -12.81 44.90
C GLU B 211 -33.16 -13.77 44.91
N GLU B 212 -34.21 -13.43 45.65
CA GLU B 212 -35.39 -14.30 45.71
C GLU B 212 -36.09 -14.37 44.36
N ALA B 213 -36.11 -13.26 43.61
CA ALA B 213 -36.72 -13.28 42.28
C ALA B 213 -35.97 -14.24 41.36
N ILE B 214 -34.64 -14.15 41.35
CA ILE B 214 -33.85 -15.08 40.55
C ILE B 214 -34.08 -16.52 41.01
N ARG B 215 -34.14 -16.73 42.32
CA ARG B 215 -34.34 -18.08 42.84
C ARG B 215 -35.69 -18.64 42.41
N ARG B 216 -36.75 -17.84 42.46
CA ARG B 216 -38.06 -18.31 42.03
C ARG B 216 -38.08 -18.61 40.54
N ALA B 217 -37.49 -17.74 39.72
CA ALA B 217 -37.43 -18.02 38.29
C ALA B 217 -36.70 -19.32 38.02
N ALA B 218 -35.55 -19.51 38.68
CA ALA B 218 -34.76 -20.72 38.47
C ALA B 218 -35.51 -21.97 38.93
N THR B 219 -36.20 -21.91 40.08
CA THR B 219 -36.84 -23.11 40.57
C THR B 219 -38.05 -23.49 39.73
N ILE B 220 -38.81 -22.49 39.25
CA ILE B 220 -39.91 -22.86 38.36
C ILE B 220 -39.39 -23.37 37.02
N LEU B 221 -38.30 -22.81 36.49
CA LEU B 221 -37.76 -23.37 35.26
C LEU B 221 -37.27 -24.80 35.46
N ALA B 222 -36.62 -25.07 36.60
CA ALA B 222 -36.13 -26.42 36.87
C ALA B 222 -37.28 -27.39 37.06
N GLU B 223 -38.32 -26.99 37.79
CA GLU B 223 -39.46 -27.87 38.01
C GLU B 223 -40.28 -28.05 36.74
N GLN B 224 -40.11 -27.18 35.74
CA GLN B 224 -40.74 -27.41 34.45
C GLN B 224 -40.09 -28.56 33.69
N LEU B 225 -38.91 -29.02 34.09
CA LEU B 225 -38.18 -30.05 33.38
C LEU B 225 -38.14 -31.38 34.13
N GLU B 226 -38.95 -31.52 35.18
CA GLU B 226 -38.93 -32.74 35.98
C GLU B 226 -39.35 -33.96 35.15
N ALA B 227 -40.33 -33.79 34.26
CA ALA B 227 -40.82 -34.92 33.48
C ALA B 227 -39.76 -35.47 32.53
N PHE B 228 -38.69 -34.72 32.28
CA PHE B 228 -37.60 -35.21 31.45
C PHE B 228 -36.36 -35.60 32.26
N VAL B 229 -36.13 -34.97 33.42
CA VAL B 229 -34.95 -35.26 34.21
C VAL B 229 -35.19 -36.35 35.26
N ASP B 230 -36.44 -36.71 35.54
CA ASP B 230 -36.71 -37.67 36.62
C ASP B 230 -36.11 -39.03 36.33
N LEU B 231 -36.39 -39.59 35.15
CA LEU B 231 -35.90 -40.93 34.84
C LEU B 231 -34.39 -40.91 34.63
N ARG B 232 -33.88 -39.93 33.90
CA ARG B 232 -32.44 -39.79 33.67
C ARG B 232 -31.86 -38.81 34.70
N ASP B 233 -31.81 -39.27 35.94
CA ASP B 233 -31.32 -38.48 37.07
C ASP B 233 -30.14 -39.21 37.71
N VAL B 234 -29.17 -38.43 38.19
CA VAL B 234 -28.01 -39.01 38.86
C VAL B 234 -28.43 -39.75 40.12
N ARG B 235 -29.31 -39.15 40.91
CA ARG B 235 -29.79 -39.76 42.14
C ARG B 235 -31.06 -40.58 41.87
N MET C 1 -26.08 -34.91 -29.61
CA MET C 1 -25.48 -34.09 -30.65
C MET C 1 -25.52 -32.62 -30.28
N VAL C 2 -26.67 -32.17 -29.77
CA VAL C 2 -26.82 -30.78 -29.37
C VAL C 2 -25.92 -30.46 -28.20
N TYR C 3 -25.79 -31.38 -27.25
CA TYR C 3 -25.00 -31.18 -26.05
C TYR C 3 -23.97 -32.29 -25.91
N SER C 4 -22.76 -31.91 -25.49
CA SER C 4 -21.69 -32.88 -25.32
C SER C 4 -21.89 -33.67 -24.03
N TYR C 5 -21.04 -34.69 -23.84
CA TYR C 5 -21.18 -35.56 -22.68
C TYR C 5 -20.96 -34.81 -21.37
N THR C 6 -19.93 -33.95 -21.33
CA THR C 6 -19.71 -33.16 -20.11
C THR C 6 -20.77 -32.09 -19.96
N GLU C 7 -21.36 -31.64 -21.06
CA GLU C 7 -22.49 -30.73 -20.96
C GLU C 7 -23.75 -31.46 -20.52
N LYS C 8 -23.90 -32.72 -20.91
CA LYS C 8 -25.02 -33.53 -20.44
C LYS C 8 -24.96 -33.79 -18.94
N LYS C 9 -23.76 -33.72 -18.35
CA LYS C 9 -23.63 -33.89 -16.91
C LYS C 9 -24.34 -32.77 -16.15
N ARG C 10 -24.21 -31.54 -16.64
CA ARG C 10 -24.83 -30.39 -15.97
C ARG C 10 -25.01 -29.29 -17.00
N ILE C 11 -26.25 -29.01 -17.36
CA ILE C 11 -26.59 -27.99 -18.35
C ILE C 11 -26.89 -26.69 -17.61
N ARG C 12 -26.09 -25.66 -17.87
CA ARG C 12 -26.35 -24.35 -17.28
C ARG C 12 -27.61 -23.75 -17.89
N LYS C 13 -28.50 -23.25 -17.04
CA LYS C 13 -29.72 -22.63 -17.51
C LYS C 13 -29.38 -21.23 -18.01
N ASP C 14 -28.96 -21.16 -19.28
CA ASP C 14 -28.66 -19.87 -19.89
C ASP C 14 -29.95 -19.06 -20.02
N PHE C 15 -29.86 -17.77 -19.70
CA PHE C 15 -31.00 -16.89 -19.84
C PHE C 15 -31.01 -16.15 -21.16
N GLY C 16 -29.87 -16.06 -21.83
CA GLY C 16 -29.78 -15.69 -23.23
C GLY C 16 -30.53 -14.45 -23.66
N LYS C 17 -31.57 -14.65 -24.46
CA LYS C 17 -32.46 -13.66 -25.09
C LYS C 17 -31.81 -13.02 -26.31
N ARG C 18 -30.58 -13.37 -26.66
CA ARG C 18 -29.99 -12.88 -27.90
C ARG C 18 -29.06 -13.94 -28.48
N PRO C 19 -29.36 -14.44 -29.68
CA PRO C 19 -28.53 -15.50 -30.26
C PRO C 19 -27.12 -15.01 -30.52
N GLN C 20 -26.15 -15.90 -30.31
CA GLN C 20 -24.76 -15.61 -30.58
C GLN C 20 -24.41 -16.01 -32.00
N VAL C 21 -23.61 -15.19 -32.66
CA VAL C 21 -23.23 -15.40 -34.05
C VAL C 21 -21.84 -16.02 -34.16
N LEU C 22 -20.85 -15.42 -33.51
CA LEU C 22 -19.50 -15.96 -33.49
C LEU C 22 -19.14 -16.35 -32.06
N ASP C 23 -18.62 -17.56 -31.90
CA ASP C 23 -18.23 -18.04 -30.59
C ASP C 23 -16.89 -17.42 -30.18
N VAL C 24 -16.65 -17.42 -28.87
CA VAL C 24 -15.44 -16.81 -28.32
C VAL C 24 -14.21 -17.45 -28.95
N PRO C 25 -13.21 -16.69 -29.37
CA PRO C 25 -12.03 -17.29 -29.99
C PRO C 25 -11.19 -18.10 -29.00
N TYR C 26 -10.02 -18.56 -29.43
CA TYR C 26 -9.17 -19.38 -28.57
C TYR C 26 -8.85 -18.69 -27.25
N LEU C 27 -8.95 -17.37 -27.20
CA LEU C 27 -8.90 -16.56 -25.99
C LEU C 27 -7.46 -16.44 -25.47
N LEU C 28 -6.50 -17.11 -26.12
CA LEU C 28 -5.08 -16.91 -25.87
C LEU C 28 -4.32 -16.77 -27.17
N SER C 29 -4.99 -16.30 -28.23
CA SER C 29 -4.43 -16.42 -29.57
C SER C 29 -3.28 -15.45 -29.81
N ILE C 30 -3.24 -14.32 -29.10
CA ILE C 30 -2.23 -13.32 -29.42
C ILE C 30 -0.82 -13.85 -29.14
N GLN C 31 -0.60 -14.42 -27.94
CA GLN C 31 0.73 -14.89 -27.59
C GLN C 31 1.18 -16.05 -28.49
N LEU C 32 0.33 -17.05 -28.63
CA LEU C 32 0.68 -18.22 -29.42
C LEU C 32 0.91 -17.85 -30.88
N ASP C 33 0.03 -17.01 -31.44
CA ASP C 33 0.18 -16.60 -32.83
C ASP C 33 1.45 -15.78 -33.03
N SER C 34 1.76 -14.87 -32.11
CA SER C 34 2.97 -14.07 -32.26
C SER C 34 4.22 -14.95 -32.20
N PHE C 35 4.26 -15.90 -31.27
CA PHE C 35 5.44 -16.76 -31.21
C PHE C 35 5.50 -17.71 -32.40
N GLN C 36 4.35 -18.15 -32.92
CA GLN C 36 4.36 -19.00 -34.10
C GLN C 36 4.91 -18.23 -35.30
N LYS C 37 4.48 -16.99 -35.49
CA LYS C 37 5.01 -16.19 -36.58
C LYS C 37 6.42 -15.69 -36.30
N PHE C 38 6.92 -15.86 -35.07
CA PHE C 38 8.31 -15.56 -34.76
C PHE C 38 9.24 -16.75 -35.01
N ILE C 39 8.72 -17.97 -35.02
CA ILE C 39 9.54 -19.17 -35.11
C ILE C 39 9.34 -19.89 -36.44
N GLU C 40 8.10 -19.99 -36.91
CA GLU C 40 7.80 -20.81 -38.09
C GLU C 40 8.54 -20.30 -39.31
N GLN C 41 8.94 -21.24 -40.17
CA GLN C 41 9.67 -20.89 -41.38
C GLN C 41 8.78 -20.12 -42.35
N ASP C 42 9.40 -19.19 -43.07
CA ASP C 42 8.69 -18.37 -44.05
C ASP C 42 9.48 -18.40 -45.35
N PRO C 43 8.89 -18.86 -46.46
CA PRO C 43 9.61 -18.80 -47.75
C PRO C 43 10.10 -17.41 -48.09
N GLU C 44 9.31 -16.38 -47.79
CA GLU C 44 9.72 -15.00 -47.98
C GLU C 44 10.22 -14.42 -46.65
N GLY C 45 10.73 -13.20 -46.73
CA GLY C 45 11.26 -12.54 -45.55
C GLY C 45 10.27 -11.61 -44.89
N GLN C 46 9.01 -12.03 -44.81
CA GLN C 46 7.97 -11.21 -44.20
C GLN C 46 8.27 -10.99 -42.72
N TYR C 47 8.30 -12.07 -41.93
CA TYR C 47 8.58 -11.97 -40.51
C TYR C 47 9.19 -13.30 -40.04
N GLY C 48 9.59 -13.32 -38.77
CA GLY C 48 10.28 -14.48 -38.23
C GLY C 48 11.79 -14.33 -38.33
N LEU C 49 12.48 -15.35 -37.79
CA LEU C 49 13.94 -15.35 -37.82
C LEU C 49 14.47 -15.26 -39.24
N GLU C 50 13.74 -15.80 -40.21
CA GLU C 50 14.18 -15.75 -41.60
C GLU C 50 14.28 -14.31 -42.08
N ALA C 51 13.35 -13.46 -41.67
CA ALA C 51 13.39 -12.05 -42.05
C ALA C 51 14.64 -11.36 -41.49
N ALA C 52 14.97 -11.63 -40.22
CA ALA C 52 16.19 -11.07 -39.65
C ALA C 52 17.43 -11.57 -40.38
N PHE C 53 17.45 -12.85 -40.73
CA PHE C 53 18.58 -13.40 -41.46
C PHE C 53 18.75 -12.73 -42.81
N ARG C 54 17.65 -12.54 -43.55
CA ARG C 54 17.75 -11.80 -44.81
C ARG C 54 18.19 -10.36 -44.58
N SER C 55 17.76 -9.74 -43.47
CA SER C 55 18.15 -8.37 -43.21
C SER C 55 19.64 -8.24 -42.95
N VAL C 56 20.22 -9.17 -42.20
CA VAL C 56 21.63 -9.06 -41.85
C VAL C 56 22.48 -9.79 -42.89
N PHE C 57 22.26 -11.08 -43.05
CA PHE C 57 23.00 -11.85 -44.05
C PHE C 57 22.50 -11.52 -45.45
N PRO C 58 23.34 -11.70 -46.48
CA PRO C 58 24.73 -12.16 -46.46
C PRO C 58 25.71 -11.08 -46.04
N ILE C 59 26.91 -11.45 -45.63
CA ILE C 59 27.94 -10.51 -45.25
C ILE C 59 29.23 -10.84 -45.99
N GLN C 60 30.07 -9.82 -46.17
CA GLN C 60 31.32 -9.99 -46.89
C GLN C 60 32.33 -8.98 -46.37
N SER C 61 33.61 -9.28 -46.60
CA SER C 61 34.68 -8.41 -46.16
C SER C 61 34.81 -7.21 -47.09
N TYR C 62 35.61 -6.23 -46.65
CA TYR C 62 35.85 -5.03 -47.43
C TYR C 62 36.76 -5.37 -48.60
N SER C 63 36.16 -5.69 -49.75
CA SER C 63 36.88 -6.08 -50.96
C SER C 63 37.80 -7.28 -50.74
N GLY C 64 37.49 -8.11 -49.74
CA GLY C 64 38.28 -9.28 -49.44
C GLY C 64 37.94 -10.51 -50.26
N ASN C 65 36.98 -10.40 -51.18
CA ASN C 65 36.59 -11.50 -52.06
C ASN C 65 36.12 -12.73 -51.28
N SER C 66 35.56 -12.50 -50.09
CA SER C 66 35.01 -13.57 -49.26
C SER C 66 33.64 -13.15 -48.78
N GLU C 67 32.64 -14.00 -48.99
CA GLU C 67 31.26 -13.70 -48.62
C GLU C 67 30.68 -14.86 -47.84
N LEU C 68 29.66 -14.55 -47.04
CA LEU C 68 28.96 -15.54 -46.21
C LEU C 68 27.56 -15.75 -46.78
N GLN C 69 27.38 -16.86 -47.49
CA GLN C 69 26.09 -17.21 -48.08
C GLN C 69 25.42 -18.27 -47.22
N TYR C 70 24.14 -18.07 -46.93
CA TYR C 70 23.37 -18.95 -46.05
C TYR C 70 22.10 -19.40 -46.74
N VAL C 71 21.61 -20.57 -46.33
CA VAL C 71 20.32 -21.08 -46.77
C VAL C 71 19.60 -21.66 -45.56
N SER C 72 18.33 -21.26 -45.38
CA SER C 72 17.44 -21.84 -44.39
C SER C 72 17.96 -21.78 -42.96
N TYR C 73 17.24 -22.42 -42.04
CA TYR C 73 17.65 -22.59 -40.65
C TYR C 73 16.75 -23.66 -40.05
N ARG C 74 17.19 -24.21 -38.91
CA ARG C 74 16.38 -25.22 -38.26
C ARG C 74 16.51 -25.09 -36.74
N LEU C 75 15.44 -25.46 -36.04
CA LEU C 75 15.40 -25.45 -34.60
C LEU C 75 15.39 -26.88 -34.08
N GLY C 76 16.28 -27.18 -33.14
CA GLY C 76 16.43 -28.53 -32.64
C GLY C 76 15.35 -28.92 -31.65
N GLU C 77 15.43 -30.17 -31.21
CA GLU C 77 14.50 -30.70 -30.23
C GLU C 77 14.95 -30.34 -28.82
N PRO C 78 14.06 -29.87 -27.95
CA PRO C 78 14.45 -29.55 -26.59
C PRO C 78 14.92 -30.79 -25.85
N VAL C 79 15.91 -30.62 -24.97
CA VAL C 79 16.48 -31.74 -24.23
C VAL C 79 15.72 -32.06 -22.94
N PHE C 80 14.80 -31.19 -22.52
CA PHE C 80 13.89 -31.50 -21.42
C PHE C 80 12.48 -31.06 -21.79
N ASP C 81 11.50 -31.82 -21.32
CA ASP C 81 10.11 -31.42 -21.47
C ASP C 81 9.76 -30.36 -20.42
N VAL C 82 8.54 -29.84 -20.50
CA VAL C 82 8.16 -28.70 -19.67
C VAL C 82 8.17 -29.08 -18.18
N GLN C 83 7.64 -30.25 -17.84
CA GLN C 83 7.52 -30.63 -16.44
C GLN C 83 8.89 -30.83 -15.80
N GLU C 84 9.76 -31.61 -16.44
CA GLU C 84 11.09 -31.85 -15.90
C GLU C 84 11.90 -30.56 -15.85
N CYS C 85 11.75 -29.70 -16.87
CA CYS C 85 12.46 -28.44 -16.88
C CYS C 85 12.00 -27.54 -15.72
N GLN C 86 10.70 -27.54 -15.44
CA GLN C 86 10.20 -26.78 -14.29
C GLN C 86 10.73 -27.35 -12.98
N ILE C 87 10.76 -28.68 -12.84
CA ILE C 87 11.22 -29.29 -11.61
C ILE C 87 12.72 -29.05 -11.41
N ARG C 88 13.51 -29.30 -12.45
CA ARG C 88 14.96 -29.19 -12.32
C ARG C 88 15.39 -27.75 -12.05
N GLY C 89 14.81 -26.77 -12.73
CA GLY C 89 15.17 -25.39 -12.54
C GLY C 89 16.07 -24.80 -13.59
N VAL C 90 15.82 -25.10 -14.86
CA VAL C 90 16.62 -24.57 -15.97
C VAL C 90 15.67 -24.08 -17.06
N THR C 91 16.22 -23.33 -18.00
CA THR C 91 15.43 -22.70 -19.04
C THR C 91 15.01 -23.71 -20.10
N TYR C 92 13.71 -23.70 -20.43
CA TYR C 92 13.17 -24.53 -21.50
C TYR C 92 13.51 -23.87 -22.84
N SER C 93 14.44 -24.48 -23.58
CA SER C 93 14.89 -23.89 -24.83
C SER C 93 15.23 -25.00 -25.82
N ALA C 94 15.60 -24.58 -27.02
CA ALA C 94 16.00 -25.49 -28.09
C ALA C 94 17.26 -24.96 -28.75
N PRO C 95 18.11 -25.85 -29.27
CA PRO C 95 19.29 -25.40 -30.01
C PRO C 95 18.90 -24.79 -31.34
N LEU C 96 19.77 -23.92 -31.84
CA LEU C 96 19.55 -23.22 -33.10
C LEU C 96 20.66 -23.59 -34.07
N ARG C 97 20.30 -24.29 -35.15
CA ARG C 97 21.25 -24.73 -36.17
C ARG C 97 20.93 -24.02 -37.48
N VAL C 98 21.98 -23.57 -38.17
CA VAL C 98 21.82 -22.78 -39.39
C VAL C 98 22.73 -23.33 -40.47
N LYS C 99 22.20 -23.41 -41.69
CA LYS C 99 22.97 -23.83 -42.86
C LYS C 99 23.57 -22.60 -43.53
N LEU C 100 24.89 -22.56 -43.64
CA LEU C 100 25.57 -21.46 -44.32
C LEU C 100 26.92 -21.94 -44.79
N ARG C 101 27.39 -21.38 -45.91
CA ARG C 101 28.60 -21.83 -46.57
C ARG C 101 29.57 -20.67 -46.77
N LEU C 102 30.81 -21.03 -47.11
CA LEU C 102 31.85 -20.06 -47.39
C LEU C 102 32.20 -20.06 -48.87
N VAL C 103 32.33 -18.87 -49.44
CA VAL C 103 32.71 -18.69 -50.84
C VAL C 103 33.92 -17.79 -50.92
N ILE C 104 34.92 -18.19 -51.69
CA ILE C 104 36.14 -17.41 -51.90
C ILE C 104 36.20 -17.00 -53.36
N TYR C 105 36.35 -15.71 -53.60
CA TYR C 105 36.34 -15.15 -54.95
C TYR C 105 37.76 -14.94 -55.45
N GLU C 106 37.94 -15.07 -56.76
CA GLU C 106 39.25 -14.91 -57.36
C GLU C 106 39.70 -13.46 -57.30
N ARG C 107 40.95 -13.24 -56.86
CA ARG C 107 41.49 -11.90 -56.83
C ARG C 107 41.86 -11.41 -58.22
N GLU C 108 42.47 -12.29 -59.03
CA GLU C 108 42.88 -11.88 -60.37
C GLU C 108 41.68 -11.73 -61.30
N ALA C 109 40.74 -12.67 -61.26
CA ALA C 109 39.59 -12.64 -62.15
C ALA C 109 38.44 -11.92 -61.47
N PRO C 110 37.97 -10.79 -61.98
CA PRO C 110 36.83 -10.11 -61.36
C PRO C 110 35.56 -10.95 -61.46
N GLU C 111 34.72 -10.87 -60.43
CA GLU C 111 33.44 -11.57 -60.37
C GLU C 111 33.59 -13.08 -60.55
N GLY C 112 34.76 -13.61 -60.20
CA GLY C 112 35.01 -15.03 -60.30
C GLY C 112 35.34 -15.61 -58.94
N THR C 113 34.96 -16.87 -58.75
CA THR C 113 35.15 -17.57 -57.48
C THR C 113 36.13 -18.72 -57.67
N VAL C 114 36.89 -19.01 -56.61
CA VAL C 114 37.86 -20.10 -56.63
C VAL C 114 37.54 -21.21 -55.63
N LYS C 115 36.83 -20.92 -54.54
CA LYS C 115 36.52 -21.92 -53.54
C LYS C 115 35.08 -21.76 -53.08
N ASP C 116 34.46 -22.89 -52.71
CA ASP C 116 33.09 -22.88 -52.20
C ASP C 116 32.97 -24.03 -51.20
N ILE C 117 33.13 -23.71 -49.92
CA ILE C 117 33.09 -24.70 -48.85
C ILE C 117 31.68 -24.72 -48.30
N LYS C 118 30.93 -25.79 -48.59
CA LYS C 118 29.56 -25.95 -48.12
C LYS C 118 29.59 -26.67 -46.77
N GLU C 119 29.95 -25.92 -45.73
CA GLU C 119 30.05 -26.49 -44.40
C GLU C 119 28.67 -26.83 -43.84
N GLN C 120 28.65 -27.73 -42.88
CA GLN C 120 27.41 -28.20 -42.27
C GLN C 120 26.90 -27.15 -41.28
N GLU C 121 25.86 -27.50 -40.53
CA GLU C 121 25.25 -26.56 -39.60
C GLU C 121 26.18 -26.27 -38.42
N VAL C 122 26.15 -25.03 -37.96
CA VAL C 122 26.91 -24.58 -36.80
C VAL C 122 25.93 -24.13 -35.73
N TYR C 123 26.07 -24.68 -34.53
CA TYR C 123 25.20 -24.32 -33.43
C TYR C 123 25.44 -22.88 -33.02
N MET C 124 24.36 -22.15 -32.72
CA MET C 124 24.47 -20.75 -32.34
C MET C 124 23.25 -20.33 -31.53
N GLY C 125 23.43 -20.14 -30.23
CA GLY C 125 22.42 -19.51 -29.41
C GLY C 125 21.35 -20.43 -28.85
N GLU C 126 20.64 -19.96 -27.83
CA GLU C 126 19.49 -20.66 -27.24
C GLU C 126 18.27 -19.76 -27.34
N ILE C 127 17.20 -20.29 -27.91
CA ILE C 127 15.93 -19.57 -28.05
C ILE C 127 14.89 -20.26 -27.18
N PRO C 128 14.50 -19.71 -26.04
CA PRO C 128 13.47 -20.35 -25.23
C PRO C 128 12.17 -20.47 -25.99
N LEU C 129 11.47 -21.58 -25.78
CA LEU C 129 10.20 -21.83 -26.43
C LEU C 129 9.06 -21.42 -25.52
N MET C 130 7.89 -21.25 -26.12
CA MET C 130 6.68 -20.92 -25.39
C MET C 130 5.85 -22.18 -25.19
N THR C 131 5.47 -22.45 -23.96
CA THR C 131 4.66 -23.62 -23.64
C THR C 131 3.29 -23.46 -24.31
N ASP C 132 2.57 -24.58 -24.47
CA ASP C 132 1.29 -24.53 -25.16
C ASP C 132 0.27 -23.66 -24.45
N ASN C 133 0.50 -23.31 -23.19
CA ASN C 133 -0.34 -22.34 -22.50
C ASN C 133 0.04 -20.90 -22.80
N GLY C 134 1.31 -20.64 -23.13
CA GLY C 134 1.74 -19.29 -23.43
C GLY C 134 2.75 -18.75 -22.45
N THR C 135 3.59 -19.62 -21.88
CA THR C 135 4.56 -19.24 -20.87
C THR C 135 5.95 -19.70 -21.29
N PHE C 136 6.96 -18.96 -20.86
CA PHE C 136 8.36 -19.24 -21.18
C PHE C 136 9.06 -19.70 -19.91
N VAL C 137 9.22 -21.01 -19.76
CA VAL C 137 9.84 -21.56 -18.56
C VAL C 137 11.33 -21.27 -18.59
N ILE C 138 11.76 -20.24 -17.86
CA ILE C 138 13.16 -19.86 -17.78
C ILE C 138 13.57 -19.86 -16.31
N ASN C 139 14.73 -20.46 -16.04
CA ASN C 139 15.27 -20.55 -14.68
C ASN C 139 14.28 -21.18 -13.71
N GLY C 140 13.56 -22.19 -14.19
CA GLY C 140 12.58 -22.87 -13.35
C GLY C 140 11.45 -22.00 -12.88
N THR C 141 10.94 -21.13 -13.74
CA THR C 141 9.82 -20.25 -13.40
C THR C 141 8.85 -20.24 -14.57
N GLU C 142 7.90 -19.31 -14.55
CA GLU C 142 6.89 -19.22 -15.59
C GLU C 142 7.15 -18.06 -16.54
N ARG C 143 7.31 -16.83 -16.02
CA ARG C 143 7.81 -15.69 -16.79
C ARG C 143 7.00 -15.45 -18.06
N VAL C 144 5.74 -15.05 -17.85
CA VAL C 144 4.92 -14.62 -18.99
C VAL C 144 5.40 -13.24 -19.44
N ILE C 145 5.17 -12.94 -20.72
CA ILE C 145 5.60 -11.69 -21.33
C ILE C 145 4.36 -10.94 -21.78
N VAL C 146 4.17 -9.74 -21.27
CA VAL C 146 3.00 -8.93 -21.58
C VAL C 146 3.27 -8.16 -22.85
N SER C 147 2.24 -8.07 -23.72
CA SER C 147 2.36 -7.29 -24.93
C SER C 147 2.44 -5.80 -24.60
N GLN C 148 3.10 -5.05 -25.49
CA GLN C 148 3.32 -3.63 -25.28
C GLN C 148 2.47 -2.84 -26.27
N LEU C 149 1.80 -1.80 -25.77
CA LEU C 149 0.99 -0.89 -26.58
C LEU C 149 1.74 0.42 -26.69
N HIS C 150 2.46 0.61 -27.80
CA HIS C 150 3.35 1.75 -27.95
C HIS C 150 2.93 2.58 -29.16
N ARG C 151 3.49 3.78 -29.24
CA ARG C 151 3.18 4.71 -30.32
C ARG C 151 3.60 4.12 -31.66
N SER C 152 2.70 4.15 -32.63
CA SER C 152 3.01 3.58 -33.93
C SER C 152 3.91 4.54 -34.71
N PRO C 153 4.96 4.05 -35.36
CA PRO C 153 5.79 4.92 -36.20
C PRO C 153 4.97 5.53 -37.33
N GLY C 154 5.27 6.78 -37.64
CA GLY C 154 4.55 7.49 -38.69
C GLY C 154 4.72 8.99 -38.53
N VAL C 155 3.70 9.72 -38.95
CA VAL C 155 3.69 11.19 -38.90
C VAL C 155 2.57 11.62 -37.98
N PHE C 156 2.92 12.37 -36.93
CA PHE C 156 1.97 12.83 -35.93
C PHE C 156 2.00 14.35 -35.88
N PHE C 157 0.83 14.97 -36.08
CA PHE C 157 0.68 16.41 -35.95
C PHE C 157 0.02 16.74 -34.62
N ASP C 158 0.51 17.80 -33.97
CA ASP C 158 -0.03 18.22 -32.69
C ASP C 158 -0.12 19.74 -32.65
N SER C 159 -0.93 20.24 -31.74
CA SER C 159 -1.17 21.67 -31.59
C SER C 159 -0.62 22.24 -30.29
N ASP C 160 -0.05 21.40 -29.42
CA ASP C 160 0.55 21.82 -28.16
C ASP C 160 -0.44 22.59 -27.27
N LYS C 161 -1.74 22.36 -27.47
CA LYS C 161 -2.85 22.94 -26.71
C LYS C 161 -2.95 24.45 -26.86
N GLY C 162 -2.04 25.09 -27.60
CA GLY C 162 -2.15 26.52 -27.83
C GLY C 162 -1.80 27.40 -26.66
N LYS C 163 -1.18 26.86 -25.62
CA LYS C 163 -0.80 27.63 -24.44
C LYS C 163 0.66 27.34 -24.09
N THR C 164 1.58 27.98 -24.81
CA THR C 164 3.00 27.90 -24.48
C THR C 164 3.55 29.28 -24.17
N HIS C 165 3.23 30.26 -25.01
CA HIS C 165 3.65 31.64 -24.83
C HIS C 165 2.58 32.50 -24.17
N SER C 166 1.44 31.92 -23.81
CA SER C 166 0.33 32.60 -23.15
C SER C 166 -0.23 33.77 -23.96
N SER C 167 0.12 33.87 -25.24
CA SER C 167 -0.37 34.92 -26.11
C SER C 167 -1.61 34.51 -26.89
N GLY C 168 -2.10 33.30 -26.68
CA GLY C 168 -3.21 32.78 -27.46
C GLY C 168 -2.83 32.22 -28.81
N LYS C 169 -1.54 32.26 -29.17
CA LYS C 169 -1.09 31.75 -30.45
C LYS C 169 -0.96 30.24 -30.37
N VAL C 170 -1.81 29.53 -31.11
CA VAL C 170 -1.72 28.07 -31.18
C VAL C 170 -0.53 27.72 -32.06
N LEU C 171 0.30 26.79 -31.59
CA LEU C 171 1.54 26.42 -32.27
C LEU C 171 1.44 24.97 -32.76
N TYR C 172 1.53 24.79 -34.07
CA TYR C 172 1.44 23.47 -34.68
C TYR C 172 2.83 22.89 -34.87
N ASN C 173 3.00 21.64 -34.44
CA ASN C 173 4.28 20.95 -34.59
C ASN C 173 4.04 19.57 -35.17
N ALA C 174 5.03 19.08 -35.90
CA ALA C 174 4.98 17.76 -36.52
C ALA C 174 6.15 16.93 -36.03
N ARG C 175 5.95 15.61 -36.00
CA ARG C 175 6.96 14.68 -35.54
C ARG C 175 7.07 13.52 -36.51
N ILE C 176 8.28 13.00 -36.68
CA ILE C 176 8.56 11.86 -37.53
C ILE C 176 9.12 10.77 -36.63
N ILE C 177 8.25 9.92 -36.10
CA ILE C 177 8.65 8.87 -35.17
C ILE C 177 8.99 7.63 -36.00
N PRO C 178 10.24 7.18 -36.03
CA PRO C 178 10.57 5.95 -36.74
C PRO C 178 10.58 4.74 -35.79
N TYR C 179 10.64 3.56 -36.40
CA TYR C 179 10.79 2.35 -35.61
C TYR C 179 12.17 2.26 -34.97
N ARG C 180 13.20 2.72 -35.68
CA ARG C 180 14.56 2.75 -35.16
C ARG C 180 15.32 3.83 -35.91
N GLY C 181 16.15 4.58 -35.18
CA GLY C 181 16.93 5.63 -35.76
C GLY C 181 16.74 6.93 -35.00
N SER C 182 17.06 8.03 -35.66
CA SER C 182 16.93 9.35 -35.05
C SER C 182 15.56 9.94 -35.33
N TRP C 183 15.16 10.89 -34.50
CA TRP C 183 13.88 11.55 -34.66
C TRP C 183 14.00 12.74 -35.62
N LEU C 184 12.88 13.42 -35.83
CA LEU C 184 12.85 14.63 -36.65
C LEU C 184 11.55 15.36 -36.39
N ASP C 185 11.64 16.64 -36.04
CA ASP C 185 10.48 17.43 -35.66
C ASP C 185 10.45 18.75 -36.42
N PHE C 186 9.26 19.28 -36.62
CA PHE C 186 9.04 20.62 -37.17
C PHE C 186 8.23 21.41 -36.16
N GLU C 187 8.59 22.68 -35.96
CA GLU C 187 8.01 23.45 -34.86
C GLU C 187 7.72 24.87 -35.33
N PHE C 188 6.57 25.40 -34.90
CA PHE C 188 6.10 26.72 -35.31
C PHE C 188 6.35 27.72 -34.18
N ASP C 189 7.10 28.77 -34.48
CA ASP C 189 7.41 29.79 -33.50
C ASP C 189 6.18 30.66 -33.22
N PRO C 190 6.17 31.39 -32.11
CA PRO C 190 5.19 32.49 -31.98
C PRO C 190 5.35 33.53 -33.07
N LYS C 191 6.57 33.71 -33.59
CA LYS C 191 6.84 34.63 -34.69
C LYS C 191 6.70 33.96 -36.06
N ASP C 192 6.11 32.77 -36.11
CA ASP C 192 5.86 32.03 -37.36
C ASP C 192 7.18 31.76 -38.08
N ASN C 193 8.07 31.04 -37.39
CA ASN C 193 9.36 30.65 -37.94
C ASN C 193 9.48 29.14 -37.90
N LEU C 194 9.88 28.55 -39.03
CA LEU C 194 10.06 27.10 -39.11
C LEU C 194 11.32 26.69 -38.38
N PHE C 195 11.17 25.89 -37.34
CA PHE C 195 12.30 25.34 -36.60
C PHE C 195 12.25 23.83 -36.65
N VAL C 196 13.38 23.21 -36.97
CA VAL C 196 13.53 21.76 -37.02
C VAL C 196 14.37 21.33 -35.83
N ARG C 197 13.81 20.46 -34.99
CA ARG C 197 14.52 19.91 -33.84
C ARG C 197 14.98 18.50 -34.19
N ILE C 198 16.16 18.41 -34.80
CA ILE C 198 16.71 17.12 -35.23
C ILE C 198 17.30 16.42 -34.01
N ASP C 199 16.85 15.19 -33.77
CA ASP C 199 17.29 14.39 -32.63
C ASP C 199 17.20 15.18 -31.32
N ARG C 200 16.25 16.10 -31.26
CA ARG C 200 16.02 16.95 -30.09
C ARG C 200 17.28 17.72 -29.68
N ARG C 201 17.90 18.37 -30.67
CA ARG C 201 18.95 19.34 -30.41
C ARG C 201 18.32 20.73 -30.30
N ARG C 202 19.15 21.77 -30.36
CA ARG C 202 18.62 23.13 -30.36
C ARG C 202 17.80 23.37 -31.62
N LYS C 203 16.87 24.32 -31.51
CA LYS C 203 16.00 24.63 -32.64
C LYS C 203 16.81 25.21 -33.80
N LEU C 204 16.59 24.65 -34.99
CA LEU C 204 17.33 25.00 -36.19
C LEU C 204 16.37 25.25 -37.35
N PRO C 205 16.64 26.24 -38.19
CA PRO C 205 15.82 26.46 -39.38
C PRO C 205 15.62 25.19 -40.19
N ALA C 206 14.50 25.13 -40.91
CA ALA C 206 14.31 24.09 -41.92
C ALA C 206 15.04 24.41 -43.20
N THR C 207 15.42 25.67 -43.41
CA THR C 207 16.08 26.05 -44.65
C THR C 207 17.44 25.41 -44.81
N ILE C 208 18.14 25.14 -43.70
CA ILE C 208 19.47 24.54 -43.81
C ILE C 208 19.38 23.14 -44.40
N ILE C 209 18.48 22.31 -43.87
CA ILE C 209 18.32 20.96 -44.43
C ILE C 209 17.71 21.03 -45.83
N LEU C 210 16.79 21.97 -46.04
CA LEU C 210 16.19 22.12 -47.37
C LEU C 210 17.24 22.43 -48.43
N ARG C 211 18.21 23.29 -48.09
CA ARG C 211 19.32 23.54 -49.00
C ARG C 211 20.27 22.35 -49.07
N ALA C 212 20.46 21.64 -47.94
CA ALA C 212 21.29 20.45 -47.92
C ALA C 212 20.75 19.34 -48.80
N LEU C 213 19.46 19.41 -49.17
CA LEU C 213 18.89 18.51 -50.17
C LEU C 213 19.16 19.00 -51.60
N ASN C 214 20.19 19.83 -51.79
CA ASN C 214 20.59 20.35 -53.09
C ASN C 214 19.46 21.15 -53.73
N TYR C 215 18.93 22.11 -52.98
CA TYR C 215 17.88 23.00 -53.45
C TYR C 215 18.38 24.44 -53.42
N THR C 216 18.29 25.12 -54.55
CA THR C 216 18.73 26.51 -54.66
C THR C 216 17.66 27.45 -54.11
N THR C 217 18.07 28.70 -53.88
CA THR C 217 17.18 29.69 -53.28
C THR C 217 15.98 29.97 -54.18
N GLU C 218 16.19 30.04 -55.49
CA GLU C 218 15.06 30.24 -56.40
C GLU C 218 14.18 29.00 -56.47
N GLN C 219 14.81 27.81 -56.45
CA GLN C 219 14.05 26.57 -56.61
C GLN C 219 13.16 26.30 -55.41
N ILE C 220 13.65 26.57 -54.20
CA ILE C 220 12.83 26.35 -53.01
C ILE C 220 11.64 27.30 -53.00
N LEU C 221 11.84 28.55 -53.41
CA LEU C 221 10.74 29.50 -53.50
C LEU C 221 9.72 29.07 -54.55
N ASP C 222 10.20 28.59 -55.70
CA ASP C 222 9.29 28.13 -56.74
C ASP C 222 8.49 26.92 -56.28
N LEU C 223 9.12 26.02 -55.54
CA LEU C 223 8.44 24.81 -55.09
C LEU C 223 7.46 25.11 -53.96
N PHE C 224 7.82 26.01 -53.05
CA PHE C 224 7.03 26.27 -51.86
C PHE C 224 6.03 27.40 -52.03
N PHE C 225 5.95 28.02 -53.20
CA PHE C 225 5.04 29.13 -53.41
C PHE C 225 4.62 29.18 -54.86
N GLU C 226 3.51 29.89 -55.12
CA GLU C 226 2.99 30.09 -56.47
C GLU C 226 3.45 31.46 -56.95
N LYS C 227 4.32 31.48 -57.94
CA LYS C 227 4.90 32.71 -58.45
C LYS C 227 3.99 33.36 -59.48
N VAL C 228 4.01 34.68 -59.52
CA VAL C 228 3.26 35.46 -60.51
C VAL C 228 4.24 36.31 -61.30
N ILE C 229 3.83 36.65 -62.52
CA ILE C 229 4.67 37.39 -63.46
C ILE C 229 4.05 38.76 -63.70
N PHE C 230 4.85 39.80 -63.52
CA PHE C 230 4.44 41.18 -63.78
C PHE C 230 5.16 41.67 -65.03
N GLU C 231 4.38 42.09 -66.02
CA GLU C 231 4.91 42.54 -67.30
C GLU C 231 4.83 44.06 -67.38
N ILE C 232 5.95 44.70 -67.68
CA ILE C 232 6.03 46.15 -67.82
C ILE C 232 6.56 46.44 -69.21
N ARG C 233 5.65 46.64 -70.16
CA ARG C 233 5.99 46.94 -71.55
C ARG C 233 5.43 48.30 -71.93
N ASP C 234 6.30 49.15 -72.48
CA ASP C 234 5.92 50.51 -72.89
C ASP C 234 5.31 51.30 -71.73
N ASN C 235 5.88 51.10 -70.53
CA ASN C 235 5.47 51.78 -69.30
C ASN C 235 4.03 51.48 -68.90
N LYS C 236 3.39 50.51 -69.54
CA LYS C 236 2.02 50.16 -69.15
C LYS C 236 1.99 49.41 -67.84
N LEU C 237 2.94 48.48 -67.64
CA LEU C 237 3.06 47.69 -66.42
C LEU C 237 1.75 46.92 -66.16
N GLN C 238 1.47 45.99 -67.06
CA GLN C 238 0.26 45.19 -66.99
C GLN C 238 0.38 44.13 -65.91
N MET C 239 -0.76 43.61 -65.49
CA MET C 239 -0.84 42.60 -64.44
C MET C 239 -1.70 41.42 -64.91
N GLU C 240 -1.26 40.22 -64.58
CA GLU C 240 -2.02 39.02 -64.94
C GLU C 240 -3.30 38.93 -64.11
N LEU C 241 -4.30 38.25 -64.65
CA LEU C 241 -5.60 38.12 -64.02
C LEU C 241 -5.82 36.67 -63.60
N VAL C 242 -5.91 36.44 -62.29
CA VAL C 242 -6.28 35.14 -61.75
C VAL C 242 -7.41 35.35 -60.74
N PRO C 243 -8.67 35.23 -61.17
CA PRO C 243 -9.78 35.61 -60.29
C PRO C 243 -9.85 34.81 -58.99
N GLU C 244 -9.46 33.54 -59.01
CA GLU C 244 -9.55 32.72 -57.80
C GLU C 244 -8.57 33.16 -56.72
N ARG C 245 -7.53 33.92 -57.08
CA ARG C 245 -6.52 34.32 -56.10
C ARG C 245 -7.02 35.45 -55.21
N LEU C 246 -7.43 36.56 -55.80
CA LEU C 246 -7.84 37.73 -55.02
C LEU C 246 -9.22 37.48 -54.43
N ARG C 247 -9.28 37.35 -53.10
CA ARG C 247 -10.53 37.23 -52.37
C ARG C 247 -10.77 38.40 -51.43
N GLY C 248 -9.82 38.68 -50.55
CA GLY C 248 -9.90 39.85 -49.70
C GLY C 248 -8.79 40.84 -49.98
N GLU C 249 -9.12 41.99 -50.57
CA GLU C 249 -8.14 43.00 -50.91
C GLU C 249 -8.85 44.32 -51.12
N THR C 250 -8.07 45.40 -51.10
CA THR C 250 -8.57 46.75 -51.31
C THR C 250 -8.03 47.29 -52.62
N ALA C 251 -8.92 47.77 -53.48
CA ALA C 251 -8.55 48.31 -54.78
C ALA C 251 -7.93 49.68 -54.58
N SER C 252 -6.60 49.76 -54.62
CA SER C 252 -5.90 51.03 -54.46
C SER C 252 -6.12 51.97 -55.63
N PHE C 253 -6.62 51.46 -56.75
CA PHE C 253 -6.89 52.28 -57.93
C PHE C 253 -8.02 51.64 -58.72
N ASP C 254 -8.57 52.41 -59.66
CA ASP C 254 -9.65 51.90 -60.50
C ASP C 254 -9.16 50.74 -61.34
N ILE C 255 -9.98 49.68 -61.41
CA ILE C 255 -9.66 48.48 -62.16
C ILE C 255 -10.54 48.45 -63.40
N GLU C 256 -9.91 48.49 -64.57
CA GLU C 256 -10.61 48.51 -65.84
C GLU C 256 -10.35 47.21 -66.60
N ALA C 257 -11.40 46.67 -67.20
CA ALA C 257 -11.33 45.43 -67.96
C ALA C 257 -11.41 45.76 -69.45
N ASN C 258 -10.31 45.58 -70.17
CA ASN C 258 -10.24 45.85 -71.60
C ASN C 258 -10.67 47.27 -71.93
N GLY C 259 -10.25 48.22 -71.10
CA GLY C 259 -10.62 49.60 -71.26
C GLY C 259 -11.97 49.98 -70.67
N LYS C 260 -12.70 49.03 -70.11
CA LYS C 260 -13.99 49.28 -69.48
C LYS C 260 -13.88 49.03 -67.98
N VAL C 261 -14.42 49.96 -67.19
CA VAL C 261 -14.31 49.86 -65.74
C VAL C 261 -15.07 48.65 -65.25
N TYR C 262 -14.37 47.76 -64.54
CA TYR C 262 -14.95 46.57 -63.95
C TYR C 262 -15.14 46.70 -62.45
N VAL C 263 -14.09 47.05 -61.72
CA VAL C 263 -14.15 47.27 -60.28
C VAL C 263 -13.55 48.63 -59.97
N GLU C 264 -14.31 49.47 -59.26
CA GLU C 264 -13.82 50.79 -58.91
C GLU C 264 -12.81 50.72 -57.77
N LYS C 265 -12.15 51.84 -57.52
CA LYS C 265 -11.21 51.92 -56.41
C LYS C 265 -11.96 51.83 -55.09
N GLY C 266 -11.63 50.83 -54.29
CA GLY C 266 -12.37 50.60 -53.06
C GLY C 266 -13.80 50.23 -53.29
N ARG C 267 -14.07 49.44 -54.33
CA ARG C 267 -15.44 49.05 -54.68
C ARG C 267 -15.85 47.82 -53.86
N ARG C 268 -16.96 47.21 -54.26
CA ARG C 268 -17.47 46.05 -53.53
C ARG C 268 -16.50 44.88 -53.60
N ILE C 269 -16.43 44.12 -52.51
CA ILE C 269 -15.56 42.96 -52.39
C ILE C 269 -16.32 41.65 -52.41
N THR C 270 -17.65 41.70 -52.54
CA THR C 270 -18.45 40.50 -52.48
C THR C 270 -18.16 39.57 -53.66
N ALA C 271 -18.61 38.31 -53.52
CA ALA C 271 -18.36 37.31 -54.55
C ALA C 271 -19.05 37.62 -55.87
N ARG C 272 -20.06 38.48 -55.86
CA ARG C 272 -20.74 38.84 -57.11
C ARG C 272 -19.79 39.55 -58.06
N HIS C 273 -18.99 40.48 -57.54
CA HIS C 273 -18.02 41.19 -58.38
C HIS C 273 -16.97 40.24 -58.92
N ILE C 274 -16.50 39.31 -58.08
CA ILE C 274 -15.51 38.33 -58.52
C ILE C 274 -16.08 37.45 -59.63
N ARG C 275 -17.32 36.99 -59.45
CA ARG C 275 -17.96 36.17 -60.48
C ARG C 275 -18.15 36.95 -61.77
N GLN C 276 -18.54 38.21 -61.68
CA GLN C 276 -18.71 39.03 -62.88
C GLN C 276 -17.37 39.22 -63.59
N LEU C 277 -16.29 39.45 -62.83
CA LEU C 277 -14.98 39.59 -63.45
C LEU C 277 -14.53 38.29 -64.11
N GLU C 278 -14.78 37.16 -63.45
CA GLU C 278 -14.39 35.87 -64.01
C GLU C 278 -15.18 35.54 -65.27
N LYS C 279 -16.47 35.89 -65.31
CA LYS C 279 -17.29 35.61 -66.48
C LYS C 279 -16.77 36.36 -67.70
N ASP C 280 -16.36 37.61 -67.52
CA ASP C 280 -15.81 38.39 -68.62
C ASP C 280 -14.37 37.96 -68.89
N ASP C 281 -14.10 37.57 -70.14
CA ASP C 281 -12.77 37.13 -70.52
C ASP C 281 -11.90 38.37 -70.76
N VAL C 282 -11.01 38.65 -69.82
CA VAL C 282 -10.17 39.85 -69.86
C VAL C 282 -8.71 39.43 -69.81
N LYS C 283 -7.90 40.04 -70.68
CA LYS C 283 -6.47 39.79 -70.69
C LYS C 283 -5.80 40.61 -69.60
N LEU C 284 -4.47 40.69 -69.64
CA LEU C 284 -3.72 41.43 -68.63
C LEU C 284 -4.07 42.91 -68.69
N ILE C 285 -4.16 43.54 -67.51
CA ILE C 285 -4.52 44.94 -67.38
C ILE C 285 -3.50 45.65 -66.52
N GLU C 286 -3.46 46.98 -66.66
CA GLU C 286 -2.52 47.79 -65.90
C GLU C 286 -2.98 47.95 -64.45
N VAL C 287 -2.00 48.16 -63.58
CA VAL C 287 -2.25 48.33 -62.14
C VAL C 287 -1.40 49.47 -61.63
N PRO C 288 -1.78 50.08 -60.50
CA PRO C 288 -0.98 51.17 -59.95
C PRO C 288 0.43 50.72 -59.58
N VAL C 289 1.37 51.66 -59.70
CA VAL C 289 2.77 51.36 -59.43
C VAL C 289 2.97 51.01 -57.96
N GLU C 290 2.32 51.75 -57.06
CA GLU C 290 2.51 51.55 -55.62
C GLU C 290 2.07 50.16 -55.16
N TYR C 291 1.20 49.49 -55.92
CA TYR C 291 0.77 48.15 -55.55
C TYR C 291 1.94 47.16 -55.59
N ILE C 292 2.80 47.27 -56.59
CA ILE C 292 3.93 46.35 -56.73
C ILE C 292 5.04 46.61 -55.73
N ALA C 293 4.96 47.71 -54.98
CA ALA C 293 6.01 48.03 -54.01
C ALA C 293 6.09 46.97 -52.92
N GLY C 294 4.94 46.50 -52.44
CA GLY C 294 4.91 45.50 -51.39
C GLY C 294 5.23 44.08 -51.84
N LYS C 295 5.29 43.84 -53.14
CA LYS C 295 5.61 42.52 -53.65
C LYS C 295 7.08 42.21 -53.43
N VAL C 296 7.40 40.91 -53.43
CA VAL C 296 8.76 40.42 -53.24
C VAL C 296 9.14 39.57 -54.44
N VAL C 297 10.30 39.87 -55.03
CA VAL C 297 10.75 39.13 -56.21
C VAL C 297 11.18 37.73 -55.80
N ALA C 298 10.76 36.74 -56.58
CA ALA C 298 11.10 35.34 -56.30
C ALA C 298 12.35 34.90 -57.07
N LYS C 299 12.32 35.02 -58.40
CA LYS C 299 13.44 34.60 -59.23
C LYS C 299 14.52 35.68 -59.22
N ASP C 300 15.51 35.54 -60.09
CA ASP C 300 16.63 36.48 -60.20
C ASP C 300 16.88 36.76 -61.68
N TYR C 301 16.36 37.87 -62.17
CA TYR C 301 16.56 38.24 -63.57
C TYR C 301 17.99 38.68 -63.81
N ILE C 302 18.50 38.37 -65.00
CA ILE C 302 19.88 38.63 -65.39
C ILE C 302 19.89 39.71 -66.46
N ASP C 303 20.71 40.73 -66.27
CA ASP C 303 20.85 41.80 -67.25
C ASP C 303 21.62 41.30 -68.46
N GLU C 304 21.11 41.59 -69.65
CA GLU C 304 21.76 41.16 -70.88
C GLU C 304 22.95 42.03 -71.25
N SER C 305 23.05 43.23 -70.70
CA SER C 305 24.16 44.12 -71.05
C SER C 305 25.42 43.78 -70.26
N THR C 306 25.29 43.60 -68.94
CA THR C 306 26.42 43.31 -68.08
C THR C 306 26.08 42.13 -67.18
N GLY C 307 27.13 41.48 -66.66
CA GLY C 307 26.95 40.35 -65.78
C GLY C 307 26.29 40.71 -64.46
N GLU C 308 26.31 41.98 -64.08
CA GLU C 308 25.64 42.40 -62.85
C GLU C 308 24.14 42.17 -62.96
N LEU C 309 23.57 41.62 -61.89
CA LEU C 309 22.14 41.31 -61.86
C LEU C 309 21.64 41.40 -60.43
N ILE C 310 20.33 41.54 -60.29
CA ILE C 310 19.69 41.61 -58.98
C ILE C 310 19.32 40.19 -58.60
N CYS C 311 20.25 39.49 -57.96
CA CYS C 311 20.06 38.11 -57.52
C CYS C 311 19.57 38.02 -56.08
N ALA C 312 19.27 39.16 -55.45
CA ALA C 312 18.83 39.15 -54.06
C ALA C 312 17.40 38.67 -53.94
N ALA C 313 17.22 37.35 -53.82
CA ALA C 313 15.89 36.79 -53.67
C ALA C 313 15.32 37.12 -52.29
N ASN C 314 14.00 36.96 -52.17
CA ASN C 314 13.27 37.28 -50.93
C ASN C 314 13.52 38.72 -50.49
N MET C 315 13.52 39.63 -51.46
CA MET C 315 13.73 41.05 -51.21
C MET C 315 12.73 41.86 -52.01
N GLU C 316 12.45 43.06 -51.51
CA GLU C 316 11.50 43.95 -52.17
C GLU C 316 12.18 44.67 -53.33
N LEU C 317 11.51 45.67 -53.90
CA LEU C 317 12.01 46.41 -55.03
C LEU C 317 11.99 47.90 -54.73
N SER C 318 12.91 48.62 -55.37
CA SER C 318 13.02 50.06 -55.22
C SER C 318 12.54 50.76 -56.49
N LEU C 319 12.21 52.05 -56.35
CA LEU C 319 11.80 52.83 -57.50
C LEU C 319 12.92 52.94 -58.53
N ASP C 320 14.16 53.17 -58.05
CA ASP C 320 15.30 53.18 -58.96
C ASP C 320 15.57 51.81 -59.55
N LEU C 321 15.20 50.75 -58.84
CA LEU C 321 15.38 49.40 -59.37
C LEU C 321 14.52 49.17 -60.61
N LEU C 322 13.34 49.80 -60.67
CA LEU C 322 12.49 49.68 -61.85
C LEU C 322 13.20 50.24 -63.08
N ALA C 323 13.86 51.39 -62.93
CA ALA C 323 14.63 51.94 -64.05
C ALA C 323 15.77 51.01 -64.44
N LYS C 324 16.44 50.41 -63.45
CA LYS C 324 17.54 49.50 -63.76
C LYS C 324 17.06 48.28 -64.55
N LEU C 325 15.94 47.69 -64.13
CA LEU C 325 15.43 46.53 -64.86
C LEU C 325 14.87 46.91 -66.22
N SER C 326 14.29 48.11 -66.35
CA SER C 326 13.85 48.57 -67.66
C SER C 326 15.02 48.77 -68.61
N GLN C 327 16.11 49.34 -68.10
CA GLN C 327 17.31 49.49 -68.91
C GLN C 327 17.90 48.14 -69.29
N SER C 328 17.89 47.19 -68.35
CA SER C 328 18.39 45.85 -68.63
C SER C 328 17.48 45.05 -69.55
N GLY C 329 16.26 45.53 -69.80
CA GLY C 329 15.34 44.83 -70.67
C GLY C 329 14.45 43.80 -69.99
N HIS C 330 14.30 43.88 -68.68
CA HIS C 330 13.47 42.93 -67.94
C HIS C 330 12.00 43.29 -68.16
N LYS C 331 11.43 42.72 -69.22
CA LYS C 331 10.02 42.99 -69.53
C LYS C 331 9.09 42.30 -68.53
N ARG C 332 9.43 41.08 -68.14
CA ARG C 332 8.62 40.30 -67.21
C ARG C 332 9.41 40.04 -65.94
N ILE C 333 8.77 40.27 -64.78
CA ILE C 333 9.38 40.09 -63.49
C ILE C 333 8.60 39.02 -62.73
N GLU C 334 9.30 38.01 -62.22
CA GLU C 334 8.68 36.90 -61.51
C GLU C 334 8.70 37.17 -60.02
N THR C 335 7.52 37.20 -59.40
CA THR C 335 7.38 37.39 -57.96
C THR C 335 6.44 36.33 -57.42
N LEU C 336 6.64 35.96 -56.15
CA LEU C 336 5.82 34.93 -55.53
C LEU C 336 4.42 35.50 -55.23
N PHE C 337 3.60 34.66 -54.59
CA PHE C 337 2.19 35.02 -54.39
C PHE C 337 2.04 36.28 -53.56
N THR C 338 2.79 36.38 -52.45
CA THR C 338 2.73 37.52 -51.53
C THR C 338 1.32 37.79 -51.03
N ASN C 339 0.44 36.79 -51.06
CA ASN C 339 -0.95 36.94 -50.67
C ASN C 339 -1.16 36.30 -49.30
N ASP C 340 -1.81 37.03 -48.39
CA ASP C 340 -2.10 36.54 -47.05
C ASP C 340 -3.60 36.67 -46.79
N LEU C 341 -4.35 35.70 -47.28
CA LEU C 341 -5.75 35.51 -46.89
C LEU C 341 -5.96 34.14 -46.25
N ASP C 342 -5.53 33.08 -46.93
CA ASP C 342 -5.41 31.75 -46.34
C ASP C 342 -3.96 31.30 -46.24
N HIS C 343 -3.15 31.59 -47.26
CA HIS C 343 -1.73 31.36 -47.22
C HIS C 343 -1.05 32.42 -46.34
N GLY C 344 0.23 32.22 -46.08
CA GLY C 344 0.98 33.13 -45.25
C GLY C 344 2.45 33.19 -45.62
N PRO C 345 3.15 34.20 -45.12
CA PRO C 345 4.59 34.33 -45.39
C PRO C 345 5.40 33.37 -44.54
N TYR C 346 5.91 32.32 -45.17
CA TYR C 346 6.76 31.35 -44.52
C TYR C 346 7.90 30.99 -45.46
N ILE C 347 8.76 30.07 -45.02
CA ILE C 347 9.90 29.59 -45.81
C ILE C 347 10.85 30.74 -46.13
N SER C 348 10.34 31.76 -46.82
CA SER C 348 11.17 32.91 -47.18
C SER C 348 11.72 33.60 -45.94
N GLU C 349 10.92 33.69 -44.87
CA GLU C 349 11.40 34.30 -43.64
C GLU C 349 12.56 33.50 -43.06
N THR C 350 12.49 32.17 -43.13
CA THR C 350 13.58 31.35 -42.61
C THR C 350 14.81 31.44 -43.50
N LEU C 351 14.63 31.56 -44.81
CA LEU C 351 15.78 31.80 -45.69
C LEU C 351 16.41 33.16 -45.43
N ARG C 352 15.61 34.15 -45.01
CA ARG C 352 16.16 35.42 -44.59
C ARG C 352 16.83 35.35 -43.22
N VAL C 353 16.42 34.39 -42.39
CA VAL C 353 17.03 34.24 -41.07
C VAL C 353 18.48 33.76 -41.20
N ASP C 354 18.72 32.75 -42.04
CA ASP C 354 20.04 32.17 -42.15
C ASP C 354 20.59 32.33 -43.55
N PRO C 355 21.86 32.71 -43.70
CA PRO C 355 22.40 33.01 -45.04
C PRO C 355 23.09 31.86 -45.76
N THR C 356 23.07 30.64 -45.22
CA THR C 356 23.71 29.52 -45.90
C THR C 356 22.90 29.13 -47.12
N ASN C 357 23.50 29.27 -48.30
CA ASN C 357 22.82 28.98 -49.56
C ASN C 357 23.51 27.87 -50.36
N ASP C 358 24.37 27.09 -49.71
CA ASP C 358 25.11 26.03 -50.38
C ASP C 358 24.92 24.72 -49.65
N ARG C 359 25.01 23.62 -50.40
CA ARG C 359 24.88 22.29 -49.81
C ARG C 359 26.01 22.03 -48.81
N LEU C 360 27.24 22.41 -49.16
CA LEU C 360 28.36 22.22 -48.25
C LEU C 360 28.22 23.07 -47.01
N SER C 361 27.77 24.32 -47.17
CA SER C 361 27.57 25.19 -46.01
C SER C 361 26.49 24.63 -45.08
N ALA C 362 25.39 24.14 -45.66
CA ALA C 362 24.35 23.54 -44.84
C ALA C 362 24.85 22.29 -44.13
N LEU C 363 25.62 21.46 -44.82
CA LEU C 363 26.15 20.24 -44.22
C LEU C 363 27.09 20.55 -43.07
N VAL C 364 28.00 21.50 -43.25
CA VAL C 364 28.91 21.84 -42.16
C VAL C 364 28.15 22.49 -41.01
N GLU C 365 27.12 23.29 -41.31
CA GLU C 365 26.33 23.91 -40.26
C GLU C 365 25.63 22.85 -39.41
N ILE C 366 24.95 21.89 -40.06
CA ILE C 366 24.23 20.88 -39.31
C ILE C 366 25.20 19.96 -38.56
N TYR C 367 26.36 19.65 -39.17
CA TYR C 367 27.35 18.82 -38.48
C TYR C 367 27.88 19.51 -37.22
N ARG C 368 28.14 20.82 -37.32
CA ARG C 368 28.61 21.55 -36.15
C ARG C 368 27.52 21.67 -35.09
N MET C 369 26.27 21.87 -35.51
CA MET C 369 25.18 22.02 -34.56
C MET C 369 24.93 20.71 -33.81
N MET C 370 24.85 19.59 -34.54
CA MET C 370 24.64 18.30 -33.89
C MET C 370 25.88 17.84 -33.14
N ARG C 371 27.04 17.96 -33.77
CA ARG C 371 28.31 17.53 -33.16
C ARG C 371 29.20 18.74 -32.95
N PRO C 372 29.36 19.21 -31.71
CA PRO C 372 30.16 20.42 -31.45
C PRO C 372 31.66 20.18 -31.39
N GLY C 373 32.15 19.05 -31.87
CA GLY C 373 33.57 18.74 -31.77
C GLY C 373 34.38 19.20 -32.96
N GLU C 374 35.10 18.27 -33.58
CA GLU C 374 35.98 18.61 -34.69
C GLU C 374 35.17 19.06 -35.90
N PRO C 375 35.56 20.16 -36.55
CA PRO C 375 34.88 20.56 -37.78
C PRO C 375 35.12 19.55 -38.88
N PRO C 376 34.19 19.43 -39.84
CA PRO C 376 34.35 18.43 -40.90
C PRO C 376 35.27 18.94 -42.00
N THR C 377 35.65 18.01 -42.88
CA THR C 377 36.56 18.27 -43.99
C THR C 377 35.93 17.80 -45.30
N ARG C 378 34.68 18.20 -45.53
CA ARG C 378 33.92 17.93 -46.75
C ARG C 378 33.50 16.47 -46.80
N GLU C 379 34.01 15.66 -45.87
CA GLU C 379 33.69 14.25 -45.79
C GLU C 379 32.91 13.88 -44.54
N ALA C 380 33.29 14.43 -43.38
CA ALA C 380 32.61 14.08 -42.13
C ALA C 380 31.16 14.54 -42.15
N ALA C 381 30.90 15.77 -42.61
CA ALA C 381 29.53 16.27 -42.66
C ALA C 381 28.67 15.47 -43.62
N GLU C 382 29.22 15.15 -44.80
CA GLU C 382 28.47 14.36 -45.77
C GLU C 382 28.16 12.97 -45.23
N SER C 383 29.15 12.33 -44.60
CA SER C 383 28.94 11.01 -44.03
C SER C 383 27.91 11.06 -42.90
N LEU C 384 27.96 12.09 -42.06
CA LEU C 384 26.99 12.21 -40.98
C LEU C 384 25.58 12.41 -41.53
N PHE C 385 25.44 13.21 -42.57
CA PHE C 385 24.11 13.41 -43.15
C PHE C 385 23.61 12.13 -43.83
N GLU C 386 24.50 11.39 -44.48
CA GLU C 386 24.10 10.13 -45.09
C GLU C 386 23.68 9.11 -44.03
N ASN C 387 24.36 9.08 -42.89
CA ASN C 387 24.03 8.13 -41.84
C ASN C 387 22.78 8.52 -41.07
N LEU C 388 22.56 9.82 -40.86
CA LEU C 388 21.41 10.26 -40.07
C LEU C 388 20.09 9.89 -40.74
N PHE C 389 19.94 10.26 -42.01
CA PHE C 389 18.73 9.99 -42.77
C PHE C 389 19.12 9.43 -44.14
N PHE C 390 18.11 8.94 -44.85
CA PHE C 390 18.26 8.23 -46.12
C PHE C 390 19.48 7.30 -46.10
N SER C 391 19.49 6.43 -45.10
CA SER C 391 20.49 5.38 -44.97
C SER C 391 19.78 4.03 -44.92
N GLU C 392 20.40 3.02 -45.53
CA GLU C 392 19.77 1.70 -45.58
C GLU C 392 19.73 1.04 -44.21
N ASP C 393 20.79 1.19 -43.42
CA ASP C 393 20.96 0.45 -42.18
C ASP C 393 20.76 1.29 -40.94
N ARG C 394 21.41 2.47 -40.87
CA ARG C 394 21.39 3.24 -39.63
C ARG C 394 19.98 3.71 -39.29
N TYR C 395 19.21 4.12 -40.30
CA TYR C 395 17.84 4.58 -40.11
C TYR C 395 16.92 3.68 -40.91
N ASP C 396 15.79 3.31 -40.32
CA ASP C 396 14.89 2.36 -40.99
C ASP C 396 13.46 2.59 -40.50
N LEU C 397 12.61 3.12 -41.37
CA LEU C 397 11.19 3.12 -41.11
C LEU C 397 10.64 1.71 -41.26
N SER C 398 9.75 1.33 -40.35
CA SER C 398 9.11 0.03 -40.44
C SER C 398 8.08 0.02 -41.56
N ALA C 399 7.60 -1.17 -41.91
CA ALA C 399 6.56 -1.27 -42.92
C ALA C 399 5.27 -0.60 -42.46
N VAL C 400 4.89 -0.80 -41.21
CA VAL C 400 3.70 -0.13 -40.67
C VAL C 400 3.95 1.37 -40.58
N GLY C 401 5.17 1.78 -40.25
CA GLY C 401 5.50 3.20 -40.26
C GLY C 401 5.34 3.82 -41.63
N ARG C 402 5.81 3.12 -42.67
CA ARG C 402 5.63 3.61 -44.04
C ARG C 402 4.16 3.66 -44.42
N MET C 403 3.39 2.65 -44.02
CA MET C 403 1.96 2.65 -44.31
C MET C 403 1.28 3.85 -43.67
N LYS C 404 1.59 4.14 -42.41
CA LYS C 404 0.99 5.28 -41.75
C LYS C 404 1.47 6.60 -42.35
N PHE C 405 2.74 6.67 -42.75
CA PHE C 405 3.24 7.86 -43.43
C PHE C 405 2.46 8.13 -44.71
N ASN C 406 2.26 7.08 -45.52
CA ASN C 406 1.54 7.27 -46.78
C ASN C 406 0.07 7.61 -46.53
N ARG C 407 -0.56 6.96 -45.56
CA ARG C 407 -1.97 7.22 -45.30
C ARG C 407 -2.19 8.63 -44.75
N SER C 408 -1.29 9.10 -43.89
CA SER C 408 -1.43 10.44 -43.33
C SER C 408 -1.26 11.51 -44.39
N LEU C 409 -0.49 11.23 -45.43
CA LEU C 409 -0.25 12.17 -46.52
C LEU C 409 -1.16 11.93 -47.71
N LEU C 410 -2.10 10.98 -47.61
CA LEU C 410 -3.07 10.69 -48.65
C LEU C 410 -2.37 10.33 -49.97
N ARG C 411 -1.60 9.25 -49.92
CA ARG C 411 -0.89 8.73 -51.09
C ARG C 411 -1.51 7.39 -51.49
N GLU C 412 -1.70 7.21 -52.80
CA GLU C 412 -2.38 6.00 -53.29
C GLU C 412 -1.59 4.75 -52.95
N GLU C 413 -0.28 4.79 -53.14
CA GLU C 413 0.56 3.62 -52.88
C GLU C 413 0.69 3.38 -51.38
N ILE C 414 0.56 2.11 -50.98
CA ILE C 414 0.69 1.73 -49.60
C ILE C 414 2.05 1.09 -49.29
N GLU C 415 2.71 0.51 -50.29
CA GLU C 415 4.03 -0.07 -50.11
C GLU C 415 5.10 0.90 -50.60
N GLY C 416 6.34 0.60 -50.25
CA GLY C 416 7.46 1.43 -50.66
C GLY C 416 8.68 1.13 -49.83
N SER C 417 9.73 1.90 -50.10
CA SER C 417 10.97 1.75 -49.36
C SER C 417 10.76 2.17 -47.91
N GLY C 418 11.43 1.46 -47.00
CA GLY C 418 11.35 1.78 -45.59
C GLY C 418 12.29 2.90 -45.20
N ILE C 419 12.54 3.81 -46.13
CA ILE C 419 13.42 4.96 -45.92
C ILE C 419 12.75 6.19 -46.51
N LEU C 420 13.06 7.34 -45.94
CA LEU C 420 12.46 8.60 -46.37
C LEU C 420 13.32 9.28 -47.43
N SER C 421 12.66 9.81 -48.46
CA SER C 421 13.33 10.42 -49.58
C SER C 421 13.26 11.94 -49.49
N LYS C 422 13.86 12.60 -50.48
CA LYS C 422 13.86 14.06 -50.51
C LYS C 422 12.46 14.62 -50.65
N ASP C 423 11.63 14.00 -51.49
CA ASP C 423 10.27 14.47 -51.67
C ASP C 423 9.45 14.31 -50.40
N ASP C 424 9.84 13.39 -49.53
CA ASP C 424 9.05 13.13 -48.32
C ASP C 424 9.10 14.30 -47.36
N ILE C 425 10.29 14.86 -47.13
CA ILE C 425 10.43 16.01 -46.26
C ILE C 425 9.66 17.20 -46.83
N ILE C 426 9.75 17.39 -48.15
CA ILE C 426 8.97 18.45 -48.80
C ILE C 426 7.48 18.25 -48.55
N ASP C 427 7.01 17.01 -48.69
CA ASP C 427 5.58 16.74 -48.54
C ASP C 427 5.12 17.02 -47.10
N VAL C 428 5.89 16.59 -46.11
CA VAL C 428 5.46 16.83 -44.73
C VAL C 428 5.52 18.32 -44.41
N MET C 429 6.51 19.04 -44.94
CA MET C 429 6.56 20.48 -44.74
C MET C 429 5.35 21.17 -45.39
N LYS C 430 4.98 20.74 -46.59
CA LYS C 430 3.79 21.28 -47.24
C LYS C 430 2.54 21.01 -46.41
N LYS C 431 2.42 19.81 -45.86
CA LYS C 431 1.23 19.49 -45.06
C LYS C 431 1.19 20.31 -43.79
N LEU C 432 2.34 20.54 -43.16
CA LEU C 432 2.36 21.43 -41.99
C LEU C 432 1.98 22.86 -42.36
N ILE C 433 2.48 23.36 -43.49
CA ILE C 433 2.09 24.69 -43.94
C ILE C 433 0.59 24.76 -44.17
N ASP C 434 0.02 23.71 -44.78
CA ASP C 434 -1.41 23.68 -45.04
C ASP C 434 -2.21 23.65 -43.74
N ILE C 435 -1.77 22.85 -42.76
CA ILE C 435 -2.52 22.78 -41.51
C ILE C 435 -2.44 24.10 -40.78
N ARG C 436 -1.33 24.83 -40.92
CA ARG C 436 -1.30 26.19 -40.39
C ARG C 436 -2.22 27.12 -41.15
N ASN C 437 -2.32 26.95 -42.47
CA ASN C 437 -3.16 27.83 -43.28
C ASN C 437 -4.64 27.63 -43.01
N GLY C 438 -5.05 26.49 -42.46
CA GLY C 438 -6.45 26.24 -42.17
C GLY C 438 -6.95 24.92 -42.70
N LYS C 439 -6.47 24.52 -43.88
CA LYS C 439 -6.86 23.24 -44.44
C LYS C 439 -6.27 22.10 -43.63
N GLY C 440 -7.07 21.05 -43.43
CA GLY C 440 -6.65 19.91 -42.63
C GLY C 440 -6.90 20.12 -41.15
N GLU C 441 -6.70 19.05 -40.39
CA GLU C 441 -6.96 19.09 -38.96
C GLU C 441 -5.93 18.24 -38.23
N VAL C 442 -5.72 18.57 -36.96
CA VAL C 442 -4.79 17.84 -36.11
C VAL C 442 -5.42 16.54 -35.66
N ASP C 443 -4.64 15.47 -35.61
CA ASP C 443 -5.13 14.16 -35.22
C ASP C 443 -4.91 13.92 -33.73
N ASP C 444 -5.84 13.17 -33.13
CA ASP C 444 -5.74 12.84 -31.72
C ASP C 444 -4.55 11.92 -31.46
N ILE C 445 -3.94 12.07 -30.29
CA ILE C 445 -2.77 11.26 -29.97
C ILE C 445 -3.17 9.97 -29.27
N ASP C 446 -4.35 9.95 -28.64
CA ASP C 446 -4.83 8.75 -27.96
C ASP C 446 -5.70 7.88 -28.86
N HIS C 447 -5.81 8.22 -30.14
CA HIS C 447 -6.56 7.39 -31.08
C HIS C 447 -5.95 6.00 -31.14
N LEU C 448 -6.79 4.97 -31.02
CA LEU C 448 -6.31 3.60 -31.08
C LEU C 448 -5.87 3.19 -32.47
N GLY C 449 -6.15 4.00 -33.48
CA GLY C 449 -5.54 3.80 -34.78
C GLY C 449 -4.13 4.33 -34.90
N ASN C 450 -3.64 4.99 -33.84
CA ASN C 450 -2.28 5.49 -33.79
C ASN C 450 -1.41 4.79 -32.75
N ARG C 451 -2.00 3.96 -31.90
CA ARG C 451 -1.25 3.24 -30.87
C ARG C 451 -1.12 1.79 -31.28
N ARG C 452 0.05 1.41 -31.77
CA ARG C 452 0.33 0.05 -32.20
C ARG C 452 0.39 -0.90 -31.02
N ILE C 453 0.17 -2.17 -31.30
CA ILE C 453 0.34 -3.25 -30.34
C ILE C 453 1.47 -4.14 -30.83
N ARG C 454 2.41 -4.47 -29.95
CA ARG C 454 3.51 -5.37 -30.26
C ARG C 454 3.53 -6.48 -29.22
N SER C 455 3.88 -7.68 -29.65
CA SER C 455 3.82 -8.86 -28.82
C SER C 455 5.22 -9.43 -28.59
N VAL C 456 5.28 -10.60 -27.96
CA VAL C 456 6.56 -11.20 -27.59
C VAL C 456 7.40 -11.51 -28.83
N GLY C 457 6.75 -11.94 -29.91
CA GLY C 457 7.49 -12.30 -31.11
C GLY C 457 8.29 -11.14 -31.69
N GLU C 458 7.66 -9.97 -31.79
CA GLU C 458 8.34 -8.81 -32.35
C GLU C 458 9.49 -8.34 -31.46
N MET C 459 9.28 -8.34 -30.15
CA MET C 459 10.33 -7.94 -29.22
C MET C 459 11.52 -8.89 -29.30
N ALA C 460 11.25 -10.20 -29.30
CA ALA C 460 12.32 -11.17 -29.44
C ALA C 460 13.03 -11.03 -30.78
N GLU C 461 12.29 -10.70 -31.84
CA GLU C 461 12.92 -10.46 -33.13
C GLU C 461 13.85 -9.26 -33.07
N ASN C 462 13.45 -8.19 -32.40
CA ASN C 462 14.32 -7.02 -32.26
C ASN C 462 15.58 -7.37 -31.49
N GLN C 463 15.44 -8.11 -30.40
CA GLN C 463 16.62 -8.50 -29.62
C GLN C 463 17.54 -9.39 -30.44
N PHE C 464 16.97 -10.33 -31.19
CA PHE C 464 17.78 -11.18 -32.06
C PHE C 464 18.46 -10.38 -33.15
N ARG C 465 17.80 -9.33 -33.64
CA ARG C 465 18.42 -8.46 -34.64
C ARG C 465 19.62 -7.72 -34.05
N VAL C 466 19.49 -7.25 -32.81
CA VAL C 466 20.62 -6.58 -32.17
C VAL C 466 21.79 -7.55 -31.99
N GLY C 467 21.48 -8.76 -31.50
CA GLY C 467 22.54 -9.76 -31.37
C GLY C 467 23.17 -10.11 -32.71
N LEU C 468 22.36 -10.19 -33.76
CA LEU C 468 22.86 -10.50 -35.09
C LEU C 468 23.77 -9.39 -35.60
N VAL C 469 23.41 -8.13 -35.33
CA VAL C 469 24.28 -7.02 -35.71
C VAL C 469 25.62 -7.16 -35.02
N ARG C 470 25.61 -7.48 -33.73
CA ARG C 470 26.87 -7.61 -32.99
C ARG C 470 27.73 -8.74 -33.55
N VAL C 471 27.13 -9.91 -33.78
CA VAL C 471 27.93 -11.05 -34.25
C VAL C 471 28.41 -10.80 -35.67
N GLU C 472 27.62 -10.11 -36.49
CA GLU C 472 28.07 -9.75 -37.83
C GLU C 472 29.26 -8.79 -37.77
N ARG C 473 29.23 -7.82 -36.86
CA ARG C 473 30.38 -6.93 -36.73
C ARG C 473 31.61 -7.72 -36.30
N ALA C 474 31.44 -8.69 -35.40
CA ALA C 474 32.55 -9.57 -35.04
C ALA C 474 33.05 -10.40 -36.22
N VAL C 475 32.13 -10.93 -37.03
CA VAL C 475 32.50 -11.81 -38.13
C VAL C 475 33.24 -11.06 -39.22
N LYS C 476 32.86 -9.80 -39.46
CA LYS C 476 33.42 -9.05 -40.58
C LYS C 476 34.94 -8.97 -40.50
N GLU C 477 35.50 -9.05 -39.29
CA GLU C 477 36.96 -8.95 -39.15
C GLU C 477 37.66 -10.23 -39.59
N ARG C 478 36.97 -11.37 -39.52
CA ARG C 478 37.62 -12.65 -39.81
C ARG C 478 38.05 -12.74 -41.27
N LEU C 479 37.17 -12.35 -42.20
CA LEU C 479 37.44 -12.55 -43.62
C LEU C 479 38.59 -11.69 -44.12
N SER C 480 38.95 -10.63 -43.40
CA SER C 480 40.09 -9.81 -43.79
C SER C 480 41.38 -10.60 -43.72
N LEU C 481 41.55 -11.42 -42.68
CA LEU C 481 42.74 -12.22 -42.48
C LEU C 481 42.45 -13.72 -42.54
N GLY C 482 41.34 -14.11 -43.16
CA GLY C 482 40.93 -15.50 -43.19
C GLY C 482 41.59 -16.26 -44.33
N ASP C 483 42.01 -17.49 -44.04
CA ASP C 483 42.58 -18.37 -45.05
C ASP C 483 41.54 -19.42 -45.46
N LEU C 484 41.88 -20.21 -46.48
CA LEU C 484 40.97 -21.23 -46.97
C LEU C 484 40.78 -22.37 -45.97
N ASP C 485 41.73 -22.57 -45.06
CA ASP C 485 41.61 -23.63 -44.07
C ASP C 485 40.63 -23.28 -42.96
N THR C 486 40.26 -22.00 -42.83
CA THR C 486 39.37 -21.58 -41.77
C THR C 486 37.96 -22.09 -42.04
N LEU C 487 37.45 -22.91 -41.12
CA LEU C 487 36.10 -23.43 -41.21
C LEU C 487 35.12 -22.47 -40.53
N MET C 488 33.83 -22.73 -40.74
CA MET C 488 32.81 -21.83 -40.20
C MET C 488 32.85 -21.71 -38.68
N PRO C 489 32.90 -22.79 -37.89
CA PRO C 489 32.99 -22.60 -36.43
C PRO C 489 34.26 -21.88 -36.00
N GLN C 490 35.33 -21.97 -36.78
CA GLN C 490 36.58 -21.31 -36.48
C GLN C 490 36.59 -19.84 -36.86
N ASP C 491 35.53 -19.36 -37.51
CA ASP C 491 35.40 -17.97 -37.91
C ASP C 491 34.59 -17.14 -36.92
N MET C 492 34.72 -17.43 -35.62
CA MET C 492 33.97 -16.79 -34.53
C MET C 492 32.48 -16.65 -34.87
N ILE C 493 31.83 -17.82 -34.96
CA ILE C 493 30.38 -17.83 -35.05
C ILE C 493 29.79 -17.07 -33.86
N ASN C 494 30.44 -17.17 -32.70
CA ASN C 494 30.21 -16.26 -31.57
C ASN C 494 28.74 -16.24 -31.15
N ALA C 495 28.28 -17.40 -30.66
CA ALA C 495 26.91 -17.49 -30.17
C ALA C 495 26.72 -16.74 -28.86
N LYS C 496 27.80 -16.38 -28.17
CA LYS C 496 27.68 -15.78 -26.85
C LYS C 496 26.94 -14.45 -26.85
N PRO C 497 27.23 -13.48 -27.73
CA PRO C 497 26.44 -12.24 -27.69
C PRO C 497 24.95 -12.44 -27.95
N ILE C 498 24.60 -13.29 -28.91
CA ILE C 498 23.18 -13.50 -29.22
C ILE C 498 22.47 -14.14 -28.04
N SER C 499 23.05 -15.20 -27.48
CA SER C 499 22.44 -15.86 -26.34
C SER C 499 22.36 -14.92 -25.14
N ALA C 500 23.40 -14.12 -24.93
CA ALA C 500 23.39 -13.17 -23.82
C ALA C 500 22.26 -12.16 -23.97
N ALA C 501 22.10 -11.58 -25.16
CA ALA C 501 21.04 -10.61 -25.38
C ALA C 501 19.67 -11.24 -25.24
N VAL C 502 19.48 -12.43 -25.81
CA VAL C 502 18.18 -13.09 -25.75
C VAL C 502 17.82 -13.44 -24.32
N LYS C 503 18.77 -13.99 -23.56
CA LYS C 503 18.49 -14.34 -22.17
C LYS C 503 18.31 -13.10 -21.31
N GLU C 504 19.01 -12.01 -21.61
CA GLU C 504 18.79 -10.77 -20.89
C GLU C 504 17.38 -10.24 -21.12
N PHE C 505 16.89 -10.32 -22.36
CA PHE C 505 15.52 -9.91 -22.62
C PHE C 505 14.53 -10.81 -21.92
N PHE C 506 14.73 -12.13 -21.98
CA PHE C 506 13.73 -13.05 -21.45
C PHE C 506 13.71 -13.05 -19.93
N GLY C 507 14.86 -12.84 -19.28
CA GLY C 507 14.93 -12.95 -17.83
C GLY C 507 14.73 -11.65 -17.09
N SER C 508 15.40 -10.59 -17.53
CA SER C 508 15.37 -9.29 -16.86
C SER C 508 14.88 -8.24 -17.85
N SER C 509 13.57 -7.98 -17.85
CA SER C 509 13.00 -6.96 -18.71
C SER C 509 11.81 -6.33 -18.02
N GLN C 510 11.44 -5.14 -18.50
CA GLN C 510 10.31 -4.43 -17.91
C GLN C 510 8.98 -5.15 -18.18
N LEU C 511 8.90 -5.88 -19.28
CA LEU C 511 7.67 -6.55 -19.69
C LEU C 511 7.85 -8.07 -19.79
N SER C 512 8.52 -8.66 -18.81
CA SER C 512 8.55 -10.11 -18.65
C SER C 512 8.55 -10.37 -17.14
N GLN C 513 7.37 -10.53 -16.57
CA GLN C 513 7.20 -10.59 -15.13
C GLN C 513 6.77 -11.99 -14.70
N PHE C 514 6.84 -12.22 -13.39
CA PHE C 514 6.29 -13.43 -12.81
C PHE C 514 4.81 -13.53 -13.10
N MET C 515 4.38 -14.68 -13.61
CA MET C 515 2.98 -14.87 -13.92
C MET C 515 2.19 -15.14 -12.65
N ASP C 516 1.00 -14.56 -12.57
CA ASP C 516 0.10 -14.82 -11.47
C ASP C 516 -0.49 -16.21 -11.61
N GLN C 517 -0.55 -16.95 -10.50
CA GLN C 517 -0.96 -18.34 -10.54
C GLN C 517 -2.15 -18.64 -9.63
N ASN C 518 -2.81 -17.63 -9.09
CA ASN C 518 -4.05 -17.82 -8.34
C ASN C 518 -5.19 -17.93 -9.35
N ASN C 519 -5.80 -19.12 -9.44
CA ASN C 519 -6.88 -19.43 -10.37
C ASN C 519 -6.38 -19.47 -11.80
N PRO C 520 -7.07 -20.17 -12.69
CA PRO C 520 -6.80 -20.00 -14.13
C PRO C 520 -7.13 -18.61 -14.63
N LEU C 521 -8.03 -17.89 -13.96
CA LEU C 521 -8.44 -16.57 -14.44
C LEU C 521 -7.28 -15.58 -14.42
N SER C 522 -6.46 -15.62 -13.38
CA SER C 522 -5.32 -14.71 -13.31
C SER C 522 -4.32 -14.99 -14.43
N GLU C 523 -4.03 -16.27 -14.69
CA GLU C 523 -3.14 -16.60 -15.80
C GLU C 523 -3.72 -16.13 -17.12
N ILE C 524 -5.02 -16.37 -17.33
CA ILE C 524 -5.65 -15.99 -18.58
C ILE C 524 -5.56 -14.48 -18.78
N THR C 525 -5.91 -13.72 -17.75
CA THR C 525 -5.92 -12.26 -17.88
C THR C 525 -4.53 -11.66 -17.82
N HIS C 526 -3.52 -12.41 -17.41
CA HIS C 526 -2.14 -11.92 -17.47
C HIS C 526 -1.52 -12.18 -18.83
N LYS C 527 -1.83 -13.32 -19.45
CA LYS C 527 -1.25 -13.62 -20.76
C LYS C 527 -1.71 -12.62 -21.81
N ARG C 528 -3.00 -12.26 -21.81
CA ARG C 528 -3.53 -11.25 -22.73
C ARG C 528 -3.63 -9.91 -22.02
N ARG C 529 -2.47 -9.37 -21.69
CA ARG C 529 -2.35 -8.11 -20.98
C ARG C 529 -1.74 -7.04 -21.88
N ILE C 530 -2.26 -5.82 -21.79
CA ILE C 530 -1.80 -4.70 -22.60
C ILE C 530 -1.08 -3.73 -21.68
N SER C 531 0.21 -3.53 -21.93
CA SER C 531 1.05 -2.67 -21.09
C SER C 531 1.57 -1.51 -21.93
N ALA C 532 1.36 -0.29 -21.45
CA ALA C 532 1.87 0.90 -22.13
C ALA C 532 3.29 1.24 -21.70
N LEU C 533 3.83 0.58 -20.68
CA LEU C 533 5.18 0.83 -20.22
C LEU C 533 6.16 -0.01 -21.03
N GLY C 534 7.42 -0.05 -20.61
CA GLY C 534 8.42 -0.84 -21.28
C GLY C 534 9.54 -0.02 -21.86
N PRO C 535 10.41 -0.66 -22.65
CA PRO C 535 11.54 0.07 -23.25
C PRO C 535 11.11 1.23 -24.12
N GLY C 536 10.28 0.95 -25.12
CA GLY C 536 9.79 1.98 -26.01
C GLY C 536 8.58 2.73 -25.53
N GLY C 537 8.12 2.45 -24.31
CA GLY C 537 6.92 3.05 -23.77
C GLY C 537 7.18 4.35 -23.04
N LEU C 538 6.32 4.65 -22.08
CA LEU C 538 6.36 5.90 -21.34
C LEU C 538 6.45 5.62 -19.84
N THR C 539 7.13 6.54 -19.14
CA THR C 539 7.29 6.42 -17.70
C THR C 539 5.95 6.68 -17.00
N ARG C 540 5.78 6.07 -15.82
CA ARG C 540 4.54 6.23 -15.07
C ARG C 540 4.29 7.69 -14.71
N GLU C 541 5.33 8.39 -14.25
CA GLU C 541 5.18 9.82 -13.97
C GLU C 541 4.89 10.60 -15.23
N ARG C 542 5.33 10.09 -16.38
CA ARG C 542 5.23 10.83 -17.64
C ARG C 542 3.80 10.88 -18.15
N ALA C 543 2.99 9.87 -17.83
CA ALA C 543 1.65 9.77 -18.37
C ALA C 543 0.76 10.88 -17.81
N GLY C 544 0.16 11.65 -18.72
CA GLY C 544 -0.79 12.68 -18.35
C GLY C 544 -2.19 12.12 -18.16
N PHE C 545 -3.14 13.04 -17.98
CA PHE C 545 -4.53 12.62 -17.83
C PHE C 545 -5.12 12.11 -19.13
N GLU C 546 -4.60 12.59 -20.27
CA GLU C 546 -5.16 12.20 -21.56
C GLU C 546 -4.92 10.73 -21.85
N VAL C 547 -3.71 10.22 -21.55
CA VAL C 547 -3.41 8.82 -21.82
C VAL C 547 -4.26 7.91 -20.93
N ARG C 548 -4.43 8.28 -19.67
CA ARG C 548 -5.17 7.47 -18.71
C ARG C 548 -6.69 7.59 -18.86
N ASP C 549 -7.16 8.14 -19.96
CA ASP C 549 -8.60 8.30 -20.20
C ASP C 549 -9.09 7.25 -21.17
N VAL C 550 -10.40 7.03 -21.14
CA VAL C 550 -11.06 6.03 -21.99
C VAL C 550 -11.48 6.74 -23.27
N HIS C 551 -10.65 6.63 -24.30
CA HIS C 551 -10.99 7.19 -25.59
C HIS C 551 -12.18 6.42 -26.17
N PRO C 552 -13.08 7.10 -26.88
CA PRO C 552 -14.26 6.40 -27.43
C PRO C 552 -13.94 5.29 -28.43
N THR C 553 -12.69 5.15 -28.86
CA THR C 553 -12.31 4.02 -29.70
C THR C 553 -11.82 2.83 -28.90
N HIS C 554 -11.89 2.88 -27.57
CA HIS C 554 -11.63 1.72 -26.72
C HIS C 554 -12.85 0.83 -26.60
N TYR C 555 -13.78 0.90 -27.54
CA TYR C 555 -15.06 0.22 -27.42
C TYR C 555 -14.89 -1.29 -27.36
N GLY C 556 -14.42 -1.90 -28.45
CA GLY C 556 -14.31 -3.34 -28.53
C GLY C 556 -12.90 -3.90 -28.53
N ARG C 557 -11.89 -3.10 -28.21
CA ARG C 557 -10.51 -3.53 -28.29
C ARG C 557 -9.79 -3.53 -26.95
N VAL C 558 -10.08 -2.58 -26.08
CA VAL C 558 -9.47 -2.51 -24.76
C VAL C 558 -10.58 -2.40 -23.72
N CYS C 559 -10.47 -3.19 -22.66
CA CYS C 559 -11.50 -3.18 -21.64
C CYS C 559 -11.52 -1.83 -20.93
N PRO C 560 -12.71 -1.26 -20.69
CA PRO C 560 -12.80 -0.03 -19.90
C PRO C 560 -12.91 -0.27 -18.40
N ILE C 561 -13.06 -1.52 -17.97
CA ILE C 561 -13.23 -1.84 -16.56
C ILE C 561 -11.91 -2.30 -15.95
N GLU C 562 -11.37 -3.41 -16.46
CA GLU C 562 -10.23 -4.05 -15.81
C GLU C 562 -8.97 -3.22 -16.01
N THR C 563 -8.38 -2.78 -14.90
CA THR C 563 -7.14 -2.00 -14.88
C THR C 563 -6.67 -1.83 -13.43
N PRO C 564 -5.37 -1.71 -13.19
CA PRO C 564 -4.90 -1.48 -11.82
C PRO C 564 -5.40 -0.13 -11.30
N GLU C 565 -5.41 0.00 -9.97
CA GLU C 565 -6.16 1.09 -9.37
C GLU C 565 -5.32 2.34 -9.09
N GLY C 566 -4.33 2.25 -8.20
CA GLY C 566 -3.68 3.44 -7.73
C GLY C 566 -2.67 4.08 -8.67
N PRO C 567 -1.47 3.50 -8.75
CA PRO C 567 -0.43 4.14 -9.58
C PRO C 567 -0.65 3.96 -11.07
N ASN C 568 -1.02 2.76 -11.51
CA ASN C 568 -0.93 2.36 -12.90
C ASN C 568 -2.27 2.44 -13.62
N ILE C 569 -3.23 3.20 -13.10
CA ILE C 569 -4.55 3.24 -13.71
C ILE C 569 -4.46 3.88 -15.09
N GLY C 570 -5.07 3.25 -16.08
CA GLY C 570 -5.05 3.74 -17.44
C GLY C 570 -3.81 3.41 -18.22
N LEU C 571 -2.77 2.86 -17.59
CA LEU C 571 -1.55 2.49 -18.29
C LEU C 571 -1.45 0.99 -18.55
N ILE C 572 -2.19 0.17 -17.81
CA ILE C 572 -2.24 -1.26 -18.02
C ILE C 572 -3.68 -1.63 -18.34
N ASN C 573 -3.89 -2.32 -19.45
CA ASN C 573 -5.22 -2.62 -19.97
C ASN C 573 -5.36 -4.13 -20.14
N SER C 574 -6.49 -4.53 -20.71
CA SER C 574 -6.79 -5.93 -20.98
C SER C 574 -7.60 -6.03 -22.25
N LEU C 575 -7.18 -6.90 -23.16
CA LEU C 575 -7.87 -7.06 -24.42
C LEU C 575 -9.30 -7.55 -24.21
N SER C 576 -10.23 -7.04 -25.00
CA SER C 576 -11.60 -7.49 -24.93
C SER C 576 -11.71 -8.93 -25.44
N VAL C 577 -12.91 -9.50 -25.32
CA VAL C 577 -13.07 -10.93 -25.57
C VAL C 577 -12.80 -11.26 -27.03
N TYR C 578 -13.33 -10.45 -27.96
CA TYR C 578 -13.24 -10.76 -29.38
C TYR C 578 -12.14 -10.01 -30.11
N ALA C 579 -11.36 -9.18 -29.42
CA ALA C 579 -10.36 -8.36 -30.09
C ALA C 579 -9.14 -9.17 -30.51
N GLN C 580 -8.52 -8.75 -31.60
CA GLN C 580 -7.24 -9.31 -32.03
C GLN C 580 -6.42 -8.19 -32.66
N THR C 581 -5.28 -8.54 -33.24
CA THR C 581 -4.37 -7.56 -33.83
C THR C 581 -4.39 -7.63 -35.34
N ASN C 582 -4.03 -6.52 -35.97
CA ASN C 582 -3.95 -6.42 -37.41
C ASN C 582 -2.71 -7.14 -37.93
N GLU C 583 -2.61 -7.24 -39.26
CA GLU C 583 -1.37 -7.70 -39.87
C GLU C 583 -0.23 -6.73 -39.61
N TYR C 584 -0.54 -5.47 -39.31
CA TYR C 584 0.47 -4.48 -38.95
C TYR C 584 0.64 -4.29 -37.46
N GLY C 585 -0.39 -4.61 -36.66
CA GLY C 585 -0.30 -4.41 -35.23
C GLY C 585 -1.31 -3.43 -34.67
N PHE C 586 -2.49 -3.36 -35.28
CA PHE C 586 -3.57 -2.53 -34.78
C PHE C 586 -4.74 -3.41 -34.34
N LEU C 587 -5.41 -2.98 -33.27
CA LEU C 587 -6.49 -3.80 -32.70
C LEU C 587 -7.75 -3.70 -33.55
N GLU C 588 -8.35 -4.85 -33.85
CA GLU C 588 -9.60 -4.91 -34.58
C GLU C 588 -10.73 -5.39 -33.66
N THR C 589 -11.94 -5.37 -34.19
CA THR C 589 -13.11 -5.80 -33.47
C THR C 589 -14.11 -6.32 -34.48
N PRO C 590 -14.72 -7.48 -34.26
CA PRO C 590 -15.67 -8.03 -35.22
C PRO C 590 -16.93 -7.17 -35.34
N TYR C 591 -17.52 -7.21 -36.54
CA TYR C 591 -18.82 -6.59 -36.79
C TYR C 591 -19.53 -7.42 -37.84
N ARG C 592 -20.85 -7.30 -37.88
CA ARG C 592 -21.67 -8.03 -38.82
C ARG C 592 -22.16 -7.10 -39.92
N LYS C 593 -21.98 -7.51 -41.17
CA LYS C 593 -22.39 -6.69 -42.30
C LYS C 593 -23.91 -6.57 -42.37
N VAL C 594 -24.40 -5.35 -42.59
CA VAL C 594 -25.81 -5.08 -42.71
C VAL C 594 -26.08 -4.57 -44.12
N THR C 595 -26.80 -5.35 -44.91
CA THR C 595 -27.20 -4.98 -46.26
C THR C 595 -28.69 -4.68 -46.27
N ASP C 596 -29.04 -3.52 -46.83
CA ASP C 596 -30.42 -3.03 -46.86
C ASP C 596 -30.88 -2.89 -45.40
N GLY C 597 -31.93 -3.57 -44.97
CA GLY C 597 -32.39 -3.46 -43.59
C GLY C 597 -32.20 -4.74 -42.80
N VAL C 598 -31.68 -5.78 -43.44
CA VAL C 598 -31.48 -7.08 -42.83
C VAL C 598 -29.99 -7.27 -42.55
N VAL C 599 -29.67 -7.65 -41.32
CA VAL C 599 -28.29 -7.88 -40.91
C VAL C 599 -27.90 -9.30 -41.28
N THR C 600 -26.82 -9.43 -42.06
CA THR C 600 -26.34 -10.75 -42.44
C THR C 600 -25.51 -11.35 -41.32
N ASP C 601 -25.22 -12.64 -41.46
CA ASP C 601 -24.36 -13.34 -40.51
C ASP C 601 -22.89 -13.28 -40.91
N GLU C 602 -22.57 -12.64 -42.03
CA GLU C 602 -21.17 -12.46 -42.40
C GLU C 602 -20.50 -11.49 -41.45
N ILE C 603 -19.23 -11.75 -41.14
CA ILE C 603 -18.50 -11.03 -40.12
C ILE C 603 -17.30 -10.35 -40.77
N HIS C 604 -17.18 -9.05 -40.55
CA HIS C 604 -16.06 -8.26 -41.06
C HIS C 604 -15.30 -7.66 -39.90
N TYR C 605 -13.98 -7.73 -39.96
CA TYR C 605 -13.12 -7.25 -38.89
C TYR C 605 -12.67 -5.83 -39.20
N LEU C 606 -12.95 -4.90 -38.29
CA LEU C 606 -12.70 -3.49 -38.51
C LEU C 606 -11.65 -2.96 -37.54
N SER C 607 -10.66 -2.25 -38.08
CA SER C 607 -9.65 -1.63 -37.26
C SER C 607 -10.19 -0.36 -36.63
N ALA C 608 -9.34 0.34 -35.87
CA ALA C 608 -9.78 1.56 -35.21
C ALA C 608 -10.06 2.66 -36.23
N ILE C 609 -9.23 2.76 -37.27
CA ILE C 609 -9.39 3.83 -38.25
C ILE C 609 -10.64 3.59 -39.10
N GLU C 610 -10.84 2.36 -39.55
CA GLU C 610 -11.94 2.06 -40.46
C GLU C 610 -13.29 2.27 -39.80
N GLU C 611 -13.43 1.90 -38.52
CA GLU C 611 -14.72 1.98 -37.86
C GLU C 611 -15.20 3.40 -37.65
N GLY C 612 -14.34 4.39 -37.85
CA GLY C 612 -14.74 5.78 -37.71
C GLY C 612 -15.49 6.36 -38.89
N ASN C 613 -15.67 5.59 -39.96
CA ASN C 613 -16.37 6.06 -41.15
C ASN C 613 -17.78 5.49 -41.25
N TYR C 614 -17.96 4.21 -40.94
CA TYR C 614 -19.25 3.56 -41.08
C TYR C 614 -20.19 3.98 -39.95
N VAL C 615 -21.40 3.42 -39.99
CA VAL C 615 -22.38 3.59 -38.92
C VAL C 615 -22.61 2.22 -38.32
N ILE C 616 -22.39 2.09 -37.01
CA ILE C 616 -22.37 0.81 -36.32
C ILE C 616 -23.55 0.74 -35.37
N ALA C 617 -24.32 -0.34 -35.46
CA ALA C 617 -25.53 -0.49 -34.66
C ALA C 617 -25.17 -0.95 -33.25
N GLN C 618 -26.19 -1.35 -32.50
CA GLN C 618 -26.07 -1.75 -31.11
C GLN C 618 -26.36 -3.24 -30.97
N ALA C 619 -25.63 -3.90 -30.06
CA ALA C 619 -25.88 -5.31 -29.80
C ALA C 619 -27.26 -5.53 -29.18
N ASN C 620 -27.67 -4.63 -28.30
CA ASN C 620 -28.96 -4.75 -27.62
C ASN C 620 -30.07 -4.05 -28.41
N SER C 621 -30.19 -4.41 -29.68
CA SER C 621 -31.25 -3.92 -30.55
C SER C 621 -32.05 -5.12 -31.05
N ASN C 622 -33.37 -5.01 -31.03
CA ASN C 622 -34.22 -6.14 -31.39
C ASN C 622 -34.13 -6.44 -32.88
N LEU C 623 -34.41 -7.69 -33.23
CA LEU C 623 -34.43 -8.13 -34.62
C LEU C 623 -35.75 -8.83 -34.91
N ASP C 624 -35.99 -9.07 -36.20
CA ASP C 624 -37.14 -9.82 -36.67
C ASP C 624 -36.71 -11.22 -37.07
N GLU C 625 -37.69 -12.02 -37.50
CA GLU C 625 -37.39 -13.39 -37.89
C GLU C 625 -36.50 -13.45 -39.13
N GLU C 626 -36.80 -12.62 -40.13
CA GLU C 626 -35.99 -12.60 -41.34
C GLU C 626 -34.67 -11.89 -41.15
N GLY C 627 -34.61 -10.89 -40.28
CA GLY C 627 -33.39 -10.15 -40.00
C GLY C 627 -33.54 -8.65 -39.96
N HIS C 628 -34.70 -8.09 -40.30
CA HIS C 628 -34.86 -6.65 -40.25
C HIS C 628 -34.96 -6.16 -38.81
N PHE C 629 -34.56 -4.91 -38.60
CA PHE C 629 -34.71 -4.28 -37.30
C PHE C 629 -36.20 -4.06 -37.01
N VAL C 630 -36.57 -4.15 -35.74
CA VAL C 630 -37.99 -4.06 -35.38
C VAL C 630 -38.48 -2.62 -35.34
N GLU C 631 -37.59 -1.63 -35.35
CA GLU C 631 -37.97 -0.23 -35.37
C GLU C 631 -37.35 0.47 -36.57
N ASP C 632 -37.94 1.60 -36.95
CA ASP C 632 -37.37 2.45 -37.98
C ASP C 632 -36.29 3.37 -37.43
N LEU C 633 -36.19 3.50 -36.12
CA LEU C 633 -35.17 4.31 -35.46
C LEU C 633 -34.32 3.41 -34.57
N VAL C 634 -33.01 3.37 -34.84
CA VAL C 634 -32.10 2.46 -34.18
C VAL C 634 -30.89 3.25 -33.68
N THR C 635 -30.53 3.06 -32.41
CA THR C 635 -29.34 3.70 -31.87
C THR C 635 -28.09 3.18 -32.54
N CYS C 636 -27.07 4.03 -32.63
CA CYS C 636 -25.90 3.71 -33.43
C CYS C 636 -24.71 4.51 -32.92
N ARG C 637 -23.55 4.28 -33.55
CA ARG C 637 -22.34 5.05 -33.30
C ARG C 637 -21.74 5.41 -34.66
N SER C 638 -21.70 6.70 -34.98
CA SER C 638 -21.28 7.13 -36.31
C SER C 638 -19.78 7.43 -36.36
N LYS C 639 -19.35 8.46 -35.63
CA LYS C 639 -17.92 8.80 -35.52
C LYS C 639 -17.67 9.23 -34.08
N GLY C 640 -17.42 8.26 -33.21
CA GLY C 640 -17.13 8.54 -31.81
C GLY C 640 -18.32 8.93 -30.97
N GLU C 641 -19.38 9.47 -31.55
CA GLU C 641 -20.58 9.81 -30.80
C GLU C 641 -21.65 8.75 -31.03
N SER C 642 -22.79 8.90 -30.36
CA SER C 642 -23.89 7.97 -30.49
C SER C 642 -25.18 8.76 -30.71
N SER C 643 -25.99 8.30 -31.66
CA SER C 643 -27.24 8.96 -32.00
C SER C 643 -28.23 7.90 -32.47
N LEU C 644 -29.37 8.35 -32.98
CA LEU C 644 -30.40 7.48 -33.53
C LEU C 644 -30.48 7.72 -35.04
N PHE C 645 -30.38 6.65 -35.81
CA PHE C 645 -30.37 6.74 -37.27
C PHE C 645 -31.49 5.90 -37.86
N SER C 646 -31.75 6.12 -39.15
CA SER C 646 -32.79 5.39 -39.84
C SER C 646 -32.37 3.93 -40.04
N ARG C 647 -33.37 3.06 -40.22
CA ARG C 647 -33.10 1.64 -40.40
C ARG C 647 -32.33 1.38 -41.71
N ASP C 648 -32.50 2.25 -42.70
CA ASP C 648 -31.79 2.10 -43.96
C ASP C 648 -30.39 2.69 -43.94
N GLN C 649 -30.06 3.49 -42.92
CA GLN C 649 -28.74 4.09 -42.80
C GLN C 649 -27.78 3.23 -41.99
N VAL C 650 -28.27 2.19 -41.32
CA VAL C 650 -27.40 1.31 -40.53
C VAL C 650 -26.46 0.56 -41.46
N ASP C 651 -25.19 0.51 -41.10
CA ASP C 651 -24.18 -0.13 -41.93
C ASP C 651 -23.50 -1.32 -41.28
N TYR C 652 -23.41 -1.34 -39.95
CA TYR C 652 -22.73 -2.43 -39.25
C TYR C 652 -23.42 -2.70 -37.92
N MET C 653 -23.25 -3.94 -37.44
CA MET C 653 -23.97 -4.46 -36.29
C MET C 653 -22.99 -5.04 -35.29
N ASP C 654 -23.20 -4.75 -34.01
CA ASP C 654 -22.38 -5.34 -32.97
C ASP C 654 -22.64 -6.82 -32.84
N VAL C 655 -21.59 -7.61 -32.67
CA VAL C 655 -21.73 -9.06 -32.71
C VAL C 655 -22.44 -9.58 -31.46
N SER C 656 -22.07 -9.08 -30.29
CA SER C 656 -22.66 -9.56 -29.06
C SER C 656 -22.47 -8.53 -27.96
N THR C 657 -23.23 -8.70 -26.88
CA THR C 657 -23.20 -7.78 -25.74
C THR C 657 -21.93 -7.90 -24.91
N GLN C 658 -21.15 -8.97 -25.08
CA GLN C 658 -19.91 -9.15 -24.35
C GLN C 658 -18.72 -8.48 -25.04
N GLN C 659 -18.96 -7.78 -26.15
CA GLN C 659 -17.87 -7.28 -26.97
C GLN C 659 -17.02 -6.26 -26.21
N VAL C 660 -17.66 -5.36 -25.45
CA VAL C 660 -16.93 -4.27 -24.83
C VAL C 660 -16.02 -4.76 -23.71
N VAL C 661 -16.49 -5.70 -22.90
CA VAL C 661 -15.79 -6.11 -21.69
C VAL C 661 -14.67 -7.10 -22.01
N SER C 662 -13.80 -7.35 -21.05
CA SER C 662 -12.73 -8.32 -21.17
C SER C 662 -13.14 -9.64 -20.53
N VAL C 663 -12.18 -10.56 -20.40
CA VAL C 663 -12.45 -11.85 -19.78
C VAL C 663 -12.73 -11.68 -18.30
N GLY C 664 -11.92 -10.86 -17.61
CA GLY C 664 -12.06 -10.71 -16.17
C GLY C 664 -13.40 -10.11 -15.77
N ALA C 665 -13.88 -9.14 -16.55
CA ALA C 665 -15.15 -8.50 -16.26
C ALA C 665 -16.35 -9.24 -16.82
N SER C 666 -16.11 -10.26 -17.67
CA SER C 666 -17.21 -11.02 -18.24
C SER C 666 -17.83 -11.99 -17.24
N LEU C 667 -17.12 -12.35 -16.19
CA LEU C 667 -17.59 -13.33 -15.22
C LEU C 667 -18.30 -12.69 -14.03
N ILE C 668 -18.76 -11.45 -14.17
CA ILE C 668 -19.52 -10.76 -13.13
C ILE C 668 -20.98 -10.76 -13.55
N PRO C 669 -21.85 -11.52 -12.89
CA PRO C 669 -23.27 -11.45 -13.23
C PRO C 669 -23.83 -10.10 -12.83
N PHE C 670 -24.85 -9.65 -13.58
CA PHE C 670 -25.47 -8.35 -13.36
C PHE C 670 -24.42 -7.25 -13.33
N LEU C 671 -23.51 -7.30 -14.31
CA LEU C 671 -22.46 -6.29 -14.41
C LEU C 671 -23.08 -4.92 -14.65
N GLU C 672 -24.15 -4.86 -15.44
CA GLU C 672 -24.77 -3.58 -15.76
C GLU C 672 -25.39 -2.92 -14.53
N HIS C 673 -25.75 -3.68 -13.52
CA HIS C 673 -26.32 -3.12 -12.30
C HIS C 673 -25.28 -2.62 -11.33
N ASP C 674 -24.00 -2.81 -11.61
CA ASP C 674 -22.92 -2.40 -10.73
C ASP C 674 -22.33 -1.06 -11.19
N ASP C 675 -21.83 -0.30 -10.22
CA ASP C 675 -21.12 0.93 -10.55
C ASP C 675 -19.83 0.59 -11.29
N ALA C 676 -19.36 1.53 -12.11
CA ALA C 676 -18.19 1.26 -12.94
C ALA C 676 -16.94 1.05 -12.09
N ASN C 677 -16.72 1.90 -11.08
CA ASN C 677 -15.55 1.73 -10.23
C ASN C 677 -15.66 0.49 -9.35
N ARG C 678 -16.86 0.18 -8.87
CA ARG C 678 -17.03 -1.05 -8.09
C ARG C 678 -16.85 -2.28 -8.96
N ALA C 679 -17.30 -2.21 -10.22
CA ALA C 679 -17.02 -3.30 -11.15
C ALA C 679 -15.52 -3.43 -11.39
N LEU C 680 -14.81 -2.30 -11.49
CA LEU C 680 -13.36 -2.33 -11.59
C LEU C 680 -12.74 -3.07 -10.42
N MET C 681 -13.16 -2.71 -9.21
CA MET C 681 -12.60 -3.35 -8.02
C MET C 681 -12.93 -4.83 -7.96
N GLY C 682 -14.15 -5.22 -8.32
CA GLY C 682 -14.50 -6.63 -8.34
C GLY C 682 -13.72 -7.42 -9.36
N ALA C 683 -13.53 -6.84 -10.56
CA ALA C 683 -12.76 -7.51 -11.60
C ALA C 683 -11.31 -7.69 -11.17
N ASN C 684 -10.74 -6.69 -10.48
CA ASN C 684 -9.37 -6.83 -10.01
C ASN C 684 -9.27 -7.83 -8.85
N MET C 685 -10.30 -7.88 -8.00
CA MET C 685 -10.27 -8.78 -6.85
C MET C 685 -10.49 -10.22 -7.26
N GLN C 686 -11.17 -10.48 -8.37
CA GLN C 686 -11.37 -11.85 -8.80
C GLN C 686 -10.05 -12.55 -9.12
N ARG C 687 -9.07 -11.80 -9.61
CA ARG C 687 -7.76 -12.35 -9.96
C ARG C 687 -6.89 -12.62 -8.75
N GLN C 688 -7.44 -12.61 -7.54
CA GLN C 688 -6.64 -12.82 -6.34
C GLN C 688 -7.16 -13.94 -5.44
N ALA C 689 -8.33 -14.50 -5.73
CA ALA C 689 -8.86 -15.57 -4.90
C ALA C 689 -8.00 -16.83 -5.01
N VAL C 690 -7.78 -17.46 -3.87
CA VAL C 690 -6.97 -18.68 -3.83
C VAL C 690 -7.87 -19.88 -4.09
N PRO C 691 -7.45 -20.84 -4.90
CA PRO C 691 -8.27 -22.04 -5.10
C PRO C 691 -8.39 -22.83 -3.81
N THR C 692 -9.62 -23.14 -3.43
CA THR C 692 -9.93 -23.75 -2.16
C THR C 692 -9.69 -25.25 -2.23
N LEU C 693 -10.10 -25.97 -1.17
CA LEU C 693 -9.89 -27.42 -1.15
C LEU C 693 -10.78 -28.12 -2.17
N ARG C 694 -12.06 -27.80 -2.18
CA ARG C 694 -13.01 -28.41 -3.10
C ARG C 694 -13.57 -27.34 -4.02
N ALA C 695 -13.57 -27.63 -5.32
CA ALA C 695 -14.19 -26.71 -6.27
C ALA C 695 -15.69 -26.68 -6.06
N ASP C 696 -16.28 -25.50 -6.22
CA ASP C 696 -17.71 -25.30 -6.02
C ASP C 696 -18.23 -24.39 -7.12
N LYS C 697 -19.10 -24.90 -7.97
CA LYS C 697 -19.60 -24.15 -9.10
C LYS C 697 -20.37 -22.92 -8.63
N PRO C 698 -20.38 -21.84 -9.43
CA PRO C 698 -21.23 -20.68 -9.11
C PRO C 698 -22.68 -20.99 -9.42
N LEU C 699 -23.55 -20.79 -8.44
CA LEU C 699 -24.98 -20.99 -8.66
C LEU C 699 -25.52 -20.03 -9.71
N VAL C 700 -24.92 -18.84 -9.81
CA VAL C 700 -25.29 -17.85 -10.80
C VAL C 700 -24.01 -17.36 -11.49
N GLY C 701 -23.92 -17.56 -12.80
CA GLY C 701 -22.75 -17.17 -13.53
C GLY C 701 -23.08 -16.42 -14.81
N THR C 702 -22.14 -16.38 -15.74
CA THR C 702 -22.36 -15.71 -17.02
C THR C 702 -22.09 -16.60 -18.22
N GLY C 703 -22.00 -17.92 -18.01
CA GLY C 703 -21.72 -18.84 -19.09
C GLY C 703 -20.33 -18.76 -19.66
N MET C 704 -19.53 -17.77 -19.26
CA MET C 704 -18.15 -17.65 -19.73
C MET C 704 -17.16 -18.39 -18.85
N GLU C 705 -17.62 -19.07 -17.81
CA GLU C 705 -16.71 -19.84 -16.97
C GLU C 705 -16.07 -20.99 -17.75
N ARG C 706 -16.86 -21.67 -18.58
CA ARG C 706 -16.35 -22.81 -19.33
C ARG C 706 -15.23 -22.39 -20.28
N ALA C 707 -15.41 -21.26 -20.96
CA ALA C 707 -14.38 -20.79 -21.88
C ALA C 707 -13.11 -20.39 -21.14
N VAL C 708 -13.25 -19.80 -19.95
CA VAL C 708 -12.08 -19.43 -19.17
C VAL C 708 -11.33 -20.68 -18.72
N ALA C 709 -12.06 -21.70 -18.26
CA ALA C 709 -11.40 -22.88 -17.72
C ALA C 709 -10.76 -23.72 -18.82
N VAL C 710 -11.45 -23.90 -19.95
CA VAL C 710 -10.98 -24.83 -20.97
C VAL C 710 -9.70 -24.33 -21.63
N ASP C 711 -9.68 -23.04 -22.01
CA ASP C 711 -8.59 -22.48 -22.79
C ASP C 711 -7.43 -21.97 -21.94
N SER C 712 -7.48 -22.15 -20.62
CA SER C 712 -6.39 -21.72 -19.77
C SER C 712 -5.25 -22.71 -19.71
N GLY C 713 -5.44 -23.92 -20.22
CA GLY C 713 -4.45 -24.97 -20.10
C GLY C 713 -4.39 -25.65 -18.76
N VAL C 714 -5.19 -25.19 -17.78
CA VAL C 714 -5.17 -25.78 -16.46
C VAL C 714 -5.80 -27.17 -16.49
N THR C 715 -6.92 -27.33 -17.19
CA THR C 715 -7.60 -28.60 -17.26
C THR C 715 -6.90 -29.52 -18.26
N ALA C 716 -7.34 -30.78 -18.30
CA ALA C 716 -6.83 -31.76 -19.24
C ALA C 716 -7.95 -32.08 -20.24
N VAL C 717 -7.74 -31.70 -21.49
CA VAL C 717 -8.75 -31.86 -22.54
C VAL C 717 -8.37 -33.04 -23.42
N ALA C 718 -9.34 -33.90 -23.71
CA ALA C 718 -9.12 -35.06 -24.56
C ALA C 718 -8.84 -34.60 -25.99
N LYS C 719 -7.61 -34.84 -26.47
CA LYS C 719 -7.24 -34.36 -27.79
C LYS C 719 -7.98 -35.13 -28.88
N ARG C 720 -8.03 -36.46 -28.76
CA ARG C 720 -8.77 -37.28 -29.72
C ARG C 720 -9.47 -38.44 -29.03
N GLY C 721 -9.86 -38.26 -27.78
CA GLY C 721 -10.31 -39.40 -26.99
C GLY C 721 -11.60 -40.01 -27.49
N GLY C 722 -11.73 -41.30 -27.23
CA GLY C 722 -12.95 -42.05 -27.51
C GLY C 722 -13.62 -42.51 -26.23
N VAL C 723 -13.40 -43.76 -25.85
CA VAL C 723 -13.94 -44.34 -24.63
C VAL C 723 -12.80 -44.57 -23.66
N VAL C 724 -12.95 -44.06 -22.44
CA VAL C 724 -11.89 -44.17 -21.44
C VAL C 724 -11.76 -45.62 -20.99
N GLN C 725 -10.52 -46.05 -20.76
CA GLN C 725 -10.23 -47.45 -20.43
C GLN C 725 -9.85 -47.67 -18.96
N TYR C 726 -9.12 -46.73 -18.36
CA TYR C 726 -8.67 -46.90 -16.97
C TYR C 726 -8.43 -45.52 -16.37
N VAL C 727 -9.15 -45.21 -15.30
CA VAL C 727 -9.06 -43.92 -14.62
C VAL C 727 -8.32 -44.12 -13.30
N ASP C 728 -7.31 -43.31 -13.07
CA ASP C 728 -6.52 -43.37 -11.85
C ASP C 728 -6.57 -42.00 -11.17
N ALA C 729 -6.15 -41.97 -9.91
CA ALA C 729 -6.03 -40.68 -9.21
C ALA C 729 -4.92 -39.82 -9.78
N SER C 730 -4.05 -40.39 -10.63
CA SER C 730 -2.98 -39.63 -11.25
C SER C 730 -2.84 -39.87 -12.75
N ARG C 731 -3.51 -40.86 -13.32
CA ARG C 731 -3.40 -41.18 -14.73
C ARG C 731 -4.77 -41.41 -15.34
N ILE C 732 -4.89 -41.06 -16.61
CA ILE C 732 -6.07 -41.37 -17.41
C ILE C 732 -5.61 -41.89 -18.76
N VAL C 733 -6.14 -43.04 -19.17
CA VAL C 733 -5.83 -43.63 -20.47
C VAL C 733 -7.14 -43.88 -21.20
N ILE C 734 -7.19 -43.47 -22.46
CA ILE C 734 -8.38 -43.57 -23.29
C ILE C 734 -8.05 -44.37 -24.54
N LYS C 735 -8.89 -45.36 -24.85
CA LYS C 735 -8.79 -46.11 -26.10
C LYS C 735 -9.60 -45.38 -27.17
N VAL C 736 -8.92 -44.90 -28.21
CA VAL C 736 -9.54 -44.06 -29.21
C VAL C 736 -10.47 -44.90 -30.08
N ASN C 737 -11.63 -44.33 -30.39
CA ASN C 737 -12.62 -45.03 -31.20
C ASN C 737 -12.10 -45.28 -32.61
N GLU C 738 -12.51 -46.42 -33.17
CA GLU C 738 -11.93 -46.93 -34.43
C GLU C 738 -12.20 -46.02 -35.62
N ASP C 739 -13.28 -45.22 -35.58
CA ASP C 739 -13.66 -44.44 -36.75
C ASP C 739 -12.54 -43.49 -37.18
N GLU C 740 -11.79 -42.94 -36.22
CA GLU C 740 -10.66 -42.08 -36.52
C GLU C 740 -9.42 -42.62 -35.79
N MET C 741 -8.47 -43.13 -36.57
CA MET C 741 -7.20 -43.62 -36.04
C MET C 741 -6.08 -43.23 -37.00
N TYR C 742 -4.85 -43.26 -36.48
CA TYR C 742 -3.68 -43.12 -37.32
C TYR C 742 -3.24 -44.50 -37.79
N PRO C 743 -3.21 -44.76 -39.10
CA PRO C 743 -2.85 -46.10 -39.57
C PRO C 743 -1.43 -46.48 -39.14
N GLY C 744 -1.26 -47.74 -38.77
CA GLY C 744 0.02 -48.22 -38.31
C GLY C 744 0.23 -48.02 -36.83
N GLU C 745 0.62 -49.09 -36.13
CA GLU C 745 0.97 -49.13 -34.72
C GLU C 745 -0.21 -48.89 -33.78
N ALA C 746 -1.40 -48.58 -34.32
CA ALA C 746 -2.62 -48.34 -33.53
C ALA C 746 -2.28 -47.32 -32.44
N GLY C 747 -2.57 -47.60 -31.18
CA GLY C 747 -2.17 -46.70 -30.10
C GLY C 747 -3.34 -46.18 -29.28
N ILE C 748 -3.03 -45.72 -28.07
CA ILE C 748 -4.00 -45.11 -27.17
C ILE C 748 -3.40 -43.82 -26.63
N ASP C 749 -4.27 -42.95 -26.12
CA ASP C 749 -3.87 -41.65 -25.60
C ASP C 749 -3.79 -41.73 -24.08
N ILE C 750 -2.64 -41.34 -23.53
CA ILE C 750 -2.36 -41.46 -22.10
C ILE C 750 -2.09 -40.07 -21.55
N TYR C 751 -2.74 -39.74 -20.43
CA TYR C 751 -2.57 -38.45 -19.76
C TYR C 751 -1.93 -38.67 -18.39
N ASN C 752 -0.87 -37.92 -18.13
CA ASN C 752 -0.17 -37.97 -16.84
C ASN C 752 -0.55 -36.71 -16.06
N LEU C 753 -1.53 -36.82 -15.18
CA LEU C 753 -1.98 -35.68 -14.40
C LEU C 753 -0.88 -35.22 -13.45
N THR C 754 -0.84 -33.92 -13.20
CA THR C 754 0.13 -33.34 -12.28
C THR C 754 -0.51 -33.20 -10.91
N LYS C 755 0.01 -33.92 -9.94
CA LYS C 755 -0.52 -33.88 -8.58
C LYS C 755 0.01 -32.65 -7.86
N TYR C 756 -0.16 -32.61 -6.53
CA TYR C 756 0.15 -31.44 -5.71
C TYR C 756 1.51 -30.86 -6.06
N THR C 757 1.51 -29.63 -6.58
CA THR C 757 2.71 -28.99 -7.08
C THR C 757 2.66 -27.51 -6.76
N ARG C 758 3.77 -26.98 -6.26
CA ARG C 758 3.82 -25.57 -5.87
C ARG C 758 3.61 -24.67 -7.09
N SER C 759 2.84 -23.60 -6.89
CA SER C 759 2.65 -22.58 -7.90
C SER C 759 3.51 -21.36 -7.56
N ASN C 760 3.47 -20.36 -8.44
CA ASN C 760 4.32 -19.19 -8.25
C ASN C 760 3.95 -18.41 -7.00
N GLN C 761 2.66 -18.31 -6.68
CA GLN C 761 2.20 -17.64 -5.47
C GLN C 761 2.08 -18.58 -4.29
N ASN C 762 2.88 -19.65 -4.26
CA ASN C 762 2.94 -20.64 -3.18
C ASN C 762 1.67 -21.47 -3.05
N THR C 763 0.68 -21.25 -3.91
CA THR C 763 -0.54 -22.05 -3.87
C THR C 763 -0.31 -23.40 -4.52
N CYS C 764 -1.23 -24.33 -4.27
CA CYS C 764 -1.09 -25.70 -4.77
C CYS C 764 -1.89 -25.87 -6.05
N ILE C 765 -1.37 -26.70 -6.95
CA ILE C 765 -2.02 -27.05 -8.21
C ILE C 765 -2.37 -28.52 -8.15
N ASN C 766 -3.65 -28.83 -8.33
CA ASN C 766 -4.14 -30.20 -8.26
C ASN C 766 -5.02 -30.48 -9.46
N GLN C 767 -5.03 -31.73 -9.91
CA GLN C 767 -5.88 -32.17 -11.01
C GLN C 767 -6.61 -33.43 -10.59
N MET C 768 -7.94 -33.36 -10.54
CA MET C 768 -8.78 -34.48 -10.17
C MET C 768 -9.63 -34.92 -11.36
N PRO C 769 -9.68 -36.22 -11.64
CA PRO C 769 -10.42 -36.68 -12.81
C PRO C 769 -11.93 -36.50 -12.65
N CYS C 770 -12.61 -36.43 -13.80
CA CYS C 770 -14.06 -36.37 -13.85
C CYS C 770 -14.70 -37.70 -14.24
N VAL C 771 -14.26 -38.30 -15.33
CA VAL C 771 -14.84 -39.54 -15.82
C VAL C 771 -14.51 -40.69 -14.88
N SER C 772 -15.43 -41.64 -14.75
CA SER C 772 -15.29 -42.74 -13.81
C SER C 772 -14.67 -43.97 -14.46
N LEU C 773 -15.36 -44.57 -15.42
CA LEU C 773 -14.88 -45.77 -16.10
C LEU C 773 -15.81 -46.08 -17.27
N GLY C 774 -15.24 -46.36 -18.42
CA GLY C 774 -16.04 -46.73 -19.58
C GLY C 774 -16.96 -45.63 -20.07
N GLU C 775 -16.75 -44.40 -19.64
CA GLU C 775 -17.59 -43.28 -20.05
C GLU C 775 -17.12 -42.77 -21.41
N PRO C 776 -17.99 -42.73 -22.42
CA PRO C 776 -17.57 -42.17 -23.71
C PRO C 776 -17.18 -40.70 -23.57
N VAL C 777 -16.13 -40.32 -24.29
CA VAL C 777 -15.57 -38.96 -24.22
C VAL C 777 -15.36 -38.47 -25.63
N GLU C 778 -15.90 -37.29 -25.93
CA GLU C 778 -15.79 -36.72 -27.27
C GLU C 778 -14.60 -35.77 -27.36
N ARG C 779 -14.35 -35.27 -28.57
CA ARG C 779 -13.29 -34.31 -28.79
C ARG C 779 -13.54 -33.03 -28.01
N GLY C 780 -12.51 -32.56 -27.31
CA GLY C 780 -12.61 -31.35 -26.52
C GLY C 780 -13.19 -31.53 -25.14
N ASP C 781 -13.57 -32.75 -24.77
CA ASP C 781 -14.11 -33.00 -23.44
C ASP C 781 -13.04 -32.85 -22.37
N VAL C 782 -13.46 -32.36 -21.21
CA VAL C 782 -12.55 -32.13 -20.08
C VAL C 782 -12.61 -33.35 -19.17
N LEU C 783 -11.44 -33.88 -18.83
CA LEU C 783 -11.31 -35.08 -18.01
C LEU C 783 -10.85 -34.77 -16.59
N ALA C 784 -9.83 -33.93 -16.44
CA ALA C 784 -9.32 -33.56 -15.13
C ALA C 784 -9.46 -32.05 -14.96
N ASP C 785 -10.10 -31.64 -13.87
CA ASP C 785 -10.30 -30.23 -13.57
C ASP C 785 -9.21 -29.76 -12.60
N GLY C 786 -8.53 -28.68 -12.96
CA GLY C 786 -7.42 -28.19 -12.18
C GLY C 786 -7.87 -27.44 -10.94
N PRO C 787 -6.99 -26.61 -10.39
CA PRO C 787 -7.36 -25.81 -9.21
C PRO C 787 -8.49 -24.86 -9.54
N SER C 788 -9.46 -24.79 -8.63
CA SER C 788 -10.63 -23.92 -8.77
C SER C 788 -11.33 -24.15 -10.10
N THR C 789 -11.72 -25.40 -10.32
CA THR C 789 -12.44 -25.77 -11.54
C THR C 789 -13.29 -26.99 -11.24
N ASP C 790 -14.57 -26.93 -11.61
CA ASP C 790 -15.51 -28.02 -11.36
C ASP C 790 -16.16 -28.43 -12.68
N LEU C 791 -15.80 -29.62 -13.17
CA LEU C 791 -16.33 -30.15 -14.43
C LEU C 791 -16.08 -29.19 -15.59
N GLY C 792 -14.87 -28.64 -15.65
CA GLY C 792 -14.52 -27.71 -16.69
C GLY C 792 -15.10 -26.32 -16.53
N GLU C 793 -15.62 -26.00 -15.35
CA GLU C 793 -16.22 -24.70 -15.07
C GLU C 793 -15.37 -23.95 -14.06
N LEU C 794 -14.94 -22.74 -14.43
CA LEU C 794 -14.12 -21.94 -13.53
C LEU C 794 -14.89 -21.63 -12.26
N ALA C 795 -14.37 -22.09 -11.13
CA ALA C 795 -15.09 -21.96 -9.85
C ALA C 795 -14.06 -21.61 -8.78
N LEU C 796 -13.93 -20.31 -8.51
CA LEU C 796 -12.90 -19.78 -7.63
C LEU C 796 -13.46 -19.26 -6.31
N GLY C 797 -14.54 -19.87 -5.83
CA GLY C 797 -15.13 -19.49 -4.57
C GLY C 797 -16.13 -20.54 -4.13
N GLN C 798 -16.96 -20.16 -3.17
CA GLN C 798 -17.98 -21.07 -2.65
C GLN C 798 -19.27 -20.31 -2.36
N ASN C 799 -20.40 -20.94 -2.70
CA ASN C 799 -21.69 -20.30 -2.49
C ASN C 799 -22.05 -20.30 -1.01
N MET C 800 -22.46 -19.16 -0.49
CA MET C 800 -22.72 -18.99 0.94
C MET C 800 -24.07 -18.35 1.15
N ARG C 801 -24.81 -18.83 2.15
CA ARG C 801 -26.16 -18.35 2.39
C ARG C 801 -26.09 -16.98 3.08
N VAL C 802 -25.94 -15.93 2.28
CA VAL C 802 -25.68 -14.59 2.77
C VAL C 802 -27.00 -13.94 3.16
N ALA C 803 -27.02 -13.32 4.34
CA ALA C 803 -28.14 -12.49 4.79
C ALA C 803 -27.63 -11.08 5.02
N PHE C 804 -28.38 -10.10 4.52
CA PHE C 804 -27.98 -8.69 4.62
C PHE C 804 -28.67 -8.09 5.84
N MET C 805 -27.92 -7.89 6.92
CA MET C 805 -28.49 -7.36 8.15
C MET C 805 -27.37 -7.02 9.10
N PRO C 806 -27.42 -5.88 9.79
CA PRO C 806 -26.39 -5.57 10.79
C PRO C 806 -26.55 -6.46 12.01
N TRP C 807 -25.44 -7.06 12.45
CA TRP C 807 -25.47 -8.03 13.53
C TRP C 807 -24.59 -7.55 14.69
N ASN C 808 -25.17 -6.75 15.58
CA ASN C 808 -24.52 -6.31 16.82
C ASN C 808 -23.15 -5.72 16.54
N GLY C 809 -23.04 -4.97 15.46
CA GLY C 809 -21.81 -4.26 15.14
C GLY C 809 -20.67 -5.13 14.68
N TYR C 810 -20.89 -6.43 14.51
CA TYR C 810 -19.82 -7.31 14.05
C TYR C 810 -19.61 -7.26 12.56
N ASN C 811 -20.50 -6.60 11.81
CA ASN C 811 -20.31 -6.32 10.40
C ASN C 811 -20.27 -4.81 10.16
N PHE C 812 -19.65 -4.09 11.10
CA PHE C 812 -19.48 -2.66 10.97
C PHE C 812 -18.48 -2.33 9.87
N GLU C 813 -18.67 -1.16 9.25
CA GLU C 813 -17.84 -0.71 8.13
C GLU C 813 -17.95 -1.77 7.04
N ASP C 814 -16.88 -2.50 6.70
CA ASP C 814 -16.94 -3.56 5.72
C ASP C 814 -16.67 -4.93 6.33
N SER C 815 -16.77 -5.05 7.65
CA SER C 815 -16.49 -6.31 8.31
C SER C 815 -17.53 -7.36 7.91
N ILE C 816 -17.12 -8.63 8.00
CA ILE C 816 -17.94 -9.76 7.62
C ILE C 816 -18.06 -10.69 8.81
N LEU C 817 -19.28 -11.12 9.11
CA LEU C 817 -19.54 -12.05 10.21
C LEU C 817 -19.80 -13.43 9.65
N VAL C 818 -19.02 -14.41 10.08
CA VAL C 818 -19.02 -15.74 9.49
C VAL C 818 -19.46 -16.76 10.52
N SER C 819 -20.30 -17.70 10.10
CA SER C 819 -20.75 -18.77 10.97
C SER C 819 -19.63 -19.78 11.19
N GLU C 820 -19.85 -20.69 12.15
CA GLU C 820 -18.86 -21.72 12.42
C GLU C 820 -19.06 -22.96 11.56
N ARG C 821 -20.26 -23.17 11.02
CA ARG C 821 -20.44 -24.24 10.04
C ARG C 821 -19.61 -24.00 8.80
N VAL C 822 -19.22 -22.76 8.52
CA VAL C 822 -18.28 -22.47 7.46
C VAL C 822 -16.93 -23.09 7.75
N VAL C 823 -16.47 -22.98 9.00
CA VAL C 823 -15.19 -23.57 9.38
C VAL C 823 -15.29 -25.09 9.41
N GLN C 824 -16.37 -25.62 10.00
CA GLN C 824 -16.46 -27.07 10.16
C GLN C 824 -16.51 -27.79 8.82
N GLU C 825 -17.27 -27.25 7.86
CA GLU C 825 -17.40 -27.89 6.55
C GLU C 825 -16.15 -27.73 5.69
N ASP C 826 -15.05 -27.25 6.26
CA ASP C 826 -13.75 -27.19 5.57
C ASP C 826 -13.82 -26.35 4.31
N ARG C 827 -14.68 -25.33 4.29
CA ARG C 827 -14.70 -24.38 3.19
C ARG C 827 -13.61 -23.34 3.39
N PHE C 828 -13.11 -22.82 2.27
CA PHE C 828 -12.07 -21.79 2.24
C PHE C 828 -10.74 -22.28 2.81
N THR C 829 -10.60 -23.58 3.06
CA THR C 829 -9.33 -24.14 3.48
C THR C 829 -8.45 -24.34 2.25
N THR C 830 -7.27 -23.74 2.27
CA THR C 830 -6.38 -23.72 1.11
C THR C 830 -5.04 -24.35 1.47
N ILE C 831 -4.40 -24.94 0.45
CA ILE C 831 -3.09 -25.57 0.60
C ILE C 831 -2.04 -24.61 0.05
N HIS C 832 -0.98 -24.38 0.82
CA HIS C 832 0.12 -23.52 0.40
C HIS C 832 1.41 -24.31 0.46
N ILE C 833 2.03 -24.52 -0.70
CA ILE C 833 3.27 -25.29 -0.80
C ILE C 833 4.43 -24.32 -0.83
N GLN C 834 5.34 -24.44 0.14
CA GLN C 834 6.48 -23.56 0.26
C GLN C 834 7.76 -24.31 -0.05
N GLU C 835 8.71 -23.62 -0.68
CA GLU C 835 9.94 -24.21 -1.18
C GLU C 835 11.11 -23.79 -0.30
N LEU C 836 11.81 -24.78 0.24
CA LEU C 836 13.07 -24.57 0.95
C LEU C 836 14.16 -25.37 0.25
N ALA C 837 15.31 -24.75 0.04
CA ALA C 837 16.35 -25.33 -0.80
C ALA C 837 17.68 -25.37 -0.06
N CYS C 838 18.48 -26.38 -0.40
CA CYS C 838 19.84 -26.52 0.12
C CYS C 838 20.72 -27.14 -0.95
N VAL C 839 21.94 -26.62 -1.09
CA VAL C 839 22.87 -27.07 -2.11
C VAL C 839 24.19 -27.41 -1.43
N SER C 840 24.75 -28.58 -1.78
CA SER C 840 26.03 -29.02 -1.26
C SER C 840 27.12 -28.62 -2.26
N ARG C 841 27.97 -27.68 -1.87
CA ARG C 841 29.01 -27.17 -2.74
C ARG C 841 30.36 -27.27 -2.06
N ASP C 842 31.39 -27.58 -2.85
CA ASP C 842 32.73 -27.69 -2.31
C ASP C 842 33.27 -26.31 -1.93
N THR C 843 34.27 -26.32 -1.05
CA THR C 843 34.86 -25.09 -0.55
C THR C 843 36.38 -25.23 -0.57
N LYS C 844 37.07 -24.27 0.06
CA LYS C 844 38.53 -24.28 0.07
C LYS C 844 39.07 -25.49 0.81
N LEU C 845 38.46 -25.85 1.94
CA LEU C 845 39.02 -26.86 2.83
C LEU C 845 38.58 -28.28 2.47
N GLY C 846 37.68 -28.44 1.50
CA GLY C 846 37.26 -29.76 1.08
C GLY C 846 35.83 -29.81 0.63
N PRO C 847 35.26 -31.02 0.56
CA PRO C 847 33.87 -31.17 0.11
C PRO C 847 32.87 -31.06 1.24
N GLU C 848 31.69 -30.57 0.88
CA GLU C 848 30.59 -30.41 1.84
C GLU C 848 29.63 -31.59 1.67
N GLU C 849 30.05 -32.74 2.18
CA GLU C 849 29.18 -33.91 2.19
C GLU C 849 28.01 -33.69 3.14
N ILE C 850 26.90 -34.37 2.86
CA ILE C 850 25.71 -34.31 3.70
C ILE C 850 25.45 -35.70 4.26
N THR C 851 25.24 -35.78 5.57
CA THR C 851 24.96 -37.05 6.22
C THR C 851 24.07 -36.80 7.43
N ALA C 852 23.41 -37.86 7.88
CA ALA C 852 22.58 -37.75 9.07
C ALA C 852 23.41 -37.42 10.31
N ASP C 853 24.59 -38.04 10.42
CA ASP C 853 25.45 -37.84 11.60
C ASP C 853 25.94 -36.40 11.63
N ILE C 854 25.37 -35.61 12.53
CA ILE C 854 25.72 -34.20 12.69
C ILE C 854 26.24 -34.00 14.11
N PRO C 855 27.49 -33.57 14.29
CA PRO C 855 28.02 -33.38 15.65
C PRO C 855 27.26 -32.31 16.40
N ASN C 856 27.27 -32.45 17.74
CA ASN C 856 26.71 -31.46 18.66
C ASN C 856 25.20 -31.29 18.47
N VAL C 857 24.52 -32.35 18.03
CA VAL C 857 23.08 -32.35 17.89
C VAL C 857 22.54 -33.64 18.52
N GLY C 858 21.56 -33.49 19.40
CA GLY C 858 21.07 -34.62 20.16
C GLY C 858 20.22 -35.58 19.34
N GLU C 859 19.92 -36.72 19.95
CA GLU C 859 19.11 -37.75 19.30
C GLU C 859 17.67 -37.30 19.06
N ALA C 860 17.21 -36.26 19.77
CA ALA C 860 15.85 -35.77 19.56
C ALA C 860 15.69 -35.23 18.14
N ALA C 861 16.69 -34.51 17.63
CA ALA C 861 16.60 -33.94 16.30
C ALA C 861 16.91 -34.94 15.20
N LEU C 862 17.49 -36.09 15.53
CA LEU C 862 17.80 -37.13 14.56
C LEU C 862 16.66 -38.13 14.37
N SER C 863 15.54 -37.92 15.04
CA SER C 863 14.43 -38.87 14.94
C SER C 863 13.81 -38.89 13.56
N LYS C 864 13.87 -37.77 12.84
CA LYS C 864 13.15 -37.63 11.57
C LYS C 864 14.08 -37.60 10.36
N LEU C 865 15.30 -38.12 10.48
CA LEU C 865 16.26 -38.15 9.39
C LEU C 865 16.61 -39.58 9.01
N ASP C 866 16.87 -39.80 7.73
CA ASP C 866 17.19 -41.13 7.21
C ASP C 866 18.70 -41.36 7.25
N GLU C 867 19.16 -42.44 6.62
CA GLU C 867 20.58 -42.73 6.56
C GLU C 867 21.36 -41.77 5.67
N SER C 868 20.69 -40.95 4.88
CA SER C 868 21.35 -39.98 4.01
C SER C 868 21.46 -38.59 4.62
N GLY C 869 20.49 -38.19 5.45
CA GLY C 869 20.59 -36.93 6.15
C GLY C 869 19.52 -35.89 5.83
N ILE C 870 18.40 -36.34 5.27
CA ILE C 870 17.28 -35.46 4.93
C ILE C 870 16.00 -36.08 5.48
N VAL C 871 15.04 -35.21 5.83
CA VAL C 871 13.85 -35.65 6.53
C VAL C 871 13.06 -36.67 5.71
N TYR C 872 12.40 -37.60 6.41
CA TYR C 872 11.49 -38.54 5.76
C TYR C 872 10.34 -37.78 5.10
N ILE C 873 9.87 -38.32 3.98
CA ILE C 873 8.68 -37.79 3.33
C ILE C 873 7.46 -38.08 4.22
N GLY C 874 6.65 -37.06 4.45
CA GLY C 874 5.45 -37.21 5.26
C GLY C 874 5.62 -36.86 6.72
N ALA C 875 6.82 -36.49 7.15
CA ALA C 875 7.03 -36.12 8.55
C ALA C 875 6.47 -34.74 8.82
N GLU C 876 5.61 -34.63 9.83
CA GLU C 876 5.01 -33.35 10.19
C GLU C 876 6.03 -32.51 10.97
N VAL C 877 6.32 -31.32 10.47
CA VAL C 877 7.38 -30.49 11.00
C VAL C 877 6.83 -29.11 11.34
N THR C 878 7.51 -28.43 12.26
CA THR C 878 7.13 -27.09 12.67
C THR C 878 8.28 -26.47 13.44
N GLY C 879 8.18 -25.18 13.69
CA GLY C 879 9.19 -24.51 14.49
C GLY C 879 10.49 -24.33 13.73
N GLY C 880 11.55 -24.93 14.25
CA GLY C 880 12.87 -24.81 13.64
C GLY C 880 13.61 -26.12 13.50
N ASP C 881 12.90 -27.20 13.23
CA ASP C 881 13.52 -28.51 13.16
C ASP C 881 14.49 -28.59 11.98
N ILE C 882 15.56 -29.37 12.18
CA ILE C 882 16.58 -29.54 11.16
C ILE C 882 16.00 -30.31 9.98
N LEU C 883 16.28 -29.82 8.77
CA LEU C 883 15.77 -30.45 7.55
C LEU C 883 16.83 -31.28 6.84
N VAL C 884 17.96 -30.68 6.51
CA VAL C 884 19.05 -31.37 5.80
C VAL C 884 20.31 -31.28 6.64
N GLY C 885 20.97 -32.41 6.84
CA GLY C 885 22.21 -32.44 7.59
C GLY C 885 23.43 -32.21 6.72
N LYS C 886 23.91 -30.97 6.67
CA LYS C 886 25.03 -30.58 5.82
C LYS C 886 26.17 -30.08 6.69
N VAL C 887 27.38 -30.55 6.41
CA VAL C 887 28.57 -30.18 7.17
C VAL C 887 29.50 -29.36 6.28
N THR C 888 30.12 -28.34 6.87
CA THR C 888 31.06 -27.48 6.16
C THR C 888 32.44 -27.68 6.78
N PRO C 889 33.44 -28.10 6.01
CA PRO C 889 34.76 -28.38 6.60
C PRO C 889 35.44 -27.12 7.10
N LYS C 890 36.24 -27.29 8.15
CA LYS C 890 37.01 -26.21 8.74
C LYS C 890 38.50 -26.50 8.63
N GLY C 891 39.30 -25.44 8.66
CA GLY C 891 40.73 -25.54 8.46
C GLY C 891 41.50 -25.66 9.75
N GLU C 892 42.31 -26.71 9.86
CA GLU C 892 43.18 -26.90 11.01
C GLU C 892 44.27 -27.89 10.62
N THR C 893 45.52 -27.43 10.66
CA THR C 893 46.66 -28.27 10.33
C THR C 893 47.71 -28.31 11.46
N GLN C 894 47.41 -27.67 12.59
CA GLN C 894 48.32 -27.65 13.74
C GLN C 894 47.63 -28.42 14.87
N LEU C 895 47.98 -29.70 14.98
CA LEU C 895 47.38 -30.59 15.99
C LEU C 895 48.03 -30.32 17.33
N THR C 896 47.50 -29.33 18.05
CA THR C 896 47.97 -29.03 19.40
C THR C 896 47.60 -30.17 20.34
N PRO C 897 48.35 -30.33 21.44
CA PRO C 897 48.04 -31.45 22.37
C PRO C 897 46.62 -31.42 22.89
N GLU C 898 46.03 -30.23 23.08
CA GLU C 898 44.62 -30.15 23.43
C GLU C 898 43.75 -30.77 22.33
N GLU C 899 44.03 -30.43 21.07
CA GLU C 899 43.31 -31.05 19.97
C GLU C 899 43.61 -32.55 19.86
N LYS C 900 44.84 -32.95 20.20
CA LYS C 900 45.17 -34.38 20.18
C LYS C 900 44.34 -35.15 21.19
N LEU C 901 44.23 -34.63 22.42
CA LEU C 901 43.40 -35.32 23.41
C LEU C 901 41.92 -35.23 23.07
N LEU C 902 41.50 -34.12 22.43
CA LEU C 902 40.12 -34.03 21.96
C LEU C 902 39.81 -35.13 20.94
N ARG C 903 40.71 -35.33 19.99
CA ARG C 903 40.53 -36.40 19.01
C ARG C 903 40.66 -37.78 19.64
N ALA C 904 41.43 -37.90 20.72
CA ALA C 904 41.57 -39.19 21.40
C ALA C 904 40.31 -39.58 22.16
N ILE C 905 39.71 -38.64 22.88
CA ILE C 905 38.53 -38.98 23.70
C ILE C 905 37.27 -38.99 22.85
N PHE C 906 37.21 -38.17 21.80
CA PHE C 906 36.05 -38.09 20.92
C PHE C 906 36.39 -38.73 19.58
N GLY C 907 35.49 -38.58 18.61
CA GLY C 907 35.71 -39.14 17.29
C GLY C 907 36.94 -38.58 16.61
N GLU C 908 37.24 -39.15 15.44
CA GLU C 908 38.44 -38.75 14.71
C GLU C 908 38.37 -37.28 14.32
N LYS C 909 37.21 -36.82 13.85
CA LYS C 909 37.07 -35.42 13.53
C LYS C 909 37.05 -34.54 14.78
N ALA C 910 36.62 -35.09 15.91
CA ALA C 910 36.50 -34.35 17.16
C ALA C 910 35.64 -33.10 16.97
N SER C 911 34.57 -33.24 16.18
CA SER C 911 33.64 -32.15 15.87
C SER C 911 34.35 -30.95 15.26
N ASP C 912 35.40 -31.19 14.47
CA ASP C 912 36.06 -30.08 13.78
C ASP C 912 35.15 -29.48 12.72
N VAL C 913 34.39 -30.32 12.01
CA VAL C 913 33.54 -29.85 10.93
C VAL C 913 32.38 -29.04 11.50
N LYS C 914 31.96 -28.02 10.76
CA LYS C 914 30.80 -27.24 11.16
C LYS C 914 29.52 -27.89 10.64
N ASP C 915 28.39 -27.34 11.02
CA ASP C 915 27.08 -27.88 10.67
C ASP C 915 26.21 -26.77 10.08
N SER C 916 26.26 -26.61 8.77
CA SER C 916 25.44 -25.65 8.04
C SER C 916 24.17 -26.38 7.57
N SER C 917 23.29 -26.66 8.52
CA SER C 917 22.08 -27.44 8.28
C SER C 917 20.89 -26.49 8.13
N LEU C 918 20.16 -26.65 7.02
CA LEU C 918 18.98 -25.82 6.78
C LEU C 918 17.90 -26.17 7.78
N ARG C 919 17.33 -25.14 8.42
CA ARG C 919 16.30 -25.32 9.41
C ARG C 919 14.99 -24.71 8.91
N VAL C 920 13.89 -25.17 9.48
CA VAL C 920 12.59 -24.62 9.11
C VAL C 920 12.51 -23.17 9.59
N PRO C 921 12.22 -22.22 8.72
CA PRO C 921 12.11 -20.82 9.14
C PRO C 921 10.93 -20.62 10.08
N ASN C 922 10.99 -19.52 10.83
CA ASN C 922 9.99 -19.23 11.85
C ASN C 922 8.63 -19.04 11.20
N GLY C 923 7.59 -19.52 11.90
CA GLY C 923 6.23 -19.37 11.43
C GLY C 923 5.79 -20.32 10.34
N VAL C 924 6.61 -21.30 10.00
CA VAL C 924 6.32 -22.24 8.92
C VAL C 924 6.12 -23.62 9.52
N SER C 925 4.97 -24.22 9.22
CA SER C 925 4.63 -25.55 9.71
C SER C 925 4.16 -26.41 8.54
N GLY C 926 3.62 -27.57 8.87
CA GLY C 926 3.03 -28.43 7.86
C GLY C 926 3.90 -29.60 7.45
N THR C 927 3.27 -30.69 7.03
CA THR C 927 3.99 -31.89 6.64
C THR C 927 4.79 -31.66 5.38
N VAL C 928 5.94 -32.33 5.29
CA VAL C 928 6.74 -32.27 4.06
C VAL C 928 6.06 -33.09 2.98
N ILE C 929 6.35 -32.76 1.72
CA ILE C 929 5.79 -33.47 0.57
C ILE C 929 6.87 -34.25 -0.17
N ASP C 930 7.88 -33.55 -0.69
CA ASP C 930 8.86 -34.17 -1.58
C ASP C 930 10.26 -33.69 -1.24
N VAL C 931 11.23 -34.49 -1.66
CA VAL C 931 12.64 -34.13 -1.61
C VAL C 931 13.22 -34.38 -2.99
N GLN C 932 14.05 -33.44 -3.47
CA GLN C 932 14.45 -33.38 -4.87
C GLN C 932 15.96 -33.42 -5.01
N VAL C 933 16.59 -34.42 -4.39
CA VAL C 933 18.04 -34.60 -4.48
C VAL C 933 18.45 -34.75 -5.94
N PHE C 934 19.52 -34.05 -6.33
CA PHE C 934 20.17 -34.24 -7.62
C PHE C 934 21.67 -34.34 -7.41
N THR C 935 22.31 -35.17 -8.22
CA THR C 935 23.72 -35.52 -8.04
C THR C 935 24.53 -35.16 -9.28
N ARG C 936 25.74 -34.64 -9.06
CA ARG C 936 26.66 -34.37 -10.15
C ARG C 936 27.22 -35.67 -10.71
N ASP C 937 27.48 -35.68 -12.01
CA ASP C 937 28.00 -36.87 -12.66
C ASP C 937 29.39 -37.22 -12.14
N GLY C 938 29.64 -38.51 -11.99
CA GLY C 938 30.93 -38.99 -11.51
C GLY C 938 30.95 -39.31 -10.03
N VAL C 939 30.28 -38.49 -9.24
CA VAL C 939 30.24 -38.69 -7.80
C VAL C 939 29.28 -39.83 -7.47
N GLU C 940 29.57 -40.54 -6.38
CA GLU C 940 28.69 -41.61 -5.91
C GLU C 940 27.30 -41.06 -5.64
N LYS C 941 26.28 -41.74 -6.17
CA LYS C 941 24.92 -41.28 -6.04
C LYS C 941 24.40 -41.50 -4.63
N ASP C 942 23.46 -40.66 -4.21
CA ASP C 942 22.87 -40.78 -2.88
C ASP C 942 22.13 -42.10 -2.74
N LYS C 943 22.00 -42.55 -1.49
CA LYS C 943 21.29 -43.81 -1.23
C LYS C 943 19.84 -43.72 -1.67
N ARG C 944 19.19 -42.58 -1.39
CA ARG C 944 17.81 -42.41 -1.84
C ARG C 944 17.71 -42.08 -3.33
N ALA C 945 18.78 -41.59 -3.95
CA ALA C 945 18.73 -41.30 -5.38
C ALA C 945 18.33 -42.53 -6.18
N LEU C 946 18.84 -43.70 -5.77
CA LEU C 946 18.48 -44.93 -6.46
C LEU C 946 16.98 -45.20 -6.38
N GLU C 947 16.34 -44.88 -5.26
CA GLU C 947 14.89 -45.07 -5.19
C GLU C 947 14.14 -44.13 -6.12
N ILE C 948 14.58 -42.87 -6.23
CA ILE C 948 13.95 -41.97 -7.20
C ILE C 948 14.08 -42.53 -8.62
N GLU C 949 15.28 -42.98 -8.98
CA GLU C 949 15.46 -43.51 -10.33
C GLU C 949 14.68 -44.81 -10.55
N GLU C 950 14.60 -45.65 -9.51
CA GLU C 950 13.83 -46.89 -9.62
C GLU C 950 12.35 -46.60 -9.77
N MET C 951 11.84 -45.61 -9.03
CA MET C 951 10.45 -45.20 -9.18
C MET C 951 10.19 -44.67 -10.59
N GLN C 952 11.13 -43.87 -11.11
CA GLN C 952 11.00 -43.39 -12.48
C GLN C 952 10.97 -44.53 -13.48
N LEU C 953 11.84 -45.53 -13.29
CA LEU C 953 11.86 -46.68 -14.20
C LEU C 953 10.57 -47.48 -14.09
N LYS C 954 10.05 -47.64 -12.87
CA LYS C 954 8.81 -48.38 -12.68
C LYS C 954 7.66 -47.70 -13.42
N GLN C 955 7.51 -46.39 -13.22
CA GLN C 955 6.47 -45.66 -13.93
C GLN C 955 6.70 -45.69 -15.43
N ALA C 956 7.95 -45.61 -15.86
CA ALA C 956 8.28 -45.63 -17.28
C ALA C 956 7.84 -46.92 -17.93
N LYS C 957 8.23 -48.06 -17.35
CA LYS C 957 7.83 -49.35 -17.92
C LYS C 957 6.33 -49.57 -17.83
N LYS C 958 5.70 -49.18 -16.72
CA LYS C 958 4.25 -49.33 -16.62
C LYS C 958 3.54 -48.50 -17.66
N ASP C 959 4.07 -47.32 -17.98
CA ASP C 959 3.46 -46.45 -18.98
C ASP C 959 3.69 -46.93 -20.40
N LEU C 960 4.83 -47.56 -20.68
CA LEU C 960 5.07 -48.05 -22.04
C LEU C 960 4.45 -49.42 -22.30
N SER C 961 4.15 -50.19 -21.25
CA SER C 961 3.71 -51.57 -21.45
C SER C 961 2.31 -51.68 -22.04
N GLU C 962 1.47 -50.66 -21.91
CA GLU C 962 0.09 -50.79 -22.37
C GLU C 962 0.00 -50.86 -23.89
N GLU C 963 0.74 -49.98 -24.58
CA GLU C 963 0.74 -50.01 -26.04
C GLU C 963 1.32 -51.32 -26.55
N LEU C 964 2.37 -51.83 -25.89
CA LEU C 964 2.92 -53.12 -26.28
C LEU C 964 1.91 -54.23 -26.05
N GLN C 965 1.17 -54.18 -24.95
CA GLN C 965 0.14 -55.18 -24.71
C GLN C 965 -0.89 -55.16 -25.83
N ILE C 966 -1.33 -53.97 -26.25
CA ILE C 966 -2.32 -53.87 -27.30
C ILE C 966 -1.76 -54.36 -28.64
N LEU C 967 -0.50 -54.02 -28.93
CA LEU C 967 0.10 -54.40 -30.21
C LEU C 967 0.27 -55.91 -30.32
N GLU C 968 0.84 -56.54 -29.29
CA GLU C 968 0.93 -57.99 -29.28
C GLU C 968 -0.43 -58.66 -29.21
N ALA C 969 -1.43 -58.02 -28.61
CA ALA C 969 -2.79 -58.56 -28.67
C ALA C 969 -3.29 -58.58 -30.11
N GLY C 970 -3.07 -57.50 -30.86
CA GLY C 970 -3.46 -57.48 -32.25
C GLY C 970 -2.72 -58.50 -33.09
N LEU C 971 -1.42 -58.65 -32.85
CA LEU C 971 -0.65 -59.65 -33.58
C LEU C 971 -1.13 -61.05 -33.27
N PHE C 972 -1.44 -61.33 -31.99
CA PHE C 972 -1.97 -62.63 -31.61
C PHE C 972 -3.33 -62.87 -32.25
N SER C 973 -4.17 -61.83 -32.34
CA SER C 973 -5.46 -61.98 -33.00
C SER C 973 -5.29 -62.31 -34.48
N ARG C 974 -4.36 -61.62 -35.15
CA ARG C 974 -4.10 -61.91 -36.56
C ARG C 974 -3.58 -63.33 -36.75
N ILE C 975 -2.67 -63.77 -35.87
CA ILE C 975 -2.12 -65.12 -35.96
C ILE C 975 -3.22 -66.15 -35.73
N ARG C 976 -4.10 -65.88 -34.75
CA ARG C 976 -5.22 -66.79 -34.49
C ARG C 976 -6.15 -66.88 -35.68
N ALA C 977 -6.45 -65.75 -36.32
CA ALA C 977 -7.29 -65.77 -37.50
C ALA C 977 -6.62 -66.55 -38.63
N VAL C 978 -5.32 -66.37 -38.82
CA VAL C 978 -4.60 -67.10 -39.86
C VAL C 978 -4.64 -68.60 -39.60
N LEU C 979 -4.42 -69.02 -38.36
CA LEU C 979 -4.42 -70.44 -38.06
C LEU C 979 -5.83 -71.03 -38.13
N VAL C 980 -6.85 -70.24 -37.82
CA VAL C 980 -8.22 -70.71 -38.03
C VAL C 980 -8.51 -70.86 -39.52
N ALA C 981 -7.94 -69.99 -40.35
CA ALA C 981 -8.14 -70.11 -41.79
C ALA C 981 -7.62 -71.45 -42.32
N GLY C 982 -6.62 -72.02 -41.68
CA GLY C 982 -6.10 -73.31 -42.09
C GLY C 982 -5.39 -74.07 -41.00
N GLY C 983 -5.75 -75.33 -40.80
CA GLY C 983 -5.17 -76.14 -39.76
C GLY C 983 -5.50 -75.66 -38.36
N VAL C 984 -6.78 -75.34 -38.13
CA VAL C 984 -7.20 -74.83 -36.83
C VAL C 984 -7.23 -75.96 -35.81
N GLU C 985 -6.59 -75.72 -34.66
CA GLU C 985 -6.59 -76.68 -33.56
C GLU C 985 -7.57 -76.30 -32.46
N ALA C 986 -8.40 -75.27 -32.69
CA ALA C 986 -9.41 -74.81 -31.74
C ALA C 986 -8.69 -74.37 -30.46
N GLU C 987 -9.13 -74.79 -29.27
CA GLU C 987 -8.49 -74.37 -28.03
C GLU C 987 -7.09 -74.94 -27.87
N LYS C 988 -6.77 -76.02 -28.57
CA LYS C 988 -5.44 -76.60 -28.46
C LYS C 988 -4.37 -75.63 -28.98
N LEU C 989 -4.67 -74.93 -30.07
CA LEU C 989 -3.72 -73.96 -30.61
C LEU C 989 -3.50 -72.82 -29.62
N ASP C 990 -4.57 -72.34 -28.98
CA ASP C 990 -4.43 -71.26 -28.00
C ASP C 990 -3.73 -71.71 -26.73
N LYS C 991 -3.87 -72.99 -26.36
CA LYS C 991 -3.22 -73.48 -25.15
C LYS C 991 -1.70 -73.44 -25.26
N LEU C 992 -1.17 -73.89 -26.40
CA LEU C 992 0.28 -73.92 -26.59
C LEU C 992 0.78 -72.52 -26.94
N PRO C 993 1.82 -72.04 -26.27
CA PRO C 993 2.35 -70.70 -26.58
C PRO C 993 3.06 -70.70 -27.93
N ARG C 994 3.42 -69.49 -28.36
CA ARG C 994 4.08 -69.26 -29.66
C ARG C 994 3.24 -69.82 -30.81
N ASP C 995 1.92 -69.73 -30.67
CA ASP C 995 0.97 -70.24 -31.66
C ASP C 995 1.19 -71.72 -31.95
N ARG C 996 1.56 -72.47 -30.91
CA ARG C 996 1.87 -73.89 -31.03
C ARG C 996 2.95 -74.13 -32.09
N TRP C 997 4.10 -73.51 -31.86
CA TRP C 997 5.23 -73.54 -32.80
C TRP C 997 4.81 -73.04 -34.18
N LEU C 998 4.04 -71.96 -34.20
CA LEU C 998 3.53 -71.35 -35.43
C LEU C 998 2.70 -72.33 -36.26
N GLU C 999 2.01 -73.26 -35.56
CA GLU C 999 1.14 -74.24 -36.21
C GLU C 999 1.87 -75.03 -37.28
N LEU C 1000 3.12 -75.38 -37.00
CA LEU C 1000 3.98 -76.13 -37.93
C LEU C 1000 4.07 -75.32 -39.22
N GLY C 1001 3.84 -75.91 -40.39
CA GLY C 1001 3.89 -75.17 -41.63
C GLY C 1001 2.54 -75.09 -42.32
N LEU C 1002 1.72 -76.13 -42.16
CA LEU C 1002 0.39 -76.22 -42.77
C LEU C 1002 0.57 -76.09 -44.28
N THR C 1003 -0.14 -75.21 -44.96
CA THR C 1003 0.05 -75.03 -46.39
C THR C 1003 1.36 -74.31 -46.67
N ASP C 1004 1.88 -74.52 -47.88
CA ASP C 1004 3.16 -73.91 -48.25
C ASP C 1004 3.06 -72.39 -48.30
N GLU C 1005 1.95 -71.87 -48.83
CA GLU C 1005 1.79 -70.41 -48.92
C GLU C 1005 1.73 -69.77 -47.54
N GLU C 1006 1.00 -70.39 -46.60
CA GLU C 1006 0.90 -69.83 -45.26
C GLU C 1006 2.25 -69.87 -44.55
N LYS C 1007 2.99 -70.96 -44.68
CA LYS C 1007 4.30 -71.06 -44.06
C LYS C 1007 5.28 -70.06 -44.65
N GLN C 1008 5.27 -69.90 -45.98
CA GLN C 1008 6.23 -69.01 -46.63
C GLN C 1008 5.85 -67.54 -46.48
N ASN C 1009 4.57 -67.23 -46.42
CA ASN C 1009 4.10 -65.85 -46.40
C ASN C 1009 3.46 -65.44 -45.08
N GLN C 1010 2.46 -66.20 -44.61
CA GLN C 1010 1.72 -65.77 -43.42
C GLN C 1010 2.54 -65.94 -42.15
N LEU C 1011 2.96 -67.17 -41.87
CA LEU C 1011 3.70 -67.43 -40.63
C LEU C 1011 5.04 -66.69 -40.61
N GLU C 1012 5.74 -66.67 -41.75
CA GLU C 1012 7.02 -65.97 -41.80
C GLU C 1012 6.84 -64.47 -41.55
N GLN C 1013 5.83 -63.86 -42.16
CA GLN C 1013 5.58 -62.44 -41.93
C GLN C 1013 5.18 -62.18 -40.48
N LEU C 1014 4.37 -63.06 -39.89
CA LEU C 1014 3.99 -62.88 -38.49
C LEU C 1014 5.20 -62.96 -37.57
N ALA C 1015 6.09 -63.93 -37.82
CA ALA C 1015 7.30 -64.04 -37.02
C ALA C 1015 8.20 -62.82 -37.19
N GLU C 1016 8.32 -62.33 -38.43
CA GLU C 1016 9.13 -61.14 -38.68
C GLU C 1016 8.56 -59.93 -37.95
N GLN C 1017 7.24 -59.75 -38.02
CA GLN C 1017 6.60 -58.64 -37.31
C GLN C 1017 6.83 -58.74 -35.81
N TYR C 1018 6.67 -59.95 -35.25
CA TYR C 1018 6.91 -60.14 -33.83
C TYR C 1018 8.34 -59.79 -33.45
N ASP C 1019 9.31 -60.26 -34.24
CA ASP C 1019 10.72 -60.01 -33.94
C ASP C 1019 11.03 -58.52 -33.98
N GLU C 1020 10.60 -57.82 -35.04
CA GLU C 1020 10.95 -56.42 -35.16
C GLU C 1020 10.21 -55.58 -34.13
N LEU C 1021 8.98 -55.96 -33.79
CA LEU C 1021 8.26 -55.22 -32.75
C LEU C 1021 8.93 -55.41 -31.39
N LYS C 1022 9.37 -56.63 -31.08
CA LYS C 1022 10.09 -56.85 -29.83
C LYS C 1022 11.39 -56.06 -29.80
N HIS C 1023 12.11 -56.03 -30.91
CA HIS C 1023 13.36 -55.26 -30.96
C HIS C 1023 13.10 -53.77 -30.81
N GLU C 1024 12.03 -53.27 -31.45
CA GLU C 1024 11.69 -51.86 -31.34
C GLU C 1024 11.28 -51.49 -29.92
N PHE C 1025 10.54 -52.38 -29.25
CA PHE C 1025 10.24 -52.15 -27.83
C PHE C 1025 11.50 -52.12 -27.00
N GLU C 1026 12.41 -53.09 -27.23
CA GLU C 1026 13.62 -53.18 -26.43
C GLU C 1026 14.53 -51.97 -26.61
N LYS C 1027 14.69 -51.49 -27.84
CA LYS C 1027 15.62 -50.38 -28.07
C LYS C 1027 15.12 -49.11 -27.39
N LYS C 1028 13.83 -48.80 -27.51
CA LYS C 1028 13.32 -47.59 -26.87
C LYS C 1028 13.26 -47.75 -25.35
N LEU C 1029 12.98 -48.96 -24.86
CA LEU C 1029 13.03 -49.18 -23.42
C LEU C 1029 14.45 -48.95 -22.89
N GLU C 1030 15.46 -49.45 -23.62
CA GLU C 1030 16.83 -49.25 -23.20
C GLU C 1030 17.22 -47.77 -23.25
N ALA C 1031 16.83 -47.06 -24.32
CA ALA C 1031 17.18 -45.66 -24.43
C ALA C 1031 16.51 -44.83 -23.34
N LYS C 1032 15.26 -45.16 -23.00
CA LYS C 1032 14.54 -44.38 -22.00
C LYS C 1032 14.94 -44.77 -20.59
N ARG C 1033 15.44 -45.99 -20.39
CA ARG C 1033 16.15 -46.31 -19.15
C ARG C 1033 17.45 -45.51 -19.06
N ARG C 1034 18.17 -45.37 -20.18
CA ARG C 1034 19.46 -44.71 -20.15
C ARG C 1034 19.32 -43.21 -19.86
N LYS C 1035 18.43 -42.53 -20.58
CA LYS C 1035 18.43 -41.07 -20.49
C LYS C 1035 17.85 -40.57 -19.17
N ILE C 1036 16.89 -41.28 -18.58
CA ILE C 1036 16.33 -40.84 -17.31
C ILE C 1036 17.38 -40.89 -16.21
N THR C 1037 18.17 -41.96 -16.16
CA THR C 1037 19.18 -42.16 -15.13
C THR C 1037 20.54 -41.74 -15.69
N GLN C 1038 20.86 -40.46 -15.53
CA GLN C 1038 22.15 -39.93 -15.97
C GLN C 1038 22.63 -38.89 -14.95
N GLY C 1039 23.95 -38.82 -14.80
CA GLY C 1039 24.55 -37.83 -13.94
C GLY C 1039 24.33 -36.41 -14.45
N ASP C 1040 23.66 -35.59 -13.65
CA ASP C 1040 23.35 -34.23 -14.07
C ASP C 1040 24.60 -33.36 -14.06
N ASP C 1041 24.72 -32.50 -15.07
CA ASP C 1041 25.84 -31.57 -15.19
C ASP C 1041 25.51 -30.34 -14.36
N LEU C 1042 25.72 -30.43 -13.04
CA LEU C 1042 25.42 -29.33 -12.15
C LEU C 1042 26.35 -28.15 -12.43
N ALA C 1043 26.13 -27.07 -11.69
CA ALA C 1043 27.04 -25.94 -11.74
C ALA C 1043 28.43 -26.38 -11.26
N PRO C 1044 29.48 -25.81 -11.84
CA PRO C 1044 30.84 -26.27 -11.48
C PRO C 1044 31.14 -26.17 -9.98
N GLY C 1045 30.69 -25.09 -9.33
CA GLY C 1045 30.87 -24.99 -7.89
C GLY C 1045 29.90 -25.86 -7.11
N VAL C 1046 28.79 -26.23 -7.73
CA VAL C 1046 27.74 -26.99 -7.05
C VAL C 1046 28.01 -28.49 -7.24
N LEU C 1047 28.02 -29.22 -6.14
CA LEU C 1047 28.28 -30.66 -6.17
C LEU C 1047 27.00 -31.50 -6.11
N LYS C 1048 26.00 -31.07 -5.35
CA LYS C 1048 24.81 -31.87 -5.11
C LYS C 1048 23.77 -31.00 -4.43
N ILE C 1049 22.51 -31.11 -4.87
CA ILE C 1049 21.45 -30.21 -4.42
C ILE C 1049 20.32 -31.03 -3.81
N VAL C 1050 19.62 -30.44 -2.83
CA VAL C 1050 18.46 -31.03 -2.19
C VAL C 1050 17.42 -29.93 -1.96
N LYS C 1051 16.16 -30.24 -2.25
CA LYS C 1051 15.07 -29.29 -2.07
C LYS C 1051 13.96 -29.97 -1.29
N VAL C 1052 13.35 -29.23 -0.35
CA VAL C 1052 12.29 -29.74 0.50
C VAL C 1052 11.07 -28.84 0.38
N TYR C 1053 9.91 -29.46 0.19
CA TYR C 1053 8.64 -28.74 0.08
C TYR C 1053 7.79 -29.01 1.31
N LEU C 1054 7.04 -27.99 1.74
CA LEU C 1054 6.14 -28.10 2.88
C LEU C 1054 4.71 -27.87 2.40
N ALA C 1055 3.74 -28.36 3.16
CA ALA C 1055 2.33 -28.20 2.84
C ALA C 1055 1.58 -27.82 4.11
N VAL C 1056 1.00 -26.63 4.13
CA VAL C 1056 0.30 -26.10 5.29
C VAL C 1056 -1.13 -25.77 4.89
N LYS C 1057 -2.09 -26.21 5.71
CA LYS C 1057 -3.49 -25.91 5.49
C LYS C 1057 -3.88 -24.69 6.31
N ARG C 1058 -4.39 -23.67 5.63
CA ARG C 1058 -4.77 -22.41 6.28
C ARG C 1058 -6.28 -22.41 6.45
N ARG C 1059 -6.74 -22.70 7.67
CA ARG C 1059 -8.15 -22.59 7.99
C ARG C 1059 -8.56 -21.13 8.05
N ILE C 1060 -9.82 -20.86 7.72
CA ILE C 1060 -10.33 -19.49 7.75
C ILE C 1060 -10.37 -18.99 9.19
N GLN C 1061 -10.15 -17.70 9.36
CA GLN C 1061 -9.97 -17.12 10.69
C GLN C 1061 -10.33 -15.64 10.62
N PRO C 1062 -10.59 -14.99 11.77
CA PRO C 1062 -11.08 -13.61 11.77
C PRO C 1062 -10.31 -12.63 10.90
N GLY C 1063 -8.98 -12.61 10.97
CA GLY C 1063 -8.26 -11.60 10.23
C GLY C 1063 -8.25 -11.79 8.73
N ASP C 1064 -8.55 -12.99 8.25
CA ASP C 1064 -8.43 -13.28 6.82
C ASP C 1064 -9.44 -12.49 6.01
N LYS C 1065 -9.01 -12.03 4.84
CA LYS C 1065 -9.83 -11.18 3.98
C LYS C 1065 -10.73 -12.03 3.09
N MET C 1066 -11.98 -11.61 2.96
CA MET C 1066 -12.95 -12.25 2.09
C MET C 1066 -13.66 -11.21 1.26
N ALA C 1067 -13.93 -11.53 0.00
CA ALA C 1067 -14.57 -10.58 -0.90
C ALA C 1067 -15.47 -11.30 -1.88
N GLY C 1068 -16.49 -10.60 -2.35
CA GLY C 1068 -17.32 -11.07 -3.43
C GLY C 1068 -16.72 -10.72 -4.78
N ARG C 1069 -17.55 -10.83 -5.81
CA ARG C 1069 -17.13 -10.49 -7.17
C ARG C 1069 -17.98 -9.35 -7.73
N HIS C 1070 -18.38 -8.43 -6.86
CA HIS C 1070 -19.09 -7.21 -7.25
C HIS C 1070 -18.48 -5.98 -6.62
N GLY C 1071 -17.20 -6.03 -6.25
CA GLY C 1071 -16.55 -4.91 -5.64
C GLY C 1071 -16.77 -4.77 -4.15
N ASN C 1072 -17.37 -5.75 -3.50
CA ASN C 1072 -17.54 -5.74 -2.05
C ASN C 1072 -16.50 -6.65 -1.42
N LYS C 1073 -15.83 -6.15 -0.38
CA LYS C 1073 -14.75 -6.87 0.27
C LYS C 1073 -14.91 -6.73 1.77
N GLY C 1074 -13.91 -7.19 2.51
CA GLY C 1074 -13.93 -7.02 3.94
C GLY C 1074 -13.13 -8.10 4.62
N VAL C 1075 -12.86 -7.87 5.89
CA VAL C 1075 -12.18 -8.84 6.74
C VAL C 1075 -13.20 -9.44 7.69
N ILE C 1076 -13.04 -10.72 8.01
CA ILE C 1076 -13.92 -11.34 8.98
C ILE C 1076 -13.76 -10.64 10.32
N SER C 1077 -14.80 -10.67 11.13
CA SER C 1077 -14.74 -10.07 12.46
C SER C 1077 -14.94 -11.08 13.58
N LYS C 1078 -15.71 -12.15 13.35
CA LYS C 1078 -15.93 -13.15 14.37
C LYS C 1078 -16.47 -14.42 13.74
N ILE C 1079 -16.01 -15.56 14.24
CA ILE C 1079 -16.53 -16.87 13.83
C ILE C 1079 -17.58 -17.24 14.87
N ASN C 1080 -18.82 -16.86 14.61
CA ASN C 1080 -19.88 -17.11 15.56
C ASN C 1080 -20.28 -18.58 15.54
N PRO C 1081 -20.73 -19.13 16.67
CA PRO C 1081 -21.21 -20.51 16.68
C PRO C 1081 -22.48 -20.65 15.85
N ILE C 1082 -22.82 -21.91 15.56
CA ILE C 1082 -23.97 -22.20 14.72
C ILE C 1082 -25.26 -21.72 15.37
N GLU C 1083 -25.37 -21.90 16.69
CA GLU C 1083 -26.61 -21.62 17.39
C GLU C 1083 -26.90 -20.13 17.52
N ASP C 1084 -25.97 -19.25 17.15
CA ASP C 1084 -26.22 -17.81 17.23
C ASP C 1084 -26.59 -17.19 15.89
N MET C 1085 -26.34 -17.87 14.78
CA MET C 1085 -26.72 -17.34 13.48
C MET C 1085 -28.24 -17.29 13.34
N PRO C 1086 -28.78 -16.26 12.69
CA PRO C 1086 -30.23 -16.19 12.46
C PRO C 1086 -30.70 -17.36 11.61
N TYR C 1087 -31.89 -17.86 11.92
CA TYR C 1087 -32.43 -19.04 11.26
C TYR C 1087 -33.84 -18.75 10.77
N ASP C 1088 -34.19 -19.30 9.62
CA ASP C 1088 -35.52 -19.13 9.06
C ASP C 1088 -36.49 -20.07 9.77
N GLU C 1089 -37.71 -20.18 9.25
CA GLU C 1089 -38.72 -21.02 9.91
C GLU C 1089 -38.30 -22.47 9.97
N ASN C 1090 -37.72 -22.99 8.90
CA ASN C 1090 -37.31 -24.40 8.86
C ASN C 1090 -36.07 -24.69 9.69
N GLY C 1091 -35.39 -23.67 10.21
CA GLY C 1091 -34.28 -23.87 11.10
C GLY C 1091 -32.90 -23.88 10.47
N THR C 1092 -32.79 -23.49 9.20
CA THR C 1092 -31.48 -23.44 8.56
C THR C 1092 -30.80 -22.12 8.88
N PRO C 1093 -29.68 -22.12 9.58
CA PRO C 1093 -28.99 -20.87 9.88
C PRO C 1093 -28.12 -20.40 8.72
N VAL C 1094 -28.03 -19.08 8.57
CA VAL C 1094 -27.25 -18.50 7.49
C VAL C 1094 -25.76 -18.75 7.73
N ASP C 1095 -24.98 -18.63 6.66
CA ASP C 1095 -23.55 -18.88 6.70
C ASP C 1095 -22.72 -17.60 6.77
N ILE C 1096 -23.14 -16.54 6.10
CA ILE C 1096 -22.45 -15.26 6.14
C ILE C 1096 -23.49 -14.17 6.36
N VAL C 1097 -23.15 -13.18 7.18
CA VAL C 1097 -24.01 -12.02 7.43
C VAL C 1097 -23.28 -10.77 6.97
N LEU C 1098 -23.92 -10.00 6.10
CA LEU C 1098 -23.32 -8.81 5.53
C LEU C 1098 -24.02 -7.56 6.04
N ASN C 1099 -23.42 -6.41 5.75
CA ASN C 1099 -23.97 -5.13 6.20
C ASN C 1099 -24.77 -4.48 5.09
N PRO C 1100 -26.06 -4.21 5.29
CA PRO C 1100 -26.83 -3.52 4.25
C PRO C 1100 -26.34 -2.12 3.95
N LEU C 1101 -25.62 -1.49 4.88
CA LEU C 1101 -25.20 -0.11 4.70
C LEU C 1101 -24.15 0.06 3.61
N GLY C 1102 -23.59 -1.03 3.10
CA GLY C 1102 -22.60 -0.93 2.03
C GLY C 1102 -23.17 -0.90 0.63
N VAL C 1103 -24.44 -1.24 0.46
CA VAL C 1103 -25.06 -1.28 -0.87
C VAL C 1103 -25.45 0.12 -1.36
N PRO C 1104 -26.29 0.88 -0.65
CA PRO C 1104 -26.82 2.12 -1.25
C PRO C 1104 -25.77 3.17 -1.55
N SER C 1105 -24.63 3.15 -0.88
CA SER C 1105 -23.60 4.15 -1.13
C SER C 1105 -22.60 3.71 -2.19
N ARG C 1106 -22.35 2.41 -2.32
CA ARG C 1106 -21.46 1.91 -3.35
C ARG C 1106 -22.19 1.53 -4.63
N MET C 1107 -23.52 1.51 -4.60
CA MET C 1107 -24.33 1.19 -5.77
C MET C 1107 -24.00 -0.20 -6.33
N ASN C 1108 -23.89 -1.17 -5.45
CA ASN C 1108 -23.71 -2.58 -5.84
C ASN C 1108 -25.07 -3.28 -5.85
N ILE C 1109 -25.85 -2.99 -6.88
CA ILE C 1109 -27.13 -3.68 -7.01
C ILE C 1109 -26.93 -5.11 -7.49
N GLY C 1110 -25.75 -5.43 -8.02
CA GLY C 1110 -25.47 -6.81 -8.37
C GLY C 1110 -25.53 -7.74 -7.17
N GLN C 1111 -25.16 -7.24 -5.99
CA GLN C 1111 -25.23 -8.04 -4.78
C GLN C 1111 -26.65 -8.52 -4.52
N ILE C 1112 -27.61 -7.60 -4.52
CA ILE C 1112 -28.98 -7.95 -4.14
C ILE C 1112 -29.63 -8.84 -5.19
N LEU C 1113 -29.47 -8.49 -6.47
CA LEU C 1113 -30.06 -9.30 -7.52
C LEU C 1113 -29.42 -10.69 -7.57
N GLU C 1114 -28.11 -10.76 -7.37
CA GLU C 1114 -27.45 -12.06 -7.33
C GLU C 1114 -27.93 -12.89 -6.15
N THR C 1115 -28.12 -12.27 -4.99
CA THR C 1115 -28.63 -13.03 -3.85
C THR C 1115 -30.03 -13.55 -4.11
N HIS C 1116 -30.91 -12.72 -4.68
CA HIS C 1116 -32.25 -13.20 -5.01
C HIS C 1116 -32.20 -14.34 -6.02
N LEU C 1117 -31.39 -14.20 -7.06
CA LEU C 1117 -31.33 -15.21 -8.10
C LEU C 1117 -30.69 -16.50 -7.59
N GLY C 1118 -29.66 -16.41 -6.75
CA GLY C 1118 -29.11 -17.59 -6.12
C GLY C 1118 -30.07 -18.25 -5.17
N MET C 1119 -30.89 -17.46 -4.47
CA MET C 1119 -31.93 -18.05 -3.63
C MET C 1119 -32.93 -18.82 -4.46
N ALA C 1120 -33.32 -18.28 -5.61
CA ALA C 1120 -34.21 -19.02 -6.50
C ALA C 1120 -33.57 -20.31 -6.99
N ALA C 1121 -32.30 -20.23 -7.41
CA ALA C 1121 -31.61 -21.42 -7.90
C ALA C 1121 -31.49 -22.48 -6.82
N LYS C 1122 -31.17 -22.07 -5.59
CA LYS C 1122 -31.06 -23.02 -4.50
C LYS C 1122 -32.42 -23.58 -4.09
N GLY C 1123 -33.48 -22.79 -4.24
CA GLY C 1123 -34.81 -23.33 -4.02
C GLY C 1123 -35.14 -24.43 -5.03
N ILE C 1124 -34.78 -24.21 -6.29
CA ILE C 1124 -34.98 -25.25 -7.30
C ILE C 1124 -34.14 -26.48 -6.98
N GLY C 1125 -32.88 -26.27 -6.59
CA GLY C 1125 -32.05 -27.40 -6.22
C GLY C 1125 -32.57 -28.17 -5.02
N ASP C 1126 -33.11 -27.45 -4.04
CA ASP C 1126 -33.69 -28.10 -2.87
C ASP C 1126 -34.95 -28.88 -3.24
N LYS C 1127 -35.76 -28.33 -4.15
CA LYS C 1127 -36.92 -29.08 -4.63
C LYS C 1127 -36.50 -30.38 -5.30
N ILE C 1128 -35.47 -30.31 -6.15
CA ILE C 1128 -35.00 -31.51 -6.83
C ILE C 1128 -34.40 -32.50 -5.83
N ASN C 1129 -33.68 -32.01 -4.83
CA ASN C 1129 -33.11 -32.89 -3.81
C ASN C 1129 -34.19 -33.58 -3.01
N ALA C 1130 -35.23 -32.84 -2.59
CA ALA C 1130 -36.33 -33.45 -1.86
C ALA C 1130 -37.06 -34.46 -2.74
N MET C 1131 -37.20 -34.15 -4.02
CA MET C 1131 -37.85 -35.08 -4.95
C MET C 1131 -37.05 -36.36 -5.09
N LEU C 1132 -35.72 -36.25 -5.14
CA LEU C 1132 -34.87 -37.44 -5.14
C LEU C 1132 -34.90 -38.17 -3.81
N LYS C 1133 -35.21 -37.48 -2.71
CA LYS C 1133 -35.27 -38.13 -1.41
C LYS C 1133 -36.41 -39.12 -1.34
N GLN C 1134 -37.53 -38.84 -2.01
CA GLN C 1134 -38.69 -39.73 -2.00
C GLN C 1134 -38.63 -40.77 -3.10
N GLN C 1135 -37.55 -40.80 -3.89
CA GLN C 1135 -37.39 -41.70 -5.05
C GLN C 1135 -38.70 -41.88 -5.82
N GLN C 1136 -39.21 -40.76 -6.33
CA GLN C 1136 -40.41 -40.81 -7.15
C GLN C 1136 -40.06 -41.25 -8.58
N GLU C 1137 -41.09 -41.36 -9.41
CA GLU C 1137 -40.92 -41.90 -10.75
C GLU C 1137 -40.07 -40.98 -11.62
N VAL C 1138 -39.46 -41.57 -12.64
CA VAL C 1138 -38.60 -40.82 -13.55
C VAL C 1138 -39.40 -39.77 -14.31
N ALA C 1139 -40.65 -40.10 -14.65
CA ALA C 1139 -41.47 -39.19 -15.45
C ALA C 1139 -41.72 -37.88 -14.73
N LYS C 1140 -42.04 -37.94 -13.43
CA LYS C 1140 -42.32 -36.72 -12.67
C LYS C 1140 -41.08 -35.85 -12.55
N LEU C 1141 -39.93 -36.47 -12.26
CA LEU C 1141 -38.68 -35.72 -12.17
C LEU C 1141 -38.34 -35.08 -13.50
N ARG C 1142 -38.50 -35.83 -14.60
CA ARG C 1142 -38.23 -35.29 -15.92
C ARG C 1142 -39.15 -34.12 -16.24
N GLU C 1143 -40.43 -34.24 -15.89
CA GLU C 1143 -41.38 -33.15 -16.13
C GLU C 1143 -40.99 -31.91 -15.33
N PHE C 1144 -40.59 -32.08 -14.08
CA PHE C 1144 -40.19 -30.93 -13.27
C PHE C 1144 -38.94 -30.27 -13.83
N ILE C 1145 -37.94 -31.06 -14.22
CA ILE C 1145 -36.73 -30.48 -14.79
C ILE C 1145 -37.05 -29.75 -16.08
N GLN C 1146 -37.92 -30.32 -16.91
CA GLN C 1146 -38.30 -29.67 -18.16
C GLN C 1146 -39.03 -28.35 -17.90
N ARG C 1147 -39.94 -28.34 -16.92
CA ARG C 1147 -40.66 -27.11 -16.63
C ARG C 1147 -39.78 -26.08 -15.95
N ALA C 1148 -38.68 -26.49 -15.33
CA ALA C 1148 -37.75 -25.55 -14.73
C ALA C 1148 -36.63 -25.13 -15.67
N TYR C 1149 -36.49 -25.78 -16.83
CA TYR C 1149 -35.44 -25.39 -17.76
C TYR C 1149 -35.92 -24.38 -18.79
N ASP C 1150 -37.17 -24.51 -19.25
CA ASP C 1150 -37.71 -23.64 -20.28
C ASP C 1150 -38.36 -22.40 -19.72
N LEU C 1151 -38.24 -22.14 -18.42
CA LEU C 1151 -38.81 -20.95 -17.81
C LEU C 1151 -37.99 -19.73 -18.16
N GLY C 1152 -38.69 -18.63 -18.46
CA GLY C 1152 -38.03 -17.38 -18.78
C GLY C 1152 -38.94 -16.53 -19.64
N ALA C 1153 -38.31 -15.66 -20.43
CA ALA C 1153 -39.01 -14.77 -21.35
C ALA C 1153 -38.25 -14.77 -22.67
N ASP C 1154 -38.67 -15.65 -23.58
CA ASP C 1154 -38.08 -15.76 -24.92
C ASP C 1154 -36.57 -15.99 -24.84
N VAL C 1155 -36.18 -16.90 -23.96
CA VAL C 1155 -34.79 -17.24 -23.76
C VAL C 1155 -34.31 -18.10 -24.93
N ARG C 1156 -33.03 -17.95 -25.28
CA ARG C 1156 -32.44 -18.78 -26.33
C ARG C 1156 -31.88 -20.08 -25.77
N GLN C 1157 -32.68 -20.79 -24.97
CA GLN C 1157 -32.29 -22.07 -24.39
C GLN C 1157 -33.32 -23.10 -24.80
N LYS C 1158 -32.95 -23.99 -25.70
CA LYS C 1158 -33.88 -24.96 -26.27
C LYS C 1158 -33.55 -26.38 -25.81
N VAL C 1159 -33.04 -26.53 -24.60
CA VAL C 1159 -32.80 -27.85 -24.05
C VAL C 1159 -34.13 -28.53 -23.78
N ASP C 1160 -34.15 -29.85 -23.89
CA ASP C 1160 -35.36 -30.62 -23.65
C ASP C 1160 -34.96 -32.03 -23.23
N LEU C 1161 -35.70 -32.56 -22.25
CA LEU C 1161 -35.41 -33.88 -21.71
C LEU C 1161 -36.09 -35.00 -22.48
N SER C 1162 -36.89 -34.68 -23.50
CA SER C 1162 -37.51 -35.71 -24.30
C SER C 1162 -36.46 -36.55 -25.03
N THR C 1163 -35.43 -35.90 -25.58
CA THR C 1163 -34.32 -36.58 -26.22
C THR C 1163 -33.26 -37.05 -25.22
N PHE C 1164 -33.58 -37.01 -23.93
CA PHE C 1164 -32.69 -37.46 -22.87
C PHE C 1164 -33.19 -38.81 -22.38
N SER C 1165 -32.31 -39.80 -22.36
CA SER C 1165 -32.69 -41.12 -21.90
C SER C 1165 -32.89 -41.11 -20.38
N ASP C 1166 -33.23 -42.29 -19.85
CA ASP C 1166 -33.56 -42.38 -18.43
C ASP C 1166 -32.33 -42.14 -17.57
N GLU C 1167 -31.21 -42.80 -17.88
CA GLU C 1167 -30.08 -42.83 -16.96
C GLU C 1167 -29.37 -41.48 -16.89
N GLU C 1168 -29.35 -40.73 -17.99
CA GLU C 1168 -28.69 -39.43 -17.94
C GLU C 1168 -29.56 -38.39 -17.24
N VAL C 1169 -30.87 -38.58 -17.24
CA VAL C 1169 -31.75 -37.68 -16.48
C VAL C 1169 -31.47 -37.81 -14.99
N MET C 1170 -31.33 -39.03 -14.50
CA MET C 1170 -30.99 -39.22 -13.10
C MET C 1170 -29.60 -38.68 -12.78
N ARG C 1171 -28.64 -38.88 -13.68
CA ARG C 1171 -27.31 -38.32 -13.46
C ARG C 1171 -27.35 -36.80 -13.41
N LEU C 1172 -28.09 -36.18 -14.32
CA LEU C 1172 -28.22 -34.73 -14.30
C LEU C 1172 -28.88 -34.25 -13.01
N ALA C 1173 -29.95 -34.91 -12.59
CA ALA C 1173 -30.67 -34.50 -11.39
C ALA C 1173 -29.81 -34.67 -10.14
N GLU C 1174 -29.01 -35.73 -10.07
CA GLU C 1174 -28.09 -35.89 -8.96
C GLU C 1174 -26.91 -34.95 -9.05
N ASN C 1175 -26.62 -34.42 -10.24
CA ASN C 1175 -25.54 -33.44 -10.37
C ASN C 1175 -25.98 -32.04 -10.00
N LEU C 1176 -27.26 -31.70 -10.18
CA LEU C 1176 -27.76 -30.37 -9.83
C LEU C 1176 -28.66 -30.40 -8.60
N ARG C 1177 -28.48 -31.37 -7.71
CA ARG C 1177 -29.26 -31.37 -6.48
C ARG C 1177 -28.79 -30.28 -5.51
N LYS C 1178 -27.52 -29.89 -5.60
CA LYS C 1178 -27.03 -28.80 -4.76
C LYS C 1178 -27.61 -27.47 -5.20
N GLY C 1179 -27.92 -27.33 -6.48
CA GLY C 1179 -28.51 -26.11 -7.00
C GLY C 1179 -28.43 -26.04 -8.51
N MET C 1180 -29.47 -25.51 -9.14
CA MET C 1180 -29.48 -25.39 -10.59
C MET C 1180 -28.54 -24.28 -11.02
N PRO C 1181 -27.39 -24.58 -11.61
CA PRO C 1181 -26.40 -23.54 -11.92
C PRO C 1181 -26.76 -22.75 -13.17
N ILE C 1182 -27.58 -21.71 -12.98
CA ILE C 1182 -28.01 -20.89 -14.10
C ILE C 1182 -26.91 -19.94 -14.50
N ALA C 1183 -27.05 -19.30 -15.67
CA ALA C 1183 -26.04 -18.39 -16.18
C ALA C 1183 -26.74 -17.22 -16.87
N THR C 1184 -26.45 -16.01 -16.39
CA THR C 1184 -26.97 -14.79 -17.00
C THR C 1184 -25.84 -14.08 -17.74
N PRO C 1185 -25.91 -13.91 -19.06
CA PRO C 1185 -24.84 -13.22 -19.78
C PRO C 1185 -24.67 -11.80 -19.27
N VAL C 1186 -23.57 -11.17 -19.71
CA VAL C 1186 -23.08 -9.95 -19.08
C VAL C 1186 -24.10 -8.82 -19.14
N PHE C 1187 -24.42 -8.35 -20.35
CA PHE C 1187 -25.23 -7.15 -20.50
C PHE C 1187 -26.66 -7.43 -20.95
N ASP C 1188 -27.02 -8.69 -21.17
CA ASP C 1188 -28.40 -9.05 -21.49
C ASP C 1188 -28.70 -10.39 -20.80
N GLY C 1189 -29.35 -10.30 -19.65
CA GLY C 1189 -29.58 -11.46 -18.82
C GLY C 1189 -30.92 -11.49 -18.13
N ALA C 1190 -30.98 -12.16 -16.98
CA ALA C 1190 -32.23 -12.30 -16.25
C ALA C 1190 -32.73 -10.95 -15.78
N LYS C 1191 -34.03 -10.73 -15.95
CA LYS C 1191 -34.69 -9.52 -15.47
C LYS C 1191 -35.33 -9.79 -14.12
N GLU C 1192 -35.86 -8.73 -13.50
CA GLU C 1192 -36.51 -8.88 -12.20
C GLU C 1192 -37.73 -9.78 -12.31
N ALA C 1193 -38.51 -9.65 -13.39
CA ALA C 1193 -39.67 -10.50 -13.57
C ALA C 1193 -39.27 -11.97 -13.70
N GLU C 1194 -38.20 -12.25 -14.45
CA GLU C 1194 -37.75 -13.63 -14.60
C GLU C 1194 -37.25 -14.20 -13.27
N ILE C 1195 -36.52 -13.40 -12.49
CA ILE C 1195 -36.10 -13.85 -11.17
C ILE C 1195 -37.29 -14.13 -10.28
N LYS C 1196 -38.31 -13.27 -10.33
CA LYS C 1196 -39.51 -13.49 -9.52
C LYS C 1196 -40.23 -14.76 -9.94
N GLU C 1197 -40.33 -15.02 -11.24
CA GLU C 1197 -40.94 -16.27 -11.70
C GLU C 1197 -40.14 -17.48 -11.25
N LEU C 1198 -38.81 -17.39 -11.31
CA LEU C 1198 -37.96 -18.49 -10.86
C LEU C 1198 -38.16 -18.74 -9.37
N LEU C 1199 -38.26 -17.67 -8.58
CA LEU C 1199 -38.51 -17.82 -7.15
C LEU C 1199 -39.88 -18.45 -6.90
N LYS C 1200 -40.89 -18.02 -7.65
CA LYS C 1200 -42.23 -18.57 -7.46
C LYS C 1200 -42.31 -20.02 -7.86
N LEU C 1201 -41.47 -20.45 -8.82
CA LEU C 1201 -41.46 -21.86 -9.21
C LEU C 1201 -41.02 -22.76 -8.08
N GLY C 1202 -40.13 -22.28 -7.21
CA GLY C 1202 -39.62 -23.05 -6.10
C GLY C 1202 -40.38 -22.89 -4.80
N ASP C 1203 -41.55 -22.27 -4.82
CA ASP C 1203 -42.36 -22.06 -3.62
C ASP C 1203 -41.59 -21.25 -2.57
N LEU C 1204 -41.17 -20.06 -2.97
CA LEU C 1204 -40.40 -19.14 -2.16
C LEU C 1204 -41.06 -17.77 -2.20
N PRO C 1205 -40.81 -16.93 -1.20
CA PRO C 1205 -41.37 -15.57 -1.25
C PRO C 1205 -40.86 -14.81 -2.45
N THR C 1206 -41.80 -14.20 -3.18
CA THR C 1206 -41.44 -13.51 -4.42
C THR C 1206 -40.56 -12.30 -4.15
N SER C 1207 -40.84 -11.54 -3.08
CA SER C 1207 -40.08 -10.34 -2.79
C SER C 1207 -38.63 -10.60 -2.46
N GLY C 1208 -38.26 -11.85 -2.19
CA GLY C 1208 -36.88 -12.19 -1.94
C GLY C 1208 -36.41 -11.99 -0.51
N GLN C 1209 -37.31 -11.75 0.42
CA GLN C 1209 -36.96 -11.57 1.82
C GLN C 1209 -37.77 -12.53 2.68
N ILE C 1210 -37.11 -13.10 3.69
CA ILE C 1210 -37.73 -14.08 4.57
C ILE C 1210 -37.70 -13.53 5.99
N ARG C 1211 -38.59 -14.07 6.83
CA ARG C 1211 -38.62 -13.71 8.24
C ARG C 1211 -37.53 -14.49 8.96
N LEU C 1212 -36.54 -13.77 9.47
CA LEU C 1212 -35.38 -14.37 10.12
C LEU C 1212 -35.52 -14.24 11.63
N TYR C 1213 -35.37 -15.34 12.34
CA TYR C 1213 -35.40 -15.34 13.80
C TYR C 1213 -33.99 -15.25 14.33
N ASP C 1214 -33.84 -14.54 15.46
CA ASP C 1214 -32.52 -14.40 16.07
C ASP C 1214 -32.08 -15.73 16.67
N GLY C 1215 -30.78 -16.00 16.60
CA GLY C 1215 -30.27 -17.26 17.10
C GLY C 1215 -30.13 -17.30 18.61
N ARG C 1216 -29.94 -16.14 19.24
CA ARG C 1216 -29.69 -16.08 20.67
C ARG C 1216 -30.97 -15.95 21.47
N THR C 1217 -31.73 -14.89 21.23
CA THR C 1217 -32.96 -14.65 21.95
C THR C 1217 -34.17 -15.30 21.30
N GLY C 1218 -34.06 -15.73 20.05
CA GLY C 1218 -35.18 -16.36 19.37
C GLY C 1218 -36.35 -15.45 19.10
N GLU C 1219 -36.14 -14.14 19.12
CA GLU C 1219 -37.20 -13.19 18.82
C GLU C 1219 -37.18 -12.85 17.34
N GLN C 1220 -38.36 -12.92 16.71
CA GLN C 1220 -38.48 -12.66 15.30
C GLN C 1220 -38.01 -11.24 14.96
N PHE C 1221 -37.17 -11.12 13.95
CA PHE C 1221 -36.75 -9.80 13.49
C PHE C 1221 -37.92 -9.09 12.82
N GLU C 1222 -38.10 -7.81 13.18
CA GLU C 1222 -39.31 -7.10 12.75
C GLU C 1222 -39.38 -6.98 11.24
N ARG C 1223 -38.34 -6.50 10.63
CA ARG C 1223 -38.48 -6.46 9.19
C ARG C 1223 -38.02 -7.78 8.57
N PRO C 1224 -38.57 -8.15 7.42
CA PRO C 1224 -38.00 -9.29 6.69
C PRO C 1224 -36.59 -8.98 6.21
N VAL C 1225 -35.77 -10.01 6.16
CA VAL C 1225 -34.35 -9.89 5.82
C VAL C 1225 -34.10 -10.61 4.51
N THR C 1226 -33.38 -9.95 3.60
CA THR C 1226 -33.08 -10.55 2.31
C THR C 1226 -32.03 -11.65 2.47
N VAL C 1227 -32.46 -12.89 2.27
CA VAL C 1227 -31.60 -14.06 2.40
C VAL C 1227 -31.39 -14.65 1.01
N GLY C 1228 -30.13 -14.90 0.66
CA GLY C 1228 -29.82 -15.47 -0.64
C GLY C 1228 -28.45 -16.09 -0.63
N TYR C 1229 -28.13 -16.80 -1.71
CA TYR C 1229 -26.87 -17.49 -1.84
C TYR C 1229 -25.95 -16.67 -2.74
N MET C 1230 -24.91 -16.09 -2.15
CA MET C 1230 -23.94 -15.30 -2.86
C MET C 1230 -22.61 -16.03 -2.94
N TYR C 1231 -21.89 -15.81 -4.04
CA TYR C 1231 -20.64 -16.49 -4.30
C TYR C 1231 -19.51 -15.68 -3.68
N MET C 1232 -18.95 -16.18 -2.57
CA MET C 1232 -17.94 -15.47 -1.81
C MET C 1232 -16.57 -16.08 -2.07
N LEU C 1233 -15.62 -15.24 -2.46
CA LEU C 1233 -14.25 -15.65 -2.74
C LEU C 1233 -13.37 -15.31 -1.54
N LYS C 1234 -12.34 -16.12 -1.33
CA LYS C 1234 -11.36 -15.86 -0.28
C LYS C 1234 -10.07 -15.38 -0.94
N LEU C 1235 -9.76 -14.10 -0.76
CA LEU C 1235 -8.62 -13.50 -1.42
C LEU C 1235 -7.32 -14.00 -0.81
N ASN C 1236 -6.19 -13.55 -1.38
CA ASN C 1236 -4.86 -14.02 -1.00
C ASN C 1236 -4.17 -13.05 -0.05
N HIS C 1237 -4.92 -12.39 0.83
CA HIS C 1237 -4.36 -11.49 1.84
C HIS C 1237 -4.72 -12.04 3.20
N LEU C 1238 -3.92 -12.97 3.70
CA LEU C 1238 -4.19 -13.66 4.95
C LEU C 1238 -3.38 -13.04 6.08
N VAL C 1239 -3.98 -12.97 7.26
CA VAL C 1239 -3.30 -12.38 8.41
C VAL C 1239 -2.07 -13.18 8.80
N ASP C 1240 -2.12 -14.51 8.65
CA ASP C 1240 -0.97 -15.35 8.98
C ASP C 1240 0.28 -14.84 8.27
N ASP C 1241 0.13 -14.19 7.12
CA ASP C 1241 1.24 -13.57 6.41
C ASP C 1241 1.32 -12.07 6.61
N LYS C 1242 0.48 -11.48 7.45
CA LYS C 1242 0.44 -10.03 7.61
C LYS C 1242 0.55 -9.59 9.06
N MET C 1243 1.14 -10.41 9.93
CA MET C 1243 1.47 -9.97 11.28
C MET C 1243 2.97 -9.93 11.46
N HIS C 1244 3.45 -8.91 12.16
CA HIS C 1244 4.85 -8.74 12.47
C HIS C 1244 4.95 -8.19 13.88
N ALA C 1245 6.06 -8.50 14.56
CA ALA C 1245 6.28 -8.01 15.91
C ALA C 1245 7.76 -8.11 16.22
N ARG C 1246 8.39 -6.99 16.52
CA ARG C 1246 9.82 -6.93 16.77
C ARG C 1246 10.08 -6.21 18.08
N SER C 1247 11.04 -6.70 18.85
CA SER C 1247 11.56 -6.00 20.02
C SER C 1247 13.02 -5.63 19.86
N THR C 1248 13.87 -6.59 19.50
CA THR C 1248 15.28 -6.32 19.23
C THR C 1248 15.77 -7.35 18.23
N GLY C 1249 16.00 -6.93 16.99
CA GLY C 1249 16.40 -7.85 15.95
C GLY C 1249 17.80 -7.59 15.42
N SER C 1250 17.89 -7.25 14.14
CA SER C 1250 19.16 -6.97 13.49
C SER C 1250 19.13 -5.58 12.87
N TYR C 1251 20.15 -4.79 13.15
CA TYR C 1251 20.28 -3.43 12.65
C TYR C 1251 21.24 -3.41 11.47
N SER C 1252 21.38 -2.24 10.86
CA SER C 1252 22.26 -2.04 9.72
C SER C 1252 23.53 -1.33 10.14
N LEU C 1253 24.61 -1.56 9.40
CA LEU C 1253 25.89 -0.95 9.75
C LEU C 1253 25.83 0.56 9.64
N VAL C 1254 25.18 1.09 8.61
CA VAL C 1254 25.03 2.52 8.42
C VAL C 1254 23.72 2.95 9.04
N THR C 1255 23.75 4.04 9.82
CA THR C 1255 22.62 4.65 10.50
C THR C 1255 22.14 3.82 11.69
N GLN C 1256 22.70 2.62 11.85
CA GLN C 1256 22.47 1.79 13.04
C GLN C 1256 20.98 1.63 13.38
N GLN C 1257 20.11 1.77 12.39
CA GLN C 1257 18.68 1.67 12.60
C GLN C 1257 18.20 0.25 12.34
N PRO C 1258 17.06 -0.14 12.90
CA PRO C 1258 16.54 -1.48 12.65
C PRO C 1258 16.17 -1.67 11.19
N LEU C 1259 16.27 -2.91 10.73
CA LEU C 1259 15.90 -3.24 9.36
C LEU C 1259 14.41 -3.04 9.15
N GLY C 1260 13.98 -3.23 7.91
CA GLY C 1260 12.58 -3.01 7.54
C GLY C 1260 11.98 -4.23 6.85
N GLY C 1261 10.73 -4.50 7.15
CA GLY C 1261 9.97 -5.51 6.45
C GLY C 1261 9.96 -6.84 7.18
N LYS C 1262 8.93 -7.64 6.90
CA LYS C 1262 8.85 -8.99 7.42
C LYS C 1262 9.89 -9.87 6.71
N ALA C 1263 10.04 -11.10 7.20
CA ALA C 1263 11.09 -12.02 6.78
C ALA C 1263 12.48 -11.48 7.07
N GLN C 1264 12.57 -10.35 7.77
CA GLN C 1264 13.84 -9.78 8.19
C GLN C 1264 13.79 -9.31 9.63
N PHE C 1265 12.68 -9.55 10.34
CA PHE C 1265 12.45 -9.03 11.69
C PHE C 1265 12.68 -7.52 11.74
N GLY C 1266 11.98 -6.80 10.85
CA GLY C 1266 12.07 -5.36 10.80
C GLY C 1266 11.11 -4.69 11.77
N GLY C 1267 11.20 -3.37 11.81
CA GLY C 1267 10.35 -2.56 12.66
C GLY C 1267 9.58 -1.55 11.83
N GLN C 1268 8.35 -1.26 12.26
CA GLN C 1268 7.52 -0.31 11.53
C GLN C 1268 8.16 1.07 11.54
N ARG C 1269 8.19 1.71 10.38
CA ARG C 1269 8.88 2.97 10.23
C ARG C 1269 8.03 4.11 10.77
N PHE C 1270 8.58 4.86 11.71
CA PHE C 1270 7.91 6.03 12.28
C PHE C 1270 8.11 7.18 11.32
N GLY C 1271 7.14 7.38 10.44
CA GLY C 1271 7.29 8.34 9.36
C GLY C 1271 7.24 9.77 9.84
N GLU C 1272 7.42 10.68 8.87
CA GLU C 1272 7.44 12.10 9.17
C GLU C 1272 6.09 12.56 9.72
N MET C 1273 5.01 12.10 9.12
CA MET C 1273 3.68 12.51 9.57
C MET C 1273 3.42 12.07 11.00
N GLU C 1274 3.91 10.89 11.37
CA GLU C 1274 3.73 10.41 12.74
C GLU C 1274 4.43 11.33 13.74
N VAL C 1275 5.64 11.78 13.42
CA VAL C 1275 6.35 12.68 14.31
C VAL C 1275 5.65 14.04 14.36
N TRP C 1276 5.09 14.48 13.24
CA TRP C 1276 4.30 15.71 13.27
C TRP C 1276 3.12 15.57 14.21
N ALA C 1277 2.43 14.43 14.16
CA ALA C 1277 1.32 14.21 15.09
C ALA C 1277 1.79 14.15 16.54
N LEU C 1278 2.96 13.55 16.78
CA LEU C 1278 3.51 13.54 18.13
C LEU C 1278 3.77 14.96 18.62
N GLU C 1279 4.35 15.80 17.76
CA GLU C 1279 4.59 17.19 18.13
C GLU C 1279 3.27 17.91 18.39
N ALA C 1280 2.26 17.64 17.57
CA ALA C 1280 0.96 18.29 17.74
C ALA C 1280 0.35 17.92 19.08
N TYR C 1281 0.47 16.66 19.48
CA TYR C 1281 -0.02 16.25 20.79
C TYR C 1281 0.71 16.94 21.94
N GLY C 1282 1.90 17.46 21.68
CA GLY C 1282 2.75 17.95 22.75
C GLY C 1282 3.56 16.87 23.45
N ALA C 1283 3.45 15.63 23.01
CA ALA C 1283 4.19 14.52 23.61
C ALA C 1283 5.64 14.60 23.15
N ALA C 1284 6.53 14.99 24.07
CA ALA C 1284 7.94 15.18 23.76
C ALA C 1284 8.82 14.03 24.22
N TYR C 1285 8.52 13.42 25.37
CA TYR C 1285 9.33 12.31 25.85
C TYR C 1285 9.13 11.08 24.97
N THR C 1286 7.90 10.84 24.51
CA THR C 1286 7.69 9.76 23.55
C THR C 1286 8.47 10.01 22.28
N LEU C 1287 8.50 11.25 21.80
CA LEU C 1287 9.27 11.59 20.62
C LEU C 1287 10.76 11.34 20.84
N GLN C 1288 11.29 11.75 22.00
CA GLN C 1288 12.70 11.55 22.27
C GLN C 1288 13.06 10.08 22.35
N GLU C 1289 12.23 9.27 23.02
CA GLU C 1289 12.52 7.85 23.13
C GLU C 1289 12.35 7.14 21.80
N MET C 1290 11.50 7.67 20.91
CA MET C 1290 11.30 7.07 19.61
C MET C 1290 12.31 7.55 18.59
N LEU C 1291 13.06 8.61 18.91
CA LEU C 1291 14.08 9.15 18.03
C LEU C 1291 15.49 8.72 18.38
N THR C 1292 15.76 8.42 19.66
CA THR C 1292 17.10 8.09 20.09
C THR C 1292 17.23 6.65 20.59
N VAL C 1293 16.46 6.28 21.61
CA VAL C 1293 16.75 5.03 22.32
C VAL C 1293 16.21 3.81 21.59
N LYS C 1294 15.30 3.99 20.65
CA LYS C 1294 14.75 2.86 19.91
C LYS C 1294 15.45 2.61 18.59
N SER C 1295 16.05 3.63 18.00
CA SER C 1295 16.55 3.54 16.64
C SER C 1295 18.06 3.64 16.53
N ASP C 1296 18.67 4.72 17.01
CA ASP C 1296 20.04 5.05 16.62
C ASP C 1296 21.02 5.23 17.77
N ASP C 1297 20.59 5.05 19.02
CA ASP C 1297 21.50 5.17 20.15
C ASP C 1297 22.14 3.81 20.40
N VAL C 1298 23.41 3.67 20.02
CA VAL C 1298 24.08 2.37 20.17
C VAL C 1298 24.18 1.98 21.63
N ASN C 1299 24.62 2.92 22.47
CA ASN C 1299 24.66 2.66 23.91
C ASN C 1299 23.30 2.83 24.58
N GLY C 1300 22.46 3.72 24.04
CA GLY C 1300 21.15 3.92 24.64
C GLY C 1300 20.28 2.68 24.59
N ARG C 1301 20.32 1.95 23.48
CA ARG C 1301 19.53 0.72 23.37
C ARG C 1301 19.91 -0.27 24.47
N THR C 1302 21.20 -0.56 24.61
CA THR C 1302 21.64 -1.52 25.60
C THR C 1302 21.35 -1.02 27.01
N LYS C 1303 21.57 0.27 27.28
CA LYS C 1303 21.30 0.81 28.61
C LYS C 1303 19.83 0.67 28.95
N MET C 1304 18.94 0.98 28.01
CA MET C 1304 17.52 0.97 28.33
C MET C 1304 16.98 -0.45 28.41
N TYR C 1305 17.54 -1.37 27.61
CA TYR C 1305 17.23 -2.78 27.78
C TYR C 1305 17.61 -3.27 29.17
N LYS C 1306 18.81 -2.90 29.63
CA LYS C 1306 19.22 -3.28 30.97
C LYS C 1306 18.30 -2.66 32.02
N ASN C 1307 17.91 -1.40 31.82
CA ASN C 1307 17.03 -0.74 32.77
C ASN C 1307 15.67 -1.42 32.85
N ILE C 1308 15.14 -1.85 31.70
CA ILE C 1308 13.85 -2.54 31.70
C ILE C 1308 13.96 -3.90 32.37
N VAL C 1309 15.03 -4.64 32.06
CA VAL C 1309 15.21 -5.96 32.68
C VAL C 1309 15.34 -5.81 34.19
N ASP C 1310 16.10 -4.81 34.64
CA ASP C 1310 16.14 -4.51 36.07
C ASP C 1310 14.78 -4.05 36.56
N GLY C 1311 14.08 -3.26 35.76
CA GLY C 1311 12.77 -2.75 36.13
C GLY C 1311 12.81 -1.29 36.55
N ASN C 1312 13.62 -0.50 35.84
CA ASN C 1312 13.85 0.89 36.20
C ASN C 1312 12.99 1.86 35.38
N HIS C 1313 12.77 1.59 34.11
CA HIS C 1313 11.99 2.45 33.22
C HIS C 1313 12.56 3.88 33.20
N GLN C 1314 13.88 3.97 33.18
CA GLN C 1314 14.58 5.25 33.16
C GLN C 1314 15.02 5.56 31.74
N MET C 1315 14.95 6.84 31.37
CA MET C 1315 15.21 7.24 29.99
C MET C 1315 16.68 7.05 29.62
N GLU C 1316 17.57 7.80 30.29
CA GLU C 1316 19.01 7.80 30.00
C GLU C 1316 19.26 7.86 28.50
N PRO C 1317 18.99 8.99 27.85
CA PRO C 1317 19.13 9.07 26.40
C PRO C 1317 20.54 9.48 25.98
N GLY C 1318 20.69 9.70 24.68
CA GLY C 1318 22.00 10.02 24.15
C GLY C 1318 21.98 10.76 22.83
N MET C 1319 22.85 10.36 21.91
CA MET C 1319 23.07 11.06 20.66
C MET C 1319 22.94 10.07 19.51
N PRO C 1320 21.98 10.25 18.60
CA PRO C 1320 21.77 9.26 17.54
C PRO C 1320 22.98 9.10 16.64
N GLU C 1321 23.18 7.87 16.18
CA GLU C 1321 24.25 7.61 15.22
C GLU C 1321 23.96 8.20 13.85
N SER C 1322 22.69 8.41 13.52
CA SER C 1322 22.35 8.96 12.20
C SER C 1322 22.89 10.38 12.05
N PHE C 1323 22.80 11.20 13.11
CA PHE C 1323 23.32 12.55 13.01
C PHE C 1323 24.84 12.55 12.92
N ASN C 1324 25.50 11.62 13.61
CA ASN C 1324 26.96 11.51 13.48
C ASN C 1324 27.34 11.09 12.07
N VAL C 1325 26.58 10.20 11.45
CA VAL C 1325 26.83 9.83 10.06
C VAL C 1325 26.64 11.04 9.16
N LEU C 1326 25.60 11.83 9.39
CA LEU C 1326 25.38 13.03 8.59
C LEU C 1326 26.51 14.03 8.76
N LEU C 1327 27.00 14.20 9.99
CA LEU C 1327 28.11 15.10 10.23
C LEU C 1327 29.37 14.63 9.51
N LYS C 1328 29.65 13.32 9.57
CA LYS C 1328 30.81 12.80 8.85
C LYS C 1328 30.64 12.99 7.35
N GLU C 1329 29.43 12.80 6.83
CA GLU C 1329 29.18 12.98 5.41
C GLU C 1329 29.43 14.42 4.98
N ILE C 1330 28.90 15.38 5.74
CA ILE C 1330 29.09 16.78 5.38
C ILE C 1330 30.56 17.17 5.52
N ARG C 1331 31.22 16.71 6.58
CA ARG C 1331 32.65 16.99 6.74
C ARG C 1331 33.46 16.38 5.60
N SER C 1332 32.98 15.29 5.00
CA SER C 1332 33.67 14.71 3.86
C SER C 1332 33.64 15.63 2.66
N LEU C 1333 32.72 16.58 2.61
CA LEU C 1333 32.74 17.63 1.59
C LEU C 1333 33.69 18.73 2.05
N GLY C 1334 33.63 19.88 1.39
CA GLY C 1334 34.46 20.99 1.82
C GLY C 1334 33.90 21.81 2.95
N ILE C 1335 32.76 21.41 3.51
CA ILE C 1335 32.08 22.18 4.54
C ILE C 1335 32.41 21.57 5.90
N ASN C 1336 32.74 22.43 6.86
CA ASN C 1336 33.09 22.01 8.21
C ASN C 1336 31.91 22.27 9.13
N ILE C 1337 31.42 21.23 9.78
CA ILE C 1337 30.36 21.33 10.77
C ILE C 1337 30.84 20.75 12.09
N GLU C 1338 30.67 21.49 13.17
CA GLU C 1338 31.06 21.04 14.50
C GLU C 1338 29.99 21.45 15.49
N LEU C 1339 30.01 20.83 16.66
CA LEU C 1339 29.05 21.11 17.71
C LEU C 1339 29.72 22.02 18.75
N GLU C 1340 29.19 23.23 18.88
CA GLU C 1340 29.73 24.16 19.86
C GLU C 1340 29.34 23.73 21.27
N ASP C 1341 30.15 24.14 22.24
CA ASP C 1341 29.89 23.82 23.64
C ASP C 1341 28.79 24.70 24.20
N LEU D 1 46.69 1.88 34.81
CA LEU D 1 46.43 2.33 33.44
C LEU D 1 45.15 1.69 32.90
N LEU D 2 44.30 1.21 33.81
CA LEU D 2 43.05 0.58 33.42
C LEU D 2 41.86 1.36 33.95
N LYS D 3 40.66 0.79 33.81
CA LYS D 3 39.41 1.44 34.19
C LYS D 3 39.26 2.78 33.48
N PHE D 4 39.24 2.70 32.14
CA PHE D 4 39.06 3.85 31.28
C PHE D 4 37.76 3.69 30.50
N LEU D 5 36.97 4.76 30.47
CA LEU D 5 35.66 4.75 29.84
C LEU D 5 35.66 5.79 28.72
N LYS D 6 35.39 5.34 27.50
CA LYS D 6 35.32 6.21 26.34
C LYS D 6 33.99 6.16 25.61
N ALA D 7 33.24 5.06 25.72
CA ALA D 7 31.94 4.99 25.07
C ALA D 7 30.91 5.86 25.78
N GLN D 8 30.89 5.81 27.12
CA GLN D 8 29.93 6.62 27.86
C GLN D 8 30.31 8.10 27.83
N THR D 9 31.60 8.40 27.96
CA THR D 9 32.04 9.79 27.94
C THR D 9 31.98 10.40 26.54
N LYS D 10 31.75 9.60 25.51
CA LYS D 10 31.62 10.14 24.16
C LYS D 10 30.43 11.09 24.04
N THR D 11 29.40 10.91 24.85
CA THR D 11 28.27 11.83 24.88
C THR D 11 28.69 13.07 25.65
N GLU D 12 28.89 14.17 24.93
CA GLU D 12 29.34 15.42 25.52
C GLU D 12 28.29 16.50 25.35
N GLU D 13 28.27 17.44 26.30
CA GLU D 13 27.33 18.55 26.22
C GLU D 13 27.65 19.43 25.03
N PHE D 14 26.61 19.98 24.42
CA PHE D 14 26.78 20.81 23.22
C PHE D 14 25.57 21.70 23.06
N ASP D 15 25.68 22.66 22.16
CA ASP D 15 24.60 23.57 21.81
C ASP D 15 25.04 24.42 20.64
N ALA D 16 24.08 24.83 19.81
CA ALA D 16 24.29 25.79 18.73
C ALA D 16 25.33 25.27 17.73
N ILE D 17 24.92 24.23 17.01
CA ILE D 17 25.72 23.68 15.90
C ILE D 17 26.21 24.82 15.02
N LYS D 18 27.49 24.80 14.69
CA LYS D 18 28.12 25.83 13.87
C LYS D 18 28.64 25.24 12.58
N ILE D 19 28.42 25.94 11.47
CA ILE D 19 28.83 25.50 10.14
C ILE D 19 29.73 26.56 9.53
N ALA D 20 30.80 26.13 8.88
CA ALA D 20 31.74 27.06 8.24
C ALA D 20 32.55 26.27 7.22
N LEU D 21 33.30 27.01 6.40
CA LEU D 21 34.16 26.39 5.42
C LEU D 21 35.33 25.67 6.09
N ALA D 22 35.84 24.65 5.41
CA ALA D 22 36.90 23.80 5.94
C ALA D 22 38.23 24.19 5.32
N SER D 23 39.20 24.51 6.16
CA SER D 23 40.54 24.84 5.72
C SER D 23 41.33 23.58 5.39
N PRO D 24 42.27 23.65 4.45
CA PRO D 24 43.13 22.49 4.18
C PRO D 24 43.89 22.02 5.41
N ASP D 25 44.38 22.95 6.24
CA ASP D 25 44.99 22.56 7.50
C ASP D 25 43.96 21.90 8.42
N MET D 26 42.75 22.45 8.46
CA MET D 26 41.69 21.85 9.26
C MET D 26 41.32 20.48 8.73
N ILE D 27 41.29 20.31 7.40
CA ILE D 27 41.01 19.00 6.83
C ILE D 27 42.09 18.00 7.22
N ARG D 28 43.36 18.44 7.16
CA ARG D 28 44.45 17.57 7.60
C ARG D 28 44.32 17.23 9.08
N SER D 29 43.76 18.16 9.88
CA SER D 29 43.56 17.87 11.30
C SER D 29 42.57 16.73 11.49
N TRP D 30 41.48 16.71 10.72
CA TRP D 30 40.53 15.60 10.81
C TRP D 30 41.17 14.29 10.40
N SER D 31 41.93 14.31 9.31
CA SER D 31 42.52 13.09 8.78
C SER D 31 43.63 12.57 9.68
N PHE D 32 43.71 11.25 9.82
CA PHE D 32 44.77 10.61 10.58
C PHE D 32 45.77 9.89 9.69
N GLY D 33 45.78 10.19 8.39
CA GLY D 33 46.75 9.55 7.51
C GLY D 33 46.55 9.95 6.07
N GLU D 34 46.91 9.01 5.19
CA GLU D 34 46.93 9.26 3.76
C GLU D 34 46.27 8.10 3.02
N VAL D 35 45.83 8.37 1.79
CA VAL D 35 45.35 7.33 0.88
C VAL D 35 46.02 7.56 -0.45
N LYS D 36 46.75 6.55 -0.94
CA LYS D 36 47.50 6.66 -2.18
C LYS D 36 47.24 5.55 -3.18
N LYS D 37 46.50 4.50 -2.80
CA LYS D 37 46.25 3.38 -3.69
C LYS D 37 44.77 3.31 -4.03
N PRO D 38 44.40 2.90 -5.25
CA PRO D 38 42.98 2.85 -5.60
C PRO D 38 42.35 1.48 -5.41
N GLU D 39 43.06 0.52 -4.84
CA GLU D 39 42.46 -0.77 -4.52
C GLU D 39 41.76 -0.70 -3.17
N THR D 40 40.81 -1.60 -2.97
CA THR D 40 40.05 -1.67 -1.72
C THR D 40 40.54 -2.79 -0.82
N ILE D 41 40.55 -4.02 -1.33
CA ILE D 41 41.05 -5.17 -0.57
C ILE D 41 41.80 -6.09 -1.52
N ASN D 42 42.80 -6.78 -0.99
CA ASN D 42 43.57 -7.76 -1.75
C ASN D 42 42.99 -9.15 -1.49
N TYR D 43 42.53 -9.79 -2.55
CA TYR D 43 41.92 -11.11 -2.43
C TYR D 43 42.92 -12.21 -2.09
N ARG D 44 44.22 -11.92 -2.15
CA ARG D 44 45.22 -12.93 -1.80
C ARG D 44 45.14 -13.31 -0.33
N THR D 45 44.75 -12.39 0.54
CA THR D 45 44.62 -12.66 1.96
C THR D 45 43.28 -12.25 2.54
N PHE D 46 42.36 -11.72 1.71
CA PHE D 46 41.06 -11.26 2.18
C PHE D 46 41.21 -10.25 3.32
N LYS D 47 42.15 -9.34 3.17
CA LYS D 47 42.48 -8.36 4.19
C LYS D 47 42.54 -6.98 3.56
N PRO D 48 42.31 -5.92 4.36
CA PRO D 48 42.41 -4.56 3.82
C PRO D 48 43.82 -4.24 3.36
N GLU D 49 43.90 -3.35 2.36
CA GLU D 49 45.17 -2.99 1.77
C GLU D 49 46.01 -2.16 2.75
N ARG D 50 47.17 -1.72 2.29
CA ARG D 50 48.10 -0.98 3.13
C ARG D 50 47.81 0.53 3.09
N ASP D 51 47.66 1.08 1.89
CA ASP D 51 47.36 2.49 1.69
C ASP D 51 46.19 2.67 0.73
N GLY D 52 45.20 1.80 0.83
CA GLY D 52 44.02 1.86 0.00
C GLY D 52 42.89 2.65 0.65
N LEU D 53 41.72 2.59 0.00
CA LEU D 53 40.54 3.25 0.57
C LEU D 53 40.16 2.62 1.90
N PHE D 54 40.22 1.29 1.99
CA PHE D 54 39.97 0.57 3.23
C PHE D 54 41.29 -0.04 3.66
N CYS D 55 41.98 0.61 4.60
CA CYS D 55 43.27 0.13 5.09
C CYS D 55 43.20 -0.05 6.59
N ALA D 56 44.35 -0.41 7.17
CA ALA D 56 44.44 -0.66 8.60
C ALA D 56 45.39 0.28 9.33
N ARG D 57 46.39 0.85 8.64
CA ARG D 57 47.28 1.80 9.29
C ARG D 57 46.50 3.01 9.79
N ILE D 58 45.57 3.51 8.99
CA ILE D 58 44.62 4.52 9.42
C ILE D 58 43.24 3.88 9.40
N PHE D 59 42.23 4.63 9.83
CA PHE D 59 40.84 4.19 9.96
C PHE D 59 40.65 3.19 11.10
N GLY D 60 41.71 2.79 11.80
CA GLY D 60 41.61 1.87 12.90
C GLY D 60 41.67 0.42 12.45
N PRO D 61 41.53 -0.50 13.41
CA PRO D 61 41.61 -1.93 13.08
C PRO D 61 40.38 -2.43 12.34
N VAL D 62 40.36 -3.73 12.04
CA VAL D 62 39.28 -4.33 11.28
C VAL D 62 38.49 -5.32 12.13
N LYS D 63 39.16 -6.12 12.94
CA LYS D 63 38.52 -7.20 13.70
C LYS D 63 38.81 -7.00 15.19
N ASP D 64 37.86 -6.39 15.89
CA ASP D 64 37.90 -6.23 17.35
C ASP D 64 39.20 -5.58 17.84
N TYR D 65 39.73 -6.08 18.95
CA TYR D 65 40.96 -5.59 19.54
C TYR D 65 42.20 -6.29 18.99
N GLU D 66 42.09 -6.88 17.80
CA GLU D 66 43.22 -7.56 17.17
C GLU D 66 43.85 -6.69 16.10
N CYS D 67 45.16 -6.48 16.21
CA CYS D 67 45.93 -5.76 15.21
C CYS D 67 46.39 -6.70 14.10
N LEU D 68 46.85 -6.12 13.00
CA LEU D 68 47.29 -6.92 11.86
C LEU D 68 48.55 -7.71 12.21
N CYS D 69 48.72 -8.83 11.52
CA CYS D 69 49.82 -9.78 11.68
C CYS D 69 49.80 -10.51 13.02
N GLY D 70 48.83 -10.23 13.88
CA GLY D 70 48.74 -10.92 15.15
C GLY D 70 49.84 -10.62 16.13
N LYS D 71 50.55 -9.51 15.94
CA LYS D 71 51.64 -9.17 16.87
C LYS D 71 51.09 -8.75 18.23
N TYR D 72 50.03 -7.94 18.24
CA TYR D 72 49.39 -7.46 19.47
C TYR D 72 47.88 -7.59 19.28
N LYS D 73 47.30 -8.71 19.73
CA LYS D 73 45.86 -8.94 19.64
C LYS D 73 45.35 -9.37 21.01
N ARG D 74 45.11 -8.39 21.89
CA ARG D 74 44.59 -8.65 23.23
C ARG D 74 44.05 -7.34 23.79
N LEU D 75 43.53 -7.43 25.02
CA LEU D 75 43.20 -6.24 25.80
C LEU D 75 44.29 -5.86 26.80
N LYS D 76 45.40 -6.58 26.83
CA LYS D 76 46.53 -6.16 27.65
C LYS D 76 47.19 -4.92 27.04
N HIS D 77 47.04 -4.75 25.73
CA HIS D 77 47.64 -3.61 25.03
C HIS D 77 46.55 -2.61 24.66
N ARG D 78 46.77 -1.35 25.01
CA ARG D 78 45.84 -0.27 24.69
C ARG D 78 46.61 0.86 24.03
N GLY D 79 46.13 1.29 22.87
CA GLY D 79 46.73 2.43 22.19
C GLY D 79 48.18 2.25 21.81
N VAL D 80 48.56 1.07 21.33
CA VAL D 80 49.94 0.77 20.98
C VAL D 80 50.04 0.65 19.46
N ILE D 81 51.23 0.93 18.94
CA ILE D 81 51.51 0.84 17.51
C ILE D 81 52.47 -0.31 17.28
N CYS D 82 52.04 -1.29 16.51
CA CYS D 82 52.92 -2.41 16.16
C CYS D 82 54.04 -1.93 15.26
N GLU D 83 55.24 -2.51 15.45
CA GLU D 83 56.38 -2.12 14.64
C GLU D 83 56.19 -2.48 13.18
N LYS D 84 55.65 -3.67 12.90
CA LYS D 84 55.49 -4.10 11.53
C LYS D 84 54.34 -3.38 10.84
N CYS D 85 53.23 -3.17 11.55
CA CYS D 85 52.05 -2.55 10.97
C CYS D 85 51.57 -1.43 11.88
N GLY D 86 51.21 -0.29 11.27
CA GLY D 86 50.83 0.89 12.01
C GLY D 86 49.44 0.88 12.60
N VAL D 87 48.70 -0.23 12.46
CA VAL D 87 47.35 -0.30 13.00
C VAL D 87 47.40 -0.21 14.52
N GLU D 88 46.55 0.65 15.08
CA GLU D 88 46.44 0.81 16.52
C GLU D 88 45.32 -0.07 17.05
N VAL D 89 45.48 -0.54 18.28
CA VAL D 89 44.46 -1.38 18.91
C VAL D 89 43.31 -0.50 19.37
N THR D 90 42.09 -0.85 18.97
CA THR D 90 40.89 -0.16 19.43
C THR D 90 39.71 -1.12 19.30
N GLN D 91 38.51 -0.62 19.60
CA GLN D 91 37.29 -1.41 19.69
C GLN D 91 36.56 -1.54 18.36
N THR D 92 37.25 -1.32 17.25
CA THR D 92 36.83 -1.48 15.84
C THR D 92 35.55 -0.72 15.54
N LYS D 93 35.08 0.08 16.48
CA LYS D 93 33.99 1.01 16.23
C LYS D 93 34.50 2.37 15.78
N VAL D 94 35.82 2.57 15.75
CA VAL D 94 36.40 3.81 15.27
C VAL D 94 36.50 3.86 13.75
N ARG D 95 36.08 2.80 13.06
CA ARG D 95 35.97 2.85 11.61
C ARG D 95 34.88 3.80 11.16
N ARG D 96 34.03 4.26 12.08
CA ARG D 96 32.97 5.21 11.77
C ARG D 96 33.36 6.65 12.05
N GLU D 97 34.59 6.91 12.49
CA GLU D 97 35.01 8.25 12.88
C GLU D 97 36.24 8.74 12.14
N ARG D 98 37.22 7.88 11.90
CA ARG D 98 38.45 8.32 11.25
C ARG D 98 38.19 8.64 9.78
N MET D 99 38.71 9.79 9.33
CA MET D 99 38.32 10.35 8.04
C MET D 99 39.33 10.09 6.93
N GLY D 100 40.57 10.54 7.10
CA GLY D 100 41.56 10.43 6.05
C GLY D 100 41.40 11.50 4.99
N HIS D 101 42.47 11.69 4.22
CA HIS D 101 42.49 12.70 3.17
C HIS D 101 43.30 12.21 1.98
N ILE D 102 43.16 12.92 0.86
CA ILE D 102 43.99 12.71 -0.32
C ILE D 102 44.41 14.07 -0.86
N GLU D 103 45.69 14.22 -1.18
CA GLU D 103 46.16 15.45 -1.81
C GLU D 103 46.06 15.32 -3.33
N LEU D 104 45.50 16.34 -3.96
CA LEU D 104 45.24 16.33 -5.39
C LEU D 104 46.45 16.75 -6.22
N ALA D 105 47.50 17.27 -5.58
CA ALA D 105 48.73 17.70 -6.24
C ALA D 105 48.48 18.82 -7.23
N SER D 106 47.25 19.32 -7.27
CA SER D 106 46.83 20.42 -8.14
C SER D 106 45.47 20.91 -7.67
N PRO D 107 45.27 22.23 -7.58
CA PRO D 107 44.01 22.74 -7.02
C PRO D 107 42.86 22.53 -8.00
N THR D 108 41.78 21.94 -7.51
CA THR D 108 40.56 21.73 -8.27
C THR D 108 39.42 22.51 -7.62
N ALA D 109 38.34 22.67 -8.38
CA ALA D 109 37.25 23.54 -7.99
C ALA D 109 36.10 22.75 -7.39
N HIS D 110 35.46 23.33 -6.38
CA HIS D 110 34.30 22.73 -5.75
C HIS D 110 33.03 23.10 -6.50
N ILE D 111 32.18 22.10 -6.76
CA ILE D 111 30.95 22.34 -7.50
C ILE D 111 29.87 22.97 -6.64
N TRP D 112 30.00 22.90 -5.32
CA TRP D 112 29.06 23.59 -4.44
C TRP D 112 29.05 25.09 -4.70
N PHE D 113 30.23 25.70 -4.81
CA PHE D 113 30.33 27.13 -4.96
C PHE D 113 30.41 27.58 -6.40
N LEU D 114 30.72 26.67 -7.32
CA LEU D 114 30.83 27.05 -8.73
C LEU D 114 29.49 26.94 -9.44
N LYS D 115 28.89 25.74 -9.45
CA LYS D 115 27.70 25.46 -10.24
C LYS D 115 26.48 25.51 -9.34
N SER D 116 25.97 26.71 -9.13
CA SER D 116 24.67 26.94 -8.51
C SER D 116 24.17 28.28 -9.01
N LEU D 117 22.85 28.42 -9.10
CA LEU D 117 22.28 29.63 -9.68
C LEU D 117 22.78 30.91 -9.01
N PRO D 118 22.84 31.02 -7.68
CA PRO D 118 23.61 32.13 -7.09
C PRO D 118 25.06 31.72 -6.85
N SER D 119 25.83 31.62 -7.94
CA SER D 119 27.21 31.15 -7.84
C SER D 119 28.04 32.08 -6.96
N ARG D 120 28.72 31.50 -5.98
CA ARG D 120 29.49 32.32 -5.04
C ARG D 120 30.72 32.92 -5.70
N ILE D 121 31.48 32.10 -6.44
CA ILE D 121 32.64 32.62 -7.15
C ILE D 121 32.19 33.50 -8.33
N GLY D 122 30.98 33.28 -8.83
CA GLY D 122 30.50 34.07 -9.95
C GLY D 122 30.33 35.54 -9.59
N LEU D 123 29.62 35.81 -8.49
CA LEU D 123 29.38 37.18 -8.07
C LEU D 123 30.48 37.75 -7.20
N LEU D 124 31.40 36.91 -6.71
CA LEU D 124 32.54 37.42 -5.97
C LEU D 124 33.57 38.07 -6.90
N LEU D 125 33.72 37.51 -8.10
CA LEU D 125 34.74 37.95 -9.04
C LEU D 125 34.20 38.93 -10.09
N ASP D 126 32.91 39.26 -10.04
CA ASP D 126 32.27 40.17 -11.00
C ASP D 126 32.45 39.68 -12.44
N MET D 127 32.41 38.37 -12.64
CA MET D 127 32.46 37.76 -13.96
C MET D 127 31.36 36.71 -14.05
N PRO D 128 30.84 36.45 -15.25
CA PRO D 128 29.70 35.54 -15.38
C PRO D 128 30.11 34.09 -15.25
N LEU D 129 29.09 33.23 -15.09
CA LEU D 129 29.33 31.81 -14.88
C LEU D 129 29.97 31.17 -16.10
N ARG D 130 29.59 31.61 -17.30
CA ARG D 130 30.15 31.03 -18.52
C ARG D 130 31.66 31.22 -18.57
N ASP D 131 32.13 32.43 -18.25
CA ASP D 131 33.56 32.70 -18.31
C ASP D 131 34.32 31.89 -17.27
N ILE D 132 33.83 31.84 -16.04
CA ILE D 132 34.54 31.13 -14.97
C ILE D 132 34.52 29.63 -15.24
N GLU D 133 33.50 29.12 -15.92
CA GLU D 133 33.52 27.72 -16.33
C GLU D 133 34.47 27.49 -17.50
N ARG D 134 34.60 28.47 -18.39
CA ARG D 134 35.50 28.32 -19.53
C ARG D 134 36.96 28.29 -19.10
N VAL D 135 37.37 29.24 -18.25
CA VAL D 135 38.75 29.25 -17.78
C VAL D 135 39.07 28.02 -16.95
N LEU D 136 38.07 27.47 -16.25
CA LEU D 136 38.30 26.31 -15.40
C LEU D 136 38.73 25.08 -16.20
N TYR D 137 38.25 24.95 -17.43
CA TYR D 137 38.57 23.81 -18.29
C TYR D 137 39.63 24.14 -19.32
N PHE D 138 40.48 25.12 -19.02
CA PHE D 138 41.69 25.44 -19.79
C PHE D 138 41.38 25.91 -21.21
N GLU D 139 40.13 26.22 -21.52
CA GLU D 139 39.80 26.69 -22.87
C GLU D 139 40.36 28.08 -23.12
N SER D 140 40.34 28.94 -22.10
CA SER D 140 40.86 30.29 -22.21
C SER D 140 41.71 30.60 -20.98
N TYR D 141 42.61 31.57 -21.15
CA TYR D 141 43.51 31.98 -20.09
C TYR D 141 43.00 33.25 -19.42
N VAL D 142 43.49 33.49 -18.21
CA VAL D 142 43.20 34.71 -17.47
C VAL D 142 44.51 35.29 -16.96
N VAL D 143 44.70 36.59 -17.15
CA VAL D 143 45.92 37.28 -16.74
C VAL D 143 45.66 38.02 -15.44
N ILE D 144 46.72 38.23 -14.66
CA ILE D 144 46.66 38.96 -13.41
C ILE D 144 47.82 39.93 -13.35
N GLU D 145 47.65 40.95 -12.50
CA GLU D 145 48.65 42.02 -12.31
C GLU D 145 48.86 42.69 -13.66
N GLY D 146 50.08 42.75 -14.18
CA GLY D 146 50.31 43.37 -15.48
C GLY D 146 50.03 44.86 -15.51
N GLY D 147 50.47 45.59 -14.48
CA GLY D 147 50.24 47.02 -14.46
C GLY D 147 50.97 47.75 -15.56
N MET D 148 52.21 47.34 -15.85
CA MET D 148 52.97 47.97 -16.93
C MET D 148 52.32 47.71 -18.28
N THR D 149 51.84 46.50 -18.51
CA THR D 149 51.22 46.16 -19.77
C THR D 149 49.79 46.71 -19.84
N ASN D 150 49.21 46.66 -21.04
CA ASN D 150 47.86 47.14 -21.26
C ASN D 150 46.79 46.13 -20.90
N LEU D 151 47.16 44.91 -20.52
CA LEU D 151 46.19 43.91 -20.15
C LEU D 151 45.48 44.29 -18.85
N GLU D 152 44.18 43.99 -18.78
CA GLU D 152 43.38 44.33 -17.62
C GLU D 152 43.64 43.34 -16.48
N ARG D 153 43.10 43.67 -15.30
CA ARG D 153 43.28 42.82 -14.13
C ARG D 153 42.58 41.47 -14.32
N GLN D 154 41.39 41.47 -14.92
CA GLN D 154 40.63 40.25 -15.09
C GLN D 154 40.36 39.96 -16.57
N GLN D 155 41.41 40.08 -17.39
CA GLN D 155 41.26 39.86 -18.82
C GLN D 155 40.89 38.40 -19.11
N ILE D 156 40.22 38.21 -20.25
CA ILE D 156 39.73 36.90 -20.64
C ILE D 156 40.38 36.54 -21.98
N LEU D 157 41.63 36.97 -22.15
CA LEU D 157 42.35 36.71 -23.39
C LEU D 157 42.42 35.22 -23.68
N THR D 158 42.22 34.86 -24.94
CA THR D 158 42.18 33.47 -25.35
C THR D 158 43.61 32.97 -25.61
N GLU D 159 43.73 31.79 -26.22
CA GLU D 159 45.04 31.25 -26.53
C GLU D 159 45.77 32.12 -27.53
N GLU D 160 45.09 32.47 -28.64
CA GLU D 160 45.73 33.29 -29.66
C GLU D 160 46.16 34.64 -29.09
N GLN D 161 45.29 35.27 -28.29
CA GLN D 161 45.68 36.48 -27.60
C GLN D 161 46.84 36.21 -26.65
N TYR D 162 46.93 35.00 -26.11
CA TYR D 162 48.04 34.68 -25.22
C TYR D 162 49.37 34.69 -25.97
N LEU D 163 49.44 34.04 -27.14
CA LEU D 163 50.69 34.10 -27.91
C LEU D 163 50.95 35.50 -28.42
N ASP D 164 49.90 36.25 -28.78
CA ASP D 164 50.11 37.63 -29.22
C ASP D 164 50.72 38.48 -28.10
N ALA D 165 50.21 38.33 -26.88
CA ALA D 165 50.77 39.07 -25.74
C ALA D 165 52.20 38.62 -25.44
N LEU D 166 52.46 37.31 -25.54
CA LEU D 166 53.82 36.82 -25.31
C LEU D 166 54.79 37.39 -26.34
N GLU D 167 54.37 37.47 -27.60
CA GLU D 167 55.22 38.05 -28.63
C GLU D 167 55.42 39.54 -28.42
N GLU D 168 54.38 40.24 -27.99
CA GLU D 168 54.45 41.69 -27.84
C GLU D 168 54.90 42.10 -26.43
N PHE D 169 54.14 41.70 -25.40
CA PHE D 169 54.46 42.12 -24.05
C PHE D 169 55.62 41.34 -23.47
N GLY D 170 55.74 40.06 -23.82
CA GLY D 170 56.78 39.23 -23.25
C GLY D 170 56.60 39.01 -21.76
N ASP D 171 57.46 39.64 -20.97
CA ASP D 171 57.31 39.58 -19.52
C ASP D 171 56.15 40.46 -19.07
N GLU D 172 55.97 40.56 -17.75
CA GLU D 172 54.93 41.33 -17.08
C GLU D 172 53.53 40.78 -17.32
N PHE D 173 53.40 39.68 -18.05
CA PHE D 173 52.11 39.04 -18.31
C PHE D 173 52.06 37.75 -17.51
N ASP D 174 51.22 37.72 -16.49
CA ASP D 174 51.08 36.56 -15.61
C ASP D 174 49.71 35.92 -15.88
N ALA D 175 49.72 34.89 -16.73
CA ALA D 175 48.48 34.22 -17.13
C ALA D 175 48.61 32.72 -16.88
N LYS D 176 47.55 32.13 -16.35
CA LYS D 176 47.48 30.70 -16.09
C LYS D 176 46.12 30.17 -16.56
N MET D 177 46.08 28.88 -16.87
CA MET D 177 44.90 28.27 -17.47
C MET D 177 44.13 27.39 -16.50
N GLY D 178 44.72 26.99 -15.37
CA GLY D 178 44.08 26.08 -14.44
C GLY D 178 43.41 26.81 -13.29
N ALA D 179 42.85 26.00 -12.38
CA ALA D 179 42.24 26.56 -11.18
C ALA D 179 43.28 27.23 -10.28
N GLU D 180 44.57 26.93 -10.49
CA GLU D 180 45.61 27.64 -9.76
C GLU D 180 45.58 29.14 -10.06
N ALA D 181 45.14 29.51 -11.26
CA ALA D 181 44.93 30.93 -11.57
C ALA D 181 43.85 31.51 -10.67
N ILE D 182 42.77 30.76 -10.45
CA ILE D 182 41.71 31.21 -9.56
C ILE D 182 42.25 31.42 -8.15
N GLN D 183 43.07 30.50 -7.67
CA GLN D 183 43.71 30.68 -6.36
C GLN D 183 44.57 31.94 -6.34
N ALA D 184 45.35 32.15 -7.41
CA ALA D 184 46.26 33.29 -7.45
C ALA D 184 45.50 34.60 -7.40
N LEU D 185 44.42 34.72 -8.17
CA LEU D 185 43.66 35.97 -8.17
C LEU D 185 42.81 36.12 -6.91
N LEU D 186 42.41 35.00 -6.29
CA LEU D 186 41.61 35.08 -5.08
C LEU D 186 42.46 35.51 -3.88
N LYS D 187 43.70 35.01 -3.80
CA LYS D 187 44.59 35.43 -2.73
C LYS D 187 44.93 36.91 -2.85
N SER D 188 45.12 37.40 -4.07
CA SER D 188 45.51 38.79 -4.28
C SER D 188 44.40 39.78 -3.94
N MET D 189 43.16 39.32 -3.86
CA MET D 189 42.04 40.24 -3.61
C MET D 189 42.09 40.74 -2.17
N ASP D 190 41.92 42.05 -2.00
CA ASP D 190 41.80 42.67 -0.68
C ASP D 190 40.32 42.93 -0.42
N LEU D 191 39.72 42.09 0.42
CA LEU D 191 38.29 42.18 0.68
C LEU D 191 37.92 43.48 1.37
N GLU D 192 38.70 43.87 2.38
CA GLU D 192 38.39 45.07 3.14
C GLU D 192 38.48 46.31 2.26
N GLN D 193 39.52 46.41 1.44
CA GLN D 193 39.67 47.56 0.57
C GLN D 193 38.54 47.65 -0.45
N GLU D 194 38.11 46.50 -0.98
CA GLU D 194 37.00 46.50 -1.94
C GLU D 194 35.67 46.84 -1.29
N CYS D 195 35.51 46.52 0.01
CA CYS D 195 34.25 46.80 0.67
C CYS D 195 33.90 48.28 0.61
N GLU D 196 34.83 49.14 1.02
CA GLU D 196 34.56 50.58 1.01
C GLU D 196 34.46 51.12 -0.42
N GLN D 197 35.23 50.54 -1.36
CA GLN D 197 35.15 51.00 -2.74
C GLN D 197 33.76 50.76 -3.32
N LEU D 198 33.23 49.55 -3.18
CA LEU D 198 31.88 49.27 -3.64
C LEU D 198 30.83 50.05 -2.84
N ARG D 199 31.05 50.27 -1.54
CA ARG D 199 30.10 51.08 -0.78
C ARG D 199 30.04 52.50 -1.32
N GLU D 200 31.20 53.10 -1.62
CA GLU D 200 31.25 54.43 -2.18
C GLU D 200 30.60 54.47 -3.57
N GLU D 201 30.85 53.45 -4.38
CA GLU D 201 30.22 53.38 -5.70
C GLU D 201 28.70 53.28 -5.58
N LEU D 202 28.22 52.50 -4.60
CA LEU D 202 26.78 52.32 -4.44
C LEU D 202 26.11 53.60 -3.96
N ASN D 203 26.70 54.27 -2.97
CA ASN D 203 26.06 55.48 -2.45
C ASN D 203 26.21 56.67 -3.38
N GLU D 204 27.32 56.76 -4.11
CA GLU D 204 27.54 57.90 -4.98
C GLU D 204 26.61 57.88 -6.19
N THR D 205 26.49 56.72 -6.84
CA THR D 205 25.67 56.56 -8.04
C THR D 205 24.48 55.68 -7.70
N ASN D 206 23.27 56.17 -8.00
CA ASN D 206 22.04 55.46 -7.70
C ASN D 206 21.37 55.04 -9.00
N SER D 207 21.10 53.74 -9.12
CA SER D 207 20.41 53.20 -10.29
C SER D 207 19.80 51.85 -9.89
N GLU D 208 18.54 51.64 -10.27
CA GLU D 208 17.82 50.45 -9.83
C GLU D 208 18.39 49.15 -10.39
N THR D 209 19.20 49.22 -11.44
CA THR D 209 19.75 48.01 -12.04
C THR D 209 20.98 47.52 -11.28
N LYS D 210 22.01 48.35 -11.20
CA LYS D 210 23.25 47.96 -10.54
C LYS D 210 23.14 47.90 -9.02
N ARG D 211 22.09 48.50 -8.46
CA ARG D 211 21.95 48.53 -7.00
C ARG D 211 21.79 47.13 -6.43
N LYS D 212 21.01 46.27 -7.10
CA LYS D 212 20.78 44.92 -6.58
C LYS D 212 22.08 44.11 -6.55
N LYS D 213 22.81 44.11 -7.66
CA LYS D 213 24.07 43.36 -7.71
C LYS D 213 25.09 43.94 -6.73
N LEU D 214 25.15 45.28 -6.63
CA LEU D 214 26.08 45.89 -5.69
C LEU D 214 25.74 45.52 -4.26
N THR D 215 24.44 45.52 -3.91
CA THR D 215 24.04 45.14 -2.56
C THR D 215 24.36 43.68 -2.27
N LYS D 216 24.14 42.80 -3.25
CA LYS D 216 24.46 41.39 -3.05
C LYS D 216 25.96 41.21 -2.82
N ARG D 217 26.79 41.87 -3.64
CA ARG D 217 28.23 41.76 -3.47
C ARG D 217 28.68 42.32 -2.13
N ILE D 218 28.12 43.46 -1.72
CA ILE D 218 28.48 44.05 -0.44
C ILE D 218 28.09 43.13 0.71
N LYS D 219 26.89 42.52 0.62
CA LYS D 219 26.46 41.60 1.67
C LYS D 219 27.39 40.40 1.77
N LEU D 220 27.76 39.82 0.62
CA LEU D 220 28.68 38.68 0.64
C LEU D 220 30.03 39.08 1.21
N LEU D 221 30.56 40.24 0.80
CA LEU D 221 31.86 40.67 1.29
C LEU D 221 31.83 40.90 2.80
N GLU D 222 30.78 41.55 3.29
CA GLU D 222 30.65 41.79 4.72
C GLU D 222 30.52 40.49 5.50
N ALA D 223 29.73 39.54 4.98
CA ALA D 223 29.61 38.24 5.63
C ALA D 223 30.96 37.53 5.68
N PHE D 224 31.73 37.58 4.59
CA PHE D 224 33.03 36.92 4.58
C PHE D 224 34.00 37.56 5.56
N VAL D 225 34.06 38.90 5.60
CA VAL D 225 35.02 39.55 6.50
C VAL D 225 34.60 39.37 7.95
N GLN D 226 33.30 39.31 8.22
CA GLN D 226 32.83 39.13 9.59
C GLN D 226 32.98 37.69 10.07
N SER D 227 32.78 36.71 9.18
CA SER D 227 32.80 35.31 9.58
C SER D 227 34.20 34.77 9.82
N GLY D 228 35.24 35.49 9.42
CA GLY D 228 36.59 35.02 9.59
C GLY D 228 37.07 34.04 8.55
N ASN D 229 36.25 33.73 7.55
CA ASN D 229 36.64 32.81 6.49
C ASN D 229 37.58 33.50 5.51
N LYS D 230 38.05 32.72 4.54
CA LYS D 230 38.90 33.25 3.48
C LYS D 230 38.40 32.73 2.14
N PRO D 231 38.46 33.54 1.09
CA PRO D 231 37.87 33.12 -0.19
C PRO D 231 38.66 32.04 -0.92
N GLU D 232 39.96 31.94 -0.69
CA GLU D 232 40.76 30.93 -1.39
C GLU D 232 40.40 29.51 -0.98
N TRP D 233 39.61 29.33 0.08
CA TRP D 233 39.26 28.00 0.54
C TRP D 233 38.11 27.38 -0.24
N MET D 234 37.47 28.12 -1.15
CA MET D 234 36.39 27.55 -1.94
C MET D 234 36.87 26.37 -2.77
N ILE D 235 37.95 26.56 -3.51
CA ILE D 235 38.56 25.49 -4.28
C ILE D 235 39.57 24.79 -3.38
N LEU D 236 39.48 23.46 -3.30
CA LEU D 236 40.17 22.68 -2.31
C LEU D 236 41.36 21.95 -2.93
N THR D 237 42.48 21.93 -2.20
CA THR D 237 43.66 21.19 -2.62
C THR D 237 43.80 19.85 -1.92
N VAL D 238 43.15 19.67 -0.78
CA VAL D 238 43.16 18.40 -0.04
C VAL D 238 41.71 17.97 0.12
N LEU D 239 41.39 16.78 -0.39
CA LEU D 239 40.02 16.29 -0.41
C LEU D 239 39.84 15.22 0.66
N PRO D 240 38.98 15.44 1.66
CA PRO D 240 38.75 14.40 2.66
C PRO D 240 37.89 13.26 2.10
N VAL D 241 37.94 12.13 2.79
CA VAL D 241 37.21 10.93 2.38
C VAL D 241 36.36 10.44 3.55
N LEU D 242 35.28 9.76 3.20
CA LEU D 242 34.36 9.23 4.21
C LEU D 242 35.01 8.06 4.95
N PRO D 243 34.67 7.84 6.21
CA PRO D 243 35.17 6.67 6.92
C PRO D 243 34.70 5.40 6.25
N PRO D 244 35.51 4.34 6.29
CA PRO D 244 35.15 3.12 5.56
C PRO D 244 33.86 2.46 6.02
N ASP D 245 33.56 2.52 7.31
CA ASP D 245 32.36 1.84 7.81
C ASP D 245 31.08 2.49 7.28
N LEU D 246 31.14 3.76 6.89
CA LEU D 246 29.97 4.42 6.36
C LEU D 246 29.76 4.16 4.88
N ARG D 247 30.63 3.37 4.25
CA ARG D 247 30.48 3.00 2.84
C ARG D 247 31.01 1.59 2.62
N PRO D 248 30.45 0.59 3.31
CA PRO D 248 30.97 -0.77 3.18
C PRO D 248 30.69 -1.36 1.82
N LEU D 249 31.54 -2.31 1.41
CA LEU D 249 31.36 -3.02 0.15
C LEU D 249 30.11 -3.88 0.22
N VAL D 250 29.41 -3.99 -0.91
CA VAL D 250 28.25 -4.88 -0.97
C VAL D 250 28.73 -6.32 -1.15
N PRO D 251 28.39 -7.23 -0.23
CA PRO D 251 28.83 -8.62 -0.38
C PRO D 251 27.99 -9.40 -1.38
N LEU D 252 28.55 -10.52 -1.80
CA LEU D 252 27.92 -11.38 -2.80
C LEU D 252 28.45 -12.79 -2.63
N ASP D 253 28.01 -13.70 -3.50
CA ASP D 253 28.41 -15.10 -3.36
C ASP D 253 29.91 -15.26 -3.58
N GLY D 254 30.56 -15.93 -2.64
CA GLY D 254 32.01 -16.04 -2.67
C GLY D 254 32.67 -14.88 -1.95
N GLY D 255 34.00 -14.96 -1.90
CA GLY D 255 34.78 -13.94 -1.23
C GLY D 255 34.91 -12.64 -1.99
N ARG D 256 34.43 -12.60 -3.23
CA ARG D 256 34.50 -11.38 -4.02
C ARG D 256 33.62 -10.30 -3.44
N PHE D 257 34.16 -9.10 -3.30
CA PHE D 257 33.46 -7.95 -2.74
C PHE D 257 33.33 -6.89 -3.84
N ALA D 258 32.11 -6.64 -4.26
CA ALA D 258 31.86 -5.67 -5.33
C ALA D 258 32.11 -4.25 -4.84
N THR D 259 32.69 -3.43 -5.73
CA THR D 259 32.90 -2.03 -5.41
C THR D 259 31.57 -1.27 -5.49
N SER D 260 31.25 -0.53 -4.44
CA SER D 260 29.99 0.18 -4.36
C SER D 260 30.05 1.47 -5.19
N ASP D 261 28.93 2.20 -5.20
CA ASP D 261 28.87 3.44 -5.96
C ASP D 261 29.83 4.48 -5.40
N LEU D 262 29.84 4.66 -4.07
CA LEU D 262 30.71 5.66 -3.46
C LEU D 262 32.18 5.29 -3.63
N ASN D 263 32.51 4.00 -3.49
CA ASN D 263 33.90 3.58 -3.62
C ASN D 263 34.43 3.80 -5.04
N ASP D 264 33.59 3.57 -6.06
CA ASP D 264 34.02 3.79 -7.43
C ASP D 264 34.37 5.26 -7.67
N LEU D 265 33.53 6.18 -7.17
CA LEU D 265 33.78 7.59 -7.38
C LEU D 265 35.10 8.01 -6.75
N TYR D 266 35.39 7.52 -5.55
CA TYR D 266 36.68 7.82 -4.94
C TYR D 266 37.82 7.22 -5.75
N ARG D 267 37.75 5.91 -6.03
CA ARG D 267 38.86 5.24 -6.67
C ARG D 267 39.20 5.85 -8.02
N ARG D 268 38.20 6.38 -8.75
CA ARG D 268 38.52 7.14 -9.95
C ARG D 268 39.34 8.39 -9.63
N VAL D 269 39.03 9.06 -8.52
CA VAL D 269 39.75 10.28 -8.16
C VAL D 269 41.21 9.96 -7.84
N ILE D 270 41.44 8.92 -7.01
CA ILE D 270 42.85 8.58 -6.74
C ILE D 270 43.54 8.05 -8.00
N ASN D 271 42.81 7.33 -8.84
CA ASN D 271 43.43 6.82 -10.07
C ASN D 271 43.91 7.97 -10.95
N ARG D 272 43.11 9.02 -11.09
CA ARG D 272 43.57 10.20 -11.81
C ARG D 272 44.70 10.91 -11.07
N ASN D 273 44.61 10.98 -9.74
CA ASN D 273 45.59 11.76 -8.97
C ASN D 273 46.99 11.17 -9.05
N ASN D 274 47.10 9.85 -8.93
CA ASN D 274 48.44 9.24 -9.00
C ASN D 274 49.09 9.49 -10.34
N ARG D 275 48.34 9.29 -11.43
CA ARG D 275 48.91 9.49 -12.76
C ARG D 275 49.25 10.97 -13.00
N LEU D 276 48.44 11.89 -12.47
CA LEU D 276 48.76 13.30 -12.63
C LEU D 276 50.02 13.67 -11.86
N LYS D 277 50.09 13.29 -10.58
CA LYS D 277 51.27 13.63 -9.77
C LYS D 277 52.52 12.96 -10.31
N ARG D 278 52.37 11.85 -11.04
CA ARG D 278 53.51 11.33 -11.79
C ARG D 278 53.83 12.19 -13.01
N LEU D 279 52.82 12.58 -13.78
CA LEU D 279 53.08 13.33 -15.01
C LEU D 279 53.66 14.72 -14.72
N LEU D 280 53.55 15.19 -13.48
CA LEU D 280 54.19 16.46 -13.12
C LEU D 280 55.71 16.38 -13.23
N ASP D 281 56.31 15.29 -12.74
CA ASP D 281 57.77 15.22 -12.64
C ASP D 281 58.45 14.66 -13.87
N LEU D 282 57.70 14.25 -14.89
CA LEU D 282 58.28 13.71 -16.11
C LEU D 282 58.53 14.77 -17.17
N ALA D 283 58.29 16.04 -16.85
CA ALA D 283 58.46 17.14 -17.81
C ALA D 283 57.63 16.89 -19.07
N ALA D 284 56.41 16.41 -18.87
CA ALA D 284 55.52 16.09 -19.96
C ALA D 284 55.07 17.37 -20.68
N PRO D 285 54.66 17.25 -21.94
CA PRO D 285 54.15 18.42 -22.67
C PRO D 285 52.93 19.01 -21.99
N ASP D 286 52.75 20.32 -22.17
CA ASP D 286 51.69 21.04 -21.47
C ASP D 286 50.30 20.52 -21.84
N ILE D 287 50.13 20.02 -23.07
CA ILE D 287 48.81 19.58 -23.51
C ILE D 287 48.34 18.38 -22.71
N ILE D 288 49.23 17.40 -22.50
CA ILE D 288 48.83 16.15 -21.85
C ILE D 288 48.54 16.39 -20.38
N VAL D 289 49.40 17.15 -19.69
CA VAL D 289 49.15 17.46 -18.29
C VAL D 289 47.92 18.33 -18.14
N ARG D 290 47.68 19.23 -19.12
CA ARG D 290 46.46 20.02 -19.12
C ARG D 290 45.21 19.14 -19.20
N ASN D 291 45.22 18.17 -20.11
CA ASN D 291 44.10 17.24 -20.24
C ASN D 291 43.93 16.41 -18.97
N GLU D 292 45.03 15.97 -18.35
CA GLU D 292 44.94 15.20 -17.13
C GLU D 292 44.37 16.05 -15.98
N LYS D 293 44.76 17.31 -15.91
CA LYS D 293 44.21 18.21 -14.90
C LYS D 293 42.70 18.38 -15.10
N ARG D 294 42.28 18.55 -16.35
CA ARG D 294 40.85 18.65 -16.62
C ARG D 294 40.12 17.37 -16.22
N MET D 295 40.70 16.21 -16.52
CA MET D 295 40.07 14.94 -16.17
C MET D 295 39.95 14.78 -14.66
N LEU D 296 41.02 15.11 -13.92
CA LEU D 296 40.97 15.00 -12.47
C LEU D 296 39.95 15.95 -11.87
N GLN D 297 39.90 17.19 -12.39
CA GLN D 297 38.94 18.16 -11.89
C GLN D 297 37.51 17.69 -12.15
N GLU D 298 37.26 17.14 -13.35
CA GLU D 298 35.92 16.63 -13.65
C GLU D 298 35.57 15.45 -12.76
N ALA D 299 36.54 14.56 -12.49
CA ALA D 299 36.28 13.42 -11.62
C ALA D 299 35.94 13.88 -10.21
N VAL D 300 36.68 14.87 -9.69
CA VAL D 300 36.38 15.40 -8.36
C VAL D 300 34.99 16.02 -8.33
N ASP D 301 34.65 16.79 -9.37
CA ASP D 301 33.33 17.40 -9.41
C ASP D 301 32.23 16.34 -9.44
N ALA D 302 32.42 15.29 -10.23
CA ALA D 302 31.44 14.21 -10.29
C ALA D 302 31.32 13.48 -8.97
N LEU D 303 32.43 13.29 -8.26
CA LEU D 303 32.37 12.68 -6.94
C LEU D 303 31.59 13.54 -5.96
N LEU D 304 31.81 14.85 -5.99
CA LEU D 304 31.17 15.72 -5.01
C LEU D 304 29.69 15.91 -5.31
N ASP D 305 29.32 16.01 -6.60
CA ASP D 305 27.92 16.12 -7.01
C ASP D 305 27.82 15.57 -8.43
N ASN D 306 27.29 14.37 -8.57
CA ASN D 306 27.07 13.79 -9.88
C ASN D 306 25.81 14.38 -10.51
N GLY D 307 25.87 14.63 -11.81
CA GLY D 307 24.75 15.24 -12.49
C GLY D 307 24.85 16.74 -12.69
N ARG D 308 26.03 17.33 -12.46
CA ARG D 308 26.26 18.75 -12.66
C ARG D 308 27.51 18.93 -13.50
N ARG D 309 27.53 20.00 -14.30
CA ARG D 309 28.67 20.37 -15.14
C ARG D 309 29.01 19.21 -16.09
N GLY D 310 28.06 18.97 -16.99
CA GLY D 310 28.23 17.96 -18.01
C GLY D 310 27.35 16.74 -17.80
N ARG D 311 27.74 15.63 -18.42
CA ARG D 311 26.97 14.40 -18.30
C ARG D 311 27.21 13.75 -16.95
N ALA D 312 26.38 12.76 -16.62
CA ALA D 312 26.48 12.03 -15.38
C ALA D 312 27.13 10.68 -15.63
N ILE D 313 28.20 10.38 -14.89
CA ILE D 313 28.88 9.11 -15.06
C ILE D 313 27.97 7.99 -14.56
N THR D 314 28.18 6.79 -15.11
CA THR D 314 27.35 5.64 -14.79
C THR D 314 28.23 4.44 -14.47
N GLY D 315 27.65 3.50 -13.73
CA GLY D 315 28.36 2.29 -13.36
C GLY D 315 28.08 1.13 -14.29
N SER D 316 27.85 -0.05 -13.73
CA SER D 316 27.52 -1.22 -14.56
C SER D 316 26.22 -0.99 -15.32
N ASN D 317 25.18 -0.56 -14.62
CA ASN D 317 23.90 -0.27 -15.24
C ASN D 317 23.85 1.18 -15.69
N LYS D 318 23.01 1.46 -16.69
CA LYS D 318 22.87 2.81 -17.25
C LYS D 318 22.04 3.67 -16.30
N ARG D 319 22.54 3.81 -15.08
CA ARG D 319 21.94 4.64 -14.04
C ARG D 319 23.02 5.52 -13.45
N PRO D 320 22.66 6.73 -13.01
CA PRO D 320 23.67 7.62 -12.40
C PRO D 320 24.26 7.01 -11.14
N LEU D 321 25.55 7.26 -10.93
CA LEU D 321 26.24 6.83 -9.72
C LEU D 321 26.03 7.93 -8.68
N LYS D 322 25.20 7.65 -7.68
CA LYS D 322 24.86 8.68 -6.70
C LYS D 322 26.10 9.14 -5.95
N SER D 323 26.28 10.45 -5.87
CA SER D 323 27.44 11.06 -5.26
C SER D 323 27.15 11.36 -3.79
N LEU D 324 28.02 12.14 -3.16
CA LEU D 324 27.79 12.56 -1.79
C LEU D 324 26.56 13.46 -1.68
N ALA D 325 26.23 14.18 -2.75
CA ALA D 325 25.06 15.04 -2.73
C ALA D 325 23.77 14.23 -2.68
N ASP D 326 23.64 13.24 -3.55
CA ASP D 326 22.39 12.51 -3.70
C ASP D 326 22.08 11.62 -2.51
N MET D 327 23.02 11.44 -1.60
CA MET D 327 22.86 10.50 -0.49
C MET D 327 22.98 11.17 0.88
N ILE D 328 22.75 12.49 0.94
CA ILE D 328 22.94 13.24 2.17
C ILE D 328 22.22 12.56 3.33
N LYS D 329 20.88 12.48 3.25
CA LYS D 329 20.11 11.48 3.98
C LYS D 329 18.80 11.27 3.22
N GLY D 330 18.76 10.22 2.42
CA GLY D 330 17.53 9.89 1.70
C GLY D 330 17.28 10.72 0.46
N LYS D 331 16.30 11.63 0.50
CA LYS D 331 15.95 12.42 -0.68
C LYS D 331 16.82 13.68 -0.79
N GLN D 332 18.15 13.51 -0.76
CA GLN D 332 19.11 14.61 -0.85
C GLN D 332 19.03 15.50 0.38
N GLY D 333 18.07 15.22 1.25
CA GLY D 333 17.88 16.00 2.46
C GLY D 333 18.10 15.14 3.69
N ARG D 334 17.11 15.09 4.57
CA ARG D 334 17.15 14.26 5.77
C ARG D 334 15.86 13.47 5.95
N PHE D 335 15.21 13.06 4.86
CA PHE D 335 13.87 12.49 4.97
C PHE D 335 13.87 11.08 5.53
N ARG D 336 14.68 10.18 4.96
CA ARG D 336 14.49 8.77 5.35
C ARG D 336 15.17 8.44 6.67
N GLN D 337 16.49 8.57 6.74
CA GLN D 337 17.20 8.04 7.89
C GLN D 337 17.30 9.01 9.06
N ASN D 338 16.92 10.27 8.86
CA ASN D 338 16.89 11.24 9.94
C ASN D 338 15.55 11.95 9.88
N LEU D 339 15.40 12.99 10.71
CA LEU D 339 14.26 13.90 10.64
C LEU D 339 12.95 13.13 10.52
N LEU D 340 12.61 12.43 11.59
CA LEU D 340 11.32 11.77 11.72
C LEU D 340 11.17 10.59 10.77
N GLY D 341 12.28 10.01 10.36
CA GLY D 341 12.20 8.87 9.46
C GLY D 341 12.73 7.60 10.08
N LYS D 342 13.00 7.63 11.38
CA LYS D 342 13.63 6.51 12.03
C LYS D 342 12.66 5.33 12.15
N ARG D 343 13.07 4.18 11.64
CA ARG D 343 12.36 2.95 11.93
C ARG D 343 12.56 2.60 13.40
N VAL D 344 11.48 2.25 14.08
CA VAL D 344 11.52 1.99 15.51
C VAL D 344 11.22 0.51 15.76
N ASP D 345 11.82 -0.03 16.80
CA ASP D 345 11.51 -1.38 17.25
C ASP D 345 10.42 -1.29 18.31
N TYR D 346 10.14 -2.42 18.97
CA TYR D 346 8.98 -2.53 19.86
C TYR D 346 7.70 -2.15 19.13
N SER D 347 7.58 -2.59 17.88
CA SER D 347 6.49 -2.20 17.01
C SER D 347 5.94 -3.41 16.27
N GLY D 348 4.62 -3.44 16.10
CA GLY D 348 3.94 -4.49 15.38
C GLY D 348 3.08 -3.95 14.25
N ARG D 349 2.44 -4.87 13.54
CA ARG D 349 1.64 -4.50 12.37
C ARG D 349 0.74 -5.66 12.01
N SER D 350 -0.57 -5.46 12.02
CA SER D 350 -1.50 -6.52 11.64
C SER D 350 -2.81 -5.90 11.18
N VAL D 351 -3.62 -6.73 10.51
CA VAL D 351 -4.91 -6.29 9.99
C VAL D 351 -5.84 -5.98 11.16
N ILE D 352 -6.72 -5.00 10.96
CA ILE D 352 -7.64 -4.56 11.99
C ILE D 352 -9.05 -5.02 11.65
N THR D 353 -9.78 -5.47 12.66
CA THR D 353 -11.20 -5.79 12.57
C THR D 353 -11.94 -4.99 13.63
N VAL D 354 -13.22 -5.30 13.81
CA VAL D 354 -14.11 -4.51 14.67
C VAL D 354 -14.37 -5.29 15.95
N GLY D 355 -14.27 -4.61 17.09
CA GLY D 355 -14.73 -5.14 18.35
C GLY D 355 -15.73 -4.22 18.99
N PRO D 356 -17.00 -4.64 19.04
CA PRO D 356 -18.03 -3.79 19.64
C PRO D 356 -18.17 -3.95 21.14
N TYR D 357 -17.58 -4.99 21.72
CA TYR D 357 -17.61 -5.18 23.16
C TYR D 357 -16.60 -4.30 23.89
N LEU D 358 -15.73 -3.62 23.14
CA LEU D 358 -14.66 -2.84 23.74
C LEU D 358 -15.18 -1.52 24.28
N ARG D 359 -14.48 -0.99 25.28
CA ARG D 359 -14.76 0.35 25.78
C ARG D 359 -14.17 1.37 24.82
N LEU D 360 -14.26 2.64 25.21
CA LEU D 360 -13.74 3.71 24.35
C LEU D 360 -12.22 3.77 24.39
N HIS D 361 -11.60 3.26 25.45
CA HIS D 361 -10.17 3.35 25.63
C HIS D 361 -9.46 2.00 25.51
N GLN D 362 -10.10 1.00 24.93
CA GLN D 362 -9.51 -0.34 24.82
C GLN D 362 -9.36 -0.74 23.36
N CYS D 363 -8.28 -1.46 23.07
CA CYS D 363 -8.07 -2.06 21.77
C CYS D 363 -7.65 -3.51 21.99
N GLY D 364 -8.17 -4.39 21.15
CA GLY D 364 -7.80 -5.79 21.22
C GLY D 364 -6.45 -6.05 20.63
N LEU D 365 -5.51 -6.57 21.42
CA LEU D 365 -4.17 -6.85 20.95
C LEU D 365 -3.93 -8.35 20.98
N PRO D 366 -3.52 -8.96 19.88
CA PRO D 366 -3.28 -10.41 19.88
C PRO D 366 -2.18 -10.77 20.86
N LYS D 367 -2.35 -11.92 21.51
CA LYS D 367 -1.35 -12.39 22.46
C LYS D 367 -0.09 -12.89 21.76
N LYS D 368 -0.07 -12.94 20.43
CA LYS D 368 1.14 -13.29 19.71
C LYS D 368 1.99 -12.07 19.39
N MET D 369 1.38 -10.90 19.21
CA MET D 369 2.16 -9.67 19.13
C MET D 369 2.68 -9.27 20.49
N ALA D 370 1.81 -9.28 21.49
CA ALA D 370 2.30 -9.30 22.85
C ALA D 370 3.12 -10.57 23.05
N LEU D 371 3.95 -10.57 24.09
CA LEU D 371 5.00 -11.56 24.33
C LEU D 371 6.15 -11.38 23.34
N GLU D 372 5.99 -10.49 22.35
CA GLU D 372 7.08 -10.07 21.49
C GLU D 372 7.37 -8.58 21.62
N LEU D 373 6.33 -7.74 21.67
CA LEU D 373 6.55 -6.33 21.98
C LEU D 373 7.02 -6.14 23.41
N PHE D 374 6.47 -6.90 24.35
CA PHE D 374 6.78 -6.76 25.76
C PHE D 374 7.74 -7.84 26.25
N LYS D 375 8.66 -8.29 25.39
CA LYS D 375 9.61 -9.31 25.80
C LYS D 375 10.52 -8.86 26.94
N PRO D 376 11.18 -7.70 26.89
CA PRO D 376 12.03 -7.30 28.02
C PRO D 376 11.27 -7.13 29.32
N PHE D 377 10.03 -6.63 29.28
CA PHE D 377 9.23 -6.55 30.49
C PHE D 377 8.99 -7.94 31.06
N ILE D 378 8.74 -8.92 30.20
CA ILE D 378 8.53 -10.29 30.65
C ILE D 378 9.80 -10.84 31.28
N TYR D 379 10.96 -10.53 30.69
CA TYR D 379 12.22 -10.95 31.29
C TYR D 379 12.38 -10.36 32.69
N GLY D 380 12.08 -9.07 32.82
CA GLY D 380 12.20 -8.42 34.11
C GLY D 380 11.27 -9.02 35.16
N LYS D 381 10.03 -9.30 34.77
CA LYS D 381 9.10 -9.88 35.73
C LYS D 381 9.45 -11.32 36.07
N LEU D 382 9.97 -12.08 35.11
CA LEU D 382 10.42 -13.44 35.40
C LEU D 382 11.59 -13.44 36.38
N GLU D 383 12.55 -12.53 36.17
CA GLU D 383 13.68 -12.45 37.09
C GLU D 383 13.28 -11.91 38.45
N LEU D 384 12.28 -11.03 38.51
CA LEU D 384 11.86 -10.44 39.78
C LEU D 384 11.23 -11.49 40.69
N ARG D 385 10.42 -12.39 40.13
CA ARG D 385 9.71 -13.39 40.93
C ARG D 385 10.54 -14.64 41.20
N GLY D 386 11.77 -14.70 40.69
CA GLY D 386 12.63 -15.83 40.94
C GLY D 386 12.34 -17.07 40.13
N LEU D 387 11.50 -16.98 39.10
CA LEU D 387 11.21 -18.14 38.28
C LEU D 387 12.42 -18.52 37.43
N ALA D 388 13.19 -17.53 36.98
CA ALA D 388 14.39 -17.75 36.20
C ALA D 388 15.53 -16.94 36.80
N THR D 389 16.46 -17.61 37.48
CA THR D 389 17.57 -16.91 38.11
C THR D 389 18.45 -16.21 37.08
N THR D 390 18.71 -16.87 35.97
CA THR D 390 19.53 -16.30 34.90
C THR D 390 18.67 -15.83 33.75
N ILE D 391 19.20 -14.88 32.98
CA ILE D 391 18.48 -14.34 31.83
C ILE D 391 18.29 -15.42 30.77
N LYS D 392 19.27 -16.31 30.63
CA LYS D 392 19.17 -17.38 29.62
C LYS D 392 17.98 -18.28 29.90
N ALA D 393 17.72 -18.59 31.17
CA ALA D 393 16.55 -19.40 31.52
C ALA D 393 15.27 -18.68 31.15
N ALA D 394 15.20 -17.38 31.39
CA ALA D 394 14.02 -16.61 31.00
C ALA D 394 13.82 -16.64 29.50
N LYS D 395 14.91 -16.47 28.74
CA LYS D 395 14.83 -16.57 27.29
C LYS D 395 14.28 -17.92 26.84
N LYS D 396 14.87 -19.01 27.37
CA LYS D 396 14.46 -20.34 26.96
C LYS D 396 13.02 -20.62 27.31
N MET D 397 12.57 -20.19 28.50
CA MET D 397 11.19 -20.45 28.89
C MET D 397 10.20 -19.54 28.17
N VAL D 398 10.63 -18.35 27.72
CA VAL D 398 9.76 -17.52 26.91
C VAL D 398 9.58 -18.14 25.53
N GLU D 399 10.65 -18.67 24.94
CA GLU D 399 10.50 -19.39 23.67
C GLU D 399 9.61 -20.62 23.84
N ARG D 400 9.76 -21.35 24.94
CA ARG D 400 8.91 -22.51 25.20
C ARG D 400 7.49 -22.12 25.58
N GLU D 401 7.25 -20.85 25.87
CA GLU D 401 5.92 -20.27 26.14
C GLU D 401 5.08 -21.17 27.05
N GLU D 402 5.54 -21.30 28.30
CA GLU D 402 4.75 -22.00 29.29
C GLU D 402 3.58 -21.13 29.74
N ALA D 403 2.65 -21.76 30.48
CA ALA D 403 1.45 -21.04 30.92
C ALA D 403 1.79 -19.88 31.85
N VAL D 404 2.76 -20.08 32.74
CA VAL D 404 3.15 -19.00 33.65
C VAL D 404 3.70 -17.80 32.88
N VAL D 405 4.29 -18.02 31.70
CA VAL D 405 4.70 -16.89 30.87
C VAL D 405 3.49 -16.10 30.39
N TRP D 406 2.42 -16.80 30.01
CA TRP D 406 1.19 -16.10 29.63
C TRP D 406 0.61 -15.31 30.80
N ASP D 407 0.61 -15.91 31.99
CA ASP D 407 0.09 -15.21 33.16
C ASP D 407 0.93 -13.97 33.47
N ILE D 408 2.26 -14.08 33.36
CA ILE D 408 3.12 -12.93 33.62
C ILE D 408 2.94 -11.85 32.55
N LEU D 409 2.71 -12.26 31.30
CA LEU D 409 2.41 -11.28 30.26
C LEU D 409 1.12 -10.54 30.56
N ASP D 410 0.10 -11.26 31.03
CA ASP D 410 -1.14 -10.61 31.44
C ASP D 410 -0.90 -9.65 32.59
N GLU D 411 -0.02 -10.03 33.54
CA GLU D 411 0.31 -9.14 34.64
C GLU D 411 1.00 -7.88 34.15
N VAL D 412 1.89 -8.01 33.17
CA VAL D 412 2.63 -6.86 32.65
C VAL D 412 1.70 -5.93 31.87
N ILE D 413 0.81 -6.50 31.06
CA ILE D 413 -0.04 -5.72 30.17
C ILE D 413 -0.99 -4.81 30.94
N ARG D 414 -1.33 -5.20 32.18
CA ARG D 414 -2.55 -4.74 32.85
C ARG D 414 -2.92 -3.28 32.57
N GLU D 415 -1.98 -2.36 32.78
CA GLU D 415 -2.27 -0.95 32.58
C GLU D 415 -1.10 -0.26 31.90
N HIS D 416 -0.54 -0.89 30.87
CA HIS D 416 0.51 -0.29 30.07
C HIS D 416 -0.10 0.19 28.76
N PRO D 417 -0.45 1.46 28.62
CA PRO D 417 -1.09 1.92 27.38
C PRO D 417 -0.18 1.72 26.18
N VAL D 418 -0.78 1.33 25.07
CA VAL D 418 -0.07 1.15 23.81
C VAL D 418 -0.78 1.99 22.76
N LEU D 419 -0.02 2.60 21.86
CA LEU D 419 -0.55 3.56 20.90
C LEU D 419 -0.51 2.99 19.49
N LEU D 420 -1.67 2.96 18.85
CA LEU D 420 -1.82 2.47 17.49
C LEU D 420 -1.90 3.65 16.54
N ASN D 421 -1.45 3.44 15.30
CA ASN D 421 -1.57 4.46 14.26
C ASN D 421 -1.79 3.81 12.92
N ARG D 422 -2.38 4.56 12.00
CA ARG D 422 -2.57 4.09 10.63
C ARG D 422 -1.47 4.64 9.73
N ALA D 423 -1.45 4.18 8.49
CA ALA D 423 -0.36 4.53 7.60
C ALA D 423 -0.34 6.02 7.24
N PRO D 424 -1.35 6.57 6.56
CA PRO D 424 -1.26 8.02 6.25
C PRO D 424 -1.75 8.87 7.42
N THR D 425 -0.84 9.15 8.35
CA THR D 425 -1.20 9.93 9.53
C THR D 425 -1.47 11.37 9.12
N LEU D 426 -2.73 11.68 8.82
CA LEU D 426 -3.08 13.00 8.29
C LEU D 426 -3.03 14.06 9.39
N HIS D 427 -3.86 13.91 10.41
CA HIS D 427 -3.95 14.87 11.49
C HIS D 427 -3.54 14.22 12.80
N ARG D 428 -3.52 15.03 13.87
CA ARG D 428 -2.99 14.59 15.15
C ARG D 428 -3.81 13.49 15.80
N LEU D 429 -5.03 13.25 15.33
CA LEU D 429 -5.86 12.17 15.87
C LEU D 429 -5.60 10.84 15.18
N GLY D 430 -4.66 10.79 14.24
CA GLY D 430 -4.34 9.58 13.53
C GLY D 430 -3.42 8.62 14.26
N ILE D 431 -3.02 8.97 15.49
CA ILE D 431 -2.20 8.11 16.33
C ILE D 431 -2.71 8.27 17.76
N GLN D 432 -3.39 7.26 18.27
CA GLN D 432 -4.04 7.32 19.57
C GLN D 432 -3.55 6.16 20.43
N ALA D 433 -3.54 6.37 21.74
CA ALA D 433 -3.06 5.37 22.68
C ALA D 433 -4.23 4.69 23.38
N PHE D 434 -4.27 3.37 23.29
CA PHE D 434 -5.33 2.57 23.89
C PHE D 434 -4.77 1.75 25.03
N GLU D 435 -5.66 1.11 25.79
CA GLU D 435 -5.26 0.17 26.82
C GLU D 435 -5.47 -1.24 26.30
N PRO D 436 -4.42 -2.05 26.11
CA PRO D 436 -4.59 -3.32 25.41
C PRO D 436 -5.32 -4.34 26.24
N VAL D 437 -6.17 -5.13 25.57
CA VAL D 437 -6.78 -6.32 26.15
C VAL D 437 -6.40 -7.50 25.27
N LEU D 438 -5.74 -8.49 25.87
CA LEU D 438 -5.26 -9.62 25.09
C LEU D 438 -6.44 -10.45 24.59
N ILE D 439 -6.37 -10.88 23.32
CA ILE D 439 -7.40 -11.71 22.72
C ILE D 439 -6.77 -12.95 22.15
N GLU D 440 -7.54 -14.04 22.12
CA GLU D 440 -7.12 -15.29 21.49
C GLU D 440 -7.44 -15.19 20.02
N GLY D 441 -6.57 -14.48 19.31
CA GLY D 441 -6.81 -14.18 17.92
C GLY D 441 -5.55 -13.72 17.25
N LYS D 442 -5.71 -13.15 16.05
CA LYS D 442 -4.57 -12.80 15.23
C LYS D 442 -4.70 -11.42 14.58
N ALA D 443 -5.69 -10.62 14.96
CA ALA D 443 -5.89 -9.31 14.38
C ALA D 443 -6.23 -8.30 15.46
N ILE D 444 -5.84 -7.04 15.23
CA ILE D 444 -6.15 -5.98 16.18
C ILE D 444 -7.63 -5.63 16.12
N GLN D 445 -8.27 -5.57 17.28
CA GLN D 445 -9.68 -5.22 17.38
C GLN D 445 -9.79 -3.75 17.77
N LEU D 446 -10.26 -2.93 16.84
CA LEU D 446 -10.35 -1.49 17.04
C LEU D 446 -11.78 -1.08 17.38
N HIS D 447 -11.91 -0.11 18.27
CA HIS D 447 -13.23 0.35 18.69
C HIS D 447 -13.91 1.06 17.53
N PRO D 448 -15.19 0.76 17.27
CA PRO D 448 -15.85 1.33 16.08
C PRO D 448 -15.96 2.84 16.09
N LEU D 449 -15.92 3.49 17.27
CA LEU D 449 -16.11 4.93 17.32
C LEU D 449 -14.92 5.69 16.76
N VAL D 450 -13.70 5.16 16.95
CA VAL D 450 -12.49 5.87 16.58
C VAL D 450 -12.17 5.67 15.11
N CYS D 451 -13.01 4.91 14.40
CA CYS D 451 -12.78 4.71 12.98
C CYS D 451 -12.91 6.01 12.18
N ALA D 452 -13.84 6.89 12.58
CA ALA D 452 -13.97 8.17 11.90
C ALA D 452 -12.71 9.00 12.06
N ALA D 453 -12.13 9.02 13.26
CA ALA D 453 -10.90 9.75 13.48
C ALA D 453 -9.75 9.13 12.70
N TYR D 454 -9.64 7.81 12.70
CA TYR D 454 -8.56 7.16 11.97
C TYR D 454 -8.80 7.14 10.47
N ASN D 455 -10.04 7.38 10.02
CA ASN D 455 -10.43 7.20 8.63
C ASN D 455 -10.11 5.79 8.15
N ALA D 456 -10.39 4.81 9.00
CA ALA D 456 -10.09 3.42 8.74
C ALA D 456 -11.39 2.62 8.62
N ASP D 457 -11.47 1.81 7.57
CA ASP D 457 -12.56 0.86 7.40
C ASP D 457 -11.98 -0.53 7.23
N PHE D 458 -12.69 -1.53 7.74
CA PHE D 458 -12.15 -2.88 7.85
C PHE D 458 -12.34 -3.63 6.53
N ASP D 459 -11.46 -3.33 5.58
CA ASP D 459 -11.39 -4.07 4.32
C ASP D 459 -9.95 -4.36 3.97
N GLY D 460 -9.17 -4.83 4.93
CA GLY D 460 -7.76 -5.06 4.74
C GLY D 460 -6.85 -3.99 5.32
N ASP D 461 -7.40 -3.02 6.03
CA ASP D 461 -6.59 -1.98 6.65
C ASP D 461 -5.71 -2.58 7.73
N GLN D 462 -4.49 -2.05 7.83
CA GLN D 462 -3.54 -2.47 8.85
C GLN D 462 -3.10 -1.27 9.67
N MET D 463 -2.72 -1.53 10.92
CA MET D 463 -2.26 -0.48 11.81
C MET D 463 -1.02 -0.96 12.54
N ALA D 464 -0.12 -0.02 12.84
CA ALA D 464 1.08 -0.31 13.59
C ALA D 464 0.83 -0.14 15.07
N VAL D 465 1.56 -0.91 15.87
CA VAL D 465 1.42 -0.89 17.33
C VAL D 465 2.77 -0.54 17.93
N HIS D 466 2.92 0.71 18.36
CA HIS D 466 4.14 1.17 19.01
C HIS D 466 3.95 1.21 20.51
N VAL D 467 4.96 0.72 21.24
CA VAL D 467 4.87 0.55 22.68
C VAL D 467 5.63 1.68 23.35
N PRO D 468 4.96 2.57 24.10
CA PRO D 468 5.71 3.53 24.93
C PRO D 468 6.27 2.84 26.16
N LEU D 469 7.59 2.82 26.29
CA LEU D 469 8.25 1.95 27.26
C LEU D 469 8.95 2.73 28.38
N THR D 470 8.52 3.95 28.64
CA THR D 470 9.14 4.75 29.70
C THR D 470 8.04 5.37 30.55
N LEU D 471 8.36 5.64 31.82
CA LEU D 471 7.37 6.22 32.72
C LEU D 471 6.84 7.54 32.19
N GLU D 472 7.72 8.41 31.70
CA GLU D 472 7.25 9.64 31.07
C GLU D 472 6.43 9.34 29.83
N ALA D 473 6.88 8.37 29.02
CA ALA D 473 6.14 8.02 27.81
C ALA D 473 4.78 7.42 28.13
N GLN D 474 4.70 6.59 29.17
CA GLN D 474 3.41 6.02 29.53
C GLN D 474 2.44 7.09 30.00
N LEU D 475 2.91 8.05 30.80
CA LEU D 475 2.05 9.14 31.24
C LEU D 475 1.61 9.99 30.05
N GLU D 476 2.52 10.26 29.12
CA GLU D 476 2.15 11.02 27.92
C GLU D 476 1.09 10.28 27.12
N ALA D 477 1.23 8.97 26.98
CA ALA D 477 0.24 8.17 26.26
C ALA D 477 -1.04 7.97 27.05
N ARG D 478 -1.05 8.31 28.35
CA ARG D 478 -2.28 8.22 29.14
C ARG D 478 -2.98 9.56 29.30
N ALA D 479 -2.22 10.64 29.52
CA ALA D 479 -2.80 11.94 29.79
C ALA D 479 -2.89 12.84 28.57
N LEU D 480 -2.38 12.41 27.42
CA LEU D 480 -2.39 13.26 26.24
C LEU D 480 -2.93 12.54 25.01
N MET D 481 -2.79 11.22 24.97
CA MET D 481 -3.09 10.44 23.79
C MET D 481 -4.21 9.42 23.98
N MET D 482 -4.77 9.30 25.17
CA MET D 482 -5.82 8.31 25.37
C MET D 482 -7.05 8.68 24.54
N SER D 483 -7.75 7.67 24.06
CA SER D 483 -8.89 7.93 23.19
C SER D 483 -9.98 8.72 23.90
N THR D 484 -10.22 8.41 25.18
CA THR D 484 -11.21 9.16 25.95
C THR D 484 -10.78 10.61 26.18
N ASN D 485 -9.52 10.94 25.94
CA ASN D 485 -9.06 12.30 26.20
C ASN D 485 -9.41 13.24 25.05
N ASN D 486 -9.10 12.85 23.82
CA ASN D 486 -9.34 13.69 22.65
C ASN D 486 -10.65 13.25 21.99
N ILE D 487 -11.73 13.93 22.34
CA ILE D 487 -13.03 13.71 21.73
C ILE D 487 -13.34 14.80 20.71
N LEU D 488 -13.02 16.04 21.01
CA LEU D 488 -13.25 17.15 20.10
C LEU D 488 -12.08 17.29 19.15
N SER D 489 -12.37 17.28 17.85
CA SER D 489 -11.31 17.39 16.85
C SER D 489 -10.65 18.77 16.92
N PRO D 490 -9.32 18.84 16.85
CA PRO D 490 -8.65 20.14 16.98
C PRO D 490 -8.64 20.92 15.69
N ALA D 491 -9.76 20.97 15.00
CA ALA D 491 -9.87 21.73 13.76
C ALA D 491 -11.10 22.62 13.73
N ASN D 492 -12.24 22.14 14.23
CA ASN D 492 -13.46 22.95 14.27
C ASN D 492 -14.18 22.89 15.60
N GLY D 493 -13.79 22.02 16.52
CA GLY D 493 -14.47 21.90 17.80
C GLY D 493 -15.61 20.91 17.81
N GLU D 494 -16.01 20.38 16.67
CA GLU D 494 -17.05 19.37 16.65
C GLU D 494 -16.51 18.04 17.16
N PRO D 495 -17.34 17.26 17.85
CA PRO D 495 -16.86 15.96 18.37
C PRO D 495 -16.54 14.99 17.26
N ILE D 496 -15.25 14.64 17.11
CA ILE D 496 -14.86 13.71 16.06
C ILE D 496 -15.34 12.30 16.38
N ILE D 497 -15.33 11.93 17.65
CA ILE D 497 -15.81 10.60 18.06
C ILE D 497 -17.32 10.67 18.15
N VAL D 498 -17.99 10.32 17.06
CA VAL D 498 -19.45 10.37 16.99
C VAL D 498 -19.94 9.10 16.31
N PRO D 499 -20.99 8.46 16.83
CA PRO D 499 -21.47 7.23 16.22
C PRO D 499 -21.93 7.45 14.79
N SER D 500 -21.73 6.43 13.96
CA SER D 500 -22.10 6.48 12.55
C SER D 500 -22.49 5.08 12.10
N GLN D 501 -23.16 5.02 10.94
CA GLN D 501 -23.51 3.77 10.27
C GLN D 501 -24.52 3.01 11.13
N ASP D 502 -24.22 1.79 11.58
CA ASP D 502 -25.22 0.96 12.24
C ASP D 502 -25.77 1.62 13.50
N VAL D 503 -24.92 2.34 14.25
CA VAL D 503 -25.38 3.00 15.46
C VAL D 503 -26.43 4.06 15.12
N VAL D 504 -26.17 4.87 14.10
CA VAL D 504 -27.11 5.90 13.70
C VAL D 504 -28.40 5.27 13.19
N LEU D 505 -28.28 4.18 12.41
CA LEU D 505 -29.48 3.50 11.93
C LEU D 505 -30.31 2.95 13.09
N GLY D 506 -29.65 2.39 14.09
CA GLY D 506 -30.37 1.87 15.25
C GLY D 506 -31.07 2.96 16.03
N LEU D 507 -30.36 4.07 16.27
CA LEU D 507 -30.98 5.18 16.99
C LEU D 507 -32.15 5.77 16.19
N TYR D 508 -32.00 5.87 14.87
CA TYR D 508 -33.09 6.37 14.05
C TYR D 508 -34.30 5.44 14.09
N TYR D 509 -34.06 4.13 14.00
CA TYR D 509 -35.17 3.19 14.04
C TYR D 509 -35.83 3.17 15.41
N MET D 510 -35.06 3.38 16.47
CA MET D 510 -35.64 3.39 17.81
C MET D 510 -36.52 4.62 18.04
N THR D 511 -36.06 5.79 17.60
CA THR D 511 -36.78 7.04 17.82
C THR D 511 -37.53 7.41 16.54
N ARG D 512 -38.63 6.69 16.30
CA ARG D 512 -39.56 7.00 15.23
C ARG D 512 -40.97 6.73 15.71
N ASP D 513 -41.93 7.32 15.02
CA ASP D 513 -43.34 7.22 15.39
C ASP D 513 -44.15 6.64 14.25
N CYS D 514 -44.99 5.66 14.58
CA CYS D 514 -45.90 5.03 13.63
C CYS D 514 -47.33 5.41 13.97
N VAL D 515 -48.14 5.59 12.93
CA VAL D 515 -49.52 6.05 13.14
C VAL D 515 -50.30 5.03 13.95
N ASN D 516 -50.17 3.74 13.62
CA ASN D 516 -50.85 2.69 14.37
C ASN D 516 -49.87 1.55 14.61
N ALA D 517 -49.79 1.12 15.88
CA ALA D 517 -48.92 0.01 16.26
C ALA D 517 -49.46 -0.57 17.55
N LYS D 518 -48.76 -1.59 18.06
CA LYS D 518 -49.16 -2.23 19.32
C LYS D 518 -48.96 -1.23 20.44
N GLY D 519 -50.07 -0.69 20.96
CA GLY D 519 -49.99 0.29 22.01
C GLY D 519 -50.24 1.70 21.50
N GLU D 520 -51.39 2.26 21.84
CA GLU D 520 -51.75 3.61 21.42
C GLU D 520 -52.39 4.32 22.61
N GLY D 521 -51.85 5.49 22.96
CA GLY D 521 -52.38 6.24 24.07
C GLY D 521 -52.18 5.61 25.42
N MET D 522 -51.36 4.57 25.52
CA MET D 522 -51.09 3.94 26.81
C MET D 522 -50.33 4.90 27.71
N VAL D 523 -50.66 4.86 29.00
CA VAL D 523 -49.97 5.65 30.01
C VAL D 523 -49.20 4.69 30.91
N LEU D 524 -47.90 4.92 31.07
CA LEU D 524 -47.04 4.02 31.79
C LEU D 524 -46.15 4.81 32.76
N THR D 525 -45.66 4.13 33.79
CA THR D 525 -45.03 4.81 34.91
C THR D 525 -43.78 5.58 34.49
N GLY D 526 -42.94 4.97 33.66
CA GLY D 526 -41.71 5.61 33.26
C GLY D 526 -40.94 4.84 32.21
N PRO D 527 -39.70 5.25 31.97
CA PRO D 527 -38.87 4.55 30.98
C PRO D 527 -38.64 3.08 31.33
N LYS D 528 -38.70 2.72 32.60
CA LYS D 528 -38.53 1.31 32.97
C LYS D 528 -39.63 0.46 32.38
N GLU D 529 -40.88 0.93 32.44
CA GLU D 529 -41.98 0.15 31.90
C GLU D 529 -41.92 0.07 30.38
N ALA D 530 -41.30 1.05 29.72
CA ALA D 530 -41.20 1.02 28.27
C ALA D 530 -40.34 -0.14 27.81
N GLU D 531 -39.27 -0.45 28.54
CA GLU D 531 -38.43 -1.59 28.20
C GLU D 531 -39.15 -2.90 28.48
N ARG D 532 -39.90 -2.97 29.59
CA ARG D 532 -40.62 -4.19 29.92
C ARG D 532 -41.72 -4.48 28.89
N LEU D 533 -42.43 -3.45 28.46
CA LEU D 533 -43.50 -3.66 27.48
C LEU D 533 -42.94 -4.07 26.13
N TYR D 534 -41.82 -3.47 25.71
CA TYR D 534 -41.24 -3.81 24.42
C TYR D 534 -40.63 -5.21 24.44
N ARG D 535 -39.85 -5.53 25.47
CA ARG D 535 -39.18 -6.83 25.52
C ARG D 535 -40.19 -7.96 25.68
N SER D 536 -41.37 -7.68 26.21
CA SER D 536 -42.42 -8.69 26.34
C SER D 536 -43.21 -8.87 25.06
N GLY D 537 -43.03 -8.00 24.06
CA GLY D 537 -43.77 -8.10 22.83
C GLY D 537 -45.13 -7.44 22.85
N LEU D 538 -45.55 -6.87 23.98
CA LEU D 538 -46.86 -6.25 24.07
C LEU D 538 -46.91 -4.88 23.40
N ALA D 539 -45.77 -4.30 23.04
CA ALA D 539 -45.75 -2.99 22.41
C ALA D 539 -44.62 -2.95 21.40
N SER D 540 -44.74 -2.04 20.43
CA SER D 540 -43.76 -1.88 19.38
C SER D 540 -42.86 -0.69 19.67
N LEU D 541 -41.66 -0.73 19.09
CA LEU D 541 -40.68 0.32 19.32
C LEU D 541 -41.13 1.67 18.76
N HIS D 542 -42.03 1.67 17.79
CA HIS D 542 -42.48 2.90 17.14
C HIS D 542 -43.86 3.35 17.60
N ALA D 543 -44.40 2.73 18.64
CA ALA D 543 -45.71 3.13 19.15
C ALA D 543 -45.62 4.47 19.88
N ARG D 544 -46.75 5.14 19.98
CA ARG D 544 -46.85 6.44 20.65
C ARG D 544 -47.61 6.27 21.96
N VAL D 545 -46.98 6.68 23.07
CA VAL D 545 -47.55 6.53 24.40
C VAL D 545 -47.33 7.83 25.16
N LYS D 546 -47.74 7.82 26.44
CA LYS D 546 -47.48 8.91 27.37
C LYS D 546 -46.76 8.33 28.59
N VAL D 547 -45.56 8.82 28.86
CA VAL D 547 -44.70 8.26 29.89
C VAL D 547 -44.36 9.37 30.90
N ARG D 548 -44.50 9.05 32.18
CA ARG D 548 -44.08 9.97 33.23
C ARG D 548 -42.57 9.86 33.40
N ILE D 549 -41.85 10.95 33.13
CA ILE D 549 -40.40 10.95 33.04
C ILE D 549 -39.84 12.10 33.89
N THR D 550 -38.67 11.88 34.48
CA THR D 550 -38.00 12.88 35.30
C THR D 550 -36.81 13.47 34.55
N GLU D 551 -36.72 14.79 34.56
CA GLU D 551 -35.57 15.51 34.03
C GLU D 551 -34.76 16.12 35.16
N TYR D 552 -33.50 16.40 34.87
CA TYR D 552 -32.60 17.08 35.80
C TYR D 552 -32.08 18.36 35.15
N GLU D 553 -31.94 19.40 35.95
CA GLU D 553 -31.67 20.74 35.42
C GLU D 553 -30.52 21.37 36.22
N LYS D 554 -29.80 22.28 35.57
CA LYS D 554 -28.55 22.80 36.11
C LYS D 554 -28.52 24.32 36.19
N ASP D 555 -29.68 24.98 36.31
CA ASP D 555 -29.66 26.43 36.54
C ASP D 555 -29.05 26.77 37.89
N ALA D 556 -29.33 25.96 38.91
CA ALA D 556 -28.71 26.15 40.21
C ALA D 556 -27.19 26.01 40.09
N ASN D 557 -26.46 26.82 40.85
CA ASN D 557 -25.01 26.86 40.74
C ASN D 557 -24.42 25.54 41.24
N GLY D 558 -24.01 24.69 40.31
CA GLY D 558 -23.41 23.43 40.66
C GLY D 558 -24.35 22.41 41.28
N GLU D 559 -25.67 22.63 41.17
CA GLU D 559 -26.65 21.74 41.77
C GLU D 559 -27.65 21.29 40.70
N LEU D 560 -28.18 20.10 40.91
CA LEU D 560 -29.17 19.51 40.01
C LEU D 560 -30.53 19.49 40.70
N VAL D 561 -31.54 20.03 40.02
CA VAL D 561 -32.90 20.03 40.50
C VAL D 561 -33.72 19.08 39.63
N ALA D 562 -34.56 18.28 40.27
CA ALA D 562 -35.33 17.25 39.59
C ALA D 562 -36.77 17.70 39.42
N LYS D 563 -37.26 17.64 38.18
CA LYS D 563 -38.66 17.94 37.88
C LYS D 563 -39.29 16.72 37.23
N THR D 564 -40.55 16.48 37.54
CA THR D 564 -41.30 15.33 37.05
C THR D 564 -42.54 15.82 36.32
N SER D 565 -42.80 15.26 35.14
CA SER D 565 -43.94 15.68 34.35
C SER D 565 -44.37 14.51 33.47
N LEU D 566 -45.58 14.63 32.93
CA LEU D 566 -46.14 13.64 32.02
C LEU D 566 -45.98 14.13 30.59
N LYS D 567 -45.23 13.39 29.79
CA LYS D 567 -44.91 13.79 28.42
C LYS D 567 -45.43 12.75 27.43
N ASP D 568 -45.77 13.22 26.24
CA ASP D 568 -46.21 12.35 25.16
C ASP D 568 -45.03 12.06 24.22
N THR D 569 -44.64 10.80 24.15
CA THR D 569 -43.47 10.40 23.38
C THR D 569 -43.71 9.00 22.84
N THR D 570 -42.64 8.34 22.41
CA THR D 570 -42.72 6.97 21.90
C THR D 570 -42.10 6.01 22.90
N VAL D 571 -42.32 4.72 22.66
CA VAL D 571 -41.69 3.70 23.49
C VAL D 571 -40.19 3.69 23.26
N GLY D 572 -39.75 3.81 22.00
CA GLY D 572 -38.33 3.79 21.71
C GLY D 572 -37.59 4.94 22.35
N ARG D 573 -38.15 6.15 22.28
CA ARG D 573 -37.51 7.29 22.91
C ARG D 573 -37.45 7.14 24.43
N ALA D 574 -38.51 6.60 25.02
CA ALA D 574 -38.51 6.36 26.47
C ALA D 574 -37.43 5.36 26.85
N ILE D 575 -37.25 4.31 26.05
CA ILE D 575 -36.19 3.33 26.32
C ILE D 575 -34.83 4.00 26.17
N LEU D 576 -34.65 4.81 25.13
CA LEU D 576 -33.37 5.47 24.89
C LEU D 576 -33.02 6.44 26.00
N TRP D 577 -34.02 7.10 26.60
CA TRP D 577 -33.76 8.08 27.64
C TRP D 577 -33.03 7.49 28.84
N MET D 578 -33.12 6.18 29.04
CA MET D 578 -32.53 5.56 30.22
C MET D 578 -31.01 5.58 30.22
N ILE D 579 -30.37 5.91 29.10
CA ILE D 579 -28.91 5.91 29.06
C ILE D 579 -28.31 7.32 29.16
N VAL D 580 -29.10 8.37 28.94
CA VAL D 580 -28.58 9.73 29.01
C VAL D 580 -28.29 10.06 30.47
N PRO D 581 -27.31 10.91 30.75
CA PRO D 581 -27.00 11.25 32.14
C PRO D 581 -27.95 12.32 32.67
N LYS D 582 -27.88 12.53 33.98
CA LYS D 582 -28.66 13.59 34.60
C LYS D 582 -28.16 14.96 34.16
N GLY D 583 -29.09 15.88 33.97
CA GLY D 583 -28.76 17.24 33.59
C GLY D 583 -29.07 17.61 32.16
N LEU D 584 -29.75 16.75 31.41
CA LEU D 584 -30.08 17.06 30.04
C LEU D 584 -31.60 17.16 29.85
N PRO D 585 -32.08 18.17 29.14
CA PRO D 585 -33.53 18.29 28.92
C PRO D 585 -34.02 17.18 28.02
N TYR D 586 -35.29 16.82 28.17
CA TYR D 586 -35.85 15.72 27.39
C TYR D 586 -36.04 16.06 25.93
N SER D 587 -36.03 17.34 25.56
CA SER D 587 -36.22 17.70 24.16
C SER D 587 -35.04 17.30 23.28
N ILE D 588 -34.07 16.56 23.83
CA ILE D 588 -32.87 16.21 23.06
C ILE D 588 -33.00 14.80 22.49
N VAL D 589 -33.94 14.00 22.99
CA VAL D 589 -34.21 12.68 22.43
C VAL D 589 -35.58 12.60 21.78
N ASN D 590 -36.40 13.63 21.87
CA ASN D 590 -37.72 13.63 21.23
C ASN D 590 -37.62 14.05 19.78
N GLN D 591 -36.74 13.40 19.03
CA GLN D 591 -36.54 13.71 17.61
C GLN D 591 -36.33 12.40 16.86
N ALA D 592 -35.83 12.51 15.62
CA ALA D 592 -35.51 11.34 14.82
C ALA D 592 -34.06 10.90 14.99
N LEU D 593 -33.18 11.79 15.44
CA LEU D 593 -31.78 11.48 15.70
C LEU D 593 -31.07 10.97 14.44
N GLY D 594 -31.11 11.81 13.41
CA GLY D 594 -30.52 11.44 12.13
C GLY D 594 -29.08 11.89 11.91
N LYS D 595 -28.14 11.30 12.65
CA LYS D 595 -26.71 11.47 12.42
C LYS D 595 -26.24 12.89 12.72
N LYS D 596 -27.17 13.79 12.98
CA LYS D 596 -26.84 15.14 13.39
C LYS D 596 -27.38 15.47 14.76
N ALA D 597 -28.61 15.06 15.07
CA ALA D 597 -29.15 15.26 16.41
C ALA D 597 -28.35 14.47 17.43
N ILE D 598 -27.83 13.31 17.05
CA ILE D 598 -26.99 12.54 17.97
C ILE D 598 -25.65 13.23 18.19
N SER D 599 -25.08 13.80 17.13
CA SER D 599 -23.85 14.57 17.28
C SER D 599 -24.06 15.77 18.20
N LYS D 600 -25.19 16.46 18.04
CA LYS D 600 -25.49 17.58 18.92
C LYS D 600 -25.78 17.11 20.34
N MET D 601 -26.38 15.92 20.49
CA MET D 601 -26.55 15.32 21.80
C MET D 601 -25.22 15.14 22.51
N LEU D 602 -24.24 14.54 21.83
CA LEU D 602 -22.91 14.40 22.41
C LEU D 602 -22.24 15.74 22.68
N ASN D 603 -22.40 16.70 21.77
CA ASN D 603 -21.77 18.01 21.97
C ASN D 603 -22.35 18.73 23.20
N THR D 604 -23.68 18.72 23.35
CA THR D 604 -24.28 19.34 24.52
C THR D 604 -23.92 18.60 25.79
N CYS D 605 -23.85 17.26 25.74
CA CYS D 605 -23.44 16.51 26.91
C CYS D 605 -22.02 16.89 27.32
N TYR D 606 -21.12 17.02 26.35
CA TYR D 606 -19.76 17.44 26.67
C TYR D 606 -19.74 18.85 27.26
N ARG D 607 -20.45 19.78 26.62
CA ARG D 607 -20.39 21.17 27.05
C ARG D 607 -20.97 21.37 28.44
N ILE D 608 -22.07 20.67 28.74
CA ILE D 608 -22.78 20.93 30.00
C ILE D 608 -22.24 20.06 31.12
N LEU D 609 -22.05 18.76 30.87
CA LEU D 609 -21.66 17.83 31.92
C LEU D 609 -20.15 17.76 32.10
N GLY D 610 -19.42 17.39 31.06
CA GLY D 610 -17.98 17.30 31.16
C GLY D 610 -17.44 16.25 30.20
N LEU D 611 -16.45 15.48 30.67
CA LEU D 611 -15.77 14.48 29.85
C LEU D 611 -16.10 13.06 30.24
N LYS D 612 -16.02 12.71 31.53
CA LYS D 612 -16.40 11.37 31.95
C LYS D 612 -17.85 11.05 31.62
N PRO D 613 -18.83 11.90 31.95
CA PRO D 613 -20.22 11.59 31.54
C PRO D 613 -20.38 11.46 30.04
N THR D 614 -19.70 12.27 29.25
CA THR D 614 -19.88 12.16 27.80
C THR D 614 -19.21 10.91 27.24
N VAL D 615 -18.10 10.47 27.83
CA VAL D 615 -17.49 9.22 27.38
C VAL D 615 -18.40 8.03 27.71
N ILE D 616 -18.92 8.00 28.94
CA ILE D 616 -19.85 6.92 29.30
C ILE D 616 -21.09 6.97 28.42
N PHE D 617 -21.56 8.18 28.12
CA PHE D 617 -22.72 8.34 27.27
C PHE D 617 -22.45 7.85 25.85
N ALA D 618 -21.26 8.13 25.31
CA ALA D 618 -20.92 7.66 23.97
C ALA D 618 -20.86 6.14 23.93
N ASP D 619 -20.25 5.52 24.94
CA ASP D 619 -20.20 4.07 24.96
C ASP D 619 -21.61 3.46 25.04
N GLN D 620 -22.46 4.01 25.93
CA GLN D 620 -23.82 3.50 26.03
C GLN D 620 -24.61 3.71 24.74
N ILE D 621 -24.42 4.86 24.10
CA ILE D 621 -25.11 5.15 22.85
C ILE D 621 -24.71 4.13 21.79
N MET D 622 -23.41 3.85 21.66
CA MET D 622 -23.00 2.90 20.64
C MET D 622 -23.52 1.49 20.95
N TYR D 623 -23.48 1.09 22.22
CA TYR D 623 -24.00 -0.23 22.59
C TYR D 623 -25.47 -0.36 22.21
N THR D 624 -26.30 0.60 22.66
CA THR D 624 -27.73 0.49 22.40
C THR D 624 -28.06 0.65 20.92
N GLY D 625 -27.32 1.50 20.20
CA GLY D 625 -27.54 1.63 18.78
C GLY D 625 -27.24 0.35 18.04
N PHE D 626 -26.12 -0.30 18.35
CA PHE D 626 -25.81 -1.58 17.72
C PHE D 626 -26.88 -2.61 18.03
N ALA D 627 -27.27 -2.71 19.30
CA ALA D 627 -28.25 -3.72 19.69
C ALA D 627 -29.58 -3.53 18.96
N TYR D 628 -30.10 -2.30 18.95
CA TYR D 628 -31.39 -2.08 18.33
C TYR D 628 -31.34 -2.05 16.80
N ALA D 629 -30.21 -1.68 16.20
CA ALA D 629 -30.07 -1.83 14.76
C ALA D 629 -30.08 -3.30 14.37
N ALA D 630 -29.42 -4.16 15.15
CA ALA D 630 -29.48 -5.59 14.89
C ALA D 630 -30.89 -6.13 15.09
N ARG D 631 -31.56 -5.70 16.16
CA ARG D 631 -32.91 -6.19 16.41
C ARG D 631 -33.88 -5.75 15.33
N SER D 632 -33.67 -4.56 14.75
CA SER D 632 -34.57 -4.06 13.74
C SER D 632 -34.60 -4.95 12.51
N GLY D 633 -33.49 -5.59 12.18
CA GLY D 633 -33.42 -6.40 10.97
C GLY D 633 -33.53 -5.60 9.71
N ALA D 634 -32.94 -4.40 9.68
CA ALA D 634 -32.99 -3.57 8.48
C ALA D 634 -32.17 -4.22 7.37
N SER D 635 -32.80 -4.42 6.22
CA SER D 635 -32.17 -5.08 5.09
C SER D 635 -32.53 -4.35 3.81
N VAL D 636 -31.61 -4.37 2.85
CA VAL D 636 -31.80 -3.72 1.56
C VAL D 636 -32.13 -4.79 0.53
N GLY D 637 -33.25 -4.60 -0.18
CA GLY D 637 -33.70 -5.54 -1.18
C GLY D 637 -33.79 -4.89 -2.54
N ILE D 638 -34.25 -5.69 -3.52
CA ILE D 638 -34.41 -5.17 -4.86
C ILE D 638 -35.72 -4.40 -5.01
N ASP D 639 -36.69 -4.63 -4.13
CA ASP D 639 -37.95 -3.90 -4.17
C ASP D 639 -37.92 -2.60 -3.39
N ASP D 640 -36.88 -2.36 -2.59
CA ASP D 640 -36.77 -1.13 -1.82
C ASP D 640 -36.46 0.07 -2.69
N MET D 641 -36.00 -0.14 -3.92
CA MET D 641 -35.78 0.95 -4.87
C MET D 641 -37.08 1.15 -5.65
N VAL D 642 -38.02 1.85 -5.02
CA VAL D 642 -39.33 2.06 -5.62
C VAL D 642 -39.19 2.92 -6.86
N ILE D 643 -39.61 2.40 -8.00
CA ILE D 643 -39.50 3.12 -9.26
C ILE D 643 -40.65 4.12 -9.35
N PRO D 644 -40.41 5.37 -9.74
CA PRO D 644 -41.52 6.30 -9.92
C PRO D 644 -42.36 5.90 -11.12
N GLU D 645 -43.68 6.06 -11.00
CA GLU D 645 -44.58 5.66 -12.07
C GLU D 645 -44.61 6.68 -13.20
N LYS D 646 -44.14 7.90 -12.97
CA LYS D 646 -44.18 8.95 -13.97
C LYS D 646 -42.88 9.09 -14.76
N LYS D 647 -41.91 8.18 -14.55
CA LYS D 647 -40.62 8.32 -15.20
C LYS D 647 -40.76 8.22 -16.72
N HIS D 648 -41.47 7.21 -17.19
CA HIS D 648 -41.56 7.00 -18.64
C HIS D 648 -42.35 8.10 -19.32
N GLU D 649 -43.38 8.64 -18.66
CA GLU D 649 -44.16 9.70 -19.27
C GLU D 649 -43.33 10.96 -19.47
N ILE D 650 -42.57 11.35 -18.46
CA ILE D 650 -41.71 12.53 -18.61
C ILE D 650 -40.55 12.26 -19.55
N ILE D 651 -40.04 11.02 -19.63
CA ILE D 651 -39.06 10.71 -20.65
C ILE D 651 -39.66 10.89 -22.04
N SER D 652 -40.90 10.44 -22.23
CA SER D 652 -41.55 10.58 -23.53
C SER D 652 -41.76 12.05 -23.88
N GLU D 653 -42.19 12.87 -22.91
CA GLU D 653 -42.36 14.29 -23.21
C GLU D 653 -41.03 14.99 -23.48
N ALA D 654 -39.96 14.59 -22.78
CA ALA D 654 -38.64 15.13 -23.10
C ALA D 654 -38.21 14.75 -24.51
N GLU D 655 -38.46 13.50 -24.92
CA GLU D 655 -38.13 13.10 -26.28
C GLU D 655 -38.95 13.90 -27.29
N ALA D 656 -40.22 14.15 -27.00
CA ALA D 656 -41.04 14.95 -27.90
C ALA D 656 -40.50 16.36 -28.03
N GLU D 657 -40.10 16.97 -26.91
CA GLU D 657 -39.51 18.31 -26.97
C GLU D 657 -38.21 18.30 -27.77
N VAL D 658 -37.39 17.26 -27.58
CA VAL D 658 -36.12 17.17 -28.31
C VAL D 658 -36.38 17.02 -29.80
N ALA D 659 -37.39 16.23 -30.17
CA ALA D 659 -37.75 16.10 -31.58
C ALA D 659 -38.23 17.43 -32.14
N GLU D 660 -39.00 18.18 -31.36
CA GLU D 660 -39.47 19.49 -31.82
C GLU D 660 -38.29 20.44 -32.04
N ILE D 661 -37.32 20.44 -31.13
CA ILE D 661 -36.18 21.33 -31.31
C ILE D 661 -35.29 20.86 -32.44
N GLN D 662 -35.23 19.55 -32.69
CA GLN D 662 -34.52 19.04 -33.86
C GLN D 662 -35.17 19.51 -35.15
N GLU D 663 -36.51 19.50 -35.19
CA GLU D 663 -37.22 20.05 -36.34
C GLU D 663 -36.94 21.54 -36.49
N GLN D 664 -36.88 22.26 -35.37
CA GLN D 664 -36.54 23.68 -35.42
C GLN D 664 -35.15 23.91 -36.01
N PHE D 665 -34.18 23.10 -35.59
CA PHE D 665 -32.84 23.19 -36.16
C PHE D 665 -32.86 22.86 -37.66
N GLN D 666 -33.65 21.86 -38.05
CA GLN D 666 -33.77 21.52 -39.46
C GLN D 666 -34.39 22.68 -40.25
N SER D 667 -35.25 23.47 -39.62
CA SER D 667 -35.80 24.65 -40.28
C SER D 667 -34.76 25.72 -40.52
N GLY D 668 -33.63 25.67 -39.82
CA GLY D 668 -32.54 26.59 -40.05
C GLY D 668 -32.54 27.87 -39.24
N LEU D 669 -33.56 28.09 -38.42
CA LEU D 669 -33.64 29.31 -37.62
C LEU D 669 -32.97 29.14 -36.26
N VAL D 670 -32.44 27.97 -35.94
CA VAL D 670 -31.78 27.71 -34.67
C VAL D 670 -30.34 27.30 -34.94
N THR D 671 -29.40 27.95 -34.26
CA THR D 671 -28.00 27.63 -34.41
C THR D 671 -27.65 26.40 -33.56
N ALA D 672 -26.45 25.85 -33.83
CA ALA D 672 -26.02 24.65 -33.11
C ALA D 672 -25.86 24.92 -31.62
N GLY D 673 -25.26 26.06 -31.26
CA GLY D 673 -25.08 26.37 -29.85
C GLY D 673 -26.40 26.52 -29.12
N GLU D 674 -27.37 27.20 -29.74
CA GLU D 674 -28.66 27.41 -29.11
C GLU D 674 -29.37 26.08 -28.85
N ARG D 675 -29.43 25.21 -29.86
CA ARG D 675 -30.10 23.93 -29.67
C ARG D 675 -29.36 23.05 -28.68
N TYR D 676 -28.03 23.09 -28.69
CA TYR D 676 -27.26 22.29 -27.75
C TYR D 676 -27.51 22.74 -26.31
N ASN D 677 -27.46 24.05 -26.06
CA ASN D 677 -27.75 24.55 -24.73
C ASN D 677 -29.18 24.26 -24.31
N LYS D 678 -30.14 24.40 -25.24
CA LYS D 678 -31.53 24.13 -24.91
C LYS D 678 -31.76 22.66 -24.59
N VAL D 679 -31.10 21.75 -25.33
CA VAL D 679 -31.28 20.34 -25.06
C VAL D 679 -30.64 19.97 -23.72
N ILE D 680 -29.49 20.58 -23.39
CA ILE D 680 -28.93 20.35 -22.06
C ILE D 680 -29.88 20.86 -20.97
N ASP D 681 -30.46 22.04 -21.20
CA ASP D 681 -31.37 22.60 -20.19
C ASP D 681 -32.59 21.73 -19.99
N ILE D 682 -33.21 21.25 -21.08
CA ILE D 682 -34.42 20.45 -20.94
C ILE D 682 -34.09 19.10 -20.33
N TRP D 683 -32.94 18.51 -20.69
CA TRP D 683 -32.57 17.24 -20.07
C TRP D 683 -32.31 17.41 -18.58
N ALA D 684 -31.64 18.50 -18.19
CA ALA D 684 -31.44 18.77 -16.77
C ALA D 684 -32.76 18.98 -16.04
N ALA D 685 -33.70 19.68 -16.68
CA ALA D 685 -35.01 19.87 -16.07
C ALA D 685 -35.74 18.54 -15.90
N ALA D 686 -35.65 17.67 -16.91
CA ALA D 686 -36.28 16.35 -16.80
C ALA D 686 -35.64 15.52 -15.70
N ASN D 687 -34.31 15.60 -15.58
CA ASN D 687 -33.63 14.90 -14.49
C ASN D 687 -34.09 15.41 -13.14
N ASP D 688 -34.20 16.73 -12.98
CA ASP D 688 -34.69 17.29 -11.73
C ASP D 688 -36.11 16.82 -11.45
N ARG D 689 -36.96 16.81 -12.48
CA ARG D 689 -38.34 16.40 -12.29
C ARG D 689 -38.45 14.93 -11.89
N VAL D 690 -37.66 14.06 -12.52
CA VAL D 690 -37.74 12.64 -12.19
C VAL D 690 -37.19 12.39 -10.79
N SER D 691 -36.11 13.07 -10.42
CA SER D 691 -35.59 12.91 -9.06
C SER D 691 -36.60 13.40 -8.03
N LYS D 692 -37.23 14.56 -8.28
CA LYS D 692 -38.22 15.07 -7.35
C LYS D 692 -39.41 14.11 -7.24
N ALA D 693 -39.93 13.62 -8.37
CA ALA D 693 -41.06 12.71 -8.33
C ALA D 693 -40.73 11.42 -7.62
N MET D 694 -39.52 10.88 -7.84
CA MET D 694 -39.07 9.75 -7.05
C MET D 694 -39.09 10.08 -5.57
N MET D 695 -38.66 11.29 -5.19
CA MET D 695 -38.60 11.65 -3.79
C MET D 695 -40.00 11.71 -3.18
N ASP D 696 -40.97 12.27 -3.91
CA ASP D 696 -42.33 12.27 -3.38
C ASP D 696 -42.89 10.86 -3.27
N ASN D 697 -42.57 10.00 -4.24
CA ASN D 697 -43.11 8.64 -4.18
C ASN D 697 -42.47 7.83 -3.06
N LEU D 698 -41.25 8.17 -2.67
CA LEU D 698 -40.49 7.37 -1.72
C LEU D 698 -40.50 7.92 -0.29
N GLN D 699 -40.73 9.23 -0.11
CA GLN D 699 -40.69 9.82 1.23
C GLN D 699 -41.81 9.28 2.11
N THR D 700 -43.06 9.50 1.71
CA THR D 700 -44.20 9.12 2.52
C THR D 700 -45.02 8.04 1.82
N GLU D 701 -44.33 7.05 1.23
CA GLU D 701 -45.02 6.02 0.48
C GLU D 701 -45.98 5.23 1.37
N THR D 702 -45.55 4.90 2.58
CA THR D 702 -46.38 4.10 3.47
C THR D 702 -47.56 4.92 3.96
N VAL D 703 -48.76 4.42 3.67
CA VAL D 703 -50.01 5.00 4.16
C VAL D 703 -50.74 3.93 4.96
N ILE D 704 -50.89 4.16 6.26
CA ILE D 704 -51.47 3.18 7.17
C ILE D 704 -52.69 3.79 7.83
N ASN D 705 -53.76 3.01 7.90
CA ASN D 705 -54.99 3.48 8.53
C ASN D 705 -54.79 3.66 10.02
N ARG D 706 -55.31 4.78 10.53
CA ARG D 706 -55.34 5.07 11.95
C ARG D 706 -56.60 4.46 12.55
N ASP D 707 -56.92 4.87 13.78
CA ASP D 707 -58.15 4.40 14.40
C ASP D 707 -59.39 4.84 13.61
N GLY D 708 -59.26 5.87 12.77
CA GLY D 708 -60.33 6.27 11.88
C GLY D 708 -59.81 6.74 10.53
N GLN D 709 -60.49 6.32 9.46
CA GLN D 709 -60.17 6.74 8.08
C GLN D 709 -58.75 6.25 7.76
N GLU D 710 -58.00 6.97 6.92
CA GLU D 710 -56.65 6.58 6.56
C GLU D 710 -55.73 7.80 6.67
N GLU D 711 -54.47 7.53 6.99
CA GLU D 711 -53.48 8.58 7.23
C GLU D 711 -52.15 8.16 6.62
N LYS D 712 -51.37 9.15 6.19
CA LYS D 712 -50.05 8.93 5.62
C LYS D 712 -48.99 9.54 6.52
N GLN D 713 -47.81 8.93 6.50
CA GLN D 713 -46.70 9.37 7.34
C GLN D 713 -45.40 8.92 6.67
N VAL D 714 -44.27 9.36 7.25
CA VAL D 714 -42.95 9.06 6.69
C VAL D 714 -42.79 7.55 6.55
N SER D 715 -42.33 7.13 5.38
CA SER D 715 -42.26 5.72 5.05
C SER D 715 -41.13 5.03 5.80
N PHE D 716 -41.30 3.72 6.00
CA PHE D 716 -40.30 2.87 6.63
C PHE D 716 -39.48 2.09 5.60
N ASN D 717 -39.32 2.64 4.40
CA ASN D 717 -38.49 2.01 3.39
C ASN D 717 -37.04 1.96 3.85
N SER D 718 -36.43 0.79 3.79
CA SER D 718 -35.11 0.60 4.38
C SER D 718 -34.08 1.50 3.72
N ILE D 719 -34.10 1.61 2.40
CA ILE D 719 -33.18 2.50 1.70
C ILE D 719 -33.47 3.95 2.07
N TYR D 720 -34.75 4.32 2.14
CA TYR D 720 -35.08 5.68 2.55
C TYR D 720 -34.66 5.95 3.99
N MET D 721 -34.79 4.94 4.85
CA MET D 721 -34.33 5.10 6.23
C MET D 721 -32.83 5.32 6.29
N MET D 722 -32.08 4.55 5.49
CA MET D 722 -30.62 4.71 5.47
C MET D 722 -30.23 6.07 4.93
N ALA D 723 -30.98 6.58 3.95
CA ALA D 723 -30.65 7.88 3.37
C ALA D 723 -31.02 9.03 4.30
N ASP D 724 -32.21 8.97 4.91
CA ASP D 724 -32.68 10.09 5.71
C ASP D 724 -32.02 10.11 7.08
N SER D 725 -31.71 8.94 7.64
CA SER D 725 -31.05 8.88 8.94
C SER D 725 -29.62 9.39 8.88
N GLY D 726 -29.05 9.58 7.70
CA GLY D 726 -27.69 10.02 7.59
C GLY D 726 -26.66 8.96 7.91
N ALA D 727 -27.10 7.72 8.12
CA ALA D 727 -26.15 6.66 8.44
C ALA D 727 -25.17 6.43 7.30
N ARG D 728 -25.69 6.29 6.09
CA ARG D 728 -24.84 6.08 4.92
C ARG D 728 -25.65 6.37 3.67
N GLY D 729 -25.02 7.03 2.71
CA GLY D 729 -25.70 7.44 1.50
C GLY D 729 -26.34 8.80 1.64
N SER D 730 -26.88 9.27 0.52
CA SER D 730 -27.50 10.59 0.46
C SER D 730 -28.46 10.60 -0.71
N ALA D 731 -29.33 11.62 -0.74
CA ALA D 731 -30.34 11.71 -1.78
C ALA D 731 -29.71 11.73 -3.16
N ALA D 732 -28.51 12.31 -3.29
CA ALA D 732 -27.82 12.32 -4.57
C ALA D 732 -27.50 10.90 -5.02
N GLN D 733 -27.04 10.05 -4.10
CA GLN D 733 -26.77 8.66 -4.45
C GLN D 733 -28.04 7.84 -4.62
N ILE D 734 -29.13 8.22 -3.95
CA ILE D 734 -30.40 7.54 -4.17
C ILE D 734 -30.93 7.84 -5.56
N ARG D 735 -30.67 9.05 -6.06
CA ARG D 735 -31.19 9.45 -7.37
C ARG D 735 -30.61 8.58 -8.49
N GLN D 736 -29.51 7.89 -8.24
CA GLN D 736 -28.92 7.00 -9.23
C GLN D 736 -29.37 5.55 -9.07
N LEU D 737 -30.27 5.26 -8.13
CA LEU D 737 -30.77 3.92 -7.91
C LEU D 737 -32.19 3.72 -8.41
N ALA D 738 -33.05 4.71 -8.22
CA ALA D 738 -34.43 4.66 -8.71
C ALA D 738 -34.73 5.70 -9.76
N GLY D 739 -34.25 6.93 -9.59
CA GLY D 739 -34.34 7.93 -10.63
C GLY D 739 -33.30 7.70 -11.71
N MET D 740 -33.33 8.56 -12.73
CA MET D 740 -32.37 8.44 -13.81
C MET D 740 -30.99 8.80 -13.33
N ARG D 741 -29.97 8.24 -14.01
CA ARG D 741 -28.59 8.58 -13.69
C ARG D 741 -28.29 10.03 -14.02
N GLY D 742 -28.83 10.53 -15.12
CA GLY D 742 -28.70 11.94 -15.47
C GLY D 742 -27.48 12.24 -16.32
N LEU D 743 -27.32 13.52 -16.60
CA LEU D 743 -26.20 13.99 -17.41
C LEU D 743 -24.88 13.65 -16.74
N MET D 744 -23.95 13.10 -17.53
CA MET D 744 -22.60 12.83 -17.05
C MET D 744 -21.70 12.62 -18.25
N ALA D 745 -20.58 13.33 -18.27
CA ALA D 745 -19.60 13.24 -19.35
C ALA D 745 -18.34 13.97 -18.95
N LYS D 746 -17.18 13.37 -19.21
CA LYS D 746 -15.92 14.08 -19.08
C LYS D 746 -14.81 13.50 -19.96
N PRO D 747 -15.01 13.38 -21.28
CA PRO D 747 -13.86 13.06 -22.13
C PRO D 747 -12.82 14.17 -22.12
N ASP D 748 -13.28 15.42 -22.08
CA ASP D 748 -12.40 16.57 -21.94
C ASP D 748 -12.98 17.52 -20.90
N GLY D 749 -14.28 17.43 -20.61
CA GLY D 749 -14.99 18.39 -19.79
C GLY D 749 -16.32 18.81 -20.37
N SER D 750 -16.64 18.38 -21.59
CA SER D 750 -17.92 18.69 -22.21
C SER D 750 -19.00 17.75 -21.69
N ILE D 751 -20.22 17.94 -22.18
CA ILE D 751 -21.37 17.13 -21.76
C ILE D 751 -22.05 16.60 -23.01
N ILE D 752 -22.33 15.29 -23.04
CA ILE D 752 -23.07 14.70 -24.14
C ILE D 752 -24.52 15.17 -24.09
N GLU D 753 -25.12 15.32 -25.29
CA GLU D 753 -26.51 15.75 -25.36
C GLU D 753 -27.44 14.71 -24.75
N THR D 754 -27.30 13.45 -25.14
CA THR D 754 -28.16 12.38 -24.65
C THR D 754 -27.66 11.88 -23.31
N PRO D 755 -28.46 11.91 -22.26
CA PRO D 755 -28.01 11.44 -20.94
C PRO D 755 -28.19 9.94 -20.80
N ILE D 756 -27.89 9.44 -19.61
CA ILE D 756 -28.16 8.05 -19.24
C ILE D 756 -29.54 8.02 -18.59
N THR D 757 -30.51 7.46 -19.30
CA THR D 757 -31.89 7.44 -18.84
C THR D 757 -32.24 6.17 -18.07
N ALA D 758 -31.27 5.31 -17.80
CA ALA D 758 -31.50 4.07 -17.07
C ALA D 758 -30.76 4.12 -15.74
N ASN D 759 -31.35 3.49 -14.73
CA ASN D 759 -30.79 3.48 -13.39
C ASN D 759 -30.16 2.12 -13.11
N PHE D 760 -29.58 1.97 -11.91
CA PHE D 760 -28.93 0.71 -11.56
C PHE D 760 -29.93 -0.38 -11.21
N ARG D 761 -31.11 -0.02 -10.73
CA ARG D 761 -32.13 -1.03 -10.46
C ARG D 761 -32.53 -1.74 -11.74
N GLU D 762 -32.72 -0.99 -12.82
CA GLU D 762 -32.89 -1.58 -14.14
C GLU D 762 -31.51 -1.82 -14.76
N GLY D 763 -31.50 -2.32 -15.97
CA GLY D 763 -30.25 -2.57 -16.66
C GLY D 763 -29.70 -1.32 -17.34
N LEU D 764 -28.44 -1.43 -17.77
CA LEU D 764 -27.80 -0.41 -18.58
C LEU D 764 -27.22 -1.08 -19.81
N ASN D 765 -27.53 -0.54 -21.00
CA ASN D 765 -26.98 -1.11 -22.21
C ASN D 765 -25.50 -0.73 -22.34
N VAL D 766 -24.90 -1.14 -23.46
CA VAL D 766 -23.46 -1.03 -23.61
C VAL D 766 -23.02 0.43 -23.63
N LEU D 767 -23.74 1.28 -24.37
CA LEU D 767 -23.31 2.66 -24.53
C LEU D 767 -23.46 3.46 -23.23
N GLN D 768 -24.54 3.25 -22.48
CA GLN D 768 -24.70 3.98 -21.22
C GLN D 768 -23.60 3.61 -20.22
N TYR D 769 -23.30 2.31 -20.11
CA TYR D 769 -22.20 1.89 -19.23
C TYR D 769 -20.87 2.42 -19.71
N PHE D 770 -20.62 2.38 -21.02
CA PHE D 770 -19.36 2.87 -21.56
C PHE D 770 -19.22 4.38 -21.35
N ILE D 771 -20.33 5.11 -21.38
CA ILE D 771 -20.28 6.54 -21.13
C ILE D 771 -19.98 6.83 -19.66
N SER D 772 -20.65 6.10 -18.75
CA SER D 772 -20.36 6.28 -17.34
C SER D 772 -18.92 5.89 -16.98
N THR D 773 -18.33 4.99 -17.76
CA THR D 773 -16.93 4.62 -17.53
C THR D 773 -16.00 5.82 -17.64
N HIS D 774 -16.32 6.78 -18.52
CA HIS D 774 -15.49 7.98 -18.63
C HIS D 774 -15.36 8.69 -17.30
N GLY D 775 -16.50 9.00 -16.68
CA GLY D 775 -16.49 9.68 -15.40
C GLY D 775 -15.87 8.84 -14.30
N ALA D 776 -16.15 7.55 -14.28
CA ALA D 776 -15.59 6.68 -13.25
C ALA D 776 -14.07 6.65 -13.32
N ARG D 777 -13.52 6.45 -14.53
CA ARG D 777 -12.07 6.42 -14.69
C ARG D 777 -11.46 7.77 -14.37
N LYS D 778 -12.12 8.86 -14.78
CA LYS D 778 -11.58 10.19 -14.48
C LYS D 778 -11.52 10.42 -12.98
N GLY D 779 -12.56 10.04 -12.25
CA GLY D 779 -12.55 10.19 -10.81
C GLY D 779 -11.48 9.34 -10.15
N LEU D 780 -11.36 8.07 -10.57
CA LEU D 780 -10.37 7.19 -9.98
C LEU D 780 -8.94 7.63 -10.29
N ALA D 781 -8.71 8.25 -11.44
CA ALA D 781 -7.39 8.77 -11.74
C ALA D 781 -7.12 10.07 -11.00
N ASP D 782 -8.14 10.92 -10.85
CA ASP D 782 -7.95 12.18 -10.15
C ASP D 782 -7.66 11.95 -8.67
N THR D 783 -8.34 10.98 -8.05
CA THR D 783 -8.13 10.73 -6.64
C THR D 783 -6.68 10.34 -6.35
N ALA D 784 -6.10 9.50 -7.22
CA ALA D 784 -4.75 9.01 -6.98
C ALA D 784 -3.68 10.07 -7.24
N LEU D 785 -4.00 11.14 -7.97
CA LEU D 785 -3.02 12.16 -8.32
C LEU D 785 -3.27 13.51 -7.67
N LYS D 786 -4.25 13.62 -6.77
CA LYS D 786 -4.43 14.83 -5.98
C LYS D 786 -3.97 14.64 -4.54
N THR D 787 -3.91 13.39 -4.07
CA THR D 787 -3.39 13.13 -2.72
C THR D 787 -1.94 13.56 -2.61
N ALA D 788 -1.14 13.33 -3.66
CA ALA D 788 0.25 13.77 -3.63
C ALA D 788 0.34 15.30 -3.53
N ASN D 789 -0.47 16.01 -4.31
CA ASN D 789 -0.42 17.46 -4.28
C ASN D 789 -0.98 18.03 -2.99
N SER D 790 -1.83 17.30 -2.29
CA SER D 790 -2.25 17.73 -0.96
C SER D 790 -1.21 17.41 0.11
N GLY D 791 -0.55 16.26 0.00
CA GLY D 791 0.51 15.93 0.94
C GLY D 791 1.69 16.88 0.84
N TYR D 792 2.02 17.32 -0.37
CA TYR D 792 3.09 18.30 -0.53
C TYR D 792 2.70 19.63 0.13
N LEU D 793 1.44 20.04 -0.03
CA LEU D 793 0.99 21.26 0.62
C LEU D 793 1.06 21.13 2.13
N THR D 794 0.64 19.97 2.67
CA THR D 794 0.74 19.76 4.11
C THR D 794 2.18 19.79 4.57
N ARG D 795 3.09 19.20 3.80
CA ARG D 795 4.51 19.26 4.13
C ARG D 795 4.99 20.70 4.23
N ARG D 796 4.66 21.51 3.23
CA ARG D 796 5.10 22.91 3.24
C ARG D 796 4.50 23.67 4.42
N LEU D 797 3.22 23.47 4.69
CA LEU D 797 2.58 24.17 5.80
C LEU D 797 3.19 23.78 7.14
N VAL D 798 3.45 22.48 7.33
CA VAL D 798 4.04 22.02 8.58
C VAL D 798 5.45 22.58 8.73
N ASP D 799 6.23 22.59 7.65
CA ASP D 799 7.57 23.15 7.73
C ASP D 799 7.53 24.63 8.11
N VAL D 800 6.61 25.38 7.51
CA VAL D 800 6.53 26.81 7.80
C VAL D 800 6.10 27.05 9.25
N ALA D 801 5.11 26.29 9.72
CA ALA D 801 4.47 26.58 11.00
C ALA D 801 5.03 25.77 12.17
N GLN D 802 6.06 24.95 11.95
CA GLN D 802 6.54 24.10 13.03
C GLN D 802 7.08 24.91 14.20
N ASP D 803 7.78 26.02 13.95
CA ASP D 803 8.33 26.84 15.03
C ASP D 803 7.23 27.82 15.47
N LEU D 804 6.29 27.30 16.25
CA LEU D 804 5.24 28.14 16.82
C LEU D 804 4.72 27.46 18.08
N VAL D 805 5.03 28.01 19.23
CA VAL D 805 4.59 27.48 20.51
C VAL D 805 4.09 28.63 21.37
N VAL D 806 3.00 28.38 22.10
CA VAL D 806 2.44 29.36 23.03
C VAL D 806 3.37 29.45 24.22
N THR D 807 4.11 30.56 24.33
CA THR D 807 5.09 30.74 25.39
C THR D 807 4.74 31.84 26.38
N GLU D 808 3.65 32.57 26.15
CA GLU D 808 3.28 33.69 26.99
C GLU D 808 1.84 33.51 27.47
N ASP D 809 1.47 34.33 28.46
CA ASP D 809 0.11 34.31 28.99
C ASP D 809 -0.77 35.37 28.31
N ASP D 810 -0.33 36.62 28.33
CA ASP D 810 -1.08 37.71 27.71
C ASP D 810 -0.13 38.85 27.44
N CYS D 811 0.03 39.22 26.17
CA CYS D 811 0.94 40.31 25.81
C CYS D 811 0.38 41.67 26.17
N GLY D 812 -0.93 41.77 26.42
CA GLY D 812 -1.52 43.04 26.80
C GLY D 812 -1.82 43.99 25.66
N THR D 813 -1.60 43.57 24.42
CA THR D 813 -1.83 44.45 23.29
C THR D 813 -3.32 44.75 23.13
N HIS D 814 -3.61 45.96 22.66
CA HIS D 814 -4.97 46.41 22.42
C HIS D 814 -5.45 46.11 21.01
N GLU D 815 -4.60 45.56 20.15
CA GLU D 815 -4.96 45.35 18.76
C GLU D 815 -6.03 44.26 18.64
N GLY D 816 -6.82 44.36 17.57
CA GLY D 816 -7.87 43.40 17.33
C GLY D 816 -8.23 43.36 15.86
N ILE D 817 -9.11 42.43 15.52
CA ILE D 817 -9.58 42.22 14.15
C ILE D 817 -11.10 42.27 14.15
N MET D 818 -11.67 43.07 13.26
CA MET D 818 -13.12 43.13 13.12
C MET D 818 -13.64 41.80 12.58
N MET D 819 -14.56 41.18 13.33
CA MET D 819 -15.15 39.90 12.94
C MET D 819 -16.65 40.09 12.77
N THR D 820 -17.08 40.30 11.54
CA THR D 820 -18.48 40.38 11.17
C THR D 820 -18.90 39.09 10.49
N PRO D 821 -20.18 38.72 10.56
CA PRO D 821 -20.62 37.48 9.91
C PRO D 821 -20.33 37.52 8.41
N VAL D 822 -19.83 36.40 7.90
CA VAL D 822 -19.46 36.33 6.49
C VAL D 822 -20.73 36.27 5.65
N ILE D 823 -20.85 37.18 4.69
CA ILE D 823 -22.03 37.30 3.86
C ILE D 823 -21.61 37.32 2.39
N GLU D 824 -22.43 36.70 1.54
CA GLU D 824 -22.16 36.64 0.10
C GLU D 824 -23.48 36.90 -0.62
N GLY D 825 -23.59 38.05 -1.26
CA GLY D 825 -24.81 38.39 -1.97
C GLY D 825 -25.98 38.65 -1.04
N GLY D 826 -26.96 37.75 -1.06
CA GLY D 826 -28.15 37.94 -0.26
C GLY D 826 -28.44 36.83 0.73
N ASP D 827 -27.57 35.82 0.78
CA ASP D 827 -27.77 34.66 1.62
C ASP D 827 -26.81 34.68 2.80
N VAL D 828 -27.34 34.44 4.00
CA VAL D 828 -26.52 34.27 5.19
C VAL D 828 -25.77 32.95 5.06
N LYS D 829 -24.44 33.00 5.20
CA LYS D 829 -23.62 31.84 4.87
C LYS D 829 -22.67 31.48 6.01
N GLU D 830 -22.30 32.44 6.87
CA GLU D 830 -21.63 32.18 8.14
C GLU D 830 -22.11 33.14 9.23
N PRO D 831 -22.81 32.64 10.24
CA PRO D 831 -23.22 33.50 11.36
C PRO D 831 -22.03 33.90 12.22
N LEU D 832 -22.22 34.99 12.97
CA LEU D 832 -21.16 35.50 13.84
C LEU D 832 -20.83 34.52 14.96
N ARG D 833 -21.80 33.71 15.38
CA ARG D 833 -21.57 32.78 16.49
C ARG D 833 -20.44 31.81 16.17
N ASP D 834 -20.44 31.25 14.96
CA ASP D 834 -19.42 30.29 14.59
C ASP D 834 -18.05 30.95 14.47
N ARG D 835 -18.00 32.20 13.98
CA ARG D 835 -16.72 32.86 13.76
C ARG D 835 -16.11 33.36 15.05
N VAL D 836 -16.91 33.83 16.01
CA VAL D 836 -16.37 34.47 17.21
C VAL D 836 -16.33 33.52 18.40
N LEU D 837 -16.85 32.31 18.28
CA LEU D 837 -16.83 31.37 19.40
C LEU D 837 -15.39 31.00 19.75
N GLY D 838 -15.10 30.93 21.04
CA GLY D 838 -13.77 30.60 21.49
C GLY D 838 -12.71 31.62 21.16
N ARG D 839 -13.01 32.90 21.34
CA ARG D 839 -12.04 33.97 21.13
C ARG D 839 -12.11 34.95 22.29
N VAL D 840 -11.17 35.88 22.30
CA VAL D 840 -11.06 36.88 23.36
C VAL D 840 -11.46 38.23 22.79
N THR D 841 -12.29 38.96 23.53
CA THR D 841 -12.73 40.27 23.07
C THR D 841 -11.64 41.30 23.31
N ALA D 842 -11.15 41.91 22.23
CA ALA D 842 -10.15 42.96 22.36
C ALA D 842 -10.73 44.23 22.97
N GLU D 843 -11.99 44.52 22.68
CA GLU D 843 -12.67 45.68 23.25
C GLU D 843 -14.09 45.27 23.64
N ASP D 844 -14.64 45.99 24.61
CA ASP D 844 -16.00 45.70 25.07
C ASP D 844 -16.99 45.89 23.93
N VAL D 845 -17.90 44.94 23.79
CA VAL D 845 -18.94 45.00 22.77
C VAL D 845 -20.07 45.89 23.29
N LEU D 846 -20.47 46.87 22.48
CA LEU D 846 -21.51 47.81 22.86
C LEU D 846 -22.84 47.38 22.25
N LYS D 847 -23.85 47.26 23.09
CA LYS D 847 -25.19 47.00 22.62
C LYS D 847 -25.73 48.24 21.89
N PRO D 848 -26.80 48.08 21.09
CA PRO D 848 -27.35 49.25 20.39
C PRO D 848 -27.63 50.44 21.30
N GLY D 849 -28.07 50.19 22.53
CA GLY D 849 -28.13 51.24 23.52
C GLY D 849 -26.73 51.73 23.86
N THR D 850 -26.49 53.02 23.69
CA THR D 850 -25.14 53.55 23.88
C THR D 850 -24.74 53.55 25.35
N ALA D 851 -23.43 53.54 25.57
CA ALA D 851 -22.85 53.59 26.92
C ALA D 851 -23.35 52.43 27.79
N ASP D 852 -23.49 51.25 27.18
CA ASP D 852 -23.93 50.06 27.88
C ASP D 852 -22.94 48.94 27.59
N ILE D 853 -22.11 48.60 28.57
CA ILE D 853 -21.13 47.53 28.41
C ILE D 853 -21.85 46.19 28.42
N LEU D 854 -21.30 45.23 27.68
CA LEU D 854 -21.85 43.88 27.63
C LEU D 854 -20.88 42.84 28.16
N VAL D 855 -19.65 42.81 27.65
CA VAL D 855 -18.63 41.91 28.17
C VAL D 855 -17.39 42.74 28.51
N PRO D 856 -16.63 42.36 29.53
CA PRO D 856 -15.39 43.08 29.83
C PRO D 856 -14.35 42.84 28.76
N ARG D 857 -13.43 43.79 28.65
CA ARG D 857 -12.30 43.65 27.73
C ARG D 857 -11.43 42.47 28.16
N ASN D 858 -10.89 41.75 27.19
CA ASN D 858 -10.01 40.61 27.43
C ASN D 858 -10.76 39.59 28.27
N THR D 859 -11.78 39.00 27.65
CA THR D 859 -12.54 37.91 28.22
C THR D 859 -12.79 36.87 27.15
N LEU D 860 -12.96 35.62 27.58
CA LEU D 860 -13.14 34.52 26.64
C LEU D 860 -14.62 34.28 26.40
N LEU D 861 -15.00 34.21 25.13
CA LEU D 861 -16.38 33.97 24.73
C LEU D 861 -16.62 32.48 24.62
N HIS D 862 -17.68 32.00 25.26
CA HIS D 862 -18.03 30.58 25.22
C HIS D 862 -19.54 30.47 25.07
N GLU D 863 -20.08 29.28 25.35
CA GLU D 863 -21.48 29.01 25.03
C GLU D 863 -22.41 30.00 25.73
N GLN D 864 -22.20 30.27 27.01
CA GLN D 864 -23.07 31.21 27.71
C GLN D 864 -22.90 32.63 27.18
N TRP D 865 -21.65 33.06 27.02
CA TRP D 865 -21.41 34.40 26.49
C TRP D 865 -21.95 34.54 25.08
N CYS D 866 -21.75 33.52 24.23
CA CYS D 866 -22.24 33.60 22.86
C CYS D 866 -23.75 33.61 22.82
N ASP D 867 -24.41 32.81 23.67
CA ASP D 867 -25.86 32.80 23.71
C ASP D 867 -26.41 34.14 24.18
N LEU D 868 -25.77 34.76 25.19
CA LEU D 868 -26.19 36.08 25.62
C LEU D 868 -25.95 37.11 24.52
N LEU D 869 -24.84 36.97 23.79
CA LEU D 869 -24.49 37.94 22.76
C LEU D 869 -25.44 37.85 21.56
N GLU D 870 -25.88 36.64 21.23
CA GLU D 870 -26.79 36.45 20.11
C GLU D 870 -28.21 36.90 20.41
N GLU D 871 -28.59 36.97 21.69
CA GLU D 871 -29.92 37.45 22.04
C GLU D 871 -30.08 38.92 21.66
N ASN D 872 -29.03 39.71 21.82
CA ASN D 872 -29.06 41.11 21.44
C ASN D 872 -28.85 41.23 19.93
N SER D 873 -28.60 42.45 19.46
CA SER D 873 -28.48 42.73 18.02
C SER D 873 -27.08 43.17 17.65
N VAL D 874 -26.07 42.50 18.21
CA VAL D 874 -24.68 42.82 17.89
C VAL D 874 -24.37 42.37 16.46
N ASP D 875 -23.51 43.13 15.78
CA ASP D 875 -23.13 42.82 14.41
C ASP D 875 -21.63 42.64 14.22
N ALA D 876 -20.82 43.44 14.91
CA ALA D 876 -19.37 43.38 14.77
C ALA D 876 -18.72 43.24 16.13
N VAL D 877 -17.81 42.27 16.25
CA VAL D 877 -17.03 42.05 17.45
C VAL D 877 -15.55 42.10 17.07
N LYS D 878 -14.77 42.88 17.81
CA LYS D 878 -13.33 42.99 17.59
C LYS D 878 -12.64 42.05 18.55
N VAL D 879 -11.85 41.12 18.02
CA VAL D 879 -11.23 40.07 18.81
C VAL D 879 -9.75 39.99 18.44
N ARG D 880 -8.92 39.61 19.43
CA ARG D 880 -7.49 39.49 19.21
C ARG D 880 -7.16 38.18 18.51
N SER D 881 -6.12 38.23 17.67
CA SER D 881 -5.71 37.07 16.89
C SER D 881 -4.20 36.97 16.89
N VAL D 882 -3.70 35.84 16.41
CA VAL D 882 -2.27 35.55 16.48
C VAL D 882 -1.47 36.49 15.58
N VAL D 883 -2.11 37.09 14.59
CA VAL D 883 -1.38 38.00 13.71
C VAL D 883 -0.95 39.25 14.47
N SER D 884 -1.65 39.60 15.54
CA SER D 884 -1.31 40.73 16.39
C SER D 884 -0.97 40.30 17.81
N CYS D 885 -0.26 39.19 17.96
CA CYS D 885 0.10 38.70 19.29
C CYS D 885 1.09 39.65 19.96
N ASP D 886 1.91 40.33 19.16
CA ASP D 886 2.83 41.37 19.62
C ASP D 886 3.94 40.80 20.50
N THR D 887 3.93 39.49 20.73
CA THR D 887 5.02 38.87 21.48
C THR D 887 6.10 38.39 20.53
N ASP D 888 7.24 38.00 21.10
CA ASP D 888 8.42 37.62 20.34
C ASP D 888 8.71 36.14 20.51
N PHE D 889 8.89 35.44 19.39
CA PHE D 889 9.19 34.01 19.37
C PHE D 889 8.10 33.21 20.10
N GLY D 890 6.90 33.31 19.57
CA GLY D 890 5.76 32.60 20.12
C GLY D 890 4.49 33.39 19.91
N VAL D 891 3.46 32.98 20.64
CA VAL D 891 2.14 33.59 20.58
C VAL D 891 1.53 33.56 21.96
N CYS D 892 0.97 34.68 22.40
CA CYS D 892 0.38 34.77 23.72
C CYS D 892 -0.79 33.81 23.85
N ALA D 893 -0.95 33.24 25.05
CA ALA D 893 -2.03 32.29 25.29
C ALA D 893 -3.41 32.92 25.16
N HIS D 894 -3.50 34.23 25.31
CA HIS D 894 -4.79 34.91 25.15
C HIS D 894 -5.04 35.32 23.71
N CYS D 895 -4.03 35.84 23.01
CA CYS D 895 -4.22 36.27 21.63
C CYS D 895 -4.70 35.12 20.75
N TYR D 896 -4.24 33.91 21.02
CA TYR D 896 -4.79 32.70 20.41
C TYR D 896 -5.91 32.22 21.31
N GLY D 897 -7.11 32.07 20.75
CA GLY D 897 -8.27 31.72 21.52
C GLY D 897 -8.16 30.35 22.17
N ARG D 898 -9.27 29.93 22.76
CA ARG D 898 -9.29 28.60 23.39
C ARG D 898 -9.07 27.54 22.33
N ASP D 899 -8.30 26.51 22.69
CA ASP D 899 -8.04 25.44 21.74
C ASP D 899 -9.32 24.69 21.42
N LEU D 900 -9.38 24.14 20.21
CA LEU D 900 -10.61 23.49 19.78
C LEU D 900 -10.71 22.06 20.27
N ALA D 901 -9.61 21.47 20.74
CA ALA D 901 -9.65 20.11 21.25
C ALA D 901 -10.26 20.02 22.64
N ARG D 902 -10.17 21.10 23.42
CA ARG D 902 -10.63 21.10 24.80
C ARG D 902 -11.41 22.38 25.07
N GLY D 903 -12.31 22.31 26.06
CA GLY D 903 -13.16 23.45 26.35
C GLY D 903 -12.41 24.65 26.88
N HIS D 904 -11.42 24.42 27.74
CA HIS D 904 -10.75 25.51 28.42
C HIS D 904 -9.80 26.24 27.48
N ILE D 905 -9.24 27.35 27.99
CA ILE D 905 -8.27 28.12 27.21
C ILE D 905 -7.02 27.29 26.99
N ILE D 906 -6.24 27.68 25.97
CA ILE D 906 -5.05 26.91 25.61
C ILE D 906 -3.95 27.17 26.62
N ASN D 907 -3.32 26.09 27.09
CA ASN D 907 -2.22 26.18 28.04
C ASN D 907 -0.91 26.47 27.31
N LYS D 908 0.08 26.92 28.07
CA LYS D 908 1.37 27.26 27.50
C LYS D 908 2.10 26.01 27.00
N GLY D 909 2.86 26.17 25.93
CA GLY D 909 3.69 25.11 25.41
C GLY D 909 3.10 24.31 24.27
N GLU D 910 1.80 24.43 24.01
CA GLU D 910 1.19 23.68 22.91
C GLU D 910 1.77 24.15 21.58
N ALA D 911 2.08 23.20 20.71
CA ALA D 911 2.65 23.52 19.39
C ALA D 911 1.51 23.81 18.42
N ILE D 912 1.02 25.04 18.48
CA ILE D 912 -0.16 25.42 17.69
C ILE D 912 0.12 25.46 16.21
N GLY D 913 1.36 25.69 15.79
CA GLY D 913 1.65 25.76 14.37
C GLY D 913 1.46 24.43 13.66
N VAL D 914 1.95 23.35 14.27
CA VAL D 914 1.78 22.03 13.67
C VAL D 914 0.31 21.64 13.64
N ILE D 915 -0.43 21.95 14.71
CA ILE D 915 -1.86 21.65 14.72
C ILE D 915 -2.57 22.41 13.61
N ALA D 916 -2.23 23.69 13.43
CA ALA D 916 -2.87 24.48 12.39
C ALA D 916 -2.54 23.94 11.01
N ALA D 917 -1.27 23.58 10.76
CA ALA D 917 -0.89 23.05 9.46
C ALA D 917 -1.60 21.73 9.18
N GLN D 918 -1.65 20.84 10.17
CA GLN D 918 -2.34 19.57 9.97
C GLN D 918 -3.83 19.77 9.75
N SER D 919 -4.44 20.72 10.46
CA SER D 919 -5.86 20.97 10.27
C SER D 919 -6.15 21.51 8.88
N ILE D 920 -5.29 22.40 8.39
CA ILE D 920 -5.50 22.94 7.04
C ILE D 920 -5.27 21.86 5.99
N GLY D 921 -4.29 20.99 6.20
CA GLY D 921 -3.96 20.00 5.20
C GLY D 921 -4.68 18.67 5.29
N GLU D 922 -5.46 18.45 6.35
CA GLU D 922 -6.21 17.20 6.45
C GLU D 922 -7.31 17.12 5.39
N PRO D 923 -8.13 18.16 5.16
CA PRO D 923 -8.88 18.20 3.90
C PRO D 923 -7.94 18.57 2.77
N GLY D 924 -8.37 18.36 1.53
CA GLY D 924 -7.47 18.56 0.41
C GLY D 924 -7.33 17.29 -0.38
N THR D 925 -7.30 16.16 0.31
CA THR D 925 -7.44 14.87 -0.35
C THR D 925 -8.87 14.62 -0.81
N GLN D 926 -9.82 15.47 -0.40
CA GLN D 926 -11.20 15.38 -0.83
C GLN D 926 -11.71 16.63 -1.52
N LEU D 927 -10.91 17.69 -1.57
CA LEU D 927 -11.31 18.88 -2.32
C LEU D 927 -11.32 18.57 -3.81
N THR D 928 -12.32 19.07 -4.53
CA THR D 928 -12.61 18.63 -5.89
C THR D 928 -11.58 19.08 -6.91
N MET D 929 -10.66 19.97 -6.56
CA MET D 929 -9.66 20.51 -7.50
C MET D 929 -10.33 21.18 -8.70
N ALA D 942 -25.54 36.32 -15.82
CA ALA D 942 -26.90 36.80 -15.94
C ALA D 942 -26.93 38.22 -16.51
N ALA D 943 -27.70 38.42 -17.58
CA ALA D 943 -27.81 39.72 -18.23
C ALA D 943 -28.69 40.69 -17.44
N GLU D 944 -29.47 40.21 -16.49
CA GLU D 944 -30.37 41.07 -15.72
C GLU D 944 -29.56 41.89 -14.72
N SER D 945 -29.78 43.21 -14.73
CA SER D 945 -29.13 44.12 -13.79
C SER D 945 -29.98 44.42 -12.57
N SER D 946 -31.19 43.87 -12.49
CA SER D 946 -32.06 44.14 -11.35
C SER D 946 -31.52 43.46 -10.10
N ILE D 947 -31.84 44.05 -8.95
CA ILE D 947 -31.41 43.55 -7.65
C ILE D 947 -32.66 43.16 -6.86
N GLN D 948 -32.74 41.90 -6.46
CA GLN D 948 -33.87 41.38 -5.70
C GLN D 948 -33.54 41.33 -4.22
N VAL D 949 -34.56 41.51 -3.39
CA VAL D 949 -34.43 41.53 -1.94
C VAL D 949 -35.24 40.38 -1.38
N LYS D 950 -34.59 39.51 -0.61
CA LYS D 950 -35.27 38.32 -0.10
C LYS D 950 -36.26 38.65 1.00
N ASN D 951 -35.88 39.50 1.95
CA ASN D 951 -36.69 39.79 3.12
C ASN D 951 -36.93 41.29 3.23
N LYS D 952 -38.00 41.63 3.95
CA LYS D 952 -38.43 43.03 4.09
C LYS D 952 -37.49 43.73 5.08
N GLY D 953 -36.37 44.20 4.54
CA GLY D 953 -35.42 44.96 5.33
C GLY D 953 -35.14 46.33 4.73
N SER D 954 -35.25 47.37 5.55
CA SER D 954 -35.04 48.73 5.06
C SER D 954 -33.62 48.92 4.56
N ILE D 955 -33.49 49.49 3.37
CA ILE D 955 -32.18 49.67 2.76
C ILE D 955 -31.42 50.76 3.51
N LYS D 956 -30.15 50.49 3.79
CA LYS D 956 -29.25 51.43 4.48
C LYS D 956 -28.06 51.66 3.55
N LEU D 957 -28.20 52.65 2.66
CA LEU D 957 -27.15 52.98 1.71
C LEU D 957 -26.10 53.86 2.38
N SER D 958 -24.83 53.50 2.21
CA SER D 958 -23.72 54.25 2.78
C SER D 958 -22.59 54.32 1.77
N ASN D 959 -21.68 55.27 2.00
CA ASN D 959 -20.53 55.50 1.12
C ASN D 959 -21.00 55.78 -0.32
N VAL D 960 -21.98 56.68 -0.45
CA VAL D 960 -22.57 57.01 -1.73
C VAL D 960 -22.57 58.54 -1.89
N LYS D 961 -22.66 58.96 -3.15
CA LYS D 961 -22.71 60.38 -3.50
C LYS D 961 -24.09 60.72 -4.02
N SER D 962 -24.71 61.75 -3.43
CA SER D 962 -26.06 62.15 -3.80
C SER D 962 -25.98 63.20 -4.90
N VAL D 963 -26.49 62.86 -6.09
CA VAL D 963 -26.52 63.76 -7.23
C VAL D 963 -27.95 63.83 -7.73
N VAL D 964 -28.45 65.05 -7.93
CA VAL D 964 -29.82 65.24 -8.41
C VAL D 964 -29.89 64.89 -9.88
N ASN D 965 -30.81 64.00 -10.24
CA ASN D 965 -31.01 63.56 -11.61
C ASN D 965 -32.21 64.26 -12.21
N SER D 966 -32.61 63.84 -13.42
CA SER D 966 -33.78 64.43 -14.07
C SER D 966 -35.08 64.10 -13.35
N SER D 967 -35.06 63.12 -12.45
CA SER D 967 -36.26 62.75 -11.69
C SER D 967 -35.97 62.79 -10.20
N GLY D 968 -36.92 62.30 -9.40
CA GLY D 968 -36.73 62.29 -7.96
C GLY D 968 -35.64 61.36 -7.48
N LYS D 969 -35.27 60.37 -8.28
CA LYS D 969 -34.21 59.44 -7.91
C LYS D 969 -32.85 60.13 -7.97
N LEU D 970 -31.86 59.49 -7.35
CA LEU D 970 -30.50 60.00 -7.29
C LEU D 970 -29.54 59.04 -7.97
N VAL D 971 -28.47 59.59 -8.52
CA VAL D 971 -27.44 58.82 -9.21
C VAL D 971 -26.15 58.91 -8.41
N ILE D 972 -25.52 57.76 -8.19
CA ILE D 972 -24.31 57.68 -7.39
C ILE D 972 -23.09 57.75 -8.31
N THR D 973 -22.16 58.66 -8.00
CA THR D 973 -20.94 58.83 -8.76
C THR D 973 -19.73 58.18 -8.12
N SER D 974 -19.90 57.52 -6.98
CA SER D 974 -18.80 56.88 -6.26
C SER D 974 -18.73 55.41 -6.64
N ARG D 975 -17.54 54.95 -7.04
CA ARG D 975 -17.37 53.57 -7.48
C ARG D 975 -17.63 52.59 -6.34
N ASN D 976 -17.16 52.90 -5.14
CA ASN D 976 -17.28 52.00 -4.00
C ASN D 976 -18.61 52.28 -3.28
N THR D 977 -19.57 51.36 -3.44
CA THR D 977 -20.87 51.49 -2.80
C THR D 977 -21.34 50.12 -2.33
N GLU D 978 -22.18 50.11 -1.30
CA GLU D 978 -22.74 48.88 -0.75
C GLU D 978 -24.10 49.18 -0.14
N LEU D 979 -24.88 48.11 0.04
CA LEU D 979 -26.22 48.21 0.61
C LEU D 979 -26.33 47.36 1.87
N LYS D 980 -27.06 47.88 2.85
CA LYS D 980 -27.32 47.18 4.09
C LYS D 980 -28.81 47.21 4.38
N LEU D 981 -29.30 46.14 5.01
CA LEU D 981 -30.72 45.98 5.30
C LEU D 981 -30.93 45.86 6.79
N ILE D 982 -31.81 46.69 7.33
CA ILE D 982 -32.21 46.65 8.74
C ILE D 982 -33.73 46.55 8.78
N ASP D 983 -34.23 45.50 9.43
CA ASP D 983 -35.67 45.28 9.55
C ASP D 983 -36.15 45.42 10.98
N GLU D 984 -35.57 44.66 11.91
CA GLU D 984 -35.89 44.78 13.33
C GLU D 984 -34.66 44.80 14.23
N PHE D 985 -33.49 44.45 13.72
CA PHE D 985 -32.25 44.44 14.49
C PHE D 985 -31.12 44.98 13.62
N GLY D 986 -29.98 45.25 14.25
CA GLY D 986 -28.84 45.79 13.54
C GLY D 986 -28.09 44.80 12.68
N ARG D 987 -28.41 43.51 12.78
CA ARG D 987 -27.74 42.51 11.97
C ARG D 987 -28.20 42.61 10.51
N THR D 988 -27.24 42.62 9.60
CA THR D 988 -27.53 42.71 8.19
C THR D 988 -27.90 41.35 7.62
N LYS D 989 -28.53 41.36 6.45
CA LYS D 989 -28.96 40.12 5.81
C LYS D 989 -28.42 40.02 4.38
N GLU D 990 -28.34 41.16 3.69
CA GLU D 990 -27.87 41.19 2.31
C GLU D 990 -26.87 42.32 2.15
N SER D 991 -25.89 42.12 1.27
CA SER D 991 -24.90 43.15 0.98
C SER D 991 -24.97 43.61 -0.47
N TYR D 992 -24.81 42.70 -1.43
CA TYR D 992 -24.80 43.00 -2.86
C TYR D 992 -23.73 44.07 -3.15
N LYS D 993 -23.88 44.79 -4.25
CA LYS D 993 -22.98 45.87 -4.61
C LYS D 993 -23.69 46.77 -5.60
N VAL D 994 -23.17 48.00 -5.74
CA VAL D 994 -23.76 49.00 -6.61
C VAL D 994 -22.64 49.66 -7.42
N PRO D 995 -22.67 49.62 -8.74
CA PRO D 995 -21.65 50.30 -9.54
C PRO D 995 -21.93 51.79 -9.66
N TYR D 996 -20.96 52.51 -10.23
CA TYR D 996 -21.10 53.94 -10.42
C TYR D 996 -22.19 54.23 -11.46
N GLY D 997 -22.86 55.36 -11.27
CA GLY D 997 -23.91 55.75 -12.19
C GLY D 997 -25.19 54.97 -12.07
N ALA D 998 -25.44 54.35 -10.93
CA ALA D 998 -26.65 53.57 -10.72
C ALA D 998 -27.80 54.46 -10.24
N VAL D 999 -29.02 54.02 -10.51
CA VAL D 999 -30.22 54.73 -10.10
C VAL D 999 -30.99 53.84 -9.14
N LEU D 1000 -31.26 54.36 -7.94
CA LEU D 1000 -31.96 53.60 -6.92
C LEU D 1000 -33.47 53.75 -7.11
N ALA D 1001 -34.19 52.63 -7.01
CA ALA D 1001 -35.63 52.66 -7.20
C ALA D 1001 -36.33 53.27 -5.99
N LYS D 1002 -35.88 52.92 -4.79
CA LYS D 1002 -36.46 53.43 -3.55
C LYS D 1002 -35.39 54.20 -2.78
N GLY D 1003 -35.81 55.29 -2.12
CA GLY D 1003 -34.88 56.11 -1.39
C GLY D 1003 -34.28 55.40 -0.20
N ASP D 1004 -33.13 55.90 0.25
CA ASP D 1004 -32.43 55.31 1.37
C ASP D 1004 -33.25 55.43 2.65
N GLY D 1005 -33.22 54.38 3.46
CA GLY D 1005 -33.98 54.34 4.68
C GLY D 1005 -35.43 53.92 4.53
N GLU D 1006 -35.88 53.63 3.32
CA GLU D 1006 -37.26 53.22 3.09
C GLU D 1006 -37.40 51.73 3.37
N GLN D 1007 -38.44 51.37 4.11
CA GLN D 1007 -38.69 49.98 4.48
C GLN D 1007 -39.29 49.26 3.27
N VAL D 1008 -38.42 48.73 2.41
CA VAL D 1008 -38.88 47.99 1.25
C VAL D 1008 -39.44 46.65 1.69
N ALA D 1009 -40.61 46.29 1.14
CA ALA D 1009 -41.28 45.05 1.52
C ALA D 1009 -40.53 43.81 1.06
N GLY D 1010 -39.54 43.95 0.18
CA GLY D 1010 -38.81 42.81 -0.31
C GLY D 1010 -39.40 42.22 -1.58
N GLY D 1011 -38.55 41.56 -2.35
CA GLY D 1011 -38.97 40.97 -3.60
C GLY D 1011 -39.11 41.97 -4.74
N GLU D 1012 -38.72 43.23 -4.53
CA GLU D 1012 -38.83 44.26 -5.55
C GLU D 1012 -37.48 44.93 -5.74
N THR D 1013 -37.22 45.38 -6.96
CA THR D 1013 -35.96 46.04 -7.27
C THR D 1013 -35.83 47.34 -6.49
N VAL D 1014 -34.65 47.56 -5.89
CA VAL D 1014 -34.38 48.78 -5.15
C VAL D 1014 -33.38 49.69 -5.86
N ALA D 1015 -32.60 49.16 -6.80
CA ALA D 1015 -31.64 49.96 -7.55
C ALA D 1015 -31.51 49.39 -8.95
N ASN D 1016 -31.41 50.28 -9.93
CA ASN D 1016 -31.30 49.88 -11.33
C ASN D 1016 -30.11 50.58 -11.97
N TRP D 1017 -29.38 49.85 -12.81
CA TRP D 1017 -28.22 50.40 -13.49
C TRP D 1017 -28.01 49.64 -14.80
N ASP D 1018 -27.24 50.25 -15.69
CA ASP D 1018 -26.93 49.62 -16.97
C ASP D 1018 -25.87 48.54 -16.77
N PRO D 1019 -26.15 47.29 -17.11
CA PRO D 1019 -25.16 46.22 -16.89
C PRO D 1019 -23.99 46.25 -17.86
N HIS D 1020 -24.04 47.07 -18.90
CA HIS D 1020 -23.01 47.12 -19.92
C HIS D 1020 -22.25 48.43 -19.97
N THR D 1021 -22.87 49.54 -19.56
CA THR D 1021 -22.25 50.86 -19.66
C THR D 1021 -22.38 51.59 -18.33
N MET D 1022 -21.36 52.40 -18.02
CA MET D 1022 -21.38 53.22 -16.83
C MET D 1022 -21.64 54.66 -17.24
N PRO D 1023 -22.84 55.20 -17.00
CA PRO D 1023 -23.12 56.57 -17.43
C PRO D 1023 -22.31 57.60 -16.66
N VAL D 1024 -22.04 58.72 -17.33
CA VAL D 1024 -21.33 59.86 -16.73
C VAL D 1024 -22.32 61.00 -16.62
N ILE D 1025 -22.61 61.42 -15.38
CA ILE D 1025 -23.59 62.46 -15.14
C ILE D 1025 -23.04 63.81 -15.58
N THR D 1026 -23.93 64.80 -15.71
CA THR D 1026 -23.55 66.16 -16.07
C THR D 1026 -23.65 67.04 -14.85
N GLU D 1027 -22.53 67.69 -14.48
CA GLU D 1027 -22.53 68.55 -13.31
C GLU D 1027 -23.25 69.86 -13.58
N VAL D 1028 -23.32 70.29 -14.84
CA VAL D 1028 -23.98 71.53 -15.22
C VAL D 1028 -25.17 71.20 -16.10
N SER D 1029 -26.33 71.74 -15.76
CA SER D 1029 -27.56 71.49 -16.50
C SER D 1029 -27.77 72.56 -17.55
N GLY D 1030 -28.04 72.14 -18.78
CA GLY D 1030 -28.26 73.05 -19.88
C GLY D 1030 -27.69 72.47 -21.15
N PHE D 1031 -27.43 73.36 -22.11
CA PHE D 1031 -26.88 72.95 -23.39
C PHE D 1031 -25.46 72.41 -23.21
N VAL D 1032 -25.08 71.51 -24.09
CA VAL D 1032 -23.74 70.91 -24.04
C VAL D 1032 -22.88 71.53 -25.13
N ARG D 1033 -21.71 72.02 -24.75
CA ARG D 1033 -20.77 72.66 -25.66
C ARG D 1033 -19.83 71.60 -26.22
N PHE D 1034 -19.87 71.41 -27.54
CA PHE D 1034 -18.99 70.47 -28.23
C PHE D 1034 -17.85 71.24 -28.88
N THR D 1035 -16.62 70.83 -28.58
CA THR D 1035 -15.43 71.51 -29.06
C THR D 1035 -14.67 70.62 -30.04
N ASP D 1036 -14.26 71.22 -31.16
CA ASP D 1036 -13.48 70.54 -32.20
C ASP D 1036 -14.22 69.31 -32.73
N MET D 1037 -15.40 69.55 -33.29
CA MET D 1037 -16.21 68.51 -33.90
C MET D 1037 -15.87 68.41 -35.37
N ILE D 1038 -15.19 67.32 -35.74
CA ILE D 1038 -14.75 67.09 -37.11
C ILE D 1038 -15.67 66.07 -37.75
N ASP D 1039 -16.22 66.41 -38.91
CA ASP D 1039 -17.13 65.53 -39.64
C ASP D 1039 -16.36 64.72 -40.67
N GLY D 1040 -16.61 63.41 -40.68
CA GLY D 1040 -15.93 62.49 -41.58
C GLY D 1040 -14.77 61.75 -40.96
N GLN D 1041 -14.22 62.25 -39.85
CA GLN D 1041 -13.15 61.59 -39.14
C GLN D 1041 -13.54 61.24 -37.71
N THR D 1042 -14.13 62.18 -36.98
CA THR D 1042 -14.59 61.96 -35.62
C THR D 1042 -16.10 61.88 -35.53
N ILE D 1043 -16.78 61.58 -36.63
CA ILE D 1043 -18.22 61.45 -36.68
C ILE D 1043 -18.56 60.10 -37.30
N THR D 1044 -19.40 59.32 -36.60
CA THR D 1044 -19.82 58.00 -37.07
C THR D 1044 -21.33 57.91 -36.99
N ARG D 1045 -21.98 57.97 -38.14
CA ARG D 1045 -23.44 57.87 -38.18
C ARG D 1045 -23.90 56.47 -37.81
N GLN D 1046 -24.97 56.39 -37.03
CA GLN D 1046 -25.51 55.11 -36.60
C GLN D 1046 -26.88 54.85 -37.24
N SER D 1054 -28.43 64.04 -33.23
CA SER D 1054 -28.33 62.66 -33.74
C SER D 1054 -27.25 61.89 -32.99
N SER D 1055 -27.31 60.56 -33.08
CA SER D 1055 -26.35 59.70 -32.42
C SER D 1055 -25.08 59.66 -33.25
N LEU D 1056 -24.06 60.39 -32.80
CA LEU D 1056 -22.78 60.46 -33.50
C LEU D 1056 -21.64 60.26 -32.51
N VAL D 1057 -20.55 59.64 -33.00
CA VAL D 1057 -19.40 59.44 -32.14
C VAL D 1057 -18.70 60.78 -31.88
N VAL D 1058 -17.95 60.82 -30.79
CA VAL D 1058 -17.28 62.06 -30.37
C VAL D 1058 -15.94 62.19 -31.08
N LEU D 1059 -15.03 61.26 -30.80
CA LEU D 1059 -13.70 61.28 -31.38
C LEU D 1059 -13.03 59.93 -31.11
N ASP D 1060 -11.93 59.69 -31.82
CA ASP D 1060 -11.13 58.49 -31.65
C ASP D 1060 -9.70 58.88 -31.36
N SER D 1061 -9.14 58.34 -30.27
CA SER D 1061 -7.77 58.68 -29.89
C SER D 1061 -6.78 58.17 -30.92
N ALA D 1062 -6.98 56.95 -31.43
CA ALA D 1062 -6.07 56.40 -32.43
C ALA D 1062 -6.13 57.19 -33.72
N GLU D 1063 -7.32 57.58 -34.15
CA GLU D 1063 -7.46 58.36 -35.38
C GLU D 1063 -6.80 59.73 -35.24
N ARG D 1064 -6.97 60.38 -34.08
CA ARG D 1064 -6.38 61.69 -33.85
C ARG D 1064 -4.88 61.58 -33.59
N ARG D 1072 -9.11 64.26 -27.89
CA ARG D 1072 -10.31 64.29 -27.07
C ARG D 1072 -10.48 65.64 -26.37
N PRO D 1073 -11.09 66.61 -27.05
CA PRO D 1073 -11.30 67.92 -26.44
C PRO D 1073 -12.20 67.84 -25.22
N ALA D 1074 -11.93 68.71 -24.25
CA ALA D 1074 -12.67 68.78 -23.01
C ALA D 1074 -13.37 70.12 -22.91
N LEU D 1075 -14.67 70.10 -22.61
CA LEU D 1075 -15.44 71.32 -22.47
C LEU D 1075 -16.51 71.13 -21.41
N LYS D 1076 -16.96 72.23 -20.83
CA LYS D 1076 -18.00 72.22 -19.81
C LYS D 1076 -19.36 72.42 -20.44
N ILE D 1077 -20.39 71.88 -19.76
CA ILE D 1077 -21.76 72.03 -20.23
C ILE D 1077 -22.20 73.48 -20.08
N VAL D 1078 -22.80 74.02 -21.14
CA VAL D 1078 -23.25 75.40 -21.12
C VAL D 1078 -24.42 75.57 -20.16
N ASP D 1079 -24.54 76.78 -19.59
CA ASP D 1079 -25.63 77.04 -18.66
C ASP D 1079 -26.98 77.02 -19.36
N ALA D 1080 -27.16 77.89 -20.36
CA ALA D 1080 -28.38 77.92 -21.15
C ALA D 1080 -28.14 77.60 -22.62
N GLN D 1081 -27.38 78.45 -23.33
CA GLN D 1081 -27.04 78.20 -24.72
C GLN D 1081 -25.54 78.03 -24.94
N GLY D 1082 -24.72 78.96 -24.44
CA GLY D 1082 -23.29 78.87 -24.64
C GLY D 1082 -22.48 79.44 -23.50
N ASN D 1083 -23.12 79.72 -22.37
CA ASN D 1083 -22.43 80.30 -21.23
C ASN D 1083 -21.41 79.32 -20.64
N ASP D 1084 -20.34 79.86 -20.07
CA ASP D 1084 -19.28 79.07 -19.49
C ASP D 1084 -19.52 78.92 -17.99
N VAL D 1085 -19.49 77.68 -17.51
CA VAL D 1085 -19.71 77.40 -16.09
C VAL D 1085 -18.51 76.66 -15.51
N ALA D 1094 -15.81 72.09 -14.93
CA ALA D 1094 -16.26 70.79 -15.42
C ALA D 1094 -15.51 70.40 -16.69
N GLN D 1095 -14.85 69.25 -16.64
CA GLN D 1095 -14.08 68.73 -17.77
C GLN D 1095 -14.73 67.45 -18.28
N TYR D 1096 -14.99 67.40 -19.57
CA TYR D 1096 -15.60 66.23 -20.21
C TYR D 1096 -14.51 65.43 -20.91
N PHE D 1097 -14.34 64.18 -20.49
CA PHE D 1097 -13.33 63.30 -21.05
C PHE D 1097 -13.98 62.32 -22.03
N LEU D 1098 -13.39 62.17 -23.19
CA LEU D 1098 -13.90 61.28 -24.24
C LEU D 1098 -12.91 60.15 -24.48
N PRO D 1099 -13.10 58.98 -23.88
CA PRO D 1099 -12.18 57.86 -24.15
C PRO D 1099 -12.40 57.23 -25.51
N GLY D 1100 -11.72 56.12 -25.78
CA GLY D 1100 -11.87 55.47 -27.06
C GLY D 1100 -13.30 55.00 -27.29
N LYS D 1101 -13.78 55.21 -28.52
CA LYS D 1101 -15.11 54.79 -28.95
C LYS D 1101 -16.23 55.49 -28.18
N ALA D 1102 -15.93 56.61 -27.53
CA ALA D 1102 -16.95 57.35 -26.80
C ALA D 1102 -17.86 58.07 -27.78
N ILE D 1103 -19.18 57.89 -27.61
CA ILE D 1103 -20.17 58.49 -28.49
C ILE D 1103 -21.19 59.25 -27.64
N VAL D 1104 -21.53 60.45 -28.08
CA VAL D 1104 -22.55 61.28 -27.43
C VAL D 1104 -23.69 61.47 -28.42
N GLN D 1105 -24.89 61.05 -28.01
CA GLN D 1105 -26.06 61.06 -28.89
C GLN D 1105 -26.81 62.38 -28.86
N LEU D 1106 -26.40 63.33 -28.02
CA LEU D 1106 -27.05 64.63 -27.92
C LEU D 1106 -26.18 65.68 -28.59
N GLU D 1107 -26.80 66.54 -29.39
CA GLU D 1107 -26.07 67.58 -30.11
C GLU D 1107 -26.00 68.86 -29.27
N ASP D 1108 -25.33 69.86 -29.83
CA ASP D 1108 -25.21 71.15 -29.15
C ASP D 1108 -26.57 71.83 -29.06
N GLY D 1109 -26.81 72.50 -27.94
CA GLY D 1109 -28.07 73.17 -27.71
C GLY D 1109 -29.21 72.26 -27.30
N VAL D 1110 -28.92 71.02 -26.93
CA VAL D 1110 -29.98 70.10 -26.52
C VAL D 1110 -30.63 70.51 -25.20
N GLN D 1111 -29.95 71.35 -24.41
CA GLN D 1111 -30.48 71.82 -23.13
C GLN D 1111 -30.81 70.64 -22.20
N ILE D 1112 -29.84 69.74 -22.04
CA ILE D 1112 -30.02 68.56 -21.21
C ILE D 1112 -29.93 68.95 -19.74
N SER D 1113 -30.73 68.28 -18.91
CA SER D 1113 -30.74 68.55 -17.49
C SER D 1113 -29.62 67.79 -16.79
N SER D 1114 -29.40 68.15 -15.52
CA SER D 1114 -28.36 67.50 -14.73
C SER D 1114 -28.76 66.06 -14.39
N GLY D 1115 -27.75 65.20 -14.32
CA GLY D 1115 -27.97 63.80 -13.99
C GLY D 1115 -28.38 62.92 -15.15
N ASP D 1116 -28.45 63.46 -16.36
CA ASP D 1116 -28.84 62.69 -17.53
C ASP D 1116 -27.62 62.35 -18.38
N THR D 1117 -27.63 61.15 -18.94
CA THR D 1117 -26.53 60.66 -19.76
C THR D 1117 -27.07 59.78 -20.87
N LEU D 1118 -26.52 59.93 -22.07
CA LEU D 1118 -26.86 59.09 -23.19
C LEU D 1118 -25.95 57.86 -23.19
N ALA D 1119 -26.09 57.03 -24.23
CA ALA D 1119 -25.25 55.84 -24.34
C ALA D 1119 -23.81 56.23 -24.63
N ARG D 1120 -22.88 55.69 -23.84
CA ARG D 1120 -21.48 56.00 -23.99
C ARG D 1120 -20.75 55.09 -24.97
N ILE D 1121 -21.29 53.89 -25.21
CA ILE D 1121 -20.72 52.92 -26.14
C ILE D 1121 -19.28 52.59 -25.76
N PRO D 1122 -19.05 51.87 -24.66
CA PRO D 1122 -17.67 51.53 -24.27
C PRO D 1122 -17.01 50.68 -25.35
N GLN D 1123 -15.70 50.90 -25.50
CA GLN D 1123 -14.91 50.17 -26.50
C GLN D 1123 -14.76 48.70 -26.13
N GLY D 1133 -10.72 28.67 -9.73
CA GLY D 1133 -11.49 27.82 -8.85
C GLY D 1133 -10.76 26.56 -8.43
N GLY D 1134 -11.50 25.59 -7.89
CA GLY D 1134 -10.91 24.35 -7.45
C GLY D 1134 -10.05 24.56 -6.22
N LEU D 1135 -9.24 23.54 -5.93
CA LEU D 1135 -8.30 23.73 -4.83
C LEU D 1135 -6.84 23.43 -5.21
N PRO D 1136 -6.36 23.84 -6.39
CA PRO D 1136 -4.98 24.30 -6.46
C PRO D 1136 -4.95 25.80 -6.24
N ARG D 1137 -5.70 26.26 -5.25
CA ARG D 1137 -5.79 27.69 -4.94
C ARG D 1137 -5.49 27.91 -3.48
N VAL D 1138 -5.82 26.92 -2.64
CA VAL D 1138 -5.33 26.93 -1.27
C VAL D 1138 -3.81 26.90 -1.28
N ALA D 1139 -3.22 26.14 -2.21
CA ALA D 1139 -1.79 26.24 -2.42
C ALA D 1139 -1.40 27.61 -2.97
N ASP D 1140 -2.13 28.08 -3.99
CA ASP D 1140 -1.76 29.33 -4.65
C ASP D 1140 -1.84 30.52 -3.70
N LEU D 1141 -2.86 30.56 -2.85
CA LEU D 1141 -2.97 31.67 -1.90
C LEU D 1141 -1.80 31.68 -0.93
N PHE D 1142 -1.34 30.49 -0.51
CA PHE D 1142 -0.26 30.42 0.46
C PHE D 1142 1.11 30.62 -0.16
N GLU D 1143 1.22 30.58 -1.49
CA GLU D 1143 2.46 31.03 -2.14
C GLU D 1143 2.48 32.53 -2.38
N ALA D 1144 1.37 33.23 -2.13
CA ALA D 1144 1.25 34.65 -2.42
C ALA D 1144 1.60 34.94 -3.88
N ARG D 1145 1.16 34.04 -4.76
CA ARG D 1145 1.48 34.17 -6.18
C ARG D 1145 0.76 35.37 -6.79
N ARG D 1146 1.46 36.11 -7.62
CA ARG D 1146 0.87 37.26 -8.28
C ARG D 1146 -0.10 36.79 -9.36
N PRO D 1147 -1.35 37.24 -9.35
CA PRO D 1147 -2.27 36.89 -10.43
C PRO D 1147 -1.82 37.50 -11.75
N LYS D 1148 -2.31 36.90 -12.85
CA LYS D 1148 -1.85 37.31 -14.17
C LYS D 1148 -2.21 38.76 -14.48
N GLU D 1149 -3.33 39.25 -13.96
CA GLU D 1149 -3.79 40.61 -14.19
C GLU D 1149 -4.06 41.26 -12.85
N PRO D 1150 -3.02 41.74 -12.16
CA PRO D 1150 -3.22 42.40 -10.88
C PRO D 1150 -3.97 43.72 -11.05
N ALA D 1151 -4.68 44.11 -10.00
CA ALA D 1151 -5.39 45.39 -9.96
C ALA D 1151 -4.51 46.42 -9.26
N ILE D 1152 -4.32 47.56 -9.90
CA ILE D 1152 -3.46 48.61 -9.38
C ILE D 1152 -4.27 49.52 -8.45
N LEU D 1153 -3.69 49.87 -7.32
CA LEU D 1153 -4.30 50.77 -6.35
C LEU D 1153 -3.60 52.13 -6.40
N ALA D 1154 -3.97 53.01 -5.47
CA ALA D 1154 -3.48 54.38 -5.49
C ALA D 1154 -3.03 54.85 -4.11
N GLU D 1155 -2.79 56.15 -3.98
CA GLU D 1155 -2.27 56.77 -2.77
C GLU D 1155 -3.35 57.60 -2.09
N ILE D 1156 -2.95 58.36 -1.07
CA ILE D 1156 -3.90 59.03 -0.18
C ILE D 1156 -4.82 59.96 -0.96
N SER D 1157 -4.25 60.77 -1.86
CA SER D 1157 -5.03 61.72 -2.65
C SER D 1157 -4.79 61.44 -4.13
N GLY D 1158 -5.78 60.80 -4.77
CA GLY D 1158 -5.70 60.48 -6.18
C GLY D 1158 -6.30 61.55 -7.08
N ILE D 1159 -5.63 62.69 -7.17
CA ILE D 1159 -6.10 63.76 -8.04
C ILE D 1159 -6.02 63.32 -9.50
N VAL D 1160 -7.00 63.73 -10.29
CA VAL D 1160 -7.06 63.33 -11.70
C VAL D 1160 -5.96 64.04 -12.47
N SER D 1161 -5.19 63.26 -13.24
CA SER D 1161 -4.18 63.82 -14.12
C SER D 1161 -4.16 63.20 -15.51
N PHE D 1162 -5.00 62.20 -15.78
CA PHE D 1162 -5.07 61.55 -17.08
C PHE D 1162 -3.71 61.04 -17.52
N GLY D 1163 -3.12 61.70 -18.52
CA GLY D 1163 -1.81 61.33 -19.01
C GLY D 1163 -0.82 62.47 -18.95
N LYS D 1164 0.48 62.15 -18.91
CA LYS D 1164 1.52 63.17 -18.83
C LYS D 1164 2.79 62.58 -19.46
N GLU D 1165 3.08 63.00 -20.68
CA GLU D 1165 4.25 62.52 -21.44
C GLU D 1165 4.25 61.00 -21.54
N THR D 1166 3.07 60.45 -21.83
CA THR D 1166 2.92 59.00 -21.90
C THR D 1166 3.77 58.42 -23.03
N LYS D 1167 3.62 58.95 -24.23
CA LYS D 1167 4.38 58.53 -25.41
C LYS D 1167 4.18 57.03 -25.64
N GLY D 1168 5.17 56.39 -26.27
CA GLY D 1168 5.04 54.97 -26.55
C GLY D 1168 5.09 54.11 -25.31
N LYS D 1169 5.96 54.46 -24.36
CA LYS D 1169 6.11 53.67 -23.14
C LYS D 1169 4.84 53.77 -22.31
N ARG D 1170 4.08 52.68 -22.27
CA ARG D 1170 2.80 52.61 -21.57
C ARG D 1170 1.88 53.71 -22.12
N ARG D 1171 0.97 54.23 -21.30
CA ARG D 1171 0.08 55.31 -21.69
C ARG D 1171 -0.68 55.75 -20.45
N LEU D 1172 -1.31 56.92 -20.55
CA LEU D 1172 -2.16 57.49 -19.50
C LEU D 1172 -1.40 57.56 -18.18
N VAL D 1173 -0.32 58.33 -18.18
CA VAL D 1173 0.51 58.49 -17.00
C VAL D 1173 -0.26 59.31 -15.97
N ILE D 1174 -0.70 58.67 -14.90
CA ILE D 1174 -1.47 59.35 -13.85
C ILE D 1174 -0.50 59.97 -12.86
N THR D 1175 -0.69 61.25 -12.58
CA THR D 1175 0.19 62.02 -11.70
C THR D 1175 -0.65 62.75 -10.65
N PRO D 1176 -1.11 62.05 -9.63
CA PRO D 1176 -1.88 62.70 -8.56
C PRO D 1176 -0.94 63.50 -7.66
N VAL D 1177 -1.20 64.81 -7.58
CA VAL D 1177 -0.30 65.70 -6.83
C VAL D 1177 -0.30 65.33 -5.36
N ASP D 1178 -1.49 65.15 -4.78
CA ASP D 1178 -1.63 64.77 -3.37
C ASP D 1178 -0.91 65.75 -2.45
N GLY D 1179 -0.96 67.03 -2.79
CA GLY D 1179 -0.27 68.04 -2.01
C GLY D 1179 1.22 68.09 -2.28
N SER D 1180 1.91 66.97 -2.07
CA SER D 1180 3.35 66.91 -2.28
C SER D 1180 3.72 65.51 -2.76
N ASP D 1181 4.85 65.44 -3.46
CA ASP D 1181 5.40 64.21 -4.01
C ASP D 1181 4.38 63.43 -4.84
N PRO D 1182 4.02 63.90 -6.03
CA PRO D 1182 3.22 63.10 -6.95
C PRO D 1182 3.70 61.65 -7.03
N TYR D 1183 2.73 60.74 -7.10
CA TYR D 1183 3.02 59.32 -7.29
C TYR D 1183 3.06 59.01 -8.78
N GLU D 1184 4.17 58.44 -9.23
CA GLU D 1184 4.38 58.18 -10.66
C GLU D 1184 4.05 56.72 -10.94
N GLU D 1185 3.01 56.50 -11.74
CA GLU D 1185 2.59 55.17 -12.15
C GLU D 1185 2.31 55.16 -13.65
N MET D 1186 2.61 54.04 -14.30
CA MET D 1186 2.42 53.87 -15.73
C MET D 1186 1.46 52.73 -16.01
N ILE D 1187 0.48 52.99 -16.86
CA ILE D 1187 -0.53 52.01 -17.26
C ILE D 1187 -0.21 51.58 -18.69
N PRO D 1188 -0.13 50.28 -18.98
CA PRO D 1188 0.23 49.84 -20.33
C PRO D 1188 -0.86 50.09 -21.37
N LYS D 1189 -1.97 50.70 -20.95
CA LYS D 1189 -3.13 51.06 -21.77
C LYS D 1189 -3.92 49.85 -22.23
N TRP D 1190 -3.47 48.62 -21.95
CA TRP D 1190 -4.25 47.44 -22.26
C TRP D 1190 -5.41 47.24 -21.29
N ARG D 1191 -5.44 48.00 -20.19
CA ARG D 1191 -6.49 47.90 -19.19
C ARG D 1191 -7.16 49.25 -19.03
N GLN D 1192 -8.48 49.24 -18.85
CA GLN D 1192 -9.24 50.48 -18.74
C GLN D 1192 -9.00 51.16 -17.40
N LEU D 1193 -9.26 52.46 -17.36
CA LEU D 1193 -9.19 53.24 -16.13
C LEU D 1193 -10.61 53.40 -15.57
N ASN D 1194 -10.76 53.12 -14.29
CA ASN D 1194 -12.09 53.12 -13.69
C ASN D 1194 -12.54 54.53 -13.33
N VAL D 1195 -11.80 55.20 -12.46
CA VAL D 1195 -12.14 56.54 -12.01
C VAL D 1195 -11.60 57.54 -13.02
N PHE D 1196 -12.49 58.14 -13.81
CA PHE D 1196 -12.07 59.12 -14.80
C PHE D 1196 -11.65 60.44 -14.14
N GLU D 1197 -12.44 60.91 -13.18
CA GLU D 1197 -12.16 62.17 -12.50
C GLU D 1197 -11.36 61.90 -11.23
N GLY D 1198 -11.12 62.95 -10.45
CA GLY D 1198 -10.37 62.82 -9.23
C GLY D 1198 -11.15 62.13 -8.12
N GLU D 1199 -12.23 62.77 -7.69
CA GLU D 1199 -13.14 62.25 -6.68
C GLU D 1199 -12.44 61.98 -5.35
N ARG D 1200 -11.27 62.58 -5.14
CA ARG D 1200 -10.48 62.41 -3.92
C ARG D 1200 -10.25 60.94 -3.62
N VAL D 1201 -9.54 60.28 -4.55
CA VAL D 1201 -9.27 58.85 -4.41
C VAL D 1201 -8.35 58.63 -3.22
N GLU D 1202 -8.82 57.83 -2.26
CA GLU D 1202 -8.04 57.53 -1.07
C GLU D 1202 -7.12 56.33 -1.32
N ARG D 1203 -6.19 56.14 -0.39
CA ARG D 1203 -5.26 55.02 -0.49
C ARG D 1203 -6.00 53.70 -0.36
N GLY D 1204 -5.64 52.73 -1.21
CA GLY D 1204 -6.30 51.46 -1.25
C GLY D 1204 -7.47 51.36 -2.20
N ASP D 1205 -7.85 52.47 -2.84
CA ASP D 1205 -8.94 52.44 -3.79
C ASP D 1205 -8.55 51.66 -5.04
N VAL D 1206 -9.55 51.09 -5.71
CA VAL D 1206 -9.33 50.26 -6.89
C VAL D 1206 -9.24 51.20 -8.10
N ILE D 1207 -8.01 51.49 -8.53
CA ILE D 1207 -7.84 52.35 -9.71
C ILE D 1207 -8.28 51.61 -10.97
N SER D 1208 -7.89 50.35 -11.11
CA SER D 1208 -8.28 49.53 -12.25
C SER D 1208 -8.90 48.23 -11.74
N ASP D 1209 -10.00 47.82 -12.37
CA ASP D 1209 -10.72 46.64 -11.93
C ASP D 1209 -9.91 45.37 -12.21
N GLY D 1210 -10.18 44.33 -11.43
CA GLY D 1210 -9.50 43.07 -11.58
C GLY D 1210 -9.11 42.48 -10.24
N PRO D 1211 -8.68 41.22 -10.23
CA PRO D 1211 -8.22 40.59 -8.98
C PRO D 1211 -6.99 41.30 -8.44
N GLU D 1212 -6.87 41.36 -7.12
CA GLU D 1212 -5.76 42.05 -6.47
C GLU D 1212 -4.88 41.04 -5.76
N ALA D 1213 -3.58 41.28 -5.78
CA ALA D 1213 -2.61 40.38 -5.16
C ALA D 1213 -2.52 40.63 -3.66
N PRO D 1214 -2.21 39.60 -2.88
CA PRO D 1214 -1.95 39.83 -1.44
C PRO D 1214 -0.77 40.73 -1.18
N HIS D 1215 0.21 40.79 -2.07
CA HIS D 1215 1.38 41.64 -1.84
C HIS D 1215 0.98 43.11 -1.78
N ASP D 1216 0.11 43.55 -2.69
CA ASP D 1216 -0.29 44.95 -2.72
C ASP D 1216 -1.19 45.31 -1.54
N ILE D 1217 -1.99 44.35 -1.07
CA ILE D 1217 -2.90 44.62 0.05
C ILE D 1217 -2.11 44.96 1.32
N LEU D 1218 -1.05 44.20 1.59
CA LEU D 1218 -0.27 44.41 2.80
C LEU D 1218 0.42 45.77 2.78
N ARG D 1219 0.95 46.17 1.63
CA ARG D 1219 1.71 47.41 1.56
C ARG D 1219 0.84 48.63 1.85
N LEU D 1220 -0.38 48.65 1.32
CA LEU D 1220 -1.24 49.82 1.38
C LEU D 1220 -2.39 49.67 2.37
N ARG D 1221 -3.20 48.63 2.22
CA ARG D 1221 -4.41 48.51 3.03
C ARG D 1221 -4.12 48.07 4.46
N GLY D 1222 -2.92 47.56 4.74
CA GLY D 1222 -2.52 47.24 6.09
C GLY D 1222 -2.37 45.74 6.30
N VAL D 1223 -1.79 45.41 7.46
CA VAL D 1223 -1.55 44.01 7.82
C VAL D 1223 -2.87 43.29 8.09
N HIS D 1224 -3.84 43.98 8.69
CA HIS D 1224 -5.11 43.34 9.00
C HIS D 1224 -5.86 42.93 7.73
N ALA D 1225 -5.80 43.77 6.69
CA ALA D 1225 -6.55 43.48 5.48
C ALA D 1225 -6.06 42.21 4.79
N VAL D 1226 -4.75 41.99 4.78
CA VAL D 1226 -4.22 40.79 4.11
C VAL D 1226 -4.63 39.54 4.87
N THR D 1227 -4.87 39.64 6.18
CA THR D 1227 -5.39 38.49 6.91
C THR D 1227 -6.86 38.25 6.58
N ARG D 1228 -7.63 39.33 6.45
CA ARG D 1228 -9.04 39.20 6.09
C ARG D 1228 -9.19 38.63 4.68
N TYR D 1229 -8.32 39.05 3.76
CA TYR D 1229 -8.41 38.55 2.39
C TYR D 1229 -8.05 37.08 2.32
N ILE D 1230 -6.93 36.68 2.92
CA ILE D 1230 -6.47 35.30 2.80
C ILE D 1230 -7.43 34.35 3.51
N VAL D 1231 -7.85 34.71 4.73
CA VAL D 1231 -8.75 33.84 5.49
C VAL D 1231 -10.05 33.63 4.73
N ASN D 1232 -10.64 34.72 4.22
CA ASN D 1232 -11.89 34.60 3.48
C ASN D 1232 -11.70 33.83 2.18
N GLU D 1233 -10.60 34.08 1.47
CA GLU D 1233 -10.38 33.39 0.20
C GLU D 1233 -10.06 31.92 0.42
N VAL D 1234 -9.28 31.60 1.45
CA VAL D 1234 -9.02 30.21 1.77
C VAL D 1234 -10.26 29.50 2.29
N GLN D 1235 -11.03 30.13 3.17
CA GLN D 1235 -12.25 29.51 3.67
C GLN D 1235 -13.29 29.36 2.57
N ASP D 1236 -13.28 30.25 1.57
CA ASP D 1236 -14.23 30.15 0.47
C ASP D 1236 -14.07 28.84 -0.28
N VAL D 1237 -12.84 28.42 -0.51
CA VAL D 1237 -12.60 27.13 -1.16
C VAL D 1237 -12.98 25.98 -0.23
N TYR D 1238 -12.64 26.11 1.06
CA TYR D 1238 -12.95 25.05 2.00
C TYR D 1238 -14.46 24.98 2.30
N ARG D 1239 -15.08 26.11 2.59
CA ARG D 1239 -16.47 26.07 3.06
C ARG D 1239 -17.41 25.59 1.95
N LEU D 1240 -17.02 25.72 0.68
CA LEU D 1240 -17.89 25.30 -0.41
C LEU D 1240 -18.09 23.79 -0.41
N GLN D 1241 -17.03 23.03 -0.12
CA GLN D 1241 -17.14 21.57 -0.06
C GLN D 1241 -17.65 21.05 1.27
N GLY D 1242 -18.19 21.93 2.11
CA GLY D 1242 -18.78 21.51 3.38
C GLY D 1242 -17.81 20.96 4.39
N VAL D 1243 -16.60 21.52 4.46
CA VAL D 1243 -15.64 21.16 5.50
C VAL D 1243 -15.50 22.35 6.44
N LYS D 1244 -15.25 22.05 7.71
CA LYS D 1244 -15.19 23.06 8.77
C LYS D 1244 -13.75 23.24 9.21
N ILE D 1245 -13.19 24.42 8.96
CA ILE D 1245 -11.86 24.79 9.42
C ILE D 1245 -11.98 26.12 10.13
N ASN D 1246 -11.50 26.18 11.37
CA ASN D 1246 -11.60 27.41 12.13
C ASN D 1246 -10.62 28.45 11.60
N ASP D 1247 -10.98 29.72 11.76
CA ASP D 1247 -10.17 30.82 11.22
C ASP D 1247 -8.82 30.93 11.91
N LYS D 1248 -8.70 30.48 13.15
CA LYS D 1248 -7.42 30.59 13.86
C LYS D 1248 -6.34 29.78 13.15
N HIS D 1249 -6.68 28.60 12.65
CA HIS D 1249 -5.68 27.74 12.02
C HIS D 1249 -5.15 28.35 10.73
N ILE D 1250 -5.93 29.23 10.10
CA ILE D 1250 -5.45 29.90 8.90
C ILE D 1250 -4.67 31.15 9.27
N GLU D 1251 -5.10 31.84 10.34
CA GLU D 1251 -4.39 33.03 10.78
C GLU D 1251 -3.02 32.67 11.36
N VAL D 1252 -2.88 31.48 11.93
CA VAL D 1252 -1.59 31.06 12.47
C VAL D 1252 -0.56 30.94 11.36
N ILE D 1253 -0.96 30.35 10.23
CA ILE D 1253 -0.04 30.21 9.10
C ILE D 1253 0.27 31.57 8.49
N VAL D 1254 -0.73 32.46 8.44
CA VAL D 1254 -0.52 33.79 7.88
C VAL D 1254 0.56 34.54 8.65
N ARG D 1255 0.57 34.38 9.99
CA ARG D 1255 1.57 35.06 10.80
C ARG D 1255 2.98 34.65 10.40
N GLN D 1256 3.18 33.36 10.11
CA GLN D 1256 4.48 32.89 9.65
C GLN D 1256 4.79 33.34 8.24
N MET D 1257 3.84 33.90 7.52
CA MET D 1257 4.07 34.51 6.22
C MET D 1257 4.36 36.00 6.31
N LEU D 1258 4.27 36.59 7.50
CA LEU D 1258 4.34 38.04 7.68
C LEU D 1258 5.54 38.44 8.53
N ARG D 1259 6.69 37.82 8.28
CA ARG D 1259 7.93 38.19 8.94
C ARG D 1259 8.89 38.80 7.92
N LYS D 1260 10.10 39.12 8.38
CA LYS D 1260 11.20 39.55 7.51
C LYS D 1260 10.85 40.84 6.77
N ALA D 1261 10.67 41.91 7.55
CA ALA D 1261 10.33 43.20 7.00
C ALA D 1261 11.54 43.89 6.39
N THR D 1262 11.28 44.79 5.46
CA THR D 1262 12.31 45.64 4.91
C THR D 1262 12.34 46.98 5.62
N ILE D 1263 13.46 47.69 5.51
CA ILE D 1263 13.70 48.92 6.24
C ILE D 1263 13.94 50.06 5.27
N VAL D 1264 13.36 51.21 5.56
CA VAL D 1264 13.53 52.40 4.72
C VAL D 1264 14.20 53.50 5.54
N ASN D 1265 14.90 53.10 6.60
CA ASN D 1265 15.62 54.04 7.45
C ASN D 1265 16.92 53.38 7.88
N ALA D 1266 17.62 54.00 8.82
CA ALA D 1266 18.90 53.50 9.31
C ALA D 1266 19.15 54.07 10.69
N GLY D 1267 20.39 53.91 11.18
CA GLY D 1267 20.80 54.40 12.47
C GLY D 1267 21.11 53.32 13.48
N SER D 1268 20.49 52.15 13.33
CA SER D 1268 20.61 51.05 14.30
C SER D 1268 21.30 49.84 13.67
N SER D 1269 22.39 50.09 12.93
CA SER D 1269 23.17 49.03 12.28
C SER D 1269 22.33 48.22 11.30
N ASP D 1270 21.33 48.86 10.69
CA ASP D 1270 20.47 48.22 9.70
C ASP D 1270 20.23 49.21 8.58
N PHE D 1271 20.30 48.74 7.34
CA PHE D 1271 20.12 49.62 6.19
C PHE D 1271 19.68 48.79 4.99
N LEU D 1272 18.47 49.07 4.49
CA LEU D 1272 17.96 48.53 3.22
C LEU D 1272 18.17 47.03 3.10
N GLU D 1273 17.90 46.32 4.20
CA GLU D 1273 18.04 44.87 4.24
C GLU D 1273 16.81 44.26 4.90
N GLY D 1274 16.51 43.02 4.53
CA GLY D 1274 15.36 42.33 5.07
C GLY D 1274 15.66 41.51 6.30
N GLU D 1275 15.26 42.01 7.46
CA GLU D 1275 15.52 41.36 8.74
C GLU D 1275 14.21 40.92 9.38
N GLN D 1276 14.30 39.90 10.23
CA GLN D 1276 13.13 39.37 10.91
C GLN D 1276 12.47 40.44 11.77
N VAL D 1277 11.13 40.47 11.75
CA VAL D 1277 10.39 41.50 12.48
C VAL D 1277 10.62 41.35 13.98
N GLU D 1278 10.75 40.11 14.46
CA GLU D 1278 11.03 39.90 15.87
C GLU D 1278 12.37 40.50 16.26
N TYR D 1279 13.38 40.35 15.41
CA TYR D 1279 14.68 40.97 15.67
C TYR D 1279 14.57 42.50 15.59
N SER D 1280 13.76 43.01 14.67
CA SER D 1280 13.60 44.45 14.55
C SER D 1280 12.85 45.02 15.76
N ARG D 1281 11.89 44.26 16.29
CA ARG D 1281 11.08 44.77 17.39
C ARG D 1281 11.91 45.00 18.65
N VAL D 1282 12.79 44.06 18.99
CA VAL D 1282 13.60 44.22 20.19
C VAL D 1282 14.61 45.35 20.01
N LYS D 1283 15.16 45.50 18.81
CA LYS D 1283 16.06 46.61 18.54
C LYS D 1283 15.32 47.94 18.63
N ILE D 1284 14.10 48.00 18.13
CA ILE D 1284 13.31 49.23 18.22
C ILE D 1284 12.99 49.55 19.68
N ALA D 1285 12.58 48.53 20.46
CA ALA D 1285 12.27 48.76 21.85
C ALA D 1285 13.50 49.17 22.64
N ASN D 1286 14.64 48.52 22.38
CA ASN D 1286 15.86 48.87 23.09
C ASN D 1286 16.32 50.28 22.76
N ARG D 1287 16.29 50.66 21.47
CA ARG D 1287 16.67 52.00 21.08
C ARG D 1287 15.72 53.04 21.65
N GLU D 1288 14.41 52.76 21.63
CA GLU D 1288 13.44 53.69 22.19
C GLU D 1288 13.55 53.76 23.71
N LEU D 1289 14.01 52.69 24.35
CA LEU D 1289 14.17 52.70 25.80
C LEU D 1289 15.20 53.73 26.24
N GLU D 1290 16.32 53.81 25.52
CA GLU D 1290 17.35 54.78 25.85
C GLU D 1290 16.90 56.18 25.45
N ALA D 1291 17.74 57.17 25.78
CA ALA D 1291 17.41 58.56 25.47
C ALA D 1291 17.32 58.80 23.98
N ASN D 1292 18.23 58.21 23.20
CA ASN D 1292 18.29 58.41 21.76
C ASN D 1292 17.19 57.56 21.11
N GLY D 1293 15.96 58.05 21.23
CA GLY D 1293 14.83 57.36 20.63
C GLY D 1293 14.72 57.53 19.13
N LYS D 1294 15.34 58.56 18.57
CA LYS D 1294 15.29 58.79 17.13
C LYS D 1294 16.09 57.77 16.34
N VAL D 1295 16.97 57.01 16.99
CA VAL D 1295 17.75 56.00 16.30
C VAL D 1295 16.87 54.89 15.73
N GLY D 1296 15.69 54.67 16.31
CA GLY D 1296 14.77 53.67 15.82
C GLY D 1296 14.40 53.86 14.36
N ALA D 1297 14.52 52.80 13.58
CA ALA D 1297 14.33 52.86 12.13
C ALA D 1297 12.98 52.29 11.75
N THR D 1298 12.20 53.07 11.01
CA THR D 1298 10.93 52.59 10.50
C THR D 1298 11.15 51.47 9.48
N TYR D 1299 10.23 50.53 9.45
CA TYR D 1299 10.35 49.35 8.60
C TYR D 1299 9.15 49.25 7.67
N SER D 1300 9.24 48.31 6.73
CA SER D 1300 8.15 48.00 5.81
C SER D 1300 7.96 46.49 5.79
N ARG D 1301 6.83 46.03 6.32
CA ARG D 1301 6.59 44.60 6.45
C ARG D 1301 6.40 43.95 5.08
N ASP D 1302 6.89 42.73 4.94
CA ASP D 1302 6.87 42.01 3.68
C ASP D 1302 6.12 40.70 3.82
N LEU D 1303 5.58 40.22 2.70
CA LEU D 1303 4.83 38.97 2.65
C LEU D 1303 5.54 38.01 1.70
N LEU D 1304 5.70 36.77 2.15
CA LEU D 1304 6.36 35.73 1.37
C LEU D 1304 5.52 34.47 1.37
N GLY D 1305 5.66 33.69 0.30
CA GLY D 1305 5.00 32.40 0.23
C GLY D 1305 5.63 31.39 1.17
N ILE D 1306 4.89 30.30 1.40
CA ILE D 1306 5.35 29.29 2.34
C ILE D 1306 6.64 28.65 1.86
N THR D 1307 6.74 28.37 0.56
CA THR D 1307 7.95 27.76 0.02
C THR D 1307 9.15 28.70 0.15
N LYS D 1308 8.91 30.01 0.16
CA LYS D 1308 10.01 30.98 0.25
C LYS D 1308 10.27 31.42 1.69
N ALA D 1309 9.21 31.61 2.48
CA ALA D 1309 9.40 32.05 3.86
C ALA D 1309 10.09 30.98 4.70
N SER D 1310 9.82 29.71 4.40
CA SER D 1310 10.42 28.62 5.18
C SER D 1310 11.92 28.54 4.96
N LEU D 1311 12.38 28.72 3.72
CA LEU D 1311 13.80 28.60 3.41
C LEU D 1311 14.63 29.74 3.98
N ALA D 1312 14.02 30.84 4.42
CA ALA D 1312 14.75 32.02 4.83
C ALA D 1312 14.95 32.10 6.34
N THR D 1313 14.59 31.06 7.09
CA THR D 1313 14.70 31.12 8.54
C THR D 1313 16.16 31.28 8.98
N GLU D 1314 16.34 31.91 10.14
CA GLU D 1314 17.68 32.26 10.62
C GLU D 1314 18.50 31.04 11.03
N SER D 1315 17.88 29.87 11.14
CA SER D 1315 18.59 28.64 11.48
C SER D 1315 18.73 27.79 10.23
N PHE D 1316 19.93 27.27 9.99
CA PHE D 1316 20.21 26.53 8.77
C PHE D 1316 19.90 25.04 8.87
N ILE D 1317 19.88 24.48 10.08
CA ILE D 1317 19.54 23.06 10.21
C ILE D 1317 18.10 22.82 9.75
N SER D 1318 17.18 23.65 10.21
CA SER D 1318 15.88 23.74 9.56
C SER D 1318 16.04 24.51 8.26
N ALA D 1319 15.07 24.31 7.36
CA ALA D 1319 15.06 24.84 6.00
C ALA D 1319 16.13 24.21 5.12
N ALA D 1320 17.00 23.36 5.66
CA ALA D 1320 17.84 22.50 4.86
C ALA D 1320 17.35 21.06 4.87
N SER D 1321 16.35 20.74 5.69
CA SER D 1321 15.73 19.43 5.71
C SER D 1321 14.35 19.44 5.07
N PHE D 1322 14.00 20.49 4.33
CA PHE D 1322 12.71 20.61 3.69
C PHE D 1322 12.82 20.75 2.18
N GLN D 1323 13.68 21.64 1.70
CA GLN D 1323 13.84 21.94 0.29
C GLN D 1323 15.29 21.75 -0.09
N GLU D 1324 15.66 22.28 -1.26
CA GLU D 1324 17.00 22.09 -1.80
C GLU D 1324 18.07 22.32 -0.74
N THR D 1325 18.89 21.30 -0.51
CA THR D 1325 19.93 21.39 0.51
C THR D 1325 21.23 21.94 -0.03
N THR D 1326 21.49 21.78 -1.33
CA THR D 1326 22.71 22.33 -1.91
C THR D 1326 22.74 23.84 -1.79
N ARG D 1327 21.62 24.50 -2.06
CA ARG D 1327 21.57 25.96 -1.95
C ARG D 1327 21.72 26.41 -0.50
N VAL D 1328 20.99 25.77 0.42
CA VAL D 1328 20.95 26.26 1.78
C VAL D 1328 22.30 26.09 2.47
N LEU D 1329 22.97 24.97 2.21
CA LEU D 1329 24.26 24.71 2.88
C LEU D 1329 25.30 25.75 2.50
N THR D 1330 25.44 26.06 1.21
CA THR D 1330 26.45 27.02 0.77
C THR D 1330 26.18 28.40 1.33
N GLU D 1331 24.93 28.87 1.21
CA GLU D 1331 24.58 30.16 1.82
C GLU D 1331 24.76 30.13 3.33
N ALA D 1332 24.73 28.93 3.93
CA ALA D 1332 25.07 28.82 5.34
C ALA D 1332 26.56 28.61 5.55
N ALA D 1333 27.25 28.03 4.57
CA ALA D 1333 28.68 27.79 4.72
C ALA D 1333 29.48 29.08 4.62
N VAL D 1334 29.17 29.91 3.62
CA VAL D 1334 29.93 31.14 3.42
C VAL D 1334 29.67 32.12 4.56
N ALA D 1335 28.45 32.16 5.08
CA ALA D 1335 28.13 33.07 6.17
C ALA D 1335 28.69 32.61 7.51
N GLY D 1336 28.99 31.32 7.65
CA GLY D 1336 29.48 30.81 8.93
C GLY D 1336 28.50 30.97 10.06
N LYS D 1337 27.22 30.68 9.81
CA LYS D 1337 26.17 30.95 10.78
C LYS D 1337 26.05 29.80 11.78
N ARG D 1338 25.09 29.93 12.69
CA ARG D 1338 24.83 28.95 13.72
C ARG D 1338 23.34 28.60 13.73
N ASP D 1339 23.02 27.43 14.28
CA ASP D 1339 21.64 26.97 14.30
C ASP D 1339 20.93 27.35 15.60
N GLU D 1340 21.58 27.09 16.75
CA GLU D 1340 21.08 27.41 18.08
C GLU D 1340 19.88 26.56 18.49
N LEU D 1341 19.37 25.74 17.57
CA LEU D 1341 18.33 24.76 17.85
C LEU D 1341 17.15 25.37 18.63
N ARG D 1342 16.46 26.30 17.97
CA ARG D 1342 15.37 27.03 18.63
C ARG D 1342 14.00 26.46 18.33
N GLY D 1343 13.77 25.93 17.13
CA GLY D 1343 12.47 25.40 16.74
C GLY D 1343 12.29 23.95 17.15
N LEU D 1344 11.31 23.32 16.51
CA LEU D 1344 11.01 21.91 16.74
C LEU D 1344 11.74 20.99 15.77
N LYS D 1345 11.92 21.42 14.53
CA LYS D 1345 12.58 20.56 13.54
C LYS D 1345 14.03 20.30 13.92
N GLU D 1346 14.73 21.32 14.43
CA GLU D 1346 16.13 21.15 14.80
C GLU D 1346 16.29 20.15 15.94
N ASN D 1347 15.42 20.24 16.96
CA ASN D 1347 15.56 19.36 18.10
C ASN D 1347 15.16 17.92 17.77
N VAL D 1348 14.22 17.73 16.85
CA VAL D 1348 13.87 16.37 16.43
C VAL D 1348 15.05 15.72 15.73
N ILE D 1349 15.74 16.46 14.86
CA ILE D 1349 16.88 15.91 14.15
C ILE D 1349 17.96 15.48 15.13
N VAL D 1350 18.29 16.34 16.09
CA VAL D 1350 19.35 16.03 17.03
C VAL D 1350 18.92 14.91 17.98
N GLY D 1351 17.65 14.87 18.34
CA GLY D 1351 17.16 13.88 19.28
C GLY D 1351 16.96 14.37 20.69
N ARG D 1352 17.01 15.67 20.93
CA ARG D 1352 16.73 16.21 22.25
C ARG D 1352 15.23 16.47 22.42
N LEU D 1353 14.85 16.95 23.59
CA LEU D 1353 13.46 17.23 23.87
C LEU D 1353 13.01 18.48 23.11
N ILE D 1354 11.92 18.37 22.39
CA ILE D 1354 11.38 19.49 21.62
C ILE D 1354 10.86 20.55 22.58
N PRO D 1355 10.99 21.83 22.26
CA PRO D 1355 10.44 22.89 23.13
C PRO D 1355 8.94 23.07 22.96
N ALA D 1356 8.18 22.03 23.33
CA ALA D 1356 6.73 22.08 23.23
C ALA D 1356 6.14 21.01 24.14
N GLY D 1357 5.01 21.34 24.76
CA GLY D 1357 4.32 20.37 25.60
C GLY D 1357 5.15 19.98 26.79
N THR D 1358 5.30 18.67 27.00
CA THR D 1358 6.02 18.17 28.16
C THR D 1358 7.50 18.58 28.12
N GLY D 1359 8.08 18.68 26.92
CA GLY D 1359 9.46 19.11 26.82
C GLY D 1359 9.68 20.60 26.90
N TYR D 1360 8.59 21.39 26.92
CA TYR D 1360 8.74 22.84 27.02
C TYR D 1360 9.27 23.25 28.39
N ALA D 1361 8.80 22.61 29.45
CA ALA D 1361 9.28 22.95 30.79
C ALA D 1361 10.76 22.69 30.94
N TYR D 1362 11.25 21.58 30.38
CA TYR D 1362 12.67 21.25 30.47
C TYR D 1362 13.52 22.29 29.75
N HIS D 1363 13.03 22.84 28.64
CA HIS D 1363 13.78 23.86 27.93
C HIS D 1363 13.69 25.22 28.61
N GLN D 1364 12.70 25.41 29.49
CA GLN D 1364 12.63 26.64 30.26
C GLN D 1364 13.69 26.66 31.37
N ASP D 1365 13.88 25.52 32.04
CA ASP D 1365 14.90 25.44 33.08
C ASP D 1365 16.29 25.64 32.52
N ARG D 1366 16.56 25.08 31.34
CA ARG D 1366 17.89 25.18 30.74
C ARG D 1366 18.21 26.60 30.31
N MET D 1367 17.20 27.37 29.90
CA MET D 1367 17.45 28.74 29.44
C MET D 1367 17.99 29.61 30.57
N ARG D 1368 17.42 29.48 31.77
CA ARG D 1368 17.87 30.31 32.89
C ARG D 1368 19.31 29.98 33.26
N ARG D 1369 19.68 28.70 33.26
CA ARG D 1369 21.03 28.32 33.61
C ARG D 1369 22.05 28.89 32.63
N ARG D 1370 21.72 28.87 31.34
CA ARG D 1370 22.63 29.45 30.34
C ARG D 1370 22.78 30.95 30.54
N ALA D 1371 21.67 31.64 30.83
CA ALA D 1371 21.73 33.08 31.02
C ALA D 1371 22.45 33.45 32.32
N ALA D 1372 22.27 32.63 33.36
CA ALA D 1372 22.91 32.89 34.64
C ALA D 1372 24.39 32.52 34.66
N GLY D 1373 24.87 31.81 33.64
CA GLY D 1373 26.26 31.41 33.58
C GLY D 1373 26.53 30.06 34.21
N ALA E 1 -8.00 1.75 38.44
CA ALA E 1 -7.38 2.44 37.32
C ALA E 1 -8.16 3.69 36.96
N ARG E 2 -7.52 4.59 36.21
CA ARG E 2 -8.13 5.86 35.80
C ARG E 2 -8.31 5.84 34.29
N VAL E 3 -9.56 5.72 33.84
CA VAL E 3 -9.84 5.78 32.41
C VAL E 3 -9.63 7.20 31.88
N THR E 4 -9.88 8.21 32.71
CA THR E 4 -9.68 9.61 32.34
C THR E 4 -8.91 10.32 33.44
N VAL E 5 -8.07 11.28 33.04
CA VAL E 5 -7.24 12.02 33.95
C VAL E 5 -7.78 13.43 34.19
N GLN E 6 -9.04 13.67 33.81
CA GLN E 6 -9.61 15.00 33.96
C GLN E 6 -9.65 15.44 35.42
N ASP E 7 -10.04 14.52 36.31
CA ASP E 7 -10.07 14.85 37.73
C ASP E 7 -8.67 15.19 38.25
N ALA E 8 -7.67 14.44 37.80
CA ALA E 8 -6.29 14.77 38.17
C ALA E 8 -5.83 16.05 37.49
N VAL E 9 -6.30 16.31 36.27
CA VAL E 9 -5.87 17.49 35.55
C VAL E 9 -6.36 18.76 36.23
N GLU E 10 -7.62 18.79 36.65
CA GLU E 10 -8.16 20.01 37.25
C GLU E 10 -7.51 20.33 38.58
N LYS E 11 -6.87 19.36 39.24
CA LYS E 11 -6.18 19.64 40.49
C LYS E 11 -4.98 20.56 40.26
N ILE E 12 -4.15 20.23 39.28
CA ILE E 12 -3.04 21.07 38.86
C ILE E 12 -3.19 21.29 37.35
N GLY E 13 -3.84 22.38 36.97
CA GLY E 13 -4.31 22.47 35.61
C GLY E 13 -3.29 23.00 34.62
N ASN E 14 -2.57 22.09 33.99
CA ASN E 14 -1.78 22.38 32.80
C ASN E 14 -1.87 21.31 31.72
N ARG E 15 -2.18 20.06 32.07
CA ARG E 15 -2.19 18.91 31.17
C ARG E 15 -0.77 18.58 30.71
N PHE E 16 0.20 19.40 31.10
CA PHE E 16 1.60 19.19 30.76
C PHE E 16 2.47 19.04 31.99
N ASP E 17 2.26 19.85 33.02
CA ASP E 17 2.98 19.66 34.28
C ASP E 17 2.47 18.46 35.05
N LEU E 18 1.23 18.05 34.82
CA LEU E 18 0.71 16.84 35.46
C LEU E 18 1.53 15.62 35.05
N VAL E 19 1.91 15.55 33.77
CA VAL E 19 2.73 14.44 33.31
C VAL E 19 4.06 14.40 34.04
N LEU E 20 4.70 15.57 34.20
CA LEU E 20 5.98 15.61 34.90
C LEU E 20 5.84 15.21 36.37
N VAL E 21 4.80 15.73 37.04
CA VAL E 21 4.60 15.41 38.44
C VAL E 21 4.33 13.91 38.62
N ALA E 22 3.47 13.35 37.77
CA ALA E 22 3.18 11.92 37.86
C ALA E 22 4.40 11.09 37.53
N ALA E 23 5.21 11.53 36.57
CA ALA E 23 6.45 10.80 36.26
C ALA E 23 7.40 10.80 37.44
N ARG E 24 7.56 11.95 38.10
CA ARG E 24 8.42 12.00 39.28
C ARG E 24 7.91 11.10 40.39
N ARG E 25 6.60 11.16 40.66
CA ARG E 25 6.04 10.33 41.72
C ARG E 25 6.17 8.85 41.40
N ALA E 26 5.92 8.46 40.15
CA ALA E 26 6.07 7.06 39.75
C ALA E 26 7.52 6.62 39.84
N ARG E 27 8.46 7.48 39.47
CA ARG E 27 9.87 7.14 39.62
C ARG E 27 10.20 6.90 41.09
N GLN E 28 9.72 7.77 41.97
CA GLN E 28 9.97 7.59 43.40
C GLN E 28 9.39 6.28 43.89
N MET E 29 8.17 5.96 43.49
CA MET E 29 7.52 4.73 43.95
C MET E 29 8.07 3.47 43.30
N GLN E 30 8.75 3.58 42.16
CA GLN E 30 9.23 2.41 41.45
C GLN E 30 10.69 2.08 41.72
N VAL E 31 11.58 3.08 41.69
CA VAL E 31 13.00 2.81 41.94
C VAL E 31 13.29 2.48 43.39
N GLY E 32 12.31 2.62 44.27
CA GLY E 32 12.48 2.33 45.68
C GLY E 32 12.54 3.59 46.51
N GLY E 33 12.51 3.37 47.83
CA GLY E 33 12.55 4.48 48.76
C GLY E 33 11.27 5.27 48.88
N LYS E 34 10.14 4.69 48.49
CA LYS E 34 8.87 5.37 48.61
C LYS E 34 7.76 4.33 48.69
N ASP E 35 6.67 4.70 49.36
CA ASP E 35 5.50 3.86 49.48
C ASP E 35 4.27 4.67 49.11
N PRO E 36 3.29 4.04 48.45
CA PRO E 36 2.09 4.79 48.03
C PRO E 36 1.33 5.35 49.23
N LEU E 37 0.81 6.56 49.05
CA LEU E 37 -0.01 7.22 50.07
C LEU E 37 -1.50 6.95 49.88
N VAL E 38 -1.86 6.14 48.89
CA VAL E 38 -3.25 5.80 48.60
C VAL E 38 -3.32 4.28 48.49
N PRO E 39 -4.41 3.64 48.95
CA PRO E 39 -4.46 2.18 48.88
C PRO E 39 -4.28 1.67 47.45
N GLU E 40 -3.48 0.63 47.33
CA GLU E 40 -3.05 0.09 46.03
C GLU E 40 -3.90 -1.12 45.69
N GLU E 41 -4.50 -1.09 44.50
CA GLU E 41 -5.54 -2.05 44.09
C GLU E 41 -5.08 -2.93 42.94
N ASN E 42 -3.83 -3.41 43.00
CA ASN E 42 -3.09 -4.29 42.09
C ASN E 42 -2.65 -3.55 40.83
N ASP E 43 -2.84 -2.24 40.74
CA ASP E 43 -2.53 -1.49 39.55
C ASP E 43 -1.10 -0.97 39.59
N LYS E 44 -0.62 -0.53 38.44
CA LYS E 44 0.76 -0.09 38.30
C LYS E 44 0.97 1.27 38.97
N THR E 45 2.24 1.67 39.04
CA THR E 45 2.62 2.89 39.74
C THR E 45 2.09 4.15 39.05
N THR E 46 1.97 4.13 37.72
CA THR E 46 1.52 5.31 37.00
C THR E 46 0.14 5.76 37.47
N VAL E 47 -0.82 4.84 37.49
CA VAL E 47 -2.16 5.21 37.92
C VAL E 47 -2.22 5.47 39.42
N ILE E 48 -1.32 4.88 40.21
CA ILE E 48 -1.28 5.22 41.62
C ILE E 48 -0.88 6.68 41.80
N ALA E 49 0.14 7.12 41.08
CA ALA E 49 0.53 8.52 41.14
C ALA E 49 -0.59 9.43 40.63
N LEU E 50 -1.25 9.02 39.56
CA LEU E 50 -2.35 9.83 39.02
C LEU E 50 -3.50 9.94 40.02
N ARG E 51 -3.82 8.85 40.72
CA ARG E 51 -4.88 8.89 41.70
C ARG E 51 -4.49 9.69 42.93
N GLU E 52 -3.21 9.65 43.31
CA GLU E 52 -2.73 10.51 44.39
C GLU E 52 -2.88 11.97 44.00
N ILE E 53 -2.58 12.31 42.75
CA ILE E 53 -2.75 13.68 42.28
C ILE E 53 -4.23 14.06 42.27
N GLU E 54 -5.09 13.16 41.79
CA GLU E 54 -6.52 13.46 41.71
C GLU E 54 -7.13 13.66 43.08
N GLU E 55 -6.71 12.87 44.07
CA GLU E 55 -7.19 13.03 45.43
C GLU E 55 -6.69 14.32 46.08
N GLY E 56 -5.74 15.01 45.46
CA GLY E 56 -5.19 16.23 46.01
C GLY E 56 -4.14 16.03 47.05
N LEU E 57 -3.50 14.87 47.09
CA LEU E 57 -2.53 14.53 48.13
C LEU E 57 -1.10 14.59 47.62
N ILE E 58 -0.90 14.73 46.30
CA ILE E 58 0.42 14.88 45.72
C ILE E 58 0.40 16.10 44.79
N ASN E 59 1.37 16.98 44.95
CA ASN E 59 1.50 18.20 44.16
C ASN E 59 2.98 18.53 44.05
N ASN E 60 3.30 19.52 43.21
CA ASN E 60 4.71 19.87 43.01
C ASN E 60 5.29 20.52 44.26
N GLN E 61 4.56 21.46 44.87
CA GLN E 61 5.07 22.16 46.04
C GLN E 61 5.35 21.18 47.18
N ILE E 62 4.38 20.32 47.49
CA ILE E 62 4.57 19.35 48.58
C ILE E 62 5.59 18.29 48.23
N LEU E 63 5.75 17.94 46.94
CA LEU E 63 6.86 17.08 46.56
C LEU E 63 8.20 17.73 46.88
N ASP E 64 8.33 19.03 46.55
CA ASP E 64 9.57 19.74 46.87
C ASP E 64 9.81 19.81 48.37
N VAL E 65 8.76 20.09 49.16
CA VAL E 65 8.96 20.17 50.60
C VAL E 65 9.28 18.80 51.19
N ARG E 66 8.72 17.73 50.65
CA ARG E 66 9.07 16.39 51.12
C ARG E 66 10.52 16.06 50.80
N GLU E 67 10.98 16.42 49.60
CA GLU E 67 12.39 16.22 49.27
C GLU E 67 13.29 17.03 50.19
N ARG E 68 12.90 18.27 50.49
CA ARG E 68 13.69 19.11 51.39
C ARG E 68 13.74 18.52 52.78
N GLN E 69 12.61 17.99 53.27
CA GLN E 69 12.59 17.38 54.59
C GLN E 69 13.46 16.13 54.63
N GLU E 70 13.42 15.33 53.57
CA GLU E 70 14.29 14.15 53.50
C GLU E 70 15.76 14.55 53.50
N GLN E 71 16.11 15.61 52.76
CA GLN E 71 17.49 16.09 52.76
C GLN E 71 17.90 16.58 54.15
N GLN E 72 17.00 17.30 54.82
CA GLN E 72 17.29 17.81 56.16
C GLN E 72 17.47 16.69 57.17
N GLU E 73 16.69 15.61 57.06
CA GLU E 73 16.84 14.48 57.96
C GLU E 73 18.21 13.84 57.80
N GLN E 74 18.69 13.71 56.57
CA GLN E 74 20.01 13.13 56.32
C GLN E 74 21.11 14.19 56.50
N ALA F 1 27.56 -24.88 -22.37
CA ALA F 1 27.55 -25.19 -20.95
C ALA F 1 26.13 -25.25 -20.41
N GLY F 2 25.45 -26.36 -20.65
CA GLY F 2 24.08 -26.55 -20.18
C GLY F 2 24.06 -27.30 -18.86
N THR F 3 23.42 -26.70 -17.87
CA THR F 3 23.31 -27.26 -16.52
C THR F 3 21.88 -27.74 -16.31
N PRO F 4 21.65 -29.05 -16.32
CA PRO F 4 20.27 -29.56 -16.17
C PRO F 4 19.58 -29.12 -14.89
N SER F 5 20.32 -29.01 -13.78
CA SER F 5 19.72 -28.70 -12.48
C SER F 5 20.36 -27.44 -11.92
N GLY F 6 19.52 -26.55 -11.37
CA GLY F 6 19.99 -25.34 -10.73
C GLY F 6 18.99 -24.78 -9.75
N ASN F 7 19.41 -24.52 -8.52
CA ASN F 7 18.51 -24.08 -7.46
C ASN F 7 18.31 -22.57 -7.58
N GLY F 8 17.22 -22.17 -8.23
CA GLY F 8 16.91 -20.76 -8.39
C GLY F 8 16.54 -20.08 -7.09
N VAL F 9 17.20 -18.96 -6.79
CA VAL F 9 16.90 -18.20 -5.59
C VAL F 9 17.37 -16.76 -5.75
N GLY F 10 23.43 -2.17 5.31
CA GLY F 10 23.43 -3.62 5.20
C GLY F 10 22.53 -4.30 6.21
N GLU F 11 23.02 -5.41 6.78
CA GLU F 11 22.25 -6.22 7.73
C GLU F 11 23.14 -6.59 8.92
N THR F 12 23.82 -5.58 9.48
CA THR F 12 24.83 -5.76 10.51
C THR F 12 24.44 -6.83 11.52
N THR F 13 25.35 -7.79 11.74
CA THR F 13 25.09 -8.98 12.53
C THR F 13 26.08 -9.07 13.69
N GLN F 14 26.25 -7.96 14.42
CA GLN F 14 27.14 -7.95 15.57
C GLN F 14 26.72 -8.96 16.64
N SER F 15 25.46 -9.38 16.64
CA SER F 15 24.97 -10.36 17.61
C SER F 15 25.30 -11.80 17.20
N LEU F 16 25.93 -12.00 16.04
CA LEU F 16 26.25 -13.36 15.60
C LEU F 16 27.26 -14.02 16.52
N GLN F 17 28.31 -13.30 16.91
CA GLN F 17 29.31 -13.83 17.81
C GLN F 17 29.69 -12.78 18.83
N ASP F 18 30.40 -13.22 19.87
CA ASP F 18 30.83 -12.35 20.97
C ASP F 18 29.64 -11.64 21.61
N TYR F 19 28.53 -12.36 21.77
CA TYR F 19 27.32 -11.79 22.32
C TYR F 19 27.26 -11.85 23.84
N LEU F 20 28.28 -12.42 24.49
CA LEU F 20 28.27 -12.54 25.95
C LEU F 20 28.29 -11.18 26.64
N MET F 21 28.65 -10.11 25.92
CA MET F 21 28.54 -8.77 26.49
C MET F 21 27.09 -8.43 26.80
N TRP F 22 26.15 -8.97 26.02
CA TRP F 22 24.74 -8.80 26.31
C TRP F 22 24.40 -9.35 27.70
N GLN F 23 24.82 -10.59 27.97
CA GLN F 23 24.56 -11.17 29.28
C GLN F 23 25.32 -10.43 30.37
N VAL F 24 26.55 -10.01 30.09
CA VAL F 24 27.35 -9.31 31.09
C VAL F 24 26.67 -8.01 31.50
N GLU F 25 26.14 -7.27 30.53
CA GLU F 25 25.44 -6.03 30.86
C GLU F 25 24.20 -6.30 31.70
N LEU F 26 23.44 -7.34 31.36
CA LEU F 26 22.21 -7.63 32.10
C LEU F 26 22.50 -8.17 33.50
N THR F 27 23.55 -8.98 33.66
CA THR F 27 23.87 -9.53 34.97
C THR F 27 24.31 -8.41 35.91
N PRO F 28 23.84 -8.41 37.16
CA PRO F 28 24.22 -7.34 38.09
C PRO F 28 25.69 -7.41 38.50
N PHE F 29 26.47 -6.44 38.04
CA PHE F 29 27.89 -6.37 38.36
C PHE F 29 28.27 -4.93 38.66
N THR F 30 29.31 -4.77 39.48
CA THR F 30 29.82 -3.45 39.81
C THR F 30 30.72 -2.96 38.69
N ASP F 31 31.34 -1.79 38.88
CA ASP F 31 32.17 -1.20 37.83
C ASP F 31 33.41 -2.05 37.55
N THR F 32 34.15 -2.40 38.61
CA THR F 32 35.35 -3.21 38.43
C THR F 32 35.00 -4.59 37.89
N ASP F 33 33.94 -5.20 38.40
CA ASP F 33 33.51 -6.50 37.90
C ASP F 33 33.11 -6.40 36.43
N ARG F 34 32.40 -5.34 36.05
CA ARG F 34 32.03 -5.17 34.65
C ARG F 34 33.24 -5.00 33.76
N ALA F 35 34.22 -4.22 34.20
CA ALA F 35 35.42 -3.98 33.39
C ALA F 35 36.21 -5.27 33.21
N ILE F 36 36.42 -6.01 34.30
CA ILE F 36 37.19 -7.25 34.18
C ILE F 36 36.41 -8.29 33.39
N ALA F 37 35.07 -8.29 33.49
CA ALA F 37 34.26 -9.18 32.67
C ALA F 37 34.40 -8.86 31.19
N THR F 38 34.41 -7.57 30.86
CA THR F 38 34.64 -7.16 29.47
C THR F 38 36.00 -7.63 29.00
N SER F 39 37.02 -7.51 29.85
CA SER F 39 38.36 -7.96 29.47
C SER F 39 38.38 -9.46 29.19
N ILE F 40 37.83 -10.26 30.11
CA ILE F 40 37.92 -11.71 29.94
C ILE F 40 37.07 -12.16 28.76
N VAL F 41 35.93 -11.51 28.52
CA VAL F 41 35.12 -11.89 27.37
C VAL F 41 35.75 -11.43 26.07
N ASP F 42 36.59 -10.39 26.10
CA ASP F 42 37.39 -10.06 24.94
C ASP F 42 38.59 -10.98 24.78
N ALA F 43 38.95 -11.72 25.84
CA ALA F 43 40.05 -12.66 25.78
C ALA F 43 39.64 -14.02 25.21
N VAL F 44 38.36 -14.22 24.88
CA VAL F 44 37.90 -15.50 24.36
C VAL F 44 38.02 -15.51 22.85
N ASP F 45 38.09 -16.71 22.28
CA ASP F 45 38.11 -16.91 20.85
C ASP F 45 36.74 -17.38 20.38
N ASP F 46 36.63 -17.73 19.10
CA ASP F 46 35.36 -18.23 18.57
C ASP F 46 34.98 -19.55 19.22
N THR F 47 35.95 -20.45 19.40
CA THR F 47 35.66 -21.72 20.05
C THR F 47 35.30 -21.52 21.52
N GLY F 48 36.12 -20.77 22.26
CA GLY F 48 35.88 -20.51 23.65
C GLY F 48 36.42 -21.55 24.61
N TYR F 49 36.92 -22.67 24.10
CA TYR F 49 37.46 -23.71 24.97
C TYR F 49 38.83 -23.34 25.54
N LEU F 50 39.53 -22.39 24.91
CA LEU F 50 40.83 -21.96 25.39
C LEU F 50 40.88 -20.44 25.37
N THR F 51 41.62 -19.88 26.33
CA THR F 51 41.79 -18.43 26.46
C THR F 51 43.23 -18.16 26.88
N ILE F 52 43.51 -16.90 27.20
CA ILE F 52 44.81 -16.56 27.77
C ILE F 52 44.83 -16.93 29.25
N GLN F 53 46.04 -16.99 29.81
CA GLN F 53 46.19 -17.38 31.21
C GLN F 53 45.63 -16.28 32.12
N ILE F 54 45.21 -16.70 33.31
CA ILE F 54 44.61 -15.76 34.27
C ILE F 54 45.64 -14.75 34.74
N GLU F 55 46.90 -15.18 34.89
CA GLU F 55 47.95 -14.28 35.37
C GLU F 55 48.14 -13.10 34.44
N ASP F 56 48.15 -13.36 33.12
CA ASP F 56 48.27 -12.27 32.17
C ASP F 56 47.08 -11.31 32.28
N ILE F 57 45.88 -11.85 32.52
CA ILE F 57 44.70 -11.00 32.63
C ILE F 57 44.81 -10.08 33.85
N VAL F 58 45.14 -10.65 35.01
CA VAL F 58 45.20 -9.82 36.22
C VAL F 58 46.34 -8.83 36.12
N ASP F 59 47.46 -9.21 35.50
CA ASP F 59 48.53 -8.25 35.28
C ASP F 59 48.09 -7.14 34.34
N SER F 60 47.31 -7.47 33.31
CA SER F 60 46.80 -6.44 32.40
C SER F 60 45.83 -5.52 33.10
N ILE F 61 45.14 -6.00 34.14
CA ILE F 61 44.30 -5.11 34.94
C ILE F 61 45.16 -4.02 35.58
N GLY F 62 46.28 -4.41 36.18
CA GLY F 62 47.27 -3.47 36.67
C GLY F 62 46.78 -2.46 37.68
N ASP F 63 46.03 -2.92 38.68
CA ASP F 63 45.50 -2.04 39.72
C ASP F 63 46.07 -2.46 41.08
N ASP F 64 45.57 -1.83 42.13
CA ASP F 64 46.00 -2.12 43.49
C ASP F 64 45.01 -3.06 44.16
N GLU F 65 45.54 -4.06 44.86
CA GLU F 65 44.74 -5.07 45.56
C GLU F 65 43.82 -5.83 44.62
N ILE F 66 44.24 -6.01 43.36
CA ILE F 66 43.43 -6.73 42.37
C ILE F 66 43.91 -8.18 42.40
N GLY F 67 43.22 -8.99 43.20
CA GLY F 67 43.66 -10.35 43.45
C GLY F 67 43.27 -11.31 42.33
N LEU F 68 43.67 -12.57 42.53
CA LEU F 68 43.38 -13.64 41.58
C LEU F 68 42.14 -14.44 41.94
N GLU F 69 41.78 -14.50 43.23
CA GLU F 69 40.58 -15.21 43.64
C GLU F 69 39.33 -14.59 43.04
N GLU F 70 39.27 -13.25 43.02
CA GLU F 70 38.13 -12.58 42.42
C GLU F 70 38.08 -12.83 40.91
N VAL F 71 39.25 -12.89 40.26
CA VAL F 71 39.30 -13.20 38.83
C VAL F 71 38.77 -14.60 38.58
N GLU F 72 39.17 -15.56 39.41
CA GLU F 72 38.67 -16.93 39.26
C GLU F 72 37.16 -16.99 39.50
N ALA F 73 36.67 -16.24 40.49
CA ALA F 73 35.23 -16.23 40.74
C ALA F 73 34.46 -15.65 39.57
N VAL F 74 34.94 -14.55 39.00
CA VAL F 74 34.26 -13.93 37.87
C VAL F 74 34.34 -14.83 36.64
N LEU F 75 35.48 -15.53 36.46
CA LEU F 75 35.57 -16.52 35.39
C LEU F 75 34.54 -17.63 35.57
N LYS F 76 34.38 -18.12 36.81
CA LYS F 76 33.37 -19.15 37.07
C LYS F 76 31.97 -18.63 36.78
N ARG F 77 31.68 -17.39 37.15
CA ARG F 77 30.37 -16.81 36.88
C ARG F 77 30.13 -16.69 35.37
N ILE F 78 31.13 -16.22 34.64
CA ILE F 78 30.99 -16.03 33.20
C ILE F 78 30.82 -17.38 32.51
N GLN F 79 31.50 -18.42 32.98
CA GLN F 79 31.37 -19.75 32.39
C GLN F 79 29.95 -20.29 32.47
N ARG F 80 29.15 -19.79 33.40
CA ARG F 80 27.74 -20.19 33.51
C ARG F 80 26.84 -19.33 32.63
N PHE F 81 27.21 -19.21 31.36
CA PHE F 81 26.43 -18.47 30.40
C PHE F 81 25.43 -19.39 29.71
N ASP F 82 24.66 -18.84 28.76
CA ASP F 82 23.78 -19.69 27.96
C ASP F 82 24.57 -20.74 27.18
N PRO F 83 25.69 -20.41 26.51
CA PRO F 83 26.59 -21.50 26.06
C PRO F 83 27.45 -21.97 27.22
N VAL F 84 26.90 -22.89 28.01
CA VAL F 84 27.52 -23.31 29.25
C VAL F 84 28.93 -23.82 29.01
N GLY F 85 29.88 -23.32 29.79
CA GLY F 85 31.28 -23.71 29.68
C GLY F 85 32.16 -22.78 28.88
N VAL F 86 31.64 -21.64 28.42
CA VAL F 86 32.42 -20.73 27.61
C VAL F 86 33.57 -20.15 28.42
N ALA F 87 34.72 -19.96 27.75
CA ALA F 87 35.91 -19.32 28.33
C ALA F 87 36.56 -20.17 29.42
N ALA F 88 36.42 -21.49 29.33
CA ALA F 88 37.08 -22.38 30.27
C ALA F 88 38.59 -22.35 30.05
N LYS F 89 39.34 -22.39 31.16
CA LYS F 89 40.79 -22.36 31.05
C LYS F 89 41.34 -23.60 30.34
N ASP F 90 40.77 -24.77 30.65
CA ASP F 90 41.23 -26.02 30.07
C ASP F 90 40.02 -26.90 29.75
N LEU F 91 40.27 -27.95 28.96
CA LEU F 91 39.19 -28.86 28.60
C LEU F 91 38.65 -29.60 29.81
N ARG F 92 39.53 -29.99 30.73
CA ARG F 92 39.06 -30.59 31.98
C ARG F 92 38.20 -29.62 32.77
N ASP F 93 38.61 -28.34 32.81
CA ASP F 93 37.80 -27.32 33.45
C ASP F 93 36.45 -27.17 32.75
N CYS F 94 36.45 -27.25 31.41
CA CYS F 94 35.20 -27.16 30.67
C CYS F 94 34.27 -28.32 31.02
N LEU F 95 34.81 -29.53 31.10
CA LEU F 95 33.99 -30.68 31.47
C LEU F 95 33.47 -30.55 32.90
N LEU F 96 34.31 -30.04 33.81
CA LEU F 96 33.86 -29.82 35.18
C LEU F 96 32.73 -28.80 35.23
N ILE F 97 32.84 -27.73 34.44
CA ILE F 97 31.77 -26.74 34.38
C ILE F 97 30.50 -27.37 33.83
N GLN F 98 30.62 -28.21 32.80
CA GLN F 98 29.45 -28.87 32.23
C GLN F 98 28.78 -29.78 33.26
N LEU F 99 29.57 -30.53 34.04
CA LEU F 99 29.02 -31.50 34.98
C LEU F 99 28.63 -30.90 36.32
N SER F 100 28.99 -29.63 36.59
CA SER F 100 28.68 -29.04 37.88
C SER F 100 27.18 -28.94 38.12
N GLN F 101 26.42 -28.50 37.10
CA GLN F 101 24.99 -28.25 37.27
C GLN F 101 24.14 -29.10 36.33
N PHE F 102 24.68 -30.21 35.81
CA PHE F 102 23.96 -31.03 34.85
C PHE F 102 22.65 -31.56 35.43
N ALA F 103 22.72 -32.41 36.44
CA ALA F 103 21.52 -32.95 37.06
C ALA F 103 21.52 -32.81 38.58
N LYS F 104 22.68 -32.96 39.22
CA LYS F 104 22.88 -32.98 40.67
C LYS F 104 22.25 -34.20 41.34
N GLU F 105 21.50 -35.02 40.60
CA GLU F 105 20.96 -36.27 41.13
C GLU F 105 20.87 -37.25 39.97
N THR F 106 21.92 -38.07 39.82
CA THR F 106 22.02 -39.04 38.74
C THR F 106 23.13 -40.04 39.05
N PRO F 107 22.94 -41.31 38.73
CA PRO F 107 23.97 -42.31 39.03
C PRO F 107 25.04 -42.39 37.96
N TRP F 108 26.24 -42.76 38.40
CA TRP F 108 27.41 -42.99 37.55
C TRP F 108 28.01 -41.69 37.01
N LEU F 109 27.78 -40.58 37.69
CA LEU F 109 28.47 -39.32 37.39
C LEU F 109 29.32 -38.83 38.55
N GLU F 110 28.74 -38.71 39.74
CA GLU F 110 29.50 -38.19 40.88
C GLU F 110 30.63 -39.14 41.27
N GLU F 111 30.36 -40.44 41.29
CA GLU F 111 31.37 -41.42 41.68
C GLU F 111 32.15 -41.98 40.50
N ALA F 112 31.68 -41.79 39.27
CA ALA F 112 32.33 -42.34 38.09
C ALA F 112 32.88 -41.26 37.16
N ARG F 113 32.03 -40.32 36.74
CA ARG F 113 32.47 -39.31 35.78
C ARG F 113 33.31 -38.22 36.42
N LEU F 114 33.01 -37.84 37.67
CA LEU F 114 33.73 -36.74 38.30
C LEU F 114 35.21 -37.08 38.49
N ILE F 115 35.52 -38.30 38.93
CA ILE F 115 36.90 -38.67 39.23
C ILE F 115 37.72 -38.71 37.94
N ILE F 116 37.17 -39.30 36.88
CA ILE F 116 37.91 -39.40 35.63
C ILE F 116 38.04 -38.03 34.96
N SER F 117 37.03 -37.19 35.10
CA SER F 117 37.11 -35.85 34.51
C SER F 117 38.11 -34.98 35.24
N ASP F 118 38.16 -35.08 36.57
CA ASP F 118 39.05 -34.24 37.35
C ASP F 118 40.51 -34.66 37.17
N HIS F 119 40.79 -35.96 37.19
CA HIS F 119 42.15 -36.46 37.13
C HIS F 119 42.19 -37.71 36.26
N LEU F 120 43.41 -38.02 35.78
CA LEU F 120 43.66 -39.18 34.93
C LEU F 120 42.80 -39.17 33.67
N ASP F 121 42.62 -37.97 33.10
CA ASP F 121 41.88 -37.86 31.85
C ASP F 121 42.73 -38.30 30.67
N LEU F 122 44.03 -38.00 30.69
CA LEU F 122 44.90 -38.39 29.59
C LEU F 122 45.01 -39.92 29.49
N LEU F 123 45.08 -40.60 30.63
CA LEU F 123 45.15 -42.05 30.62
C LEU F 123 43.89 -42.66 30.02
N ALA F 124 42.73 -42.13 30.39
CA ALA F 124 41.46 -42.61 29.86
C ALA F 124 41.19 -42.16 28.44
N ASN F 125 41.96 -41.19 27.92
CA ASN F 125 41.75 -40.73 26.55
C ASN F 125 42.02 -41.84 25.55
N HIS F 126 43.09 -42.61 25.76
CA HIS F 126 43.42 -43.69 24.82
C HIS F 126 42.61 -44.95 25.13
N ASP F 127 42.80 -45.52 26.32
CA ASP F 127 42.08 -46.72 26.72
C ASP F 127 42.14 -46.83 28.24
N PHE F 128 41.22 -47.63 28.78
CA PHE F 128 41.18 -47.81 30.24
C PHE F 128 42.25 -48.76 30.71
N ARG F 129 42.18 -50.03 30.28
CA ARG F 129 43.13 -51.06 30.66
C ARG F 129 43.32 -51.12 32.18
N THR F 130 44.47 -50.65 32.65
CA THR F 130 44.74 -50.66 34.09
C THR F 130 44.01 -49.54 34.83
N LEU F 131 43.46 -48.57 34.11
CA LEU F 131 42.73 -47.48 34.77
C LEU F 131 41.47 -48.00 35.45
N MET F 132 40.89 -49.09 34.95
CA MET F 132 39.74 -49.70 35.61
C MET F 132 40.12 -50.20 37.00
N ARG F 133 41.28 -50.85 37.13
CA ARG F 133 41.75 -51.26 38.44
C ARG F 133 42.26 -50.10 39.27
N VAL F 134 42.69 -49.01 38.62
CA VAL F 134 43.13 -47.83 39.37
C VAL F 134 41.96 -47.24 40.16
N THR F 135 40.79 -47.16 39.55
CA THR F 135 39.60 -46.68 40.23
C THR F 135 38.90 -47.76 41.05
N ARG F 136 39.44 -48.98 41.06
CA ARG F 136 38.88 -50.10 41.83
C ARG F 136 37.42 -50.37 41.43
N LEU F 137 37.15 -50.34 40.14
CA LEU F 137 35.81 -50.58 39.61
C LEU F 137 35.90 -51.48 38.39
N LYS F 138 34.93 -52.38 38.25
CA LYS F 138 34.88 -53.26 37.10
C LYS F 138 34.53 -52.45 35.84
N GLU F 139 34.84 -53.05 34.68
CA GLU F 139 34.71 -52.32 33.43
C GLU F 139 33.27 -51.93 33.11
N GLU F 140 32.30 -52.53 33.80
CA GLU F 140 30.89 -52.25 33.49
C GLU F 140 30.55 -50.79 33.73
N VAL F 141 31.02 -50.21 34.84
CA VAL F 141 30.65 -48.83 35.17
C VAL F 141 31.33 -47.85 34.22
N LEU F 142 32.61 -48.06 33.91
CA LEU F 142 33.26 -47.18 32.95
C LEU F 142 32.70 -47.35 31.55
N LYS F 143 32.08 -48.50 31.26
CA LYS F 143 31.57 -48.77 29.91
C LYS F 143 30.58 -47.70 29.47
N GLU F 144 29.65 -47.31 30.35
CA GLU F 144 28.78 -46.18 30.05
C GLU F 144 29.21 -44.88 30.75
N ALA F 145 30.20 -44.93 31.64
CA ALA F 145 30.77 -43.68 32.14
C ALA F 145 31.45 -42.90 31.03
N VAL F 146 32.16 -43.60 30.13
CA VAL F 146 32.79 -42.92 29.00
C VAL F 146 31.72 -42.31 28.10
N ASN F 147 30.61 -43.03 27.88
CA ASN F 147 29.52 -42.50 27.08
C ASN F 147 28.90 -41.27 27.73
N LEU F 148 28.71 -41.30 29.04
CA LEU F 148 28.18 -40.14 29.75
C LEU F 148 29.12 -38.95 29.64
N ILE F 149 30.43 -39.19 29.74
CA ILE F 149 31.41 -38.12 29.60
C ILE F 149 31.34 -37.54 28.18
N GLN F 150 31.28 -38.40 27.17
CA GLN F 150 31.24 -37.97 25.78
C GLN F 150 29.90 -37.34 25.41
N SER F 151 28.86 -37.51 26.22
CA SER F 151 27.57 -36.89 25.92
C SER F 151 27.68 -35.38 25.96
N LEU F 152 28.49 -34.84 26.86
CA LEU F 152 28.69 -33.40 26.93
C LEU F 152 29.38 -32.88 25.68
N ASP F 153 29.13 -31.62 25.36
CA ASP F 153 29.70 -31.02 24.16
C ASP F 153 31.23 -30.96 24.29
N PRO F 154 31.96 -31.34 23.23
CA PRO F 154 33.43 -31.28 23.29
C PRO F 154 33.95 -29.88 23.57
N ARG F 155 33.59 -28.94 22.69
CA ARG F 155 33.95 -27.54 22.88
C ARG F 155 32.72 -26.77 23.34
N PRO F 156 32.72 -26.23 24.55
CA PRO F 156 31.56 -25.45 25.00
C PRO F 156 31.32 -24.24 24.11
N GLY F 157 30.05 -23.91 23.94
CA GLY F 157 29.67 -22.87 23.00
C GLY F 157 29.77 -23.38 21.57
N GLN F 158 30.19 -22.50 20.65
CA GLN F 158 30.41 -22.85 19.25
C GLN F 158 29.11 -23.26 18.56
N SER F 159 28.00 -23.20 19.28
CA SER F 159 26.70 -23.56 18.74
C SER F 159 25.84 -22.35 18.41
N ILE F 160 26.36 -21.14 18.62
CA ILE F 160 25.61 -19.92 18.38
C ILE F 160 25.92 -19.33 17.01
N GLN F 161 27.16 -19.43 16.57
CA GLN F 161 27.54 -18.86 15.28
C GLN F 161 26.73 -19.51 14.16
N THR F 162 26.23 -18.68 13.25
CA THR F 162 25.34 -19.18 12.20
C THR F 162 26.13 -19.88 11.10
N GLY F 163 27.43 -19.61 11.00
CA GLY F 163 28.22 -20.18 9.93
C GLY F 163 27.85 -19.68 8.56
N GLU F 164 27.49 -18.41 8.43
CA GLU F 164 27.12 -17.81 7.16
C GLU F 164 28.29 -17.68 6.18
N PRO F 165 29.58 -17.51 6.62
CA PRO F 165 30.65 -17.51 5.63
C PRO F 165 30.95 -18.90 5.11
N GLU F 166 30.18 -19.34 4.11
CA GLU F 166 30.31 -20.68 3.55
C GLU F 166 31.64 -20.88 2.83
N TYR F 167 32.39 -19.81 2.56
CA TYR F 167 33.65 -19.88 1.82
C TYR F 167 33.40 -20.42 0.41
N VAL F 168 32.48 -19.77 -0.30
CA VAL F 168 32.20 -20.11 -1.69
C VAL F 168 33.41 -19.77 -2.54
N ILE F 169 33.93 -20.77 -3.26
CA ILE F 169 35.10 -20.60 -4.12
C ILE F 169 34.62 -20.44 -5.55
N PRO F 170 35.16 -19.48 -6.30
CA PRO F 170 34.83 -19.41 -7.74
C PRO F 170 35.53 -20.50 -8.52
N ASP F 171 34.98 -20.83 -9.69
CA ASP F 171 35.64 -21.78 -10.57
C ASP F 171 36.97 -21.26 -11.08
N VAL F 172 37.14 -19.94 -11.10
CA VAL F 172 38.32 -19.25 -11.60
C VAL F 172 38.52 -19.53 -13.08
N LEU F 173 38.93 -20.75 -13.45
CA LEU F 173 39.10 -20.91 -14.89
C LEU F 173 38.18 -21.98 -15.52
N VAL F 174 38.58 -23.26 -15.45
CA VAL F 174 37.85 -24.53 -15.63
C VAL F 174 38.93 -25.61 -15.55
N ARG F 175 38.57 -26.84 -15.22
CA ARG F 175 39.32 -28.00 -15.71
C ARG F 175 38.36 -29.04 -16.26
N LYS F 176 38.62 -29.46 -17.50
CA LYS F 176 37.83 -30.49 -18.17
C LYS F 176 38.63 -31.02 -19.34
N VAL F 177 38.42 -32.31 -19.67
CA VAL F 177 39.13 -32.91 -20.79
C VAL F 177 38.41 -32.59 -22.10
N ASN F 178 39.12 -32.78 -23.21
CA ASN F 178 38.57 -32.49 -24.53
C ASN F 178 39.39 -33.23 -25.58
N ASP F 179 38.74 -34.09 -26.34
CA ASP F 179 39.36 -34.80 -27.46
C ASP F 179 40.61 -35.56 -27.02
N ARG F 180 40.51 -36.19 -25.84
CA ARG F 180 41.63 -36.91 -25.22
C ARG F 180 42.84 -35.99 -25.11
N TRP F 181 42.61 -34.83 -24.49
CA TRP F 181 43.68 -33.88 -24.19
C TRP F 181 43.16 -32.93 -23.12
N VAL F 182 43.80 -32.95 -21.95
CA VAL F 182 43.34 -32.12 -20.84
C VAL F 182 43.68 -30.66 -21.13
N VAL F 183 42.68 -29.89 -21.55
CA VAL F 183 42.85 -28.48 -21.89
C VAL F 183 41.80 -27.67 -21.14
N GLU F 184 42.23 -26.61 -20.50
CA GLU F 184 41.36 -25.76 -19.70
C GLU F 184 40.70 -24.68 -20.58
N LEU F 185 39.52 -24.23 -20.14
CA LEU F 185 38.76 -23.23 -20.85
C LEU F 185 38.44 -22.08 -19.89
N ASN F 186 38.56 -20.85 -20.41
CA ASN F 186 38.35 -19.68 -19.57
C ASN F 186 36.92 -19.64 -19.02
N SER F 187 35.95 -19.95 -19.87
CA SER F 187 34.53 -19.98 -19.48
C SER F 187 34.06 -18.64 -18.95
N ASP F 188 32.96 -18.64 -18.20
CA ASP F 188 32.37 -17.42 -17.67
C ASP F 188 32.86 -17.08 -16.28
N SER F 189 33.80 -17.85 -15.73
CA SER F 189 34.31 -17.59 -14.39
C SER F 189 35.20 -16.36 -14.32
N LEU F 190 35.66 -15.84 -15.45
CA LEU F 190 36.48 -14.65 -15.52
C LEU F 190 35.88 -13.67 -16.52
N PRO F 191 36.12 -12.37 -16.34
CA PRO F 191 35.64 -11.33 -17.28
C PRO F 191 36.11 -11.56 -18.72
N SER F 192 41.31 -0.39 -22.63
CA SER F 192 41.90 0.27 -21.47
C SER F 192 41.19 -0.14 -20.18
N ALA F 193 39.88 -0.29 -20.25
CA ALA F 193 39.08 -0.68 -19.10
C ALA F 193 38.91 -2.19 -18.99
N ASN F 194 39.48 -2.96 -19.91
CA ASN F 194 39.42 -4.41 -19.84
C ASN F 194 40.50 -5.01 -18.95
N ASP F 195 41.24 -4.17 -18.22
CA ASP F 195 42.29 -4.55 -17.28
C ASP F 195 43.53 -5.12 -17.97
N THR F 196 43.50 -5.28 -19.29
CA THR F 196 44.62 -5.79 -20.06
C THR F 196 45.19 -7.07 -19.44
N LEU F 197 44.33 -8.03 -19.15
CA LEU F 197 44.77 -9.20 -18.38
C LEU F 197 44.10 -10.48 -18.83
N LEU F 198 44.26 -11.53 -18.02
CA LEU F 198 43.77 -12.89 -18.25
C LEU F 198 44.57 -13.61 -19.32
N ARG F 199 45.43 -12.87 -20.03
CA ARG F 199 46.37 -13.52 -20.94
C ARG F 199 47.50 -14.16 -20.15
N VAL F 200 48.02 -13.46 -19.15
CA VAL F 200 49.00 -14.05 -18.25
C VAL F 200 48.37 -15.20 -17.48
N SER F 201 47.10 -15.05 -17.09
CA SER F 201 46.41 -16.13 -16.41
C SER F 201 46.31 -17.37 -17.30
N ARG F 202 45.93 -17.18 -18.57
CA ARG F 202 45.84 -18.31 -19.49
C ARG F 202 47.20 -18.95 -19.72
N CYS F 203 48.25 -18.13 -19.87
CA CYS F 203 49.59 -18.68 -20.09
C CYS F 203 50.07 -19.48 -18.88
N ILE F 204 49.86 -18.95 -17.67
CA ILE F 204 50.27 -19.66 -16.46
C ILE F 204 49.46 -20.94 -16.31
N VAL F 205 48.18 -20.90 -16.68
CA VAL F 205 47.34 -22.09 -16.61
C VAL F 205 47.86 -23.16 -17.57
N GLU F 206 48.21 -22.76 -18.79
CA GLU F 206 48.75 -23.72 -19.75
C GLU F 206 50.06 -24.30 -19.26
N GLN F 207 50.93 -23.46 -18.70
CA GLN F 207 52.21 -23.94 -18.18
C GLN F 207 52.00 -24.93 -17.04
N GLN F 208 51.07 -24.64 -16.13
CA GLN F 208 50.80 -25.55 -15.02
C GLN F 208 50.20 -26.86 -15.50
N GLN F 209 49.21 -26.79 -16.41
CA GLN F 209 48.56 -28.00 -16.89
C GLN F 209 49.50 -28.87 -17.72
N ALA F 210 50.47 -28.25 -18.40
CA ALA F 210 51.44 -29.03 -19.17
C ALA F 210 52.25 -29.95 -18.28
N PHE F 211 52.67 -29.47 -17.11
CA PHE F 211 53.48 -30.24 -16.17
C PHE F 211 52.65 -30.95 -15.11
N PHE F 212 51.32 -30.84 -15.16
CA PHE F 212 50.44 -31.46 -14.17
C PHE F 212 49.40 -32.32 -14.85
N GLU F 213 49.84 -33.18 -15.78
CA GLU F 213 48.94 -34.15 -16.39
C GLU F 213 48.42 -35.14 -15.35
N GLN F 214 49.29 -35.56 -14.43
CA GLN F 214 49.02 -36.50 -13.35
C GLN F 214 48.04 -37.62 -13.73
N GLY F 215 46.74 -37.32 -13.75
CA GLY F 215 45.73 -38.32 -13.96
C GLY F 215 45.42 -39.18 -12.77
N GLU F 216 46.12 -39.00 -11.65
CA GLU F 216 45.90 -39.77 -10.43
C GLU F 216 46.46 -38.97 -9.26
N GLU F 217 46.64 -39.64 -8.11
CA GLU F 217 47.10 -38.93 -6.92
C GLU F 217 48.48 -38.33 -7.10
N TYR F 218 49.40 -39.06 -7.73
CA TYR F 218 50.76 -38.58 -7.88
C TYR F 218 50.81 -37.40 -8.84
N MET F 219 51.59 -36.38 -8.48
CA MET F 219 51.73 -35.18 -9.28
C MET F 219 53.20 -34.87 -9.50
N LYS F 220 53.53 -34.41 -10.71
CA LYS F 220 54.92 -34.11 -11.03
C LYS F 220 55.40 -32.89 -10.27
N PRO F 221 56.65 -32.88 -9.79
CA PRO F 221 57.17 -31.68 -9.13
C PRO F 221 57.20 -30.49 -10.06
N MET F 222 56.94 -29.31 -9.49
CA MET F 222 56.98 -28.05 -10.24
C MET F 222 57.78 -27.03 -9.46
N VAL F 223 58.64 -26.29 -10.16
CA VAL F 223 59.46 -25.24 -9.58
C VAL F 223 59.10 -23.93 -10.27
N LEU F 224 59.04 -22.84 -9.49
CA LEU F 224 58.71 -21.54 -10.06
C LEU F 224 59.68 -21.16 -11.18
N ALA F 225 60.94 -21.56 -11.06
CA ALA F 225 61.89 -21.34 -12.14
C ALA F 225 61.51 -22.12 -13.39
N ASP F 226 61.10 -23.38 -13.22
CA ASP F 226 60.70 -24.20 -14.36
C ASP F 226 59.45 -23.63 -15.03
N ILE F 227 58.45 -23.24 -14.23
CA ILE F 227 57.24 -22.66 -14.80
C ILE F 227 57.54 -21.34 -15.48
N ALA F 228 58.44 -20.53 -14.89
CA ALA F 228 58.81 -19.26 -15.50
C ALA F 228 59.50 -19.47 -16.84
N GLN F 229 60.40 -20.46 -16.92
CA GLN F 229 61.08 -20.75 -18.17
C GLN F 229 60.16 -21.40 -19.20
N ALA F 230 59.10 -22.07 -18.74
CA ALA F 230 58.17 -22.70 -19.67
C ALA F 230 57.47 -21.65 -20.54
N VAL F 231 57.07 -20.53 -19.94
CA VAL F 231 56.38 -19.46 -20.66
C VAL F 231 57.29 -18.27 -20.90
N GLU F 232 58.61 -18.44 -20.74
CA GLU F 232 59.58 -17.36 -20.90
C GLU F 232 59.22 -16.16 -20.03
N MET F 233 58.85 -16.45 -18.78
CA MET F 233 58.33 -15.44 -17.86
C MET F 233 59.22 -15.38 -16.63
N HIS F 234 58.90 -14.45 -15.74
CA HIS F 234 59.59 -14.36 -14.45
C HIS F 234 58.79 -15.10 -13.38
N GLU F 235 59.52 -15.59 -12.37
CA GLU F 235 58.88 -16.39 -11.33
C GLU F 235 57.99 -15.55 -10.43
N SER F 236 58.37 -14.31 -10.14
CA SER F 236 57.63 -13.50 -9.18
C SER F 236 56.24 -13.15 -9.70
N THR F 237 56.15 -12.74 -10.96
CA THR F 237 54.85 -12.33 -11.51
C THR F 237 53.87 -13.50 -11.57
N ILE F 238 54.33 -14.66 -12.06
CA ILE F 238 53.46 -15.82 -12.11
C ILE F 238 53.14 -16.34 -10.72
N SER F 239 54.05 -16.17 -9.77
CA SER F 239 53.76 -16.57 -8.40
C SER F 239 52.66 -15.68 -7.79
N ARG F 240 52.72 -14.37 -8.04
CA ARG F 240 51.68 -13.49 -7.57
C ARG F 240 50.36 -13.69 -8.32
N VAL F 241 50.41 -14.16 -9.57
CA VAL F 241 49.19 -14.38 -10.33
C VAL F 241 48.40 -15.54 -9.74
N THR F 242 49.07 -16.65 -9.43
CA THR F 242 48.40 -17.87 -9.01
C THR F 242 48.18 -17.92 -7.50
N THR F 243 48.53 -16.87 -6.76
CA THR F 243 48.33 -16.87 -5.32
C THR F 243 46.86 -16.93 -4.96
N GLN F 244 46.01 -16.20 -5.67
CA GLN F 244 44.59 -16.09 -5.35
C GLN F 244 43.70 -16.67 -6.45
N LYS F 245 44.26 -17.48 -7.33
CA LYS F 245 43.49 -18.15 -8.38
C LYS F 245 43.44 -19.64 -8.11
N TYR F 246 42.34 -20.27 -8.52
CA TYR F 246 42.10 -21.69 -8.27
C TYR F 246 41.76 -22.39 -9.58
N LEU F 247 41.43 -23.67 -9.49
CA LEU F 247 40.97 -24.45 -10.63
C LEU F 247 39.91 -25.45 -10.19
N HIS F 248 39.04 -25.83 -11.12
CA HIS F 248 37.93 -26.73 -10.86
C HIS F 248 38.30 -28.11 -11.39
N SER F 249 38.96 -28.91 -10.56
CA SER F 249 39.38 -30.24 -10.97
C SER F 249 38.16 -31.14 -11.16
N PRO F 250 38.02 -31.80 -12.31
CA PRO F 250 36.87 -32.70 -12.50
C PRO F 250 36.81 -33.84 -11.49
N ARG F 251 37.97 -34.34 -11.06
CA ARG F 251 38.02 -35.41 -10.07
C ARG F 251 39.05 -35.04 -9.00
N GLY F 252 38.68 -35.24 -7.74
CA GLY F 252 39.59 -34.91 -6.66
C GLY F 252 39.79 -33.41 -6.50
N ILE F 253 40.90 -33.06 -5.87
CA ILE F 253 41.24 -31.66 -5.63
C ILE F 253 42.29 -31.19 -6.63
N PHE F 254 41.49 -26.43 -7.20
CA PHE F 254 40.88 -25.85 -6.01
C PHE F 254 41.92 -25.08 -5.20
N GLU F 255 43.21 -25.38 -5.44
CA GLU F 255 44.29 -24.70 -4.74
C GLU F 255 45.21 -23.94 -5.70
N LEU F 256 45.54 -24.54 -6.85
CA LEU F 256 46.51 -24.01 -7.80
C LEU F 256 47.91 -23.89 -7.19
N LYS F 257 48.17 -24.59 -6.08
CA LYS F 257 49.47 -24.60 -5.46
C LYS F 257 49.92 -25.97 -5.00
N TYR F 258 49.04 -26.99 -4.99
CA TYR F 258 49.44 -28.31 -4.56
C TYR F 258 50.48 -28.91 -5.50
N PHE F 259 50.30 -28.74 -6.81
CA PHE F 259 51.28 -29.25 -7.76
C PHE F 259 52.52 -28.36 -7.84
N PHE F 260 52.46 -27.17 -7.26
CA PHE F 260 53.59 -26.24 -7.25
C PHE F 260 54.67 -26.63 -6.25
N SER F 261 54.58 -27.82 -5.66
CA SER F 261 55.59 -28.26 -4.69
C SER F 261 56.94 -28.39 -5.39
N SER F 262 57.97 -27.78 -4.79
CA SER F 262 59.32 -27.76 -5.35
C SER F 262 60.25 -28.47 -4.38
N HIS F 263 60.68 -29.67 -4.76
CA HIS F 263 61.60 -30.45 -3.94
C HIS F 263 62.65 -31.10 -4.83
N VAL F 264 63.79 -31.43 -4.23
CA VAL F 264 64.87 -32.10 -4.95
C VAL F 264 64.56 -33.55 -5.24
N ASN F 265 63.46 -34.08 -4.70
CA ASN F 265 62.97 -35.45 -4.86
C ASN F 265 63.92 -36.49 -4.27
N THR F 266 65.03 -36.08 -3.65
CA THR F 266 66.03 -36.88 -2.95
C THR F 266 66.90 -37.70 -3.90
N GLU F 267 66.62 -37.71 -5.20
CA GLU F 267 67.49 -38.35 -6.17
C GLU F 267 67.23 -37.77 -7.55
N GLY F 268 68.23 -37.87 -8.42
CA GLY F 268 68.09 -37.34 -9.77
C GLY F 268 67.05 -38.08 -10.58
N GLY F 269 67.04 -39.41 -10.50
CA GLY F 269 66.07 -40.21 -11.22
C GLY F 269 64.77 -40.40 -10.46
N GLY F 270 64.34 -39.36 -9.75
CA GLY F 270 63.12 -39.41 -8.97
C GLY F 270 61.97 -38.68 -9.63
N GLU F 271 60.83 -38.73 -8.96
CA GLU F 271 59.61 -38.10 -9.45
C GLU F 271 58.65 -37.94 -8.27
N ALA F 272 57.52 -37.29 -8.54
CA ALA F 272 56.38 -37.11 -7.64
C ALA F 272 56.68 -36.16 -6.49
N SER F 273 57.89 -35.63 -6.38
CA SER F 273 58.27 -34.65 -5.33
C SER F 273 58.02 -35.31 -3.97
N SER F 274 57.48 -34.58 -3.00
CA SER F 274 57.21 -35.11 -1.68
C SER F 274 55.73 -35.12 -1.31
N THR F 275 54.90 -34.27 -1.90
CA THR F 275 53.47 -34.28 -1.61
C THR F 275 52.85 -35.60 -2.04
N ALA F 276 53.16 -36.07 -3.25
CA ALA F 276 52.70 -37.39 -3.66
C ALA F 276 53.37 -38.49 -2.83
N ILE F 277 54.63 -38.30 -2.46
CA ILE F 277 55.28 -39.25 -1.55
C ILE F 277 54.55 -39.29 -0.22
N ARG F 278 54.11 -38.13 0.27
CA ARG F 278 53.29 -38.10 1.48
C ARG F 278 51.97 -38.81 1.27
N ALA F 279 51.37 -38.70 0.08
CA ALA F 279 50.14 -39.43 -0.20
C ALA F 279 50.36 -40.94 -0.15
N LEU F 280 51.45 -41.42 -0.75
CA LEU F 280 51.75 -42.85 -0.68
C LEU F 280 52.03 -43.29 0.75
N VAL F 281 52.72 -42.44 1.53
CA VAL F 281 52.99 -42.78 2.93
C VAL F 281 51.68 -42.90 3.71
N LYS F 282 50.76 -41.96 3.49
CA LYS F 282 49.47 -42.02 4.16
C LYS F 282 48.68 -43.25 3.75
N LYS F 283 48.71 -43.59 2.45
CA LYS F 283 48.03 -44.79 1.99
C LYS F 283 48.61 -46.05 2.62
N LEU F 284 49.93 -46.12 2.71
CA LEU F 284 50.58 -47.27 3.34
C LEU F 284 50.23 -47.36 4.82
N ILE F 285 50.20 -46.21 5.50
CA ILE F 285 49.86 -46.21 6.93
C ILE F 285 48.42 -46.67 7.12
N ALA F 286 47.49 -46.18 6.29
CA ALA F 286 46.10 -46.59 6.42
C ALA F 286 45.92 -48.07 6.13
N ALA F 287 46.59 -48.58 5.10
CA ALA F 287 46.49 -49.99 4.70
C ALA F 287 47.66 -50.74 5.31
N GLU F 288 47.48 -51.22 6.54
CA GLU F 288 48.52 -51.94 7.24
C GLU F 288 47.87 -52.97 8.16
N ASN F 289 48.67 -53.59 9.02
CA ASN F 289 48.17 -54.59 9.95
C ASN F 289 47.29 -53.93 11.01
N PRO F 290 46.37 -54.70 11.62
CA PRO F 290 45.55 -54.12 12.70
C PRO F 290 46.37 -53.59 13.86
N ALA F 291 47.48 -54.25 14.19
CA ALA F 291 48.38 -53.71 15.19
C ALA F 291 48.98 -52.38 14.71
N LYS F 292 49.38 -52.32 13.44
CA LYS F 292 49.89 -51.12 12.79
C LYS F 292 51.06 -50.52 13.54
N PRO F 293 52.22 -51.19 13.55
CA PRO F 293 53.42 -50.56 14.14
C PRO F 293 53.82 -49.31 13.38
N LEU F 294 54.05 -49.46 12.09
CA LEU F 294 54.37 -48.36 11.18
C LEU F 294 55.48 -47.47 11.74
N SER F 295 56.60 -48.11 12.06
CA SER F 295 57.75 -47.40 12.60
C SER F 295 58.31 -46.45 11.54
N ASP F 296 58.91 -45.35 12.02
CA ASP F 296 59.49 -44.37 11.10
C ASP F 296 60.62 -45.01 10.28
N SER F 297 61.47 -45.80 10.92
CA SER F 297 62.52 -46.50 10.19
C SER F 297 61.93 -47.50 9.19
N LYS F 298 60.91 -48.25 9.60
CA LYS F 298 60.30 -49.22 8.70
C LYS F 298 59.62 -48.53 7.53
N LEU F 299 58.89 -47.44 7.78
CA LEU F 299 58.25 -46.71 6.69
C LEU F 299 59.29 -46.11 5.74
N THR F 300 60.38 -45.58 6.29
CA THR F 300 61.44 -45.04 5.45
C THR F 300 62.09 -46.12 4.60
N SER F 301 62.31 -47.30 5.18
CA SER F 301 62.87 -48.41 4.42
C SER F 301 61.93 -48.86 3.31
N MET F 302 60.62 -48.91 3.61
CA MET F 302 59.65 -49.26 2.58
C MET F 302 59.63 -48.23 1.45
N LEU F 303 59.70 -46.94 1.80
CA LEU F 303 59.73 -45.90 0.78
C LEU F 303 61.00 -45.99 -0.06
N SER F 304 62.14 -46.25 0.58
CA SER F 304 63.40 -46.39 -0.16
C SER F 304 63.35 -47.59 -1.10
N GLU F 305 62.75 -48.70 -0.65
CA GLU F 305 62.55 -49.84 -1.53
C GLU F 305 61.64 -49.47 -2.71
N GLN F 306 60.61 -48.68 -2.44
CA GLN F 306 59.75 -48.18 -3.51
C GLN F 306 60.43 -47.15 -4.39
N GLY F 307 61.57 -46.61 -3.97
CA GLY F 307 62.30 -45.64 -4.76
C GLY F 307 62.05 -44.20 -4.36
N ILE F 308 62.10 -43.92 -3.05
CA ILE F 308 61.89 -42.59 -2.54
C ILE F 308 63.16 -42.02 -1.91
N MET F 309 63.92 -42.85 -1.18
CA MET F 309 65.15 -42.45 -0.52
C MET F 309 64.91 -41.29 0.45
N VAL F 310 64.02 -41.54 1.41
CA VAL F 310 63.68 -40.50 2.39
C VAL F 310 64.83 -40.31 3.37
N ALA F 311 64.75 -39.21 4.12
CA ALA F 311 65.78 -38.89 5.11
C ALA F 311 65.79 -39.86 6.28
N ARG F 312 64.70 -40.61 6.48
CA ARG F 312 64.52 -41.62 7.52
C ARG F 312 64.53 -41.04 8.92
N ARG F 313 64.63 -39.72 9.09
CA ARG F 313 64.64 -39.09 10.39
C ARG F 313 63.47 -38.14 10.60
N THR F 314 63.25 -37.20 9.67
CA THR F 314 62.17 -36.23 9.79
C THR F 314 61.12 -36.32 8.70
N VAL F 315 61.43 -36.92 7.56
CA VAL F 315 60.42 -37.09 6.50
C VAL F 315 59.29 -37.97 7.02
N ALA F 316 59.64 -39.10 7.65
CA ALA F 316 58.63 -39.90 8.33
C ALA F 316 58.00 -39.13 9.48
N LYS F 317 58.79 -38.35 10.21
CA LYS F 317 58.23 -37.49 11.26
C LYS F 317 57.32 -36.43 10.67
N TYR F 318 57.70 -35.86 9.53
CA TYR F 318 56.83 -34.88 8.88
C TYR F 318 55.51 -35.51 8.47
N ARG F 319 55.55 -36.73 7.93
CA ARG F 319 54.32 -37.43 7.58
C ARG F 319 53.48 -37.72 8.82
N GLU F 320 54.13 -38.15 9.91
CA GLU F 320 53.42 -38.48 11.13
C GLU F 320 52.86 -37.25 11.84
N SER F 321 53.39 -36.06 11.54
CA SER F 321 52.86 -34.85 12.15
C SER F 321 51.41 -34.60 11.72
N LEU F 322 51.10 -34.83 10.45
CA LEU F 322 49.74 -34.59 9.97
C LEU F 322 48.76 -35.61 10.55
N SER F 323 49.11 -36.89 10.50
CA SER F 323 48.24 -37.96 11.00
C SER F 323 49.10 -39.18 11.28
N ILE F 324 48.46 -40.31 11.58
CA ILE F 324 49.14 -41.56 11.90
C ILE F 324 50.06 -41.34 13.10
N PRO F 325 49.51 -41.18 14.30
CA PRO F 325 50.35 -40.92 15.47
C PRO F 325 51.19 -42.13 15.82
N PRO F 326 52.25 -41.95 16.62
CA PRO F 326 53.14 -43.09 16.95
C PRO F 326 52.42 -44.28 17.56
N SER F 327 51.39 -44.05 18.38
CA SER F 327 50.70 -45.16 19.04
C SER F 327 49.81 -45.91 18.06
N ASN F 328 48.79 -45.23 17.52
CA ASN F 328 47.87 -45.90 16.61
C ASN F 328 48.53 -46.24 15.29
N GLN F 329 49.21 -45.26 14.68
CA GLN F 329 49.88 -45.45 13.39
C GLN F 329 48.96 -46.04 12.32
#